data_7NPJ
#
_entry.id   7NPJ
#
_cell.length_a   84.340
_cell.length_b   132.813
_cell.length_c   122.819
_cell.angle_alpha   90.000
_cell.angle_beta   90.120
_cell.angle_gamma   90.000
#
_symmetry.space_group_name_H-M   'P 1 21 1'
#
loop_
_entity.id
_entity.type
_entity.pdbx_description
1 polymer 'N-acetyl-gamma-glutamyl-phosphate reductase'
2 non-polymer 6-phenoxy-3-pyridinamine
#
_entity_poly.entity_id   1
_entity_poly.type   'polypeptide(L)'
_entity_poly.pdbx_seq_one_letter_code
;GSMQNRQVANATKVAVAGASGYAGGEILRLLLGHPAYADGRLRIGALTAATSAGSTLGEHHPHLTPLAHRVVEPTEAAVL
GGHDAVFLALPHGHSAVLAQQLSPETLIIDCGADFRLTDAAVWERFYGSSHAGSWPYGLPELPGARDQLRGTRRIAVPGC
YPTAALLALFPALAADLIEPAVTVVAVSGTSGAGRAATTDLLGAEVIGSARAYNIAGVHRHTPEIAQGLRAVTDRDVSVS
FTPVLIPASRGILATCTARTRSPLSQLRAAYEKAYHAEPFIYLMPEGQLPRTGAVIGSNAAHIAVAVDEDAQTFVAIAAI
DNLVKGTAGAAVQSMNLALGWPETDGLSVVGVAP
;
_entity_poly.pdbx_strand_id   A,B,C,D,E,F,G,H
#
loop_
_chem_comp.id
_chem_comp.type
_chem_comp.name
_chem_comp.formula
UKK non-polymer 6-phenoxy-3-pyridinamine 'C11 H10 N2 O'
#
# COMPACT_ATOMS: atom_id res chain seq x y z
N ALA A 11 -44.09 -25.34 -10.61
CA ALA A 11 -43.72 -25.62 -9.21
C ALA A 11 -42.19 -25.62 -9.06
N THR A 12 -41.46 -25.50 -10.16
CA THR A 12 -39.98 -25.49 -10.08
C THR A 12 -39.49 -24.13 -9.56
N LYS A 13 -38.82 -24.14 -8.42
CA LYS A 13 -38.34 -22.88 -7.77
C LYS A 13 -36.82 -22.91 -7.63
N VAL A 14 -36.17 -21.78 -7.93
CA VAL A 14 -34.73 -21.72 -8.34
C VAL A 14 -33.99 -20.77 -7.41
N ALA A 15 -32.66 -20.85 -7.40
CA ALA A 15 -31.86 -19.99 -6.51
C ALA A 15 -30.48 -19.83 -7.11
N VAL A 16 -29.91 -18.63 -6.99
CA VAL A 16 -28.57 -18.31 -7.55
C VAL A 16 -27.64 -17.89 -6.43
N ALA A 17 -26.40 -18.38 -6.48
CA ALA A 17 -25.37 -18.10 -5.50
C ALA A 17 -24.23 -17.32 -6.15
N GLY A 18 -23.64 -16.38 -5.41
CA GLY A 18 -22.79 -15.37 -6.05
C GLY A 18 -23.55 -14.40 -6.92
N ALA A 19 -24.83 -14.15 -6.59
CA ALA A 19 -25.74 -13.36 -7.42
C ALA A 19 -25.37 -11.88 -7.49
N SER A 20 -24.27 -11.48 -6.84
CA SER A 20 -23.77 -10.12 -6.98
C SER A 20 -22.91 -9.96 -8.23
N GLY A 21 -22.21 -11.03 -8.65
CA GLY A 21 -21.30 -10.99 -9.78
C GLY A 21 -21.97 -10.94 -11.15
N TYR A 22 -21.13 -10.73 -12.16
CA TYR A 22 -21.61 -10.54 -13.53
C TYR A 22 -22.45 -11.72 -14.00
N ALA A 23 -22.03 -12.94 -13.64
CA ALA A 23 -22.71 -14.15 -14.08
C ALA A 23 -24.12 -14.28 -13.51
N GLY A 24 -24.22 -14.48 -12.17
CA GLY A 24 -25.50 -14.57 -11.50
C GLY A 24 -26.52 -13.50 -11.89
N GLY A 25 -26.05 -12.27 -12.13
CA GLY A 25 -26.94 -11.26 -12.69
C GLY A 25 -27.48 -11.65 -14.05
N GLU A 26 -26.59 -12.02 -14.98
CA GLU A 26 -27.00 -12.33 -16.35
C GLU A 26 -27.94 -13.52 -16.38
N ILE A 27 -27.68 -14.54 -15.53
CA ILE A 27 -28.66 -15.61 -15.31
C ILE A 27 -30.00 -15.03 -14.87
N LEU A 28 -30.00 -14.27 -13.76
CA LEU A 28 -31.23 -13.64 -13.27
C LEU A 28 -31.96 -12.89 -14.38
N ARG A 29 -31.23 -12.08 -15.17
CA ARG A 29 -31.86 -11.34 -16.26
C ARG A 29 -32.53 -12.28 -17.25
N LEU A 30 -31.91 -13.45 -17.51
CA LEU A 30 -32.49 -14.44 -18.42
C LEU A 30 -33.76 -15.06 -17.87
N LEU A 31 -33.71 -15.52 -16.60
CA LEU A 31 -34.87 -16.19 -16.01
C LEU A 31 -36.07 -15.26 -16.01
N LEU A 32 -35.86 -14.02 -15.58
CA LEU A 32 -36.89 -13.00 -15.73
C LEU A 32 -37.53 -13.04 -17.10
N GLY A 33 -36.76 -13.34 -18.13
CA GLY A 33 -37.31 -13.43 -19.46
C GLY A 33 -37.84 -14.79 -19.83
N HIS A 34 -37.69 -15.77 -18.95
CA HIS A 34 -38.22 -17.10 -19.26
C HIS A 34 -39.74 -17.02 -19.32
N PRO A 35 -40.37 -17.54 -20.38
CA PRO A 35 -41.84 -17.71 -20.34
C PRO A 35 -42.33 -18.58 -19.19
N ALA A 36 -41.42 -19.19 -18.43
CA ALA A 36 -41.76 -19.98 -17.26
C ALA A 36 -41.97 -19.10 -16.03
N TYR A 37 -41.22 -18.01 -15.95
CA TYR A 37 -41.49 -16.97 -14.97
C TYR A 37 -42.77 -16.23 -15.33
N ALA A 38 -42.98 -15.99 -16.62
CA ALA A 38 -44.22 -15.38 -17.09
C ALA A 38 -45.40 -16.24 -16.72
N ASP A 39 -45.43 -17.48 -17.24
CA ASP A 39 -46.58 -18.35 -17.05
C ASP A 39 -46.65 -18.95 -15.65
N GLY A 40 -45.55 -18.93 -14.89
CA GLY A 40 -45.60 -19.31 -13.48
C GLY A 40 -44.96 -20.63 -13.11
N ARG A 41 -44.57 -21.47 -14.09
CA ARG A 41 -43.90 -22.74 -13.78
C ARG A 41 -42.50 -22.53 -13.03
N LEU A 42 -42.12 -21.31 -12.65
CA LEU A 42 -40.77 -20.98 -12.20
C LEU A 42 -40.79 -19.67 -11.40
N ARG A 43 -40.06 -19.65 -10.29
CA ARG A 43 -39.99 -18.48 -9.43
C ARG A 43 -38.56 -18.25 -8.96
N ILE A 44 -38.21 -16.97 -8.81
CA ILE A 44 -36.85 -16.59 -8.44
C ILE A 44 -36.78 -16.62 -6.93
N GLY A 45 -36.16 -17.66 -6.40
CA GLY A 45 -36.07 -17.80 -4.96
C GLY A 45 -34.93 -17.00 -4.37
N ALA A 46 -34.10 -17.70 -3.60
CA ALA A 46 -33.03 -17.06 -2.85
C ALA A 46 -31.94 -16.61 -3.78
N LEU A 47 -31.40 -15.42 -3.49
CA LEU A 47 -30.33 -14.82 -4.29
C LEU A 47 -29.14 -14.59 -3.37
N THR A 48 -28.19 -15.50 -3.37
CA THR A 48 -27.17 -15.48 -2.32
C THR A 48 -25.88 -14.88 -2.87
N ALA A 49 -24.95 -14.57 -1.97
CA ALA A 49 -23.64 -14.08 -2.37
C ALA A 49 -22.68 -14.21 -1.20
N ALA A 50 -21.39 -14.35 -1.53
CA ALA A 50 -20.32 -14.36 -0.53
C ALA A 50 -20.35 -13.05 0.27
N THR A 51 -19.82 -11.98 -0.32
CA THR A 51 -19.87 -10.65 0.28
C THR A 51 -21.05 -9.86 -0.29
N SER A 52 -21.33 -8.73 0.35
CA SER A 52 -22.47 -7.82 0.11
C SER A 52 -23.78 -8.40 0.67
N ALA A 53 -23.76 -9.61 1.21
CA ALA A 53 -24.92 -10.24 1.84
C ALA A 53 -25.58 -9.33 2.85
N GLY A 54 -26.86 -9.03 2.60
CA GLY A 54 -27.64 -8.17 3.46
C GLY A 54 -28.01 -6.85 2.79
N SER A 55 -28.13 -6.88 1.46
CA SER A 55 -28.31 -5.67 0.65
C SER A 55 -29.37 -5.91 -0.41
N THR A 56 -29.76 -4.81 -1.08
CA THR A 56 -30.73 -4.86 -2.18
C THR A 56 -30.01 -5.26 -3.47
N LEU A 57 -30.60 -6.19 -4.20
CA LEU A 57 -29.96 -6.63 -5.44
C LEU A 57 -29.76 -5.47 -6.40
N GLY A 58 -30.71 -4.52 -6.43
CA GLY A 58 -30.53 -3.30 -7.20
C GLY A 58 -29.25 -2.53 -6.87
N GLU A 59 -28.76 -2.63 -5.64
CA GLU A 59 -27.45 -2.04 -5.38
C GLU A 59 -26.37 -2.61 -6.29
N HIS A 60 -26.64 -3.71 -6.97
CA HIS A 60 -25.65 -4.36 -7.81
C HIS A 60 -26.05 -4.46 -9.26
N HIS A 61 -27.35 -4.52 -9.57
CA HIS A 61 -27.80 -4.80 -10.94
C HIS A 61 -28.97 -3.89 -11.34
N PRO A 62 -28.72 -2.53 -11.37
CA PRO A 62 -29.75 -1.55 -11.73
C PRO A 62 -30.59 -1.82 -12.96
N HIS A 63 -30.29 -2.84 -13.75
CA HIS A 63 -31.20 -3.27 -14.82
C HIS A 63 -32.25 -4.26 -14.35
N LEU A 64 -31.97 -4.98 -13.25
CA LEU A 64 -32.89 -6.00 -12.72
C LEU A 64 -33.83 -5.36 -11.70
N THR A 65 -34.55 -4.36 -12.18
CA THR A 65 -35.33 -3.57 -11.26
C THR A 65 -36.59 -4.32 -10.79
N PRO A 66 -37.15 -5.27 -11.55
CA PRO A 66 -38.29 -6.03 -10.99
C PRO A 66 -37.90 -6.98 -9.86
N LEU A 67 -36.62 -7.12 -9.52
CA LEU A 67 -36.17 -7.80 -8.32
C LEU A 67 -35.13 -6.94 -7.61
N ALA A 68 -35.13 -5.62 -7.88
CA ALA A 68 -34.16 -4.73 -7.23
C ALA A 68 -34.43 -4.59 -5.73
N HIS A 69 -35.66 -4.86 -5.31
CA HIS A 69 -36.04 -4.75 -3.89
C HIS A 69 -35.60 -5.95 -3.06
N ARG A 70 -35.58 -7.15 -3.66
CA ARG A 70 -35.18 -8.37 -2.95
C ARG A 70 -33.82 -8.19 -2.28
N VAL A 71 -33.70 -8.71 -1.06
CA VAL A 71 -32.47 -8.67 -0.29
C VAL A 71 -31.49 -9.71 -0.83
N VAL A 72 -30.30 -9.74 -0.25
CA VAL A 72 -29.34 -10.79 -0.53
C VAL A 72 -28.90 -11.38 0.79
N GLU A 73 -28.90 -12.69 0.88
CA GLU A 73 -28.41 -13.41 2.05
C GLU A 73 -26.94 -13.75 1.80
N PRO A 74 -26.27 -14.36 2.78
CA PRO A 74 -24.98 -15.02 2.51
C PRO A 74 -25.20 -16.42 1.96
N THR A 75 -24.10 -17.02 1.47
CA THR A 75 -24.19 -18.31 0.78
C THR A 75 -23.92 -19.43 1.80
N GLU A 76 -24.95 -20.23 2.08
CA GLU A 76 -24.89 -21.24 3.13
C GLU A 76 -25.75 -22.44 2.75
N ALA A 77 -25.46 -23.56 3.43
CA ALA A 77 -26.21 -24.79 3.22
C ALA A 77 -27.71 -24.56 3.34
N ALA A 78 -28.13 -23.91 4.42
CA ALA A 78 -29.55 -23.77 4.71
C ALA A 78 -30.24 -22.90 3.67
N VAL A 79 -29.66 -21.73 3.35
CA VAL A 79 -30.33 -20.79 2.45
C VAL A 79 -30.56 -21.44 1.10
N LEU A 80 -29.55 -22.15 0.58
CA LEU A 80 -29.71 -22.71 -0.76
C LEU A 80 -30.57 -23.97 -0.76
N GLY A 81 -30.60 -24.71 0.35
CA GLY A 81 -31.60 -25.75 0.54
C GLY A 81 -33.01 -25.21 0.33
N GLY A 82 -33.96 -26.09 0.02
CA GLY A 82 -35.33 -25.65 -0.17
C GLY A 82 -35.63 -25.12 -1.55
N HIS A 83 -34.79 -25.40 -2.53
CA HIS A 83 -35.01 -24.97 -3.90
C HIS A 83 -35.03 -26.18 -4.81
N ASP A 84 -35.94 -26.16 -5.78
CA ASP A 84 -36.08 -27.25 -6.74
C ASP A 84 -34.85 -27.41 -7.63
N ALA A 85 -33.97 -26.39 -7.69
CA ALA A 85 -32.80 -26.36 -8.56
C ALA A 85 -32.01 -25.07 -8.33
N VAL A 86 -30.68 -25.16 -8.22
CA VAL A 86 -29.84 -24.06 -7.73
C VAL A 86 -28.70 -23.79 -8.71
N PHE A 87 -28.49 -22.50 -9.03
CA PHE A 87 -27.36 -22.04 -9.83
C PHE A 87 -26.19 -21.65 -8.94
N LEU A 88 -24.98 -22.00 -9.37
CA LEU A 88 -23.77 -21.75 -8.57
C LEU A 88 -22.77 -20.79 -9.23
N ALA A 89 -23.23 -19.59 -9.61
CA ALA A 89 -22.41 -18.59 -10.29
C ALA A 89 -21.21 -18.17 -9.47
N LEU A 90 -20.11 -18.91 -9.56
CA LEU A 90 -18.78 -18.40 -9.27
C LEU A 90 -17.81 -18.92 -10.34
N PRO A 91 -17.90 -18.39 -11.62
CA PRO A 91 -16.97 -18.85 -12.68
C PRO A 91 -15.49 -18.79 -12.31
N HIS A 92 -15.16 -18.20 -11.16
CA HIS A 92 -13.83 -18.36 -10.57
C HIS A 92 -13.88 -18.92 -9.16
N GLY A 93 -14.86 -18.49 -8.36
CA GLY A 93 -15.03 -19.06 -7.03
C GLY A 93 -15.37 -20.54 -7.11
N HIS A 94 -14.94 -21.27 -6.08
CA HIS A 94 -14.96 -22.72 -6.11
C HIS A 94 -16.22 -23.24 -5.43
N SER A 95 -16.83 -24.25 -6.06
CA SER A 95 -18.22 -24.61 -5.82
C SER A 95 -18.39 -26.10 -5.57
N ALA A 96 -17.30 -26.78 -5.21
CA ALA A 96 -17.33 -28.23 -5.04
C ALA A 96 -17.83 -28.62 -3.65
N VAL A 97 -17.58 -27.78 -2.64
CA VAL A 97 -18.22 -28.01 -1.34
C VAL A 97 -19.73 -27.84 -1.46
N LEU A 98 -20.17 -26.62 -1.78
CA LEU A 98 -21.59 -26.28 -1.71
C LEU A 98 -22.46 -27.21 -2.54
N ALA A 99 -21.89 -27.74 -3.63
CA ALA A 99 -22.64 -28.73 -4.44
C ALA A 99 -22.88 -29.91 -3.53
N GLN A 100 -21.85 -30.25 -2.75
CA GLN A 100 -21.89 -31.41 -1.81
C GLN A 100 -22.53 -30.96 -0.49
N GLN A 101 -23.81 -30.61 -0.50
CA GLN A 101 -24.59 -30.17 0.69
C GLN A 101 -26.05 -30.02 0.30
N LEU A 102 -26.39 -30.30 -0.96
CA LEU A 102 -27.79 -30.16 -1.42
C LEU A 102 -28.33 -31.52 -1.85
N SER A 103 -29.64 -31.67 -1.80
CA SER A 103 -30.29 -32.93 -2.21
C SER A 103 -29.92 -33.23 -3.65
N PRO A 104 -29.37 -34.41 -3.98
CA PRO A 104 -28.98 -34.77 -5.35
C PRO A 104 -30.08 -34.85 -6.43
N GLU A 105 -31.36 -34.79 -6.06
CA GLU A 105 -32.52 -34.73 -6.98
C GLU A 105 -32.68 -33.28 -7.40
N THR A 106 -32.26 -32.35 -6.53
CA THR A 106 -32.33 -30.92 -6.88
C THR A 106 -31.21 -30.66 -7.87
N LEU A 107 -31.56 -30.21 -9.08
CA LEU A 107 -30.57 -29.93 -10.14
C LEU A 107 -29.61 -28.81 -9.73
N ILE A 108 -28.32 -29.02 -9.91
CA ILE A 108 -27.30 -27.98 -9.59
C ILE A 108 -26.61 -27.60 -10.89
N ILE A 109 -26.36 -26.32 -11.12
CA ILE A 109 -25.68 -25.84 -12.32
C ILE A 109 -24.55 -24.92 -11.86
N ASP A 110 -23.33 -25.31 -12.14
CA ASP A 110 -22.16 -24.62 -11.60
C ASP A 110 -21.48 -23.88 -12.75
N CYS A 111 -21.61 -22.57 -12.77
CA CYS A 111 -20.90 -21.82 -13.79
C CYS A 111 -19.41 -21.68 -13.50
N GLY A 112 -18.97 -22.08 -12.31
CA GLY A 112 -17.57 -22.26 -12.02
C GLY A 112 -17.01 -23.45 -12.78
N ALA A 113 -15.71 -23.66 -12.60
CA ALA A 113 -15.00 -24.65 -13.38
C ALA A 113 -14.77 -25.98 -12.65
N ASP A 114 -15.31 -26.15 -11.44
CA ASP A 114 -14.91 -27.28 -10.59
C ASP A 114 -15.28 -28.64 -11.20
N PHE A 115 -16.41 -28.76 -11.91
CA PHE A 115 -16.90 -30.06 -12.35
C PHE A 115 -16.86 -30.25 -13.86
N ARG A 116 -16.22 -29.34 -14.58
CA ARG A 116 -16.16 -29.51 -16.03
C ARG A 116 -15.24 -30.64 -16.41
N LEU A 117 -14.26 -30.96 -15.56
CA LEU A 117 -13.11 -31.75 -15.97
C LEU A 117 -13.33 -33.25 -15.76
N THR A 118 -13.00 -34.04 -16.80
CA THR A 118 -13.08 -35.49 -16.73
C THR A 118 -11.72 -36.19 -16.61
N ASP A 119 -10.60 -35.55 -16.99
CA ASP A 119 -9.26 -36.02 -16.66
C ASP A 119 -8.75 -35.25 -15.45
N ALA A 120 -7.98 -35.92 -14.59
CA ALA A 120 -7.69 -35.40 -13.25
C ALA A 120 -6.25 -35.00 -13.02
N ALA A 121 -5.31 -35.44 -13.87
CA ALA A 121 -3.96 -34.89 -13.80
C ALA A 121 -3.96 -33.40 -14.09
N VAL A 122 -5.01 -32.89 -14.76
CA VAL A 122 -4.99 -31.56 -15.33
C VAL A 122 -5.70 -30.53 -14.45
N TRP A 123 -6.75 -30.91 -13.72
CA TRP A 123 -7.40 -29.91 -12.86
C TRP A 123 -6.37 -29.30 -11.92
N GLU A 124 -5.62 -30.15 -11.24
CA GLU A 124 -4.61 -29.68 -10.32
C GLU A 124 -3.40 -29.14 -11.07
N ARG A 125 -3.16 -29.64 -12.29
CA ARG A 125 -2.08 -29.12 -13.12
C ARG A 125 -2.24 -27.60 -13.34
N PHE A 126 -3.48 -27.13 -13.49
CA PHE A 126 -3.75 -25.72 -13.80
C PHE A 126 -4.40 -24.96 -12.66
N TYR A 127 -4.80 -25.62 -11.56
CA TYR A 127 -5.48 -25.00 -10.43
C TYR A 127 -4.83 -25.31 -9.09
N GLY A 128 -4.35 -26.53 -8.88
CA GLY A 128 -3.52 -26.88 -7.74
C GLY A 128 -4.26 -27.21 -6.45
N SER A 129 -5.26 -28.09 -6.54
CA SER A 129 -6.13 -28.36 -5.40
C SER A 129 -6.54 -29.82 -5.28
N SER A 130 -7.84 -30.09 -5.37
CA SER A 130 -8.38 -31.45 -5.30
C SER A 130 -9.58 -31.57 -6.23
N HIS A 131 -9.41 -32.37 -7.29
CA HIS A 131 -10.45 -32.59 -8.29
C HIS A 131 -11.73 -33.08 -7.63
N ALA A 132 -12.87 -32.73 -8.21
CA ALA A 132 -14.15 -33.22 -7.74
C ALA A 132 -14.63 -34.30 -8.69
N GLY A 133 -15.29 -33.90 -9.74
CA GLY A 133 -15.74 -34.85 -10.71
C GLY A 133 -16.07 -34.16 -12.01
N SER A 134 -16.68 -34.92 -12.88
CA SER A 134 -17.25 -34.44 -14.12
C SER A 134 -18.75 -34.53 -13.96
N TRP A 135 -19.41 -33.39 -13.98
CA TRP A 135 -20.84 -33.38 -14.28
C TRP A 135 -21.00 -33.28 -15.77
N PRO A 136 -22.19 -33.61 -16.28
CA PRO A 136 -22.45 -33.43 -17.71
C PRO A 136 -22.03 -32.05 -18.17
N TYR A 137 -21.64 -31.94 -19.42
CA TYR A 137 -20.98 -30.73 -19.91
C TYR A 137 -22.01 -29.89 -20.65
N GLY A 138 -22.27 -28.71 -20.12
CA GLY A 138 -23.30 -27.84 -20.64
C GLY A 138 -22.98 -27.26 -21.99
N LEU A 139 -22.91 -28.10 -23.03
CA LEU A 139 -22.76 -27.64 -24.41
C LEU A 139 -23.69 -28.43 -25.33
N PRO A 140 -25.00 -28.15 -25.26
CA PRO A 140 -25.98 -28.93 -26.03
C PRO A 140 -25.88 -28.82 -27.55
N GLU A 141 -24.67 -28.59 -28.03
CA GLU A 141 -24.42 -28.52 -29.48
C GLU A 141 -23.27 -29.47 -29.80
N LEU A 142 -22.43 -29.75 -28.81
CA LEU A 142 -21.31 -30.70 -28.95
C LEU A 142 -21.94 -32.09 -29.05
N PRO A 143 -21.40 -33.05 -29.82
CA PRO A 143 -22.05 -34.34 -30.02
C PRO A 143 -22.12 -35.19 -28.75
N GLY A 144 -23.23 -35.91 -28.59
CA GLY A 144 -23.42 -36.77 -27.41
C GLY A 144 -23.31 -35.95 -26.13
N ALA A 145 -23.96 -34.80 -26.10
CA ALA A 145 -23.94 -33.98 -24.90
C ALA A 145 -25.36 -33.51 -24.59
N ARG A 146 -26.16 -33.31 -25.63
CA ARG A 146 -27.59 -33.10 -25.46
C ARG A 146 -28.26 -34.26 -24.72
N ASP A 147 -27.79 -35.49 -24.94
CA ASP A 147 -28.40 -36.63 -24.29
C ASP A 147 -27.90 -36.84 -22.86
N GLN A 148 -26.63 -36.54 -22.56
CA GLN A 148 -26.17 -36.55 -21.17
C GLN A 148 -26.70 -35.37 -20.35
N LEU A 149 -27.47 -34.47 -20.98
CA LEU A 149 -28.09 -33.32 -20.33
C LEU A 149 -29.60 -33.47 -20.18
N ARG A 150 -30.27 -34.10 -21.15
CA ARG A 150 -31.73 -34.22 -21.13
C ARG A 150 -32.23 -34.95 -19.88
N GLY A 151 -32.16 -34.27 -18.72
CA GLY A 151 -32.70 -34.83 -17.50
C GLY A 151 -31.91 -34.50 -16.25
N THR A 152 -30.58 -34.45 -16.38
CA THR A 152 -29.60 -34.43 -15.28
C THR A 152 -29.97 -33.60 -14.05
N ARG A 153 -29.35 -33.91 -12.93
CA ARG A 153 -29.45 -33.09 -11.74
C ARG A 153 -28.09 -32.51 -11.35
N ARG A 154 -27.14 -32.51 -12.29
CA ARG A 154 -25.82 -31.94 -12.03
C ARG A 154 -25.19 -31.58 -13.36
N ILE A 155 -24.88 -30.27 -13.56
CA ILE A 155 -24.39 -29.69 -14.81
C ILE A 155 -23.14 -28.86 -14.55
N ALA A 156 -22.14 -29.02 -15.42
CA ALA A 156 -20.95 -28.18 -15.44
C ALA A 156 -21.00 -27.25 -16.65
N VAL A 157 -20.97 -25.94 -16.38
CA VAL A 157 -21.14 -24.87 -17.37
C VAL A 157 -19.77 -24.42 -17.87
N PRO A 158 -19.58 -24.32 -19.19
CA PRO A 158 -18.24 -24.14 -19.74
C PRO A 158 -17.69 -22.73 -19.58
N GLY A 159 -16.38 -22.61 -19.88
CA GLY A 159 -15.72 -21.32 -19.89
C GLY A 159 -15.96 -20.57 -21.19
N CYS A 160 -15.95 -19.23 -21.09
CA CYS A 160 -16.40 -18.38 -22.20
C CYS A 160 -15.62 -18.67 -23.47
N TYR A 161 -14.35 -18.93 -23.32
CA TYR A 161 -13.48 -19.16 -24.45
C TYR A 161 -13.68 -20.56 -25.01
N PRO A 162 -13.48 -21.67 -24.20
CA PRO A 162 -13.78 -23.01 -24.71
C PRO A 162 -15.06 -23.08 -25.51
N THR A 163 -16.13 -22.52 -24.97
CA THR A 163 -17.41 -22.38 -25.65
C THR A 163 -17.25 -22.03 -27.13
N ALA A 164 -16.34 -21.11 -27.47
CA ALA A 164 -16.31 -20.56 -28.81
C ALA A 164 -15.28 -21.24 -29.71
N ALA A 165 -14.14 -21.66 -29.14
CA ALA A 165 -13.22 -22.47 -29.93
C ALA A 165 -13.92 -23.75 -30.36
N LEU A 166 -14.50 -24.47 -29.39
CA LEU A 166 -15.13 -25.74 -29.69
C LEU A 166 -16.27 -25.59 -30.68
N LEU A 167 -17.01 -24.48 -30.65
CA LEU A 167 -17.96 -24.34 -31.75
C LEU A 167 -17.23 -24.14 -33.07
N ALA A 168 -16.11 -23.41 -33.06
CA ALA A 168 -15.40 -23.11 -34.28
C ALA A 168 -14.62 -24.32 -34.79
N LEU A 169 -14.18 -25.23 -33.92
CA LEU A 169 -13.27 -26.29 -34.33
C LEU A 169 -13.85 -27.71 -34.38
N PHE A 170 -14.94 -28.02 -33.67
CA PHE A 170 -15.28 -29.44 -33.57
C PHE A 170 -15.78 -30.02 -34.89
N PRO A 171 -16.69 -29.37 -35.63
CA PRO A 171 -17.27 -30.07 -36.79
C PRO A 171 -16.26 -30.45 -37.84
N ALA A 172 -15.07 -29.82 -37.78
CA ALA A 172 -13.98 -30.08 -38.71
C ALA A 172 -12.85 -30.89 -38.09
N LEU A 173 -12.69 -30.88 -36.76
CA LEU A 173 -11.82 -31.91 -36.19
C LEU A 173 -12.54 -33.23 -36.01
N ALA A 174 -13.88 -33.23 -36.10
CA ALA A 174 -14.62 -34.48 -36.06
C ALA A 174 -14.38 -35.27 -37.35
N ALA A 175 -14.81 -34.73 -38.49
CA ALA A 175 -14.71 -35.44 -39.76
C ALA A 175 -13.28 -35.51 -40.28
N ASP A 176 -12.30 -35.34 -39.37
CA ASP A 176 -10.87 -35.27 -39.66
C ASP A 176 -10.55 -34.64 -41.01
N LEU A 177 -10.98 -33.39 -41.17
CA LEU A 177 -10.59 -32.50 -42.25
C LEU A 177 -9.46 -31.57 -41.84
N ILE A 178 -9.09 -31.52 -40.57
CA ILE A 178 -8.05 -30.60 -40.12
C ILE A 178 -7.11 -31.35 -39.19
N GLU A 179 -5.83 -30.99 -39.26
CA GLU A 179 -4.80 -31.32 -38.29
C GLU A 179 -5.34 -31.18 -36.88
N PRO A 180 -5.10 -32.15 -36.01
CA PRO A 180 -5.51 -32.01 -34.60
C PRO A 180 -4.52 -31.25 -33.73
N ALA A 181 -3.84 -30.23 -34.28
CA ALA A 181 -3.05 -29.28 -33.50
C ALA A 181 -3.51 -27.87 -33.86
N VAL A 182 -3.89 -27.06 -32.85
CA VAL A 182 -4.70 -25.88 -33.12
C VAL A 182 -4.16 -24.63 -32.43
N THR A 183 -4.21 -23.52 -33.18
CA THR A 183 -3.94 -22.17 -32.69
C THR A 183 -5.26 -21.47 -32.45
N VAL A 184 -5.34 -20.73 -31.33
CA VAL A 184 -6.53 -19.97 -30.98
C VAL A 184 -6.14 -18.63 -30.37
N VAL A 185 -6.52 -17.56 -31.05
CA VAL A 185 -6.50 -16.22 -30.49
C VAL A 185 -7.92 -15.70 -30.52
N ALA A 186 -8.38 -15.22 -29.37
CA ALA A 186 -9.77 -14.84 -29.16
C ALA A 186 -9.81 -13.55 -28.35
N VAL A 187 -10.50 -12.62 -28.85
CA VAL A 187 -10.67 -11.35 -28.17
C VAL A 187 -11.89 -11.44 -27.28
N SER A 188 -11.83 -10.83 -26.10
CA SER A 188 -13.02 -10.70 -25.26
C SER A 188 -13.07 -9.35 -24.57
N GLY A 189 -14.29 -8.96 -24.24
CA GLY A 189 -14.51 -7.81 -23.40
C GLY A 189 -14.09 -8.05 -21.96
N THR A 190 -14.24 -6.98 -21.17
CA THR A 190 -13.88 -6.97 -19.75
C THR A 190 -14.79 -7.84 -18.89
N SER A 191 -16.06 -7.97 -19.27
CA SER A 191 -17.04 -8.61 -18.38
C SER A 191 -16.71 -10.08 -18.06
N GLY A 192 -16.05 -10.82 -18.97
CA GLY A 192 -15.60 -12.17 -18.67
C GLY A 192 -14.63 -12.27 -17.49
N ALA A 193 -14.05 -11.13 -17.07
CA ALA A 193 -13.06 -11.04 -16.01
C ALA A 193 -13.67 -10.78 -14.63
N GLY A 194 -14.98 -10.96 -14.48
CA GLY A 194 -15.59 -10.79 -13.19
C GLY A 194 -15.52 -9.39 -12.61
N ARG A 195 -16.52 -9.09 -11.77
CA ARG A 195 -16.59 -7.85 -11.05
C ARG A 195 -15.52 -7.72 -9.98
N ALA A 196 -14.70 -8.76 -9.78
CA ALA A 196 -13.54 -8.70 -8.90
C ALA A 196 -12.69 -7.45 -9.17
N ALA A 197 -13.00 -6.37 -8.47
CA ALA A 197 -12.49 -5.04 -8.74
C ALA A 197 -10.98 -4.86 -8.59
N THR A 198 -10.22 -5.24 -9.61
CA THR A 198 -8.78 -5.02 -9.60
C THR A 198 -8.41 -3.81 -10.45
N THR A 199 -7.18 -3.32 -10.22
CA THR A 199 -6.76 -2.04 -10.77
C THR A 199 -6.41 -2.11 -12.26
N ASP A 200 -5.84 -3.24 -12.70
CA ASP A 200 -5.57 -3.37 -14.13
C ASP A 200 -6.83 -3.69 -14.94
N LEU A 201 -7.99 -3.76 -14.29
CA LEU A 201 -9.28 -3.95 -14.95
C LEU A 201 -10.18 -2.72 -14.81
N LEU A 202 -9.61 -1.54 -14.53
CA LEU A 202 -10.28 -0.25 -14.43
C LEU A 202 -10.61 0.36 -15.78
N GLY A 203 -11.39 1.42 -15.73
CA GLY A 203 -11.86 2.06 -16.93
C GLY A 203 -10.72 2.59 -17.76
N ALA A 204 -10.06 3.63 -17.26
CA ALA A 204 -9.02 4.30 -18.05
C ALA A 204 -7.93 3.32 -18.47
N GLU A 205 -7.76 2.24 -17.71
CA GLU A 205 -6.81 1.21 -18.09
C GLU A 205 -7.26 0.48 -19.34
N VAL A 206 -8.49 -0.07 -19.32
CA VAL A 206 -8.99 -0.82 -20.48
C VAL A 206 -9.53 0.06 -21.61
N ILE A 207 -9.57 1.37 -21.47
CA ILE A 207 -10.15 2.22 -22.51
C ILE A 207 -9.06 2.64 -23.45
N GLY A 208 -9.19 2.24 -24.71
CA GLY A 208 -8.18 2.51 -25.69
C GLY A 208 -6.94 1.65 -25.60
N SER A 209 -7.06 0.46 -25.02
CA SER A 209 -5.90 -0.43 -24.99
C SER A 209 -6.36 -1.89 -24.85
N ALA A 210 -5.55 -2.77 -25.47
CA ALA A 210 -5.77 -4.22 -25.57
C ALA A 210 -4.49 -4.95 -25.16
N ARG A 211 -4.62 -6.10 -24.50
CA ARG A 211 -3.42 -6.75 -23.97
C ARG A 211 -3.61 -8.26 -23.88
N ALA A 212 -2.51 -8.99 -23.93
CA ALA A 212 -2.49 -10.43 -23.76
C ALA A 212 -2.37 -10.79 -22.28
N TYR A 213 -2.67 -12.06 -21.95
CA TYR A 213 -2.63 -12.52 -20.55
C TYR A 213 -2.75 -14.04 -20.52
N ASN A 214 -2.11 -14.66 -19.51
CA ASN A 214 -2.07 -16.12 -19.33
C ASN A 214 -1.78 -16.83 -20.66
N ILE A 215 -0.74 -16.36 -21.34
CA ILE A 215 -0.33 -16.85 -22.64
C ILE A 215 0.62 -18.03 -22.49
N ALA A 216 1.01 -18.62 -23.64
CA ALA A 216 1.78 -19.87 -23.70
C ALA A 216 0.99 -21.04 -23.10
N GLY A 217 -0.32 -21.08 -23.34
CA GLY A 217 -1.15 -22.13 -22.80
C GLY A 217 -1.21 -22.16 -21.29
N VAL A 218 -0.95 -21.04 -20.63
CA VAL A 218 -0.89 -20.99 -19.16
C VAL A 218 -2.26 -20.54 -18.67
N HIS A 219 -3.24 -20.51 -19.57
CA HIS A 219 -4.58 -20.11 -19.17
C HIS A 219 -5.44 -21.31 -18.84
N ARG A 220 -6.13 -21.23 -17.69
CA ARG A 220 -6.93 -22.31 -17.13
C ARG A 220 -8.00 -22.84 -18.08
N HIS A 221 -8.33 -22.10 -19.15
CA HIS A 221 -9.23 -22.58 -20.18
C HIS A 221 -8.50 -23.33 -21.30
N THR A 222 -7.15 -23.28 -21.35
CA THR A 222 -6.40 -23.95 -22.42
C THR A 222 -6.66 -25.45 -22.47
N PRO A 223 -6.35 -26.25 -21.43
CA PRO A 223 -6.66 -27.67 -21.52
C PRO A 223 -8.13 -27.94 -21.76
N GLU A 224 -9.01 -27.12 -21.18
CA GLU A 224 -10.44 -27.36 -21.34
C GLU A 224 -10.85 -27.47 -22.80
N ILE A 225 -10.19 -26.71 -23.68
CA ILE A 225 -10.42 -26.84 -25.11
C ILE A 225 -9.98 -28.22 -25.60
N ALA A 226 -8.78 -28.64 -25.18
CA ALA A 226 -8.28 -29.98 -25.51
C ALA A 226 -9.30 -31.04 -25.11
N GLN A 227 -9.74 -31.01 -23.85
CA GLN A 227 -10.74 -31.98 -23.40
C GLN A 227 -11.98 -31.94 -24.27
N GLY A 228 -12.38 -30.75 -24.69
CA GLY A 228 -13.51 -30.66 -25.57
C GLY A 228 -13.30 -31.44 -26.84
N LEU A 229 -12.11 -31.32 -27.45
CA LEU A 229 -11.90 -31.80 -28.82
C LEU A 229 -11.38 -33.23 -28.92
N ARG A 230 -10.76 -33.76 -27.86
CA ARG A 230 -10.53 -35.20 -27.79
C ARG A 230 -11.85 -35.97 -27.98
N ALA A 231 -12.96 -35.39 -27.53
CA ALA A 231 -14.28 -36.00 -27.69
C ALA A 231 -14.62 -36.29 -29.14
N VAL A 232 -13.92 -35.69 -30.10
CA VAL A 232 -14.21 -35.89 -31.52
C VAL A 232 -13.00 -36.35 -32.32
N THR A 233 -11.87 -36.63 -31.68
CA THR A 233 -10.72 -37.19 -32.38
C THR A 233 -9.82 -37.93 -31.39
N ASP A 234 -9.20 -38.98 -31.92
CA ASP A 234 -8.34 -39.95 -31.18
C ASP A 234 -6.85 -39.67 -31.42
N ARG A 235 -6.51 -38.70 -32.27
CA ARG A 235 -5.16 -38.26 -32.54
C ARG A 235 -4.67 -37.37 -31.40
N ASP A 236 -3.41 -36.96 -31.47
CA ASP A 236 -2.82 -36.12 -30.44
C ASP A 236 -3.26 -34.67 -30.62
N VAL A 237 -3.95 -34.13 -29.62
CA VAL A 237 -4.40 -32.74 -29.62
C VAL A 237 -3.37 -31.86 -28.92
N SER A 238 -3.26 -30.61 -29.36
CA SER A 238 -2.36 -29.64 -28.76
C SER A 238 -2.94 -28.25 -28.99
N VAL A 239 -3.16 -27.50 -27.91
CA VAL A 239 -3.83 -26.19 -27.96
C VAL A 239 -2.80 -25.07 -27.77
N SER A 240 -2.77 -24.14 -28.75
CA SER A 240 -2.00 -22.89 -28.63
C SER A 240 -3.01 -21.75 -28.49
N PHE A 241 -3.25 -21.31 -27.26
CA PHE A 241 -4.36 -20.43 -26.96
C PHE A 241 -3.87 -19.12 -26.33
N THR A 242 -4.42 -18.02 -26.84
CA THR A 242 -4.06 -16.67 -26.42
C THR A 242 -5.33 -15.88 -26.21
N PRO A 243 -5.67 -15.47 -24.98
CA PRO A 243 -6.77 -14.52 -24.81
C PRO A 243 -6.28 -13.08 -24.92
N VAL A 244 -7.13 -12.25 -25.54
CA VAL A 244 -6.93 -10.80 -25.65
C VAL A 244 -8.14 -10.08 -25.08
N LEU A 245 -7.88 -9.07 -24.23
CA LEU A 245 -8.92 -8.20 -23.63
C LEU A 245 -9.01 -6.89 -24.41
N ILE A 246 -10.23 -6.41 -24.61
CA ILE A 246 -10.41 -5.24 -25.48
C ILE A 246 -11.41 -4.22 -24.91
N PRO A 247 -11.35 -2.94 -25.30
CA PRO A 247 -12.37 -1.99 -24.82
C PRO A 247 -13.76 -2.37 -25.30
N ALA A 248 -14.29 -3.44 -24.71
CA ALA A 248 -15.73 -3.70 -24.79
C ALA A 248 -16.20 -4.27 -23.45
N SER A 249 -17.52 -4.32 -23.29
CA SER A 249 -18.11 -4.99 -22.13
C SER A 249 -18.25 -6.48 -22.45
N ARG A 250 -19.13 -6.81 -23.38
CA ARG A 250 -19.40 -8.19 -23.73
C ARG A 250 -18.70 -8.59 -25.03
N GLY A 251 -18.72 -9.90 -25.30
CA GLY A 251 -18.28 -10.39 -26.59
C GLY A 251 -17.09 -11.31 -26.54
N ILE A 252 -17.10 -12.35 -27.38
CA ILE A 252 -15.87 -13.06 -27.74
C ILE A 252 -15.91 -13.32 -29.24
N LEU A 253 -14.94 -12.73 -29.96
CA LEU A 253 -14.56 -13.25 -31.27
C LEU A 253 -13.38 -14.20 -31.10
N ALA A 254 -13.51 -15.41 -31.64
CA ALA A 254 -12.47 -16.45 -31.58
C ALA A 254 -11.98 -16.75 -32.97
N THR A 255 -10.67 -16.61 -33.17
CA THR A 255 -10.03 -16.97 -34.45
C THR A 255 -9.19 -18.21 -34.20
N CYS A 256 -9.50 -19.28 -34.93
CA CYS A 256 -8.91 -20.58 -34.69
C CYS A 256 -8.39 -21.13 -36.00
N THR A 257 -7.14 -21.59 -35.96
CA THR A 257 -6.39 -21.89 -37.18
C THR A 257 -5.61 -23.18 -37.03
N ALA A 258 -5.81 -24.10 -37.97
CA ALA A 258 -5.01 -25.32 -38.01
C ALA A 258 -4.61 -25.63 -39.45
N ARG A 259 -3.62 -26.52 -39.59
CA ARG A 259 -3.19 -26.98 -40.90
C ARG A 259 -4.27 -27.86 -41.55
N THR A 260 -4.50 -27.66 -42.85
CA THR A 260 -5.51 -28.45 -43.56
C THR A 260 -4.98 -28.92 -44.93
N ARG A 261 -5.71 -29.89 -45.52
CA ARG A 261 -5.42 -30.38 -46.86
C ARG A 261 -6.69 -30.57 -47.68
N SER A 262 -7.91 -30.35 -47.05
CA SER A 262 -9.25 -30.57 -47.57
C SER A 262 -9.74 -29.36 -48.33
N PRO A 263 -10.57 -29.58 -49.35
CA PRO A 263 -11.19 -28.46 -50.04
C PRO A 263 -12.07 -27.66 -49.09
N LEU A 264 -12.21 -26.35 -49.39
CA LEU A 264 -13.13 -25.53 -48.60
C LEU A 264 -14.54 -26.11 -48.69
N SER A 265 -14.94 -26.51 -49.89
CA SER A 265 -16.11 -27.32 -50.20
C SER A 265 -16.34 -28.37 -49.14
N GLN A 266 -15.31 -29.17 -48.87
CA GLN A 266 -15.42 -30.29 -47.95
C GLN A 266 -15.43 -29.81 -46.51
N LEU A 267 -14.73 -28.72 -46.22
CA LEU A 267 -14.85 -28.15 -44.89
C LEU A 267 -16.21 -27.49 -44.71
N ARG A 268 -16.62 -26.68 -45.69
CA ARG A 268 -17.83 -25.86 -45.55
C ARG A 268 -19.08 -26.70 -45.38
N ALA A 269 -19.10 -27.93 -45.89
CA ALA A 269 -20.34 -28.72 -45.85
C ALA A 269 -20.35 -29.76 -44.74
N ALA A 270 -19.21 -30.07 -44.14
CA ALA A 270 -19.22 -30.74 -42.84
C ALA A 270 -19.89 -29.86 -41.81
N TYR A 271 -19.63 -28.55 -41.93
CA TYR A 271 -20.20 -27.56 -41.04
C TYR A 271 -21.70 -27.49 -41.18
N GLU A 272 -22.17 -27.26 -42.40
CA GLU A 272 -23.61 -27.12 -42.56
C GLU A 272 -24.34 -28.41 -42.15
N LYS A 273 -23.75 -29.58 -42.43
CA LYS A 273 -24.31 -30.82 -41.93
C LYS A 273 -24.30 -30.88 -40.42
N ALA A 274 -23.30 -30.23 -39.79
CA ALA A 274 -23.24 -30.26 -38.33
C ALA A 274 -24.31 -29.38 -37.71
N TYR A 275 -24.49 -28.15 -38.21
CA TYR A 275 -25.35 -27.17 -37.55
C TYR A 275 -26.53 -26.69 -38.41
N HIS A 276 -27.01 -27.47 -39.38
CA HIS A 276 -28.20 -27.04 -40.11
C HIS A 276 -29.42 -27.07 -39.21
N ALA A 277 -29.52 -28.10 -38.36
CA ALA A 277 -30.68 -28.34 -37.51
C ALA A 277 -30.46 -27.90 -36.07
N GLU A 278 -29.30 -27.35 -35.76
CA GLU A 278 -29.11 -26.75 -34.46
C GLU A 278 -29.68 -25.33 -34.50
N PRO A 279 -30.73 -25.03 -33.75
CA PRO A 279 -31.45 -23.76 -33.98
C PRO A 279 -30.67 -22.54 -33.52
N PHE A 280 -29.66 -22.73 -32.69
CA PHE A 280 -28.94 -21.61 -32.09
C PHE A 280 -27.72 -21.20 -32.89
N ILE A 281 -27.08 -22.13 -33.61
CA ILE A 281 -25.86 -21.83 -34.33
C ILE A 281 -26.20 -21.39 -35.74
N TYR A 282 -25.41 -20.43 -36.24
CA TYR A 282 -25.67 -19.74 -37.49
C TYR A 282 -24.38 -19.62 -38.31
N LEU A 283 -24.31 -20.40 -39.39
CA LEU A 283 -23.21 -20.24 -40.34
C LEU A 283 -23.41 -18.95 -41.13
N MET A 284 -22.38 -18.13 -41.19
CA MET A 284 -22.45 -16.90 -41.95
C MET A 284 -22.71 -17.17 -43.44
N PRO A 285 -23.62 -16.41 -44.07
CA PRO A 285 -23.73 -16.44 -45.54
C PRO A 285 -22.39 -16.25 -46.26
N GLU A 286 -22.31 -16.63 -47.54
CA GLU A 286 -21.03 -16.67 -48.23
C GLU A 286 -20.50 -15.25 -48.40
N GLY A 287 -19.40 -14.93 -47.73
CA GLY A 287 -18.82 -13.62 -47.82
C GLY A 287 -19.24 -12.63 -46.77
N GLN A 288 -20.02 -13.06 -45.77
CA GLN A 288 -20.32 -12.32 -44.56
C GLN A 288 -19.51 -12.95 -43.43
N LEU A 289 -19.00 -12.11 -42.53
CA LEU A 289 -18.11 -12.51 -41.45
C LEU A 289 -18.75 -12.19 -40.09
N PRO A 290 -18.39 -12.95 -39.06
CA PRO A 290 -19.02 -12.76 -37.76
C PRO A 290 -18.47 -11.53 -37.06
N ARG A 291 -19.38 -10.68 -36.54
CA ARG A 291 -19.04 -9.59 -35.62
C ARG A 291 -19.60 -9.86 -34.22
N THR A 292 -18.81 -9.53 -33.20
CA THR A 292 -19.29 -9.85 -31.87
C THR A 292 -20.51 -9.03 -31.51
N GLY A 293 -20.60 -7.80 -32.01
CA GLY A 293 -21.73 -6.98 -31.67
C GLY A 293 -23.03 -7.49 -32.24
N ALA A 294 -22.97 -8.47 -33.17
CA ALA A 294 -24.21 -9.03 -33.70
C ALA A 294 -24.81 -10.10 -32.79
N VAL A 295 -24.03 -10.58 -31.82
CA VAL A 295 -24.48 -11.58 -30.87
C VAL A 295 -24.76 -11.03 -29.48
N ILE A 296 -24.28 -9.83 -29.16
CA ILE A 296 -24.38 -9.34 -27.79
C ILE A 296 -25.84 -9.27 -27.35
N GLY A 297 -26.08 -9.71 -26.13
CA GLY A 297 -27.40 -9.77 -25.55
C GLY A 297 -28.24 -10.96 -25.95
N SER A 298 -27.63 -11.99 -26.55
CA SER A 298 -28.39 -13.10 -27.10
C SER A 298 -27.56 -14.36 -26.98
N ASN A 299 -28.18 -15.49 -27.28
CA ASN A 299 -27.52 -16.79 -27.16
C ASN A 299 -26.97 -17.30 -28.49
N ALA A 300 -26.78 -16.42 -29.47
CA ALA A 300 -26.32 -16.78 -30.81
C ALA A 300 -24.86 -17.21 -30.79
N ALA A 301 -24.48 -18.03 -31.75
CA ALA A 301 -23.07 -18.24 -32.10
C ALA A 301 -23.03 -18.20 -33.62
N HIS A 302 -22.79 -17.01 -34.16
CA HIS A 302 -22.43 -16.90 -35.56
C HIS A 302 -21.06 -17.53 -35.79
N ILE A 303 -20.90 -18.21 -36.92
CA ILE A 303 -19.63 -18.88 -37.23
C ILE A 303 -19.31 -18.74 -38.71
N ALA A 304 -18.03 -18.52 -39.03
CA ALA A 304 -17.52 -18.64 -40.40
C ALA A 304 -16.24 -19.47 -40.46
N VAL A 305 -16.00 -20.06 -41.64
CA VAL A 305 -14.82 -20.88 -41.94
C VAL A 305 -14.35 -20.60 -43.37
N ALA A 306 -13.02 -20.48 -43.54
CA ALA A 306 -12.36 -20.41 -44.84
C ALA A 306 -11.05 -21.19 -44.77
N VAL A 307 -10.38 -21.30 -45.92
CA VAL A 307 -9.09 -21.98 -46.03
C VAL A 307 -8.07 -20.96 -46.53
N ASP A 308 -6.91 -20.92 -45.87
CA ASP A 308 -5.76 -20.14 -46.32
C ASP A 308 -4.87 -21.04 -47.17
N GLU A 309 -4.84 -20.80 -48.48
CA GLU A 309 -4.24 -21.76 -49.39
C GLU A 309 -2.72 -21.79 -49.26
N ASP A 310 -2.05 -20.67 -49.56
CA ASP A 310 -0.59 -20.65 -49.48
C ASP A 310 -0.11 -21.16 -48.12
N ALA A 311 -0.78 -20.74 -47.05
CA ALA A 311 -0.39 -21.18 -45.71
C ALA A 311 -0.96 -22.55 -45.37
N GLN A 312 -1.72 -23.15 -46.30
CA GLN A 312 -2.42 -24.42 -46.06
C GLN A 312 -2.93 -24.47 -44.62
N THR A 313 -3.66 -23.41 -44.26
CA THR A 313 -4.23 -23.23 -42.93
C THR A 313 -5.74 -23.05 -43.06
N PHE A 314 -6.46 -23.75 -42.20
CA PHE A 314 -7.90 -23.61 -42.10
C PHE A 314 -8.22 -22.58 -41.02
N VAL A 315 -8.98 -21.55 -41.39
CA VAL A 315 -9.27 -20.42 -40.51
C VAL A 315 -10.76 -20.41 -40.17
N ALA A 316 -11.07 -20.35 -38.86
CA ALA A 316 -12.41 -20.57 -38.32
C ALA A 316 -12.72 -19.53 -37.25
N ILE A 317 -13.81 -18.78 -37.42
CA ILE A 317 -14.11 -17.68 -36.50
C ILE A 317 -15.48 -17.88 -35.85
N ALA A 318 -15.58 -17.59 -34.58
CA ALA A 318 -16.85 -17.64 -33.91
C ALA A 318 -17.03 -16.41 -33.02
N ALA A 319 -18.17 -15.73 -33.18
CA ALA A 319 -18.59 -14.71 -32.21
C ALA A 319 -19.60 -15.28 -31.20
N ILE A 320 -19.39 -14.95 -29.92
CA ILE A 320 -20.36 -15.20 -28.86
C ILE A 320 -20.41 -14.04 -27.86
N ASP A 321 -21.57 -13.88 -27.24
CA ASP A 321 -21.71 -13.03 -26.06
C ASP A 321 -21.11 -13.77 -24.87
N ASN A 322 -19.93 -13.33 -24.43
CA ASN A 322 -19.20 -14.03 -23.37
C ASN A 322 -20.03 -14.21 -22.11
N LEU A 323 -21.15 -13.51 -22.00
CA LEU A 323 -22.02 -13.59 -20.83
C LEU A 323 -23.25 -14.46 -21.06
N VAL A 324 -23.87 -14.42 -22.23
CA VAL A 324 -24.93 -15.36 -22.53
C VAL A 324 -24.29 -16.74 -22.76
N LYS A 325 -24.13 -17.13 -24.03
CA LYS A 325 -23.73 -18.50 -24.33
C LYS A 325 -22.32 -18.76 -23.79
N GLY A 326 -21.67 -17.73 -23.26
CA GLY A 326 -20.47 -17.96 -22.46
C GLY A 326 -20.76 -18.66 -21.15
N THR A 327 -21.39 -17.95 -20.20
CA THR A 327 -21.68 -18.47 -18.86
C THR A 327 -23.17 -18.74 -18.70
N ALA A 328 -23.94 -17.65 -18.56
CA ALA A 328 -25.35 -17.73 -18.20
C ALA A 328 -26.16 -18.42 -19.28
N GLY A 329 -26.09 -17.92 -20.51
CA GLY A 329 -26.97 -18.44 -21.55
C GLY A 329 -26.85 -19.94 -21.71
N ALA A 330 -25.63 -20.46 -21.60
CA ALA A 330 -25.44 -21.90 -21.54
C ALA A 330 -26.27 -22.51 -20.41
N ALA A 331 -26.02 -22.05 -19.19
CA ALA A 331 -26.69 -22.57 -17.98
C ALA A 331 -28.20 -22.69 -18.15
N VAL A 332 -28.84 -21.63 -18.65
CA VAL A 332 -30.32 -21.65 -18.83
C VAL A 332 -30.71 -22.60 -19.97
N GLN A 333 -29.84 -22.78 -20.96
CA GLN A 333 -30.10 -23.68 -22.10
C GLN A 333 -30.09 -25.13 -21.59
N SER A 334 -29.11 -25.45 -20.76
CA SER A 334 -28.90 -26.79 -20.15
C SER A 334 -30.04 -27.10 -19.17
N MET A 335 -30.27 -26.22 -18.20
CA MET A 335 -31.37 -26.38 -17.20
C MET A 335 -32.67 -26.65 -17.94
N ASN A 336 -33.00 -25.86 -18.97
CA ASN A 336 -34.18 -26.06 -19.85
C ASN A 336 -34.27 -27.53 -20.29
N LEU A 337 -33.15 -28.10 -20.76
CA LEU A 337 -33.03 -29.52 -21.22
C LEU A 337 -32.85 -30.43 -20.00
N ALA A 338 -32.53 -29.86 -18.84
CA ALA A 338 -32.36 -30.69 -17.62
C ALA A 338 -33.71 -30.85 -16.92
N LEU A 339 -34.71 -30.09 -17.37
CA LEU A 339 -36.09 -30.16 -16.85
C LEU A 339 -37.00 -30.64 -17.97
N GLY A 340 -36.51 -30.64 -19.20
CA GLY A 340 -37.24 -31.17 -20.38
C GLY A 340 -38.22 -30.21 -21.04
N TRP A 341 -37.88 -28.92 -21.14
CA TRP A 341 -38.72 -27.93 -21.79
C TRP A 341 -38.13 -27.65 -23.17
N PRO A 342 -38.84 -26.90 -24.05
CA PRO A 342 -38.19 -26.46 -25.28
C PRO A 342 -36.85 -25.82 -24.96
N GLU A 343 -35.78 -26.33 -25.55
CA GLU A 343 -34.47 -25.85 -25.15
C GLU A 343 -34.19 -24.45 -25.69
N THR A 344 -35.03 -23.97 -26.62
CA THR A 344 -35.03 -22.57 -27.01
C THR A 344 -35.72 -21.66 -25.99
N ASP A 345 -36.77 -22.14 -25.32
CA ASP A 345 -37.60 -21.37 -24.39
C ASP A 345 -36.85 -20.25 -23.69
N GLY A 346 -37.18 -18.99 -24.05
CA GLY A 346 -36.77 -17.82 -23.31
C GLY A 346 -35.41 -17.26 -23.67
N LEU A 347 -34.68 -17.91 -24.57
CA LEU A 347 -33.35 -17.52 -25.01
C LEU A 347 -33.45 -17.04 -26.46
N SER A 348 -32.89 -15.88 -26.76
CA SER A 348 -33.12 -15.34 -28.09
C SER A 348 -31.89 -15.48 -28.95
N VAL A 349 -32.14 -15.53 -30.26
CA VAL A 349 -31.07 -15.44 -31.26
C VAL A 349 -31.27 -14.19 -32.10
N VAL A 350 -31.60 -13.07 -31.45
CA VAL A 350 -31.49 -11.75 -32.05
C VAL A 350 -30.68 -10.88 -31.10
N GLY A 351 -29.49 -10.47 -31.55
CA GLY A 351 -28.52 -9.69 -30.75
C GLY A 351 -28.93 -8.25 -30.56
N VAL A 352 -28.53 -7.64 -29.45
CA VAL A 352 -28.91 -6.23 -29.19
C VAL A 352 -27.86 -5.33 -29.85
N ALA A 353 -28.17 -4.85 -31.04
CA ALA A 353 -27.22 -4.02 -31.78
C ALA A 353 -27.99 -2.86 -32.40
N PRO A 354 -27.35 -1.70 -32.67
CA PRO A 354 -25.95 -1.50 -32.34
C PRO A 354 -25.67 -1.15 -30.88
N ALA B 11 -55.31 -11.13 -37.65
CA ALA B 11 -53.98 -11.20 -38.21
C ALA B 11 -53.66 -9.97 -39.06
N THR B 12 -52.59 -9.26 -38.70
CA THR B 12 -52.30 -7.90 -39.14
C THR B 12 -50.87 -7.81 -39.65
N LYS B 13 -50.67 -7.14 -40.79
CA LYS B 13 -49.44 -7.25 -41.57
C LYS B 13 -48.70 -5.92 -41.61
N VAL B 14 -47.45 -5.92 -41.09
CA VAL B 14 -46.66 -4.71 -40.80
C VAL B 14 -45.54 -4.53 -41.84
N ALA B 15 -45.24 -3.27 -42.16
CA ALA B 15 -44.25 -2.88 -43.16
C ALA B 15 -43.29 -1.82 -42.60
N VAL B 16 -42.00 -1.95 -42.93
CA VAL B 16 -40.97 -0.99 -42.49
C VAL B 16 -40.39 -0.28 -43.70
N ALA B 17 -40.57 1.04 -43.73
CA ALA B 17 -39.77 1.89 -44.58
C ALA B 17 -38.60 2.42 -43.77
N GLY B 18 -37.44 2.50 -44.41
CA GLY B 18 -36.21 2.77 -43.69
C GLY B 18 -35.64 1.55 -43.03
N ALA B 19 -36.07 0.36 -43.46
CA ALA B 19 -35.79 -0.88 -42.75
C ALA B 19 -34.32 -1.08 -42.46
N SER B 20 -33.45 -0.62 -43.37
CA SER B 20 -31.99 -0.70 -43.21
C SER B 20 -31.40 0.38 -42.31
N GLY B 21 -32.19 1.35 -41.86
CA GLY B 21 -31.72 2.30 -40.85
C GLY B 21 -31.35 1.72 -39.49
N TYR B 22 -31.31 2.56 -38.48
CA TYR B 22 -31.10 2.09 -37.11
C TYR B 22 -32.40 2.00 -36.36
N ALA B 23 -33.25 3.03 -36.52
CA ALA B 23 -34.64 2.92 -36.14
C ALA B 23 -35.26 1.70 -36.81
N GLY B 24 -35.20 1.67 -38.15
CA GLY B 24 -35.73 0.54 -38.90
C GLY B 24 -35.27 -0.78 -38.34
N GLY B 25 -34.01 -0.84 -37.91
CA GLY B 25 -33.43 -2.06 -37.36
C GLY B 25 -33.75 -2.35 -35.92
N GLU B 26 -34.63 -1.58 -35.32
CA GLU B 26 -34.98 -1.81 -33.94
C GLU B 26 -36.47 -2.02 -33.77
N ILE B 27 -37.26 -1.28 -34.53
CA ILE B 27 -38.63 -1.64 -34.80
C ILE B 27 -38.68 -3.13 -35.05
N LEU B 28 -37.86 -3.61 -36.00
CA LEU B 28 -37.89 -5.01 -36.41
C LEU B 28 -37.38 -5.96 -35.31
N ARG B 29 -36.39 -5.56 -34.51
CA ARG B 29 -35.99 -6.46 -33.42
C ARG B 29 -37.09 -6.52 -32.36
N LEU B 30 -37.70 -5.39 -32.02
CA LEU B 30 -38.85 -5.43 -31.13
C LEU B 30 -39.95 -6.27 -31.72
N LEU B 31 -40.32 -6.00 -32.97
CA LEU B 31 -41.35 -6.80 -33.62
C LEU B 31 -41.06 -8.29 -33.49
N LEU B 32 -39.78 -8.66 -33.46
CA LEU B 32 -39.49 -10.08 -33.49
C LEU B 32 -39.70 -10.73 -32.13
N GLY B 33 -39.42 -10.04 -31.04
CA GLY B 33 -39.74 -10.55 -29.72
C GLY B 33 -41.14 -10.29 -29.29
N HIS B 34 -42.04 -9.87 -30.19
CA HIS B 34 -43.43 -9.62 -29.84
C HIS B 34 -44.19 -10.93 -29.55
N PRO B 35 -45.00 -10.98 -28.48
CA PRO B 35 -45.88 -12.14 -28.28
C PRO B 35 -46.92 -12.31 -29.38
N ALA B 36 -47.38 -11.21 -29.97
CA ALA B 36 -48.23 -11.29 -31.16
C ALA B 36 -47.47 -11.72 -32.39
N TYR B 37 -46.15 -11.68 -32.37
CA TYR B 37 -45.47 -12.18 -33.55
C TYR B 37 -45.26 -13.67 -33.43
N ALA B 38 -45.08 -14.16 -32.19
CA ALA B 38 -44.88 -15.58 -31.95
C ALA B 38 -46.16 -16.37 -32.22
N ASP B 39 -47.30 -15.84 -31.82
CA ASP B 39 -48.53 -16.55 -32.11
C ASP B 39 -49.09 -16.24 -33.50
N GLY B 40 -48.55 -15.25 -34.20
CA GLY B 40 -48.99 -14.98 -35.55
C GLY B 40 -50.02 -13.89 -35.73
N ARG B 41 -50.52 -13.27 -34.64
CA ARG B 41 -51.49 -12.20 -34.78
C ARG B 41 -50.94 -11.07 -35.64
N LEU B 42 -49.65 -10.77 -35.45
CA LEU B 42 -48.95 -9.72 -36.17
C LEU B 42 -48.03 -10.32 -37.21
N ARG B 43 -48.00 -9.71 -38.39
CA ARG B 43 -47.38 -10.30 -39.57
C ARG B 43 -46.35 -9.33 -40.14
N ILE B 44 -45.07 -9.77 -40.25
CA ILE B 44 -44.00 -8.90 -40.78
C ILE B 44 -43.94 -9.04 -42.29
N GLY B 45 -43.95 -7.91 -43.00
CA GLY B 45 -44.06 -7.92 -44.45
C GLY B 45 -42.95 -7.25 -45.22
N ALA B 46 -43.25 -6.08 -45.80
CA ALA B 46 -42.31 -5.40 -46.68
C ALA B 46 -41.28 -4.63 -45.86
N LEU B 47 -40.01 -4.91 -46.13
CA LEU B 47 -38.92 -4.10 -45.60
C LEU B 47 -38.35 -3.27 -46.75
N THR B 48 -38.36 -1.95 -46.60
CA THR B 48 -37.87 -1.07 -47.66
C THR B 48 -36.76 -0.16 -47.17
N ALA B 49 -35.96 0.30 -48.14
CA ALA B 49 -34.87 1.23 -47.89
C ALA B 49 -34.83 2.23 -49.03
N ALA B 50 -34.42 3.46 -48.70
CA ALA B 50 -34.36 4.58 -49.65
C ALA B 50 -33.64 4.17 -50.92
N THR B 51 -32.33 3.89 -50.83
CA THR B 51 -31.52 3.56 -52.00
C THR B 51 -30.85 2.20 -51.85
N SER B 52 -31.63 1.16 -51.53
CA SER B 52 -30.97 -0.10 -51.21
C SER B 52 -31.81 -1.32 -51.59
N ALA B 53 -32.38 -1.29 -52.79
CA ALA B 53 -33.18 -2.39 -53.29
C ALA B 53 -32.33 -3.65 -53.48
N GLY B 54 -32.98 -4.81 -53.41
CA GLY B 54 -32.37 -6.07 -53.79
C GLY B 54 -31.41 -6.67 -52.78
N SER B 55 -30.77 -5.80 -51.99
CA SER B 55 -29.93 -6.25 -50.90
C SER B 55 -30.72 -7.16 -49.97
N THR B 56 -30.06 -8.20 -49.44
CA THR B 56 -30.61 -8.99 -48.35
C THR B 56 -30.53 -8.20 -47.03
N LEU B 57 -31.51 -8.40 -46.14
CA LEU B 57 -31.49 -7.64 -44.90
C LEU B 57 -30.19 -7.91 -44.14
N GLY B 58 -29.71 -9.13 -44.19
CA GLY B 58 -28.63 -9.52 -43.31
C GLY B 58 -27.33 -8.81 -43.57
N GLU B 59 -27.20 -8.11 -44.69
CA GLU B 59 -25.99 -7.34 -44.93
C GLU B 59 -26.03 -6.02 -44.18
N HIS B 60 -27.23 -5.47 -44.03
CA HIS B 60 -27.41 -4.29 -43.21
C HIS B 60 -27.55 -4.62 -41.71
N HIS B 61 -28.11 -5.76 -41.34
CA HIS B 61 -28.49 -6.01 -39.95
C HIS B 61 -28.17 -7.44 -39.55
N PRO B 62 -26.89 -7.79 -39.41
CA PRO B 62 -26.53 -9.16 -39.02
C PRO B 62 -27.16 -9.64 -37.71
N HIS B 63 -27.83 -8.79 -36.95
CA HIS B 63 -28.40 -9.22 -35.69
C HIS B 63 -29.87 -9.66 -35.84
N LEU B 64 -30.53 -9.29 -36.92
CA LEU B 64 -31.86 -9.82 -37.24
C LEU B 64 -31.73 -11.09 -38.13
N THR B 65 -31.16 -12.19 -37.54
CA THR B 65 -30.95 -13.45 -38.26
C THR B 65 -32.27 -13.95 -38.87
N PRO B 66 -33.32 -14.23 -38.06
CA PRO B 66 -34.52 -14.89 -38.61
C PRO B 66 -35.02 -14.25 -39.88
N LEU B 67 -34.79 -12.95 -40.02
CA LEU B 67 -35.29 -12.21 -41.15
C LEU B 67 -34.24 -12.03 -42.24
N ALA B 68 -32.97 -12.40 -42.00
CA ALA B 68 -31.84 -11.89 -42.79
C ALA B 68 -31.87 -12.33 -44.25
N HIS B 69 -32.55 -13.43 -44.56
CA HIS B 69 -32.74 -13.88 -45.92
C HIS B 69 -33.57 -12.92 -46.75
N ARG B 70 -34.21 -11.94 -46.13
CA ARG B 70 -35.20 -11.15 -46.82
C ARG B 70 -34.55 -10.06 -47.66
N VAL B 71 -35.21 -9.74 -48.76
CA VAL B 71 -34.65 -8.87 -49.80
C VAL B 71 -35.28 -7.48 -49.67
N VAL B 72 -34.44 -6.44 -49.58
CA VAL B 72 -34.94 -5.10 -49.37
C VAL B 72 -35.53 -4.59 -50.68
N GLU B 73 -36.69 -3.89 -50.59
CA GLU B 73 -37.53 -3.37 -51.67
C GLU B 73 -37.48 -1.85 -51.72
N PRO B 74 -37.91 -1.23 -52.82
CA PRO B 74 -37.91 0.23 -52.88
C PRO B 74 -39.05 0.80 -52.06
N THR B 75 -38.94 2.10 -51.77
CA THR B 75 -39.90 2.80 -50.92
C THR B 75 -40.87 3.59 -51.80
N GLU B 76 -41.71 2.84 -52.51
CA GLU B 76 -42.80 3.41 -53.28
C GLU B 76 -44.11 2.93 -52.68
N ALA B 77 -45.14 3.77 -52.80
CA ALA B 77 -46.46 3.41 -52.29
C ALA B 77 -46.93 2.08 -52.84
N ALA B 78 -46.46 1.70 -54.03
CA ALA B 78 -46.80 0.41 -54.61
C ALA B 78 -46.42 -0.73 -53.67
N VAL B 79 -45.25 -0.64 -53.04
CA VAL B 79 -44.83 -1.71 -52.14
C VAL B 79 -45.57 -1.62 -50.80
N LEU B 80 -45.90 -0.41 -50.35
CA LEU B 80 -46.36 -0.22 -48.99
C LEU B 80 -47.86 -0.35 -48.83
N GLY B 81 -48.56 -0.80 -49.87
CA GLY B 81 -49.98 -1.03 -49.77
C GLY B 81 -50.31 -2.33 -49.05
N GLY B 82 -51.60 -2.57 -48.88
CA GLY B 82 -52.05 -3.85 -48.38
C GLY B 82 -51.79 -4.10 -46.91
N HIS B 83 -50.71 -3.54 -46.37
CA HIS B 83 -50.38 -3.76 -44.98
C HIS B 83 -51.39 -3.07 -44.06
N ASP B 84 -51.47 -3.56 -42.83
CA ASP B 84 -52.36 -2.97 -41.84
C ASP B 84 -51.69 -1.87 -41.02
N ALA B 85 -50.38 -1.99 -40.80
CA ALA B 85 -49.54 -0.99 -40.15
C ALA B 85 -48.31 -0.73 -41.02
N VAL B 86 -48.01 0.54 -41.27
CA VAL B 86 -46.79 0.93 -41.98
C VAL B 86 -45.90 1.71 -41.02
N PHE B 87 -44.61 1.35 -40.99
CA PHE B 87 -43.62 2.05 -40.13
C PHE B 87 -42.72 2.90 -41.02
N LEU B 88 -42.48 4.13 -40.63
CA LEU B 88 -41.64 5.00 -41.48
C LEU B 88 -40.44 5.53 -40.70
N ALA B 89 -39.32 4.84 -40.73
CA ALA B 89 -38.09 5.32 -40.07
C ALA B 89 -37.16 5.84 -41.15
N LEU B 90 -37.72 6.49 -42.16
CA LEU B 90 -36.94 6.94 -43.33
C LEU B 90 -36.34 8.32 -43.08
N PRO B 91 -35.20 8.62 -43.73
CA PRO B 91 -34.47 9.86 -43.61
C PRO B 91 -35.25 11.14 -43.32
N HIS B 92 -35.66 11.31 -42.06
CA HIS B 92 -36.31 12.52 -41.51
C HIS B 92 -37.29 13.14 -42.51
N GLY B 93 -37.00 14.35 -42.98
CA GLY B 93 -37.87 15.12 -43.90
C GLY B 93 -38.28 14.37 -45.15
N HIS B 94 -39.49 14.68 -45.63
CA HIS B 94 -40.14 14.11 -46.85
C HIS B 94 -40.60 12.67 -46.62
N SER B 95 -41.52 12.50 -45.66
CA SER B 95 -42.20 11.22 -45.35
C SER B 95 -43.69 11.50 -45.47
N ALA B 96 -44.11 12.67 -44.96
CA ALA B 96 -45.49 13.10 -45.09
C ALA B 96 -45.98 13.04 -46.53
N VAL B 97 -45.05 13.05 -47.48
CA VAL B 97 -45.42 12.85 -48.88
C VAL B 97 -45.98 11.45 -49.09
N LEU B 98 -45.32 10.43 -48.53
CA LEU B 98 -45.74 9.04 -48.68
C LEU B 98 -46.74 8.60 -47.62
N ALA B 99 -46.84 9.31 -46.50
CA ALA B 99 -47.90 9.02 -45.54
C ALA B 99 -49.27 9.26 -46.18
N GLN B 100 -49.39 10.34 -46.94
CA GLN B 100 -50.59 10.62 -47.73
C GLN B 100 -50.70 9.74 -48.98
N GLN B 101 -49.65 8.99 -49.35
CA GLN B 101 -49.74 8.06 -50.47
C GLN B 101 -50.38 6.72 -50.12
N LEU B 102 -50.60 6.45 -48.83
CA LEU B 102 -51.12 5.17 -48.38
C LEU B 102 -52.60 5.30 -48.03
N SER B 103 -53.19 4.18 -47.67
CA SER B 103 -54.63 4.38 -47.56
C SER B 103 -55.02 4.67 -46.12
N PRO B 104 -55.89 5.67 -45.92
CA PRO B 104 -56.04 6.28 -44.58
C PRO B 104 -56.29 5.32 -43.43
N GLU B 105 -57.22 4.36 -43.55
CA GLU B 105 -57.60 3.47 -42.46
C GLU B 105 -56.46 2.56 -42.00
N THR B 106 -55.28 2.68 -42.61
CA THR B 106 -54.08 1.99 -42.16
C THR B 106 -53.43 2.72 -40.98
N LEU B 107 -52.85 1.95 -40.06
CA LEU B 107 -52.16 2.53 -38.90
C LEU B 107 -50.75 2.98 -39.29
N ILE B 108 -50.53 4.28 -39.32
CA ILE B 108 -49.24 4.83 -39.71
C ILE B 108 -48.49 5.23 -38.45
N ILE B 109 -47.22 4.87 -38.38
CA ILE B 109 -46.32 5.24 -37.30
C ILE B 109 -45.07 5.88 -37.92
N ASP B 110 -44.91 7.18 -37.75
CA ASP B 110 -43.78 7.91 -38.31
C ASP B 110 -42.75 8.09 -37.21
N CYS B 111 -41.58 7.50 -37.39
CA CYS B 111 -40.49 7.85 -36.50
C CYS B 111 -39.83 9.16 -36.93
N GLY B 112 -40.20 9.67 -38.10
CA GLY B 112 -39.75 10.99 -38.53
C GLY B 112 -40.49 12.06 -37.79
N ALA B 113 -40.01 13.28 -37.94
CA ALA B 113 -40.55 14.42 -37.22
C ALA B 113 -41.57 15.20 -38.02
N ASP B 114 -41.91 14.74 -39.23
CA ASP B 114 -42.84 15.51 -40.06
C ASP B 114 -44.19 15.73 -39.39
N PHE B 115 -44.46 15.13 -38.23
CA PHE B 115 -45.80 15.22 -37.65
C PHE B 115 -45.85 15.44 -36.13
N ARG B 116 -44.74 15.78 -35.48
CA ARG B 116 -44.77 15.86 -34.03
C ARG B 116 -45.24 17.22 -33.52
N LEU B 117 -45.07 18.29 -34.29
CA LEU B 117 -45.20 19.65 -33.78
C LEU B 117 -46.60 20.19 -33.99
N THR B 118 -47.11 20.89 -32.98
CA THR B 118 -48.43 21.53 -33.08
C THR B 118 -48.35 22.82 -33.91
N ASP B 119 -47.55 23.76 -33.46
CA ASP B 119 -47.61 25.10 -34.02
C ASP B 119 -46.83 25.14 -35.33
N ALA B 120 -47.52 25.47 -36.42
CA ALA B 120 -46.86 25.59 -37.72
C ALA B 120 -45.82 26.70 -37.73
N ALA B 121 -45.96 27.67 -36.82
CA ALA B 121 -44.96 28.72 -36.65
C ALA B 121 -43.58 28.14 -36.39
N VAL B 122 -43.49 27.23 -35.42
CA VAL B 122 -42.18 26.70 -35.04
C VAL B 122 -41.65 25.73 -36.09
N TRP B 123 -42.51 24.97 -36.77
CA TRP B 123 -41.97 24.00 -37.71
C TRP B 123 -41.18 24.69 -38.81
N GLU B 124 -41.78 25.71 -39.41
CA GLU B 124 -41.12 26.37 -40.54
C GLU B 124 -39.80 27.00 -40.12
N ARG B 125 -39.71 27.46 -38.87
CA ARG B 125 -38.51 28.17 -38.39
C ARG B 125 -37.37 27.24 -38.02
N PHE B 126 -37.64 25.96 -37.80
CA PHE B 126 -36.65 24.97 -37.39
C PHE B 126 -36.41 23.87 -38.42
N TYR B 127 -37.38 23.61 -39.32
CA TYR B 127 -37.28 22.56 -40.34
C TYR B 127 -37.30 23.03 -41.79
N GLY B 128 -37.88 24.19 -42.10
CA GLY B 128 -37.83 24.74 -43.44
C GLY B 128 -38.71 24.02 -44.46
N SER B 129 -40.00 23.92 -44.15
CA SER B 129 -40.89 23.21 -45.05
C SER B 129 -42.32 23.60 -44.75
N SER B 130 -43.15 23.55 -45.79
CA SER B 130 -44.59 23.64 -45.58
C SER B 130 -44.92 22.60 -44.50
N HIS B 131 -45.34 23.08 -43.34
CA HIS B 131 -45.79 22.22 -42.25
C HIS B 131 -46.70 21.13 -42.77
N ALA B 132 -46.89 20.09 -41.98
CA ALA B 132 -47.74 19.01 -42.45
C ALA B 132 -48.96 18.79 -41.60
N GLY B 133 -48.87 18.90 -40.28
CA GLY B 133 -49.97 18.71 -39.37
C GLY B 133 -49.48 18.10 -38.08
N SER B 134 -50.38 17.44 -37.35
CA SER B 134 -50.00 16.92 -36.03
C SER B 134 -50.83 15.68 -35.72
N TRP B 135 -50.20 14.53 -35.83
CA TRP B 135 -50.82 13.27 -35.42
C TRP B 135 -50.75 13.18 -33.90
N PRO B 136 -51.33 12.13 -33.30
CA PRO B 136 -51.08 11.88 -31.88
C PRO B 136 -49.59 11.80 -31.58
N TYR B 137 -49.13 12.68 -30.69
CA TYR B 137 -47.77 12.60 -30.21
C TYR B 137 -47.63 11.32 -29.38
N GLY B 138 -46.66 10.49 -29.70
CA GLY B 138 -46.64 9.16 -29.12
C GLY B 138 -45.81 8.88 -27.87
N LEU B 139 -46.12 9.55 -26.76
CA LEU B 139 -45.40 9.38 -25.50
C LEU B 139 -46.42 9.05 -24.41
N PRO B 140 -46.92 7.81 -24.41
CA PRO B 140 -47.99 7.40 -23.48
C PRO B 140 -47.87 7.93 -22.07
N GLU B 141 -46.65 8.06 -21.56
CA GLU B 141 -46.45 8.58 -20.21
C GLU B 141 -47.07 9.96 -20.07
N LEU B 142 -46.88 10.81 -21.07
CA LEU B 142 -47.34 12.19 -21.03
C LEU B 142 -48.84 12.22 -20.78
N PRO B 143 -49.30 12.98 -19.80
CA PRO B 143 -50.73 13.06 -19.51
C PRO B 143 -51.53 13.44 -20.75
N GLY B 144 -52.73 12.89 -20.84
CA GLY B 144 -53.61 13.16 -21.95
C GLY B 144 -53.26 12.37 -23.19
N ALA B 145 -51.97 12.19 -23.44
CA ALA B 145 -51.53 11.52 -24.67
C ALA B 145 -52.17 10.15 -24.81
N ARG B 146 -51.99 9.29 -23.79
CA ARG B 146 -52.42 7.89 -23.88
C ARG B 146 -53.85 7.76 -24.40
N ASP B 147 -54.77 8.54 -23.84
CA ASP B 147 -56.17 8.45 -24.25
C ASP B 147 -56.33 8.75 -25.74
N GLN B 148 -55.43 9.56 -26.31
CA GLN B 148 -55.47 9.81 -27.76
C GLN B 148 -54.84 8.67 -28.53
N LEU B 149 -53.88 7.97 -27.95
CA LEU B 149 -53.18 6.92 -28.68
C LEU B 149 -54.03 5.67 -28.80
N ARG B 150 -55.10 5.59 -28.01
CA ARG B 150 -55.93 4.40 -27.97
C ARG B 150 -56.80 4.33 -29.21
N GLY B 151 -56.56 3.30 -30.03
CA GLY B 151 -57.34 3.00 -31.21
C GLY B 151 -57.02 3.82 -32.45
N THR B 152 -56.03 4.70 -32.40
CA THR B 152 -55.84 5.64 -33.50
C THR B 152 -54.98 5.03 -34.59
N ARG B 153 -55.11 5.61 -35.78
CA ARG B 153 -54.47 5.06 -36.97
C ARG B 153 -53.36 5.96 -37.48
N ARG B 154 -52.93 6.94 -36.68
CA ARG B 154 -51.73 7.69 -36.96
C ARG B 154 -50.95 7.83 -35.67
N ILE B 155 -49.62 7.73 -35.76
CA ILE B 155 -48.73 7.87 -34.60
C ILE B 155 -47.54 8.74 -35.02
N ALA B 156 -47.23 9.78 -34.23
CA ALA B 156 -45.94 10.46 -34.32
C ALA B 156 -45.07 9.97 -33.16
N VAL B 157 -43.87 9.49 -33.50
CA VAL B 157 -42.93 8.99 -32.50
C VAL B 157 -42.10 10.15 -31.99
N PRO B 158 -41.97 10.34 -30.68
CA PRO B 158 -41.12 11.44 -30.17
C PRO B 158 -39.70 11.28 -30.66
N GLY B 159 -38.96 12.38 -30.59
CA GLY B 159 -37.53 12.28 -30.71
C GLY B 159 -36.86 11.78 -29.45
N CYS B 160 -35.58 11.40 -29.59
CA CYS B 160 -34.86 10.81 -28.48
C CYS B 160 -34.72 11.79 -27.32
N TYR B 161 -33.83 12.77 -27.44
CA TYR B 161 -33.68 13.81 -26.40
C TYR B 161 -34.99 14.28 -25.78
N PRO B 162 -36.00 14.71 -26.55
CA PRO B 162 -37.28 15.10 -25.91
C PRO B 162 -37.94 14.00 -25.11
N THR B 163 -37.84 12.74 -25.51
CA THR B 163 -38.49 11.69 -24.72
C THR B 163 -37.97 11.70 -23.28
N ALA B 164 -36.67 11.91 -23.12
CA ALA B 164 -36.08 11.87 -21.79
C ALA B 164 -36.27 13.18 -21.03
N ALA B 165 -36.37 14.30 -21.75
CA ALA B 165 -36.43 15.58 -21.07
C ALA B 165 -37.78 15.79 -20.43
N LEU B 166 -38.85 15.36 -21.10
CA LEU B 166 -40.19 15.45 -20.55
C LEU B 166 -40.41 14.43 -19.42
N LEU B 167 -39.98 13.17 -19.61
CA LEU B 167 -40.02 12.23 -18.49
C LEU B 167 -39.26 12.75 -17.28
N ALA B 168 -38.29 13.63 -17.48
CA ALA B 168 -37.54 14.20 -16.38
C ALA B 168 -38.26 15.41 -15.77
N LEU B 169 -38.95 16.20 -16.59
CA LEU B 169 -39.34 17.55 -16.20
C LEU B 169 -40.84 17.77 -15.98
N PHE B 170 -41.71 17.05 -16.67
CA PHE B 170 -43.11 17.49 -16.68
C PHE B 170 -43.85 17.22 -15.36
N PRO B 171 -43.43 16.25 -14.53
CA PRO B 171 -44.07 16.11 -13.20
C PRO B 171 -43.89 17.33 -12.30
N ALA B 172 -42.65 17.67 -12.00
CA ALA B 172 -42.41 18.87 -11.21
C ALA B 172 -42.81 20.14 -11.93
N LEU B 173 -43.27 20.05 -13.19
CA LEU B 173 -43.98 21.17 -13.77
C LEU B 173 -45.49 20.93 -13.80
N ALA B 174 -45.92 19.66 -13.77
CA ALA B 174 -47.34 19.39 -13.57
C ALA B 174 -47.81 20.01 -12.28
N ALA B 175 -47.15 19.68 -11.17
CA ALA B 175 -47.51 20.24 -9.88
C ALA B 175 -47.24 21.74 -9.80
N ASP B 176 -46.57 22.30 -10.80
CA ASP B 176 -45.99 23.64 -10.74
C ASP B 176 -45.19 23.84 -9.46
N LEU B 177 -44.12 23.05 -9.36
CA LEU B 177 -43.15 23.16 -8.29
C LEU B 177 -41.80 23.68 -8.79
N ILE B 178 -41.69 23.98 -10.08
CA ILE B 178 -40.47 24.51 -10.68
C ILE B 178 -40.82 25.72 -11.54
N GLU B 179 -39.78 26.52 -11.85
CA GLU B 179 -40.13 27.59 -12.77
C GLU B 179 -39.96 27.15 -14.22
N PRO B 180 -40.80 27.64 -15.13
CA PRO B 180 -40.80 27.22 -16.53
C PRO B 180 -39.70 27.86 -17.40
N ALA B 181 -38.48 27.87 -16.89
CA ALA B 181 -37.30 28.11 -17.71
C ALA B 181 -36.34 26.96 -17.40
N VAL B 182 -36.33 25.92 -18.24
CA VAL B 182 -35.59 24.69 -17.96
C VAL B 182 -34.33 24.66 -18.80
N THR B 183 -33.26 24.21 -18.17
CA THR B 183 -31.94 24.09 -18.77
C THR B 183 -31.61 22.59 -18.88
N VAL B 184 -31.18 22.16 -20.07
CA VAL B 184 -31.04 20.74 -20.35
C VAL B 184 -29.72 20.52 -21.08
N VAL B 185 -28.88 19.65 -20.51
CA VAL B 185 -27.66 19.20 -21.16
C VAL B 185 -27.72 17.68 -21.19
N ALA B 186 -27.80 17.09 -22.38
CA ALA B 186 -27.87 15.64 -22.48
C ALA B 186 -26.63 15.07 -23.16
N VAL B 187 -26.19 13.92 -22.65
CA VAL B 187 -25.22 13.08 -23.36
C VAL B 187 -26.01 12.01 -24.10
N SER B 188 -25.44 11.53 -25.20
CA SER B 188 -26.04 10.45 -25.99
C SER B 188 -25.00 9.75 -26.86
N GLY B 189 -25.39 8.52 -27.24
CA GLY B 189 -24.54 7.64 -27.99
C GLY B 189 -24.82 7.70 -29.46
N THR B 190 -23.82 7.26 -30.24
CA THR B 190 -23.78 7.68 -31.64
C THR B 190 -24.96 7.18 -32.45
N SER B 191 -25.56 6.04 -32.10
CA SER B 191 -26.61 5.45 -32.94
C SER B 191 -27.71 6.46 -33.29
N GLY B 192 -27.93 7.46 -32.42
CA GLY B 192 -28.92 8.53 -32.62
C GLY B 192 -28.65 9.40 -33.83
N ALA B 193 -27.40 9.51 -34.25
CA ALA B 193 -27.03 10.28 -35.43
C ALA B 193 -27.34 9.55 -36.73
N GLY B 194 -27.94 8.36 -36.65
CA GLY B 194 -28.33 7.62 -37.83
C GLY B 194 -27.15 6.98 -38.58
N ARG B 195 -27.49 6.33 -39.68
CA ARG B 195 -26.51 5.55 -40.40
C ARG B 195 -26.05 6.21 -41.67
N ALA B 196 -26.36 7.51 -41.85
CA ALA B 196 -25.72 8.23 -42.93
C ALA B 196 -24.24 8.32 -42.58
N ALA B 197 -23.48 7.32 -43.03
CA ALA B 197 -22.01 7.33 -42.97
C ALA B 197 -21.45 8.72 -43.30
N THR B 198 -21.02 9.42 -42.28
CA THR B 198 -20.29 10.66 -42.46
C THR B 198 -18.98 10.51 -41.70
N THR B 199 -18.24 11.59 -41.64
CA THR B 199 -16.84 11.49 -41.27
C THR B 199 -16.63 11.73 -39.78
N ASP B 200 -17.53 12.48 -39.13
CA ASP B 200 -17.43 12.70 -37.70
C ASP B 200 -18.27 11.73 -36.92
N LEU B 201 -18.83 10.75 -37.58
CA LEU B 201 -19.42 9.63 -36.90
C LEU B 201 -18.53 8.40 -37.01
N LEU B 202 -17.36 8.55 -37.62
CA LEU B 202 -16.48 7.40 -37.78
C LEU B 202 -16.02 6.88 -36.43
N GLY B 203 -15.54 5.65 -36.45
CA GLY B 203 -15.07 5.05 -35.23
C GLY B 203 -14.03 5.90 -34.57
N ALA B 204 -12.99 6.26 -35.34
CA ALA B 204 -11.81 6.86 -34.76
C ALA B 204 -12.08 8.29 -34.33
N GLU B 205 -12.99 8.97 -35.03
CA GLU B 205 -13.45 10.27 -34.56
C GLU B 205 -14.08 10.15 -33.18
N VAL B 206 -15.20 9.43 -33.07
CA VAL B 206 -15.98 9.46 -31.84
C VAL B 206 -15.35 8.63 -30.72
N ILE B 207 -14.47 7.70 -31.03
CA ILE B 207 -13.89 6.95 -29.93
C ILE B 207 -12.98 7.86 -29.13
N GLY B 208 -13.23 7.93 -27.83
CA GLY B 208 -12.28 8.61 -26.98
C GLY B 208 -12.34 10.11 -27.09
N SER B 209 -13.54 10.67 -27.23
CA SER B 209 -13.75 12.10 -27.46
C SER B 209 -15.20 12.44 -27.17
N ALA B 210 -15.45 13.69 -26.80
CA ALA B 210 -16.80 14.16 -26.53
C ALA B 210 -16.93 15.55 -27.11
N ARG B 211 -18.16 15.92 -27.50
CA ARG B 211 -18.44 17.22 -28.13
C ARG B 211 -19.93 17.54 -28.15
N ALA B 212 -20.26 18.77 -27.79
CA ALA B 212 -21.59 19.31 -27.99
C ALA B 212 -21.74 19.82 -29.43
N TYR B 213 -22.98 19.87 -29.88
CA TYR B 213 -23.28 20.28 -31.25
C TYR B 213 -24.64 20.95 -31.26
N ASN B 214 -24.89 21.73 -32.32
CA ASN B 214 -26.15 22.46 -32.50
C ASN B 214 -26.57 23.16 -31.21
N ILE B 215 -25.67 23.96 -30.64
CA ILE B 215 -25.95 24.51 -29.32
C ILE B 215 -26.69 25.83 -29.42
N ALA B 216 -27.14 26.34 -28.27
CA ALA B 216 -27.74 27.67 -28.15
C ALA B 216 -29.13 27.71 -28.77
N GLY B 217 -29.87 26.62 -28.60
CA GLY B 217 -31.28 26.60 -28.97
C GLY B 217 -31.59 26.30 -30.41
N VAL B 218 -30.60 25.97 -31.24
CA VAL B 218 -30.88 25.73 -32.66
C VAL B 218 -31.25 24.27 -32.95
N HIS B 219 -30.60 23.31 -32.32
CA HIS B 219 -30.94 21.91 -32.50
C HIS B 219 -32.43 21.72 -32.45
N ARG B 220 -32.95 20.94 -33.39
CA ARG B 220 -34.38 21.00 -33.66
C ARG B 220 -35.22 20.48 -32.50
N HIS B 221 -34.68 19.59 -31.67
CA HIS B 221 -35.43 18.96 -30.58
C HIS B 221 -35.88 19.95 -29.50
N THR B 222 -35.39 21.19 -29.56
CA THR B 222 -35.66 22.20 -28.53
C THR B 222 -37.13 22.60 -28.45
N PRO B 223 -37.80 23.00 -29.53
CA PRO B 223 -39.27 23.16 -29.43
C PRO B 223 -40.01 21.92 -29.01
N GLU B 224 -39.50 20.73 -29.33
CA GLU B 224 -40.18 19.52 -28.93
C GLU B 224 -40.23 19.38 -27.43
N ILE B 225 -39.21 19.88 -26.73
CA ILE B 225 -39.30 19.92 -25.28
C ILE B 225 -40.31 20.99 -24.85
N ALA B 226 -40.18 22.19 -25.43
CA ALA B 226 -41.07 23.31 -25.08
C ALA B 226 -42.53 22.99 -25.37
N GLN B 227 -42.80 22.46 -26.54
CA GLN B 227 -44.17 22.08 -26.86
C GLN B 227 -44.71 21.08 -25.85
N GLY B 228 -43.97 20.02 -25.60
CA GLY B 228 -44.44 19.07 -24.62
C GLY B 228 -44.45 19.59 -23.21
N LEU B 229 -43.72 20.66 -22.94
CA LEU B 229 -43.68 21.25 -21.60
C LEU B 229 -44.80 22.25 -21.38
N ARG B 230 -45.18 22.99 -22.43
CA ARG B 230 -46.37 23.83 -22.35
C ARG B 230 -47.60 23.00 -22.08
N ALA B 231 -47.59 21.76 -22.56
CA ALA B 231 -48.66 20.79 -22.44
C ALA B 231 -49.11 20.50 -21.00
N VAL B 232 -48.41 21.03 -19.98
CA VAL B 232 -48.89 20.86 -18.60
C VAL B 232 -48.77 22.11 -17.75
N THR B 233 -48.49 23.27 -18.36
CA THR B 233 -48.49 24.49 -17.57
C THR B 233 -48.86 25.67 -18.45
N ASP B 234 -49.52 26.64 -17.82
CA ASP B 234 -49.92 27.89 -18.46
C ASP B 234 -49.03 29.06 -18.05
N ARG B 235 -47.77 28.78 -17.73
CA ARG B 235 -46.73 29.81 -17.65
C ARG B 235 -45.85 29.70 -18.89
N ASP B 236 -45.21 30.80 -19.26
CA ASP B 236 -44.41 30.82 -20.48
C ASP B 236 -43.23 29.87 -20.37
N VAL B 237 -43.15 28.89 -21.28
CA VAL B 237 -42.11 27.87 -21.22
C VAL B 237 -40.90 28.32 -22.03
N SER B 238 -39.73 28.30 -21.38
CA SER B 238 -38.44 28.66 -21.97
C SER B 238 -37.49 27.48 -21.78
N VAL B 239 -36.54 27.32 -22.70
CA VAL B 239 -35.74 26.08 -22.74
C VAL B 239 -34.33 26.34 -23.27
N SER B 240 -33.30 26.09 -22.45
CA SER B 240 -31.89 26.09 -22.88
C SER B 240 -31.42 24.65 -23.15
N PHE B 241 -31.61 24.17 -24.37
CA PHE B 241 -31.28 22.78 -24.68
C PHE B 241 -29.90 22.66 -25.33
N THR B 242 -29.04 21.81 -24.77
CA THR B 242 -27.73 21.55 -25.36
C THR B 242 -27.49 20.05 -25.35
N PRO B 243 -27.24 19.41 -26.55
CA PRO B 243 -26.87 17.99 -26.59
C PRO B 243 -25.37 17.79 -26.70
N VAL B 244 -24.87 16.69 -26.15
CA VAL B 244 -23.46 16.32 -26.25
C VAL B 244 -23.37 14.89 -26.74
N LEU B 245 -22.53 14.64 -27.75
CA LEU B 245 -22.31 13.28 -28.22
C LEU B 245 -21.15 12.66 -27.49
N ILE B 246 -21.22 11.36 -27.24
CA ILE B 246 -20.16 10.69 -26.47
C ILE B 246 -19.83 9.30 -27.03
N PRO B 247 -18.69 8.67 -26.63
CA PRO B 247 -18.35 7.33 -27.16
C PRO B 247 -19.16 6.16 -26.57
N ALA B 248 -20.36 5.98 -27.06
CA ALA B 248 -21.13 4.81 -26.66
C ALA B 248 -22.15 4.59 -27.76
N SER B 249 -22.47 3.33 -28.05
CA SER B 249 -23.30 3.25 -29.23
C SER B 249 -24.75 3.61 -28.92
N ARG B 250 -25.19 3.51 -27.67
CA ARG B 250 -26.61 3.58 -27.45
C ARG B 250 -26.95 4.44 -26.23
N GLY B 251 -27.80 5.44 -26.39
CA GLY B 251 -28.41 5.87 -25.14
C GLY B 251 -28.34 7.36 -24.90
N ILE B 252 -28.86 7.80 -23.76
CA ILE B 252 -29.06 9.21 -23.50
C ILE B 252 -29.16 9.40 -22.01
N LEU B 253 -28.25 10.13 -21.40
CA LEU B 253 -28.38 10.53 -20.00
C LEU B 253 -28.53 12.04 -20.03
N ALA B 254 -29.67 12.53 -19.55
CA ALA B 254 -30.02 13.94 -19.67
C ALA B 254 -30.09 14.61 -18.30
N THR B 255 -29.42 15.75 -18.17
CA THR B 255 -29.39 16.52 -16.93
C THR B 255 -30.31 17.73 -17.05
N CYS B 256 -31.39 17.73 -16.29
CA CYS B 256 -32.41 18.76 -16.39
C CYS B 256 -32.47 19.58 -15.12
N THR B 257 -32.28 20.89 -15.27
CA THR B 257 -32.19 21.85 -14.16
C THR B 257 -33.21 22.97 -14.33
N ALA B 258 -33.76 23.44 -13.21
CA ALA B 258 -34.68 24.57 -13.18
C ALA B 258 -34.69 25.17 -11.78
N ARG B 259 -35.00 26.48 -11.72
CA ARG B 259 -35.08 27.17 -10.43
C ARG B 259 -36.32 26.73 -9.66
N THR B 260 -36.17 26.62 -8.33
CA THR B 260 -37.18 25.96 -7.52
C THR B 260 -37.48 26.78 -6.27
N ARG B 261 -38.73 26.65 -5.81
CA ARG B 261 -39.28 27.25 -4.61
C ARG B 261 -39.68 26.21 -3.57
N SER B 262 -39.90 24.96 -4.01
CA SER B 262 -40.48 23.87 -3.25
C SER B 262 -39.38 23.03 -2.62
N PRO B 263 -39.71 22.22 -1.62
CA PRO B 263 -38.71 21.33 -1.03
C PRO B 263 -38.68 19.98 -1.73
N LEU B 264 -37.56 19.27 -1.50
CA LEU B 264 -37.35 17.97 -2.14
C LEU B 264 -38.50 17.03 -1.88
N SER B 265 -39.03 17.04 -0.64
CA SER B 265 -40.07 16.07 -0.27
C SER B 265 -41.33 16.30 -1.06
N GLN B 266 -41.54 17.52 -1.53
CA GLN B 266 -42.72 17.88 -2.28
C GLN B 266 -42.52 17.70 -3.77
N LEU B 267 -41.27 17.63 -4.23
CA LEU B 267 -40.96 17.26 -5.60
C LEU B 267 -40.97 15.75 -5.75
N ARG B 268 -40.19 15.08 -4.89
CA ARG B 268 -40.21 13.63 -4.71
C ARG B 268 -41.60 13.03 -4.71
N ALA B 269 -42.38 13.40 -3.69
CA ALA B 269 -43.74 12.89 -3.55
C ALA B 269 -44.59 13.20 -4.76
N ALA B 270 -44.26 14.25 -5.52
CA ALA B 270 -45.00 14.62 -6.71
C ALA B 270 -44.60 13.81 -7.94
N TYR B 271 -43.43 13.19 -7.90
CA TYR B 271 -43.00 12.33 -8.99
C TYR B 271 -43.48 10.91 -8.75
N GLU B 272 -43.26 10.41 -7.53
CA GLU B 272 -43.73 9.07 -7.19
C GLU B 272 -45.23 8.92 -7.48
N LYS B 273 -45.97 10.02 -7.43
CA LYS B 273 -47.39 9.97 -7.74
C LYS B 273 -47.66 9.87 -9.25
N ALA B 274 -46.79 10.43 -10.09
CA ALA B 274 -47.01 10.31 -11.53
C ALA B 274 -46.71 8.89 -12.00
N TYR B 275 -45.48 8.42 -11.75
CA TYR B 275 -44.92 7.24 -12.41
C TYR B 275 -45.07 5.96 -11.60
N HIS B 276 -45.95 5.94 -10.59
CA HIS B 276 -46.27 4.65 -9.96
C HIS B 276 -47.09 3.80 -10.93
N ALA B 277 -48.19 4.36 -11.43
CA ALA B 277 -49.03 3.71 -12.42
C ALA B 277 -48.30 3.49 -13.74
N GLU B 278 -47.02 3.85 -13.78
CA GLU B 278 -46.31 3.74 -15.04
C GLU B 278 -45.29 2.62 -14.94
N PRO B 279 -45.53 1.51 -15.64
CA PRO B 279 -44.60 0.39 -15.58
C PRO B 279 -43.22 0.75 -16.12
N PHE B 280 -43.16 1.44 -17.26
CA PHE B 280 -41.88 1.69 -17.91
C PHE B 280 -41.00 2.67 -17.11
N ILE B 281 -41.57 3.61 -16.36
CA ILE B 281 -40.79 4.56 -15.57
C ILE B 281 -40.49 3.98 -14.20
N TYR B 282 -39.21 3.99 -13.82
CA TYR B 282 -38.73 3.53 -12.52
C TYR B 282 -37.97 4.67 -11.86
N LEU B 283 -38.49 5.16 -10.72
CA LEU B 283 -37.83 6.18 -9.92
C LEU B 283 -36.61 5.64 -9.19
N MET B 284 -35.56 6.48 -9.08
CA MET B 284 -34.45 5.79 -8.43
C MET B 284 -34.57 5.84 -6.91
N PRO B 285 -34.23 4.72 -6.26
CA PRO B 285 -34.12 4.70 -4.79
C PRO B 285 -33.24 5.84 -4.31
N GLU B 286 -33.57 6.41 -3.14
CA GLU B 286 -32.85 7.59 -2.68
C GLU B 286 -31.36 7.31 -2.65
N GLY B 287 -30.56 8.30 -3.05
CA GLY B 287 -29.13 8.09 -3.17
C GLY B 287 -28.77 7.17 -4.30
N GLN B 288 -29.57 7.16 -5.35
CA GLN B 288 -29.23 6.46 -6.57
C GLN B 288 -29.48 7.41 -7.72
N LEU B 289 -28.83 7.11 -8.84
CA LEU B 289 -28.89 7.97 -9.98
C LEU B 289 -28.84 7.06 -11.19
N PRO B 290 -29.74 7.27 -12.15
CA PRO B 290 -29.78 6.41 -13.32
C PRO B 290 -28.44 6.39 -14.05
N ARG B 291 -28.21 5.29 -14.75
CA ARG B 291 -27.08 5.18 -15.65
C ARG B 291 -27.63 4.57 -16.91
N THR B 292 -27.23 5.10 -18.07
CA THR B 292 -27.79 4.63 -19.33
C THR B 292 -27.50 3.14 -19.55
N GLY B 293 -26.38 2.63 -19.06
CA GLY B 293 -26.11 1.22 -19.29
C GLY B 293 -27.13 0.30 -18.67
N ALA B 294 -27.85 0.77 -17.67
CA ALA B 294 -28.86 -0.03 -16.97
C ALA B 294 -30.18 -0.09 -17.72
N VAL B 295 -30.32 0.68 -18.82
CA VAL B 295 -31.57 0.76 -19.55
C VAL B 295 -31.42 0.36 -21.01
N ILE B 296 -30.21 -0.04 -21.42
CA ILE B 296 -29.93 -0.27 -22.83
C ILE B 296 -30.74 -1.45 -23.33
N GLY B 297 -31.39 -1.29 -24.47
CA GLY B 297 -32.10 -2.37 -25.12
C GLY B 297 -33.45 -2.68 -24.52
N SER B 298 -33.85 -1.93 -23.50
CA SER B 298 -35.12 -2.05 -22.83
C SER B 298 -35.87 -0.75 -22.97
N ASN B 299 -37.18 -0.81 -22.78
CA ASN B 299 -38.06 0.36 -22.81
C ASN B 299 -38.10 1.12 -21.47
N ALA B 300 -36.98 1.19 -20.75
CA ALA B 300 -36.94 1.77 -19.42
C ALA B 300 -37.18 3.29 -19.42
N ALA B 301 -36.98 3.89 -18.23
CA ALA B 301 -36.75 5.32 -17.99
C ALA B 301 -36.39 5.50 -16.53
N HIS B 302 -35.12 5.38 -16.18
CA HIS B 302 -34.70 5.51 -14.79
C HIS B 302 -34.52 6.98 -14.51
N ILE B 303 -35.09 7.46 -13.39
CA ILE B 303 -35.26 8.89 -13.17
C ILE B 303 -35.01 9.22 -11.71
N ALA B 304 -34.39 10.37 -11.47
CA ALA B 304 -33.95 10.72 -10.11
C ALA B 304 -34.07 12.21 -9.86
N VAL B 305 -34.77 12.57 -8.78
CA VAL B 305 -34.96 13.95 -8.39
C VAL B 305 -34.11 14.21 -7.15
N ALA B 306 -33.32 15.29 -7.20
CA ALA B 306 -32.69 15.85 -6.01
C ALA B 306 -32.81 17.37 -6.11
N VAL B 307 -32.17 18.08 -5.18
CA VAL B 307 -32.40 19.51 -4.98
C VAL B 307 -31.09 20.19 -4.56
N ASP B 308 -30.68 21.24 -5.30
CA ASP B 308 -29.46 22.03 -5.01
C ASP B 308 -29.91 23.26 -4.23
N GLU B 309 -29.67 23.24 -2.93
CA GLU B 309 -30.17 24.35 -2.12
C GLU B 309 -29.35 25.60 -2.38
N ASP B 310 -28.02 25.48 -2.42
CA ASP B 310 -27.17 26.67 -2.48
C ASP B 310 -27.35 27.48 -3.74
N ALA B 311 -28.06 26.97 -4.75
CA ALA B 311 -28.32 27.72 -5.98
C ALA B 311 -29.77 27.65 -6.39
N GLN B 312 -30.67 27.22 -5.50
CA GLN B 312 -32.11 27.33 -5.71
C GLN B 312 -32.51 26.71 -7.04
N THR B 313 -31.97 25.51 -7.28
CA THR B 313 -32.19 24.81 -8.54
C THR B 313 -32.56 23.34 -8.29
N PHE B 314 -33.46 22.85 -9.12
CA PHE B 314 -33.90 21.46 -9.11
C PHE B 314 -33.22 20.70 -10.25
N VAL B 315 -32.53 19.60 -9.93
CA VAL B 315 -31.95 18.71 -10.94
C VAL B 315 -32.79 17.45 -11.07
N ALA B 316 -33.17 17.13 -12.30
CA ALA B 316 -33.81 15.86 -12.60
C ALA B 316 -32.97 15.17 -13.67
N ILE B 317 -32.65 13.91 -13.43
CA ILE B 317 -31.78 13.10 -14.27
C ILE B 317 -32.59 11.93 -14.80
N ALA B 318 -32.54 11.71 -16.11
CA ALA B 318 -33.25 10.59 -16.74
C ALA B 318 -32.33 9.87 -17.71
N ALA B 319 -32.21 8.56 -17.56
CA ALA B 319 -31.51 7.76 -18.56
C ALA B 319 -32.54 7.03 -19.39
N ILE B 320 -32.54 7.27 -20.70
CA ILE B 320 -33.27 6.33 -21.53
C ILE B 320 -32.30 5.57 -22.41
N ASP B 321 -32.84 4.84 -23.34
CA ASP B 321 -32.10 4.35 -24.47
C ASP B 321 -32.62 5.12 -25.65
N ASN B 322 -31.72 5.72 -26.43
CA ASN B 322 -32.19 6.54 -27.53
C ASN B 322 -33.01 5.74 -28.51
N LEU B 323 -32.66 4.47 -28.73
CA LEU B 323 -33.23 3.71 -29.86
C LEU B 323 -34.52 2.96 -29.50
N VAL B 324 -34.69 2.48 -28.26
CA VAL B 324 -36.01 1.99 -27.86
C VAL B 324 -36.89 3.12 -27.36
N LYS B 325 -36.76 3.52 -26.08
CA LYS B 325 -37.75 4.43 -25.50
C LYS B 325 -37.78 5.75 -26.26
N GLY B 326 -36.65 6.16 -26.83
CA GLY B 326 -36.60 7.37 -27.61
C GLY B 326 -36.94 7.22 -29.06
N THR B 327 -37.02 6.00 -29.60
CA THR B 327 -37.38 5.82 -31.02
C THR B 327 -38.36 4.67 -31.23
N ALA B 328 -37.84 3.44 -31.11
CA ALA B 328 -38.58 2.24 -31.49
C ALA B 328 -39.61 1.83 -30.43
N GLY B 329 -39.15 1.44 -29.23
CA GLY B 329 -40.00 1.20 -28.08
C GLY B 329 -41.28 2.01 -28.08
N ALA B 330 -41.16 3.30 -28.37
CA ALA B 330 -42.35 4.15 -28.49
C ALA B 330 -43.27 3.69 -29.61
N ALA B 331 -42.71 3.35 -30.77
CA ALA B 331 -43.53 3.01 -31.91
C ALA B 331 -44.26 1.70 -31.71
N VAL B 332 -43.75 0.81 -30.87
CA VAL B 332 -44.47 -0.41 -30.51
C VAL B 332 -45.44 -0.16 -29.37
N GLN B 333 -44.94 0.52 -28.34
CA GLN B 333 -45.76 0.88 -27.19
C GLN B 333 -47.07 1.50 -27.63
N SER B 334 -46.99 2.50 -28.49
CA SER B 334 -48.21 3.10 -29.00
C SER B 334 -48.90 2.17 -29.99
N MET B 335 -48.13 1.35 -30.70
CA MET B 335 -48.74 0.36 -31.58
C MET B 335 -49.67 -0.58 -30.81
N ASN B 336 -49.20 -1.12 -29.68
CA ASN B 336 -50.10 -1.87 -28.79
C ASN B 336 -51.38 -1.09 -28.54
N LEU B 337 -51.29 0.01 -27.79
CA LEU B 337 -52.47 0.78 -27.43
C LEU B 337 -53.29 1.23 -28.63
N ALA B 338 -52.80 1.07 -29.85
CA ALA B 338 -53.54 1.49 -31.05
C ALA B 338 -54.12 0.33 -31.82
N LEU B 339 -53.66 -0.89 -31.56
CA LEU B 339 -54.31 -2.09 -32.05
C LEU B 339 -55.22 -2.74 -31.00
N GLY B 340 -55.29 -2.18 -29.80
CA GLY B 340 -56.04 -2.77 -28.73
C GLY B 340 -55.29 -3.80 -27.93
N TRP B 341 -54.03 -4.02 -28.22
CA TRP B 341 -53.21 -5.00 -27.50
C TRP B 341 -52.73 -4.40 -26.18
N PRO B 342 -52.19 -5.21 -25.26
CA PRO B 342 -51.70 -4.65 -23.99
C PRO B 342 -50.52 -3.71 -24.18
N GLU B 343 -50.41 -2.70 -23.30
CA GLU B 343 -49.40 -1.66 -23.47
C GLU B 343 -48.00 -2.23 -23.40
N THR B 344 -47.64 -2.77 -22.27
CA THR B 344 -46.37 -3.40 -21.98
C THR B 344 -46.04 -4.66 -22.91
N ASP B 345 -46.84 -4.92 -23.95
CA ASP B 345 -46.71 -6.12 -24.77
C ASP B 345 -45.57 -5.93 -25.77
N GLY B 346 -44.53 -6.76 -25.65
CA GLY B 346 -43.39 -6.76 -26.53
C GLY B 346 -42.19 -6.00 -25.99
N LEU B 347 -42.41 -4.97 -25.19
CA LEU B 347 -41.34 -4.21 -24.59
C LEU B 347 -41.01 -4.74 -23.21
N SER B 348 -39.76 -4.56 -22.80
CA SER B 348 -39.29 -4.97 -21.48
C SER B 348 -38.86 -3.77 -20.66
N VAL B 349 -38.47 -4.04 -19.42
CA VAL B 349 -37.73 -3.09 -18.62
C VAL B 349 -36.40 -3.66 -18.15
N VAL B 350 -36.12 -4.88 -18.62
CA VAL B 350 -34.81 -5.47 -18.24
C VAL B 350 -33.79 -5.16 -19.35
N GLY B 351 -32.98 -4.12 -19.12
CA GLY B 351 -31.92 -3.71 -20.04
C GLY B 351 -30.71 -4.63 -19.93
N VAL B 352 -29.98 -4.79 -21.04
CA VAL B 352 -28.84 -5.72 -21.07
C VAL B 352 -27.60 -5.03 -20.48
N ALA B 353 -27.15 -5.49 -19.31
CA ALA B 353 -25.95 -4.92 -18.66
C ALA B 353 -25.06 -6.05 -18.15
N PRO B 354 -23.72 -5.88 -18.11
CA PRO B 354 -23.09 -4.62 -18.45
C PRO B 354 -22.86 -4.42 -19.95
N ALA C 11 19.66 23.20 -12.34
CA ALA C 11 19.42 24.24 -11.32
C ALA C 11 18.49 23.68 -10.25
N THR C 12 17.68 22.67 -10.60
CA THR C 12 16.70 22.09 -9.64
C THR C 12 16.41 20.61 -9.93
N LYS C 13 16.27 19.81 -8.88
CA LYS C 13 15.95 18.36 -8.96
C LYS C 13 14.63 18.14 -8.21
N VAL C 14 13.71 17.32 -8.77
CA VAL C 14 12.34 17.18 -8.20
C VAL C 14 12.08 15.78 -7.67
N ALA C 15 10.99 15.66 -6.89
CA ALA C 15 10.44 14.40 -6.42
C ALA C 15 8.96 14.34 -6.79
N VAL C 16 8.37 13.16 -6.65
CA VAL C 16 6.93 13.00 -6.90
C VAL C 16 6.38 12.01 -5.89
N ALA C 17 5.38 12.44 -5.15
CA ALA C 17 4.66 11.60 -4.20
C ALA C 17 3.32 11.17 -4.80
N GLY C 18 3.01 9.88 -4.71
CA GLY C 18 1.87 9.33 -5.40
C GLY C 18 2.12 8.96 -6.85
N ALA C 19 3.36 8.68 -7.22
CA ALA C 19 3.67 8.40 -8.62
C ALA C 19 2.85 7.26 -9.19
N SER C 20 2.31 6.38 -8.33
CA SER C 20 1.59 5.20 -8.82
C SER C 20 0.19 5.52 -9.33
N GLY C 21 -0.35 6.71 -9.05
CA GLY C 21 -1.60 7.14 -9.64
C GLY C 21 -1.44 7.84 -10.99
N TYR C 22 -2.59 8.20 -11.56
CA TYR C 22 -2.61 8.80 -12.90
C TYR C 22 -1.99 10.19 -12.91
N ALA C 23 -2.32 11.00 -11.89
CA ALA C 23 -1.77 12.34 -11.80
C ALA C 23 -0.26 12.27 -11.62
N GLY C 24 0.20 11.45 -10.68
CA GLY C 24 1.64 11.23 -10.57
C GLY C 24 2.21 10.65 -11.85
N GLY C 25 1.50 9.74 -12.49
CA GLY C 25 1.96 9.22 -13.75
C GLY C 25 2.17 10.37 -14.71
N GLU C 26 1.15 11.20 -14.85
CA GLU C 26 1.13 12.17 -15.93
C GLU C 26 2.12 13.30 -15.73
N ILE C 27 2.59 13.53 -14.50
CA ILE C 27 3.69 14.48 -14.27
C ILE C 27 5.00 13.91 -14.83
N LEU C 28 5.25 12.64 -14.54
CA LEU C 28 6.48 12.00 -14.98
C LEU C 28 6.58 11.93 -16.49
N ARG C 29 5.45 11.80 -17.19
CA ARG C 29 5.46 11.93 -18.63
C ARG C 29 5.84 13.35 -19.06
N LEU C 30 5.25 14.35 -18.39
CA LEU C 30 5.46 15.73 -18.82
C LEU C 30 6.86 16.24 -18.51
N LEU C 31 7.55 15.63 -17.55
CA LEU C 31 8.91 16.03 -17.23
C LEU C 31 9.92 15.41 -18.18
N LEU C 32 9.83 14.10 -18.39
CA LEU C 32 10.68 13.50 -19.40
C LEU C 32 10.65 14.31 -20.67
N GLY C 33 9.50 14.90 -20.97
CA GLY C 33 9.37 15.73 -22.15
C GLY C 33 9.81 17.16 -22.02
N HIS C 34 10.34 17.56 -20.85
CA HIS C 34 10.56 18.97 -20.51
C HIS C 34 11.97 19.40 -20.90
N PRO C 35 12.13 20.45 -21.71
CA PRO C 35 13.48 20.82 -22.20
C PRO C 35 14.56 20.99 -21.14
N ALA C 36 14.23 21.39 -19.91
CA ALA C 36 15.24 21.46 -18.86
C ALA C 36 15.63 20.07 -18.35
N TYR C 37 14.87 19.02 -18.68
CA TYR C 37 15.30 17.66 -18.37
C TYR C 37 16.34 17.17 -19.35
N ALA C 38 16.22 17.53 -20.63
CA ALA C 38 17.30 17.25 -21.57
C ALA C 38 18.59 17.92 -21.12
N ASP C 39 18.56 19.25 -20.92
CA ASP C 39 19.77 20.03 -20.63
C ASP C 39 20.19 20.01 -19.17
N GLY C 40 19.84 18.94 -18.46
CA GLY C 40 20.35 18.69 -17.13
C GLY C 40 19.84 19.60 -16.02
N ARG C 41 19.30 20.77 -16.36
CA ARG C 41 18.83 21.65 -15.30
C ARG C 41 17.75 20.99 -14.47
N LEU C 42 17.16 19.89 -14.96
CA LEU C 42 16.09 19.18 -14.26
C LEU C 42 16.48 17.73 -14.02
N ARG C 43 16.21 17.26 -12.81
CA ARG C 43 16.54 15.90 -12.44
C ARG C 43 15.36 15.29 -11.70
N ILE C 44 15.06 14.04 -12.01
CA ILE C 44 13.92 13.37 -11.40
C ILE C 44 14.46 12.59 -10.20
N GLY C 45 14.22 13.12 -9.00
CA GLY C 45 14.64 12.48 -7.76
C GLY C 45 13.80 11.29 -7.35
N ALA C 46 13.08 11.40 -6.25
CA ALA C 46 12.36 10.28 -5.65
C ALA C 46 10.93 10.18 -6.15
N LEU C 47 10.44 8.95 -6.25
CA LEU C 47 9.07 8.68 -6.68
C LEU C 47 8.42 7.88 -5.58
N THR C 48 7.50 8.52 -4.84
CA THR C 48 7.00 7.91 -3.61
C THR C 48 5.55 7.48 -3.79
N ALA C 49 5.12 6.57 -2.90
CA ALA C 49 3.78 5.99 -2.91
C ALA C 49 3.62 5.01 -1.73
N ALA C 50 2.43 5.01 -1.11
CA ALA C 50 2.12 3.97 -0.14
C ALA C 50 2.00 2.60 -0.82
N THR C 51 1.33 1.65 -0.16
CA THR C 51 1.15 0.28 -0.64
C THR C 51 2.31 -0.25 -1.47
N SER C 52 2.38 0.14 -2.74
CA SER C 52 3.32 -0.48 -3.67
C SER C 52 4.67 0.24 -3.63
N ALA C 53 5.20 0.30 -2.42
CA ALA C 53 6.54 0.80 -2.16
C ALA C 53 7.52 -0.36 -2.19
N GLY C 54 8.67 -0.12 -2.81
CA GLY C 54 9.61 -1.21 -3.02
C GLY C 54 9.23 -2.08 -4.20
N SER C 55 8.72 -1.48 -5.26
CA SER C 55 8.45 -2.18 -6.50
C SER C 55 8.73 -1.22 -7.65
N THR C 56 8.78 -1.77 -8.88
CA THR C 56 9.26 -1.00 -10.02
C THR C 56 8.11 -0.19 -10.61
N LEU C 57 8.35 1.11 -10.80
CA LEU C 57 7.34 1.99 -11.37
C LEU C 57 6.89 1.57 -12.76
N GLY C 58 7.69 0.79 -13.48
CA GLY C 58 7.25 0.25 -14.76
C GLY C 58 6.03 -0.65 -14.63
N GLU C 59 5.93 -1.40 -13.53
CA GLU C 59 4.76 -2.23 -13.31
C GLU C 59 3.50 -1.38 -13.14
N HIS C 60 3.63 -0.18 -12.55
CA HIS C 60 2.50 0.75 -12.39
C HIS C 60 2.20 1.51 -13.68
N HIS C 61 3.23 1.91 -14.41
CA HIS C 61 3.11 2.80 -15.56
C HIS C 61 3.99 2.22 -16.65
N PRO C 62 3.53 1.15 -17.29
CA PRO C 62 4.30 0.59 -18.41
C PRO C 62 4.37 1.52 -19.61
N HIS C 63 3.74 2.69 -19.56
CA HIS C 63 3.95 3.68 -20.62
C HIS C 63 5.20 4.55 -20.41
N LEU C 64 5.79 4.54 -19.21
CA LEU C 64 6.93 5.39 -18.87
C LEU C 64 8.17 4.51 -18.76
N THR C 65 8.70 4.14 -19.91
CA THR C 65 9.79 3.17 -19.99
C THR C 65 11.15 3.77 -19.64
N PRO C 66 11.45 5.07 -19.96
CA PRO C 66 12.73 5.63 -19.51
C PRO C 66 12.91 5.56 -17.99
N LEU C 67 11.82 5.42 -17.22
CA LEU C 67 11.89 5.27 -15.77
C LEU C 67 11.44 3.89 -15.26
N ALA C 68 11.03 2.97 -16.13
CA ALA C 68 10.53 1.66 -15.70
C ALA C 68 11.29 1.05 -14.53
N HIS C 69 12.60 1.31 -14.46
CA HIS C 69 13.49 0.67 -13.50
C HIS C 69 13.46 1.30 -12.12
N ARG C 70 13.05 2.56 -12.01
CA ARG C 70 13.09 3.26 -10.72
C ARG C 70 12.27 2.52 -9.67
N VAL C 71 12.53 2.85 -8.40
CA VAL C 71 11.96 2.12 -7.27
C VAL C 71 10.98 3.03 -6.55
N VAL C 72 9.83 2.47 -6.19
CA VAL C 72 8.83 3.22 -5.42
C VAL C 72 9.27 3.26 -3.97
N GLU C 73 9.50 4.47 -3.44
CA GLU C 73 9.82 4.52 -2.04
C GLU C 73 8.59 4.96 -1.25
N PRO C 74 8.38 4.45 -0.03
CA PRO C 74 7.21 4.88 0.74
C PRO C 74 7.19 6.39 0.94
N THR C 75 5.99 6.90 1.19
CA THR C 75 5.71 8.34 1.32
C THR C 75 6.25 8.85 2.66
N GLU C 76 7.44 9.45 2.67
CA GLU C 76 8.06 9.92 3.90
C GLU C 76 8.89 11.17 3.64
N ALA C 77 8.93 12.06 4.64
CA ALA C 77 9.59 13.36 4.56
C ALA C 77 11.11 13.27 4.39
N ALA C 78 11.72 12.10 4.64
CA ALA C 78 13.14 11.88 4.39
C ALA C 78 13.40 11.37 2.98
N VAL C 79 12.41 10.76 2.35
CA VAL C 79 12.46 10.52 0.91
C VAL C 79 12.41 11.84 0.16
N LEU C 80 11.32 12.61 0.36
CA LEU C 80 11.14 13.88 -0.34
C LEU C 80 12.08 14.98 0.15
N GLY C 81 12.59 14.89 1.37
CA GLY C 81 13.61 15.83 1.80
C GLY C 81 14.84 15.74 0.89
N GLY C 82 15.46 16.88 0.66
CA GLY C 82 16.62 16.94 -0.21
C GLY C 82 16.31 17.29 -1.65
N HIS C 83 15.18 17.97 -1.89
CA HIS C 83 14.67 18.31 -3.21
C HIS C 83 14.32 19.79 -3.29
N ASP C 84 14.39 20.35 -4.51
CA ASP C 84 13.87 21.70 -4.75
C ASP C 84 12.39 21.73 -5.06
N ALA C 85 11.82 20.64 -5.55
CA ALA C 85 10.40 20.60 -5.82
C ALA C 85 9.84 19.26 -5.34
N VAL C 86 8.56 19.27 -5.05
CA VAL C 86 7.85 18.05 -4.73
C VAL C 86 6.49 18.13 -5.40
N PHE C 87 6.24 17.21 -6.33
CA PHE C 87 4.93 17.01 -6.94
C PHE C 87 4.20 16.02 -6.05
N LEU C 88 3.07 16.44 -5.49
CA LEU C 88 2.38 15.74 -4.42
C LEU C 88 1.03 15.23 -4.93
N ALA C 89 1.10 14.19 -5.76
CA ALA C 89 -0.10 13.62 -6.41
C ALA C 89 -0.86 12.69 -5.47
N LEU C 90 -1.00 13.08 -4.22
CA LEU C 90 -1.78 12.27 -3.25
C LEU C 90 -3.19 12.85 -3.19
N PRO C 91 -4.20 12.10 -2.73
CA PRO C 91 -5.57 12.65 -2.55
C PRO C 91 -5.84 13.72 -1.49
N HIS C 92 -7.09 13.82 -1.05
CA HIS C 92 -7.48 14.93 -0.12
C HIS C 92 -7.12 14.67 1.36
N GLY C 93 -6.40 15.62 1.96
CA GLY C 93 -6.05 15.55 3.39
C GLY C 93 -4.66 15.01 3.59
N HIS C 94 -4.12 14.37 2.56
CA HIS C 94 -2.76 13.80 2.65
C HIS C 94 -1.78 14.96 2.58
N SER C 95 -2.03 15.83 1.62
CA SER C 95 -1.19 17.03 1.35
C SER C 95 -0.84 17.75 2.66
N ALA C 96 -1.87 18.22 3.36
CA ALA C 96 -1.77 19.01 4.61
C ALA C 96 -0.73 18.47 5.60
N VAL C 97 -0.92 17.25 6.10
CA VAL C 97 0.01 16.70 7.12
C VAL C 97 1.42 16.49 6.55
N LEU C 98 1.55 16.19 5.25
CA LEU C 98 2.90 15.98 4.67
C LEU C 98 3.44 17.32 4.19
N ALA C 99 2.59 18.33 4.10
CA ALA C 99 3.09 19.65 3.64
C ALA C 99 3.98 20.26 4.71
N GLN C 100 3.65 20.02 5.99
CA GLN C 100 4.40 20.59 7.14
C GLN C 100 5.56 19.70 7.59
N GLN C 101 6.16 18.92 6.68
CA GLN C 101 7.29 18.05 7.08
C GLN C 101 8.47 18.34 6.15
N LEU C 102 8.24 19.16 5.13
CA LEU C 102 9.29 19.54 4.20
C LEU C 102 9.88 20.87 4.63
N SER C 103 11.11 21.10 4.19
CA SER C 103 11.74 22.39 4.45
C SER C 103 10.90 23.43 3.75
N PRO C 104 10.32 24.37 4.47
CA PRO C 104 9.56 25.45 3.83
C PRO C 104 10.31 26.13 2.68
N GLU C 105 11.65 26.03 2.68
CA GLU C 105 12.45 26.51 1.55
C GLU C 105 12.12 25.77 0.25
N THR C 106 11.53 24.58 0.35
CA THR C 106 11.27 23.76 -0.82
C THR C 106 9.99 24.20 -1.53
N LEU C 107 10.04 24.19 -2.85
CA LEU C 107 8.86 24.46 -3.66
C LEU C 107 7.92 23.26 -3.60
N ILE C 108 6.70 23.49 -3.16
CA ILE C 108 5.75 22.41 -2.88
C ILE C 108 4.54 22.55 -3.80
N ILE C 109 4.29 21.52 -4.60
CA ILE C 109 3.23 21.49 -5.61
C ILE C 109 2.23 20.42 -5.19
N ASP C 110 0.96 20.81 -5.07
CA ASP C 110 -0.08 19.97 -4.46
C ASP C 110 -1.22 19.73 -5.45
N CYS C 111 -1.34 18.50 -5.94
CA CYS C 111 -2.46 18.14 -6.79
C CYS C 111 -3.74 17.82 -5.99
N GLY C 112 -3.86 18.35 -4.77
CA GLY C 112 -4.93 17.99 -3.88
C GLY C 112 -5.76 19.20 -3.47
N ALA C 113 -6.80 18.91 -2.68
CA ALA C 113 -7.75 19.94 -2.27
C ALA C 113 -7.30 20.79 -1.08
N ASP C 114 -6.38 20.29 -0.25
CA ASP C 114 -6.10 20.93 1.05
C ASP C 114 -5.91 22.45 0.93
N PHE C 115 -5.03 22.89 0.04
CA PHE C 115 -4.56 24.28 0.01
C PHE C 115 -5.17 25.09 -1.13
N ARG C 116 -6.36 24.70 -1.61
CA ARG C 116 -7.04 25.38 -2.71
C ARG C 116 -7.90 26.55 -2.25
N LEU C 117 -8.93 26.27 -1.43
CA LEU C 117 -9.96 27.24 -1.11
C LEU C 117 -9.51 28.21 -0.04
N THR C 118 -9.89 29.48 -0.25
CA THR C 118 -9.51 30.64 0.58
C THR C 118 -10.61 30.98 1.58
N ASP C 119 -11.72 30.27 1.55
CA ASP C 119 -12.72 30.49 2.62
C ASP C 119 -12.62 29.25 3.51
N ALA C 120 -12.72 29.43 4.81
CA ALA C 120 -12.57 28.31 5.74
C ALA C 120 -13.90 27.69 6.12
N ALA C 121 -14.96 28.49 6.20
CA ALA C 121 -16.28 27.98 6.57
C ALA C 121 -16.76 26.90 5.59
N VAL C 122 -16.64 27.16 4.30
CA VAL C 122 -17.12 26.21 3.30
C VAL C 122 -16.32 24.92 3.40
N TRP C 123 -15.00 25.01 3.23
CA TRP C 123 -14.13 23.85 3.28
C TRP C 123 -14.54 22.86 4.39
N GLU C 124 -14.68 23.37 5.62
CA GLU C 124 -15.17 22.56 6.73
C GLU C 124 -16.45 21.85 6.37
N ARG C 125 -17.41 22.58 5.82
CA ARG C 125 -18.71 21.99 5.54
C ARG C 125 -18.62 20.96 4.41
N PHE C 126 -17.70 21.15 3.46
CA PHE C 126 -17.56 20.30 2.27
C PHE C 126 -16.55 19.17 2.45
N TYR C 127 -15.43 19.45 3.12
CA TYR C 127 -14.35 18.47 3.25
C TYR C 127 -14.17 17.99 4.68
N GLY C 128 -15.07 18.35 5.58
CA GLY C 128 -15.13 17.75 6.90
C GLY C 128 -13.92 17.86 7.81
N SER C 129 -12.74 18.12 7.29
CA SER C 129 -11.55 18.13 8.12
C SER C 129 -11.16 19.56 8.48
N SER C 130 -9.97 19.75 9.04
CA SER C 130 -9.45 21.07 9.33
C SER C 130 -9.39 21.89 8.04
N HIS C 131 -9.24 23.20 8.20
CA HIS C 131 -8.76 24.05 7.10
C HIS C 131 -7.30 24.43 7.33
N ALA C 132 -6.47 24.18 6.31
CA ALA C 132 -5.02 24.25 6.39
C ALA C 132 -4.43 25.48 5.75
N GLY C 133 -5.18 26.19 4.91
CA GLY C 133 -4.64 27.38 4.30
C GLY C 133 -4.87 27.42 2.80
N SER C 134 -4.02 28.18 2.12
CA SER C 134 -4.28 28.52 0.73
C SER C 134 -3.04 29.11 0.04
N TRP C 135 -2.28 28.24 -0.64
CA TRP C 135 -1.25 28.69 -1.55
C TRP C 135 -1.89 29.27 -2.79
N PRO C 136 -1.13 29.95 -3.65
CA PRO C 136 -1.72 30.47 -4.89
C PRO C 136 -2.34 29.36 -5.73
N TYR C 137 -3.42 29.71 -6.39
CA TYR C 137 -4.02 28.81 -7.36
C TYR C 137 -3.11 28.72 -8.57
N GLY C 138 -2.84 27.48 -9.00
CA GLY C 138 -2.09 27.24 -10.21
C GLY C 138 -2.91 27.15 -11.49
N LEU C 139 -4.08 27.86 -11.58
CA LEU C 139 -4.63 28.15 -12.91
C LEU C 139 -4.12 29.52 -13.32
N PRO C 140 -2.96 29.58 -13.98
CA PRO C 140 -2.31 30.87 -14.20
C PRO C 140 -3.11 31.84 -15.05
N GLU C 141 -4.03 31.35 -15.89
CA GLU C 141 -4.61 32.24 -16.91
C GLU C 141 -5.54 33.29 -16.32
N LEU C 142 -6.24 32.96 -15.20
CA LEU C 142 -7.07 33.82 -14.35
C LEU C 142 -6.50 35.21 -14.12
N PRO C 143 -7.34 36.23 -13.92
CA PRO C 143 -6.84 37.56 -13.48
C PRO C 143 -5.94 37.49 -12.24
N GLY C 144 -4.80 38.17 -12.34
CA GLY C 144 -3.89 38.36 -11.24
C GLY C 144 -3.38 37.10 -10.57
N ALA C 145 -3.60 35.94 -11.19
CA ALA C 145 -3.12 34.69 -10.65
C ALA C 145 -1.75 34.31 -11.18
N ARG C 146 -1.37 34.72 -12.40
CA ARG C 146 -0.01 34.46 -12.86
C ARG C 146 1.00 35.17 -11.96
N ASP C 147 0.72 36.44 -11.63
CA ASP C 147 1.58 37.20 -10.72
C ASP C 147 1.76 36.48 -9.40
N GLN C 148 0.72 35.81 -8.92
CA GLN C 148 0.75 35.12 -7.63
C GLN C 148 1.60 33.86 -7.65
N LEU C 149 2.13 33.43 -8.82
CA LEU C 149 3.02 32.27 -8.89
C LEU C 149 4.41 32.59 -9.42
N ARG C 150 4.64 33.80 -9.96
CA ARG C 150 5.94 34.21 -10.49
C ARG C 150 7.01 34.24 -9.41
N GLY C 151 7.49 33.10 -8.97
CA GLY C 151 8.51 33.03 -7.95
C GLY C 151 8.08 32.41 -6.66
N THR C 152 6.88 31.82 -6.61
CA THR C 152 6.38 31.24 -5.39
C THR C 152 7.19 30.02 -4.97
N ARG C 153 6.87 29.45 -3.82
CA ARG C 153 7.42 28.18 -3.40
C ARG C 153 6.29 27.27 -2.91
N ARG C 154 5.04 27.68 -3.09
CA ARG C 154 3.88 26.93 -2.68
C ARG C 154 2.78 27.18 -3.70
N ILE C 155 2.19 26.10 -4.22
CA ILE C 155 1.25 26.17 -5.33
C ILE C 155 0.18 25.11 -5.12
N ALA C 156 -1.08 25.49 -5.30
CA ALA C 156 -2.21 24.55 -5.12
C ALA C 156 -2.81 24.26 -6.50
N VAL C 157 -2.80 23.00 -6.91
CA VAL C 157 -3.30 22.68 -8.28
C VAL C 157 -4.82 22.68 -8.32
N PRO C 158 -5.43 23.38 -9.31
CA PRO C 158 -6.86 23.45 -9.45
C PRO C 158 -7.38 22.11 -9.96
N GLY C 159 -8.66 21.84 -9.74
CA GLY C 159 -9.27 20.57 -10.18
C GLY C 159 -9.60 20.54 -11.65
N CYS C 160 -10.08 19.41 -12.13
CA CYS C 160 -10.42 19.32 -13.56
C CYS C 160 -11.59 20.24 -13.86
N TYR C 161 -12.75 19.94 -13.29
CA TYR C 161 -13.99 20.71 -13.55
C TYR C 161 -13.76 22.21 -13.36
N PRO C 162 -13.20 22.65 -12.22
CA PRO C 162 -12.90 24.05 -12.00
C PRO C 162 -12.16 24.68 -13.18
N THR C 163 -10.99 24.16 -13.55
CA THR C 163 -10.19 24.70 -14.66
C THR C 163 -11.07 24.94 -15.89
N ALA C 164 -11.82 23.94 -16.32
CA ALA C 164 -12.70 24.10 -17.50
C ALA C 164 -13.89 25.01 -17.19
N ALA C 165 -14.53 24.86 -16.04
CA ALA C 165 -15.66 25.75 -15.74
C ALA C 165 -15.15 27.20 -15.71
N LEU C 166 -14.14 27.47 -14.91
CA LEU C 166 -13.58 28.81 -14.84
C LEU C 166 -13.13 29.31 -16.22
N LEU C 167 -12.53 28.43 -17.02
CA LEU C 167 -12.03 28.91 -18.30
C LEU C 167 -13.18 29.23 -19.26
N ALA C 168 -14.32 28.58 -19.12
CA ALA C 168 -15.45 29.01 -19.94
C ALA C 168 -16.15 30.26 -19.39
N LEU C 169 -16.28 30.43 -18.06
CA LEU C 169 -17.23 31.41 -17.55
C LEU C 169 -16.61 32.75 -17.17
N PHE C 170 -15.35 32.77 -16.74
CA PHE C 170 -14.82 33.99 -16.12
C PHE C 170 -14.78 35.17 -17.09
N PRO C 171 -14.25 35.05 -18.33
CA PRO C 171 -14.16 36.26 -19.17
C PRO C 171 -15.52 36.85 -19.55
N ALA C 172 -16.61 36.27 -19.05
CA ALA C 172 -17.95 36.80 -19.27
C ALA C 172 -18.57 37.39 -18.02
N LEU C 173 -18.29 36.77 -16.87
CA LEU C 173 -18.71 37.33 -15.58
C LEU C 173 -17.87 38.55 -15.23
N ALA C 174 -16.55 38.47 -15.45
CA ALA C 174 -15.66 39.57 -15.11
C ALA C 174 -15.99 40.86 -15.86
N ALA C 175 -16.78 40.79 -16.92
CA ALA C 175 -17.18 41.97 -17.67
C ALA C 175 -18.67 42.26 -17.50
N ASP C 176 -19.27 41.71 -16.45
CA ASP C 176 -20.70 41.83 -16.18
C ASP C 176 -21.49 41.73 -17.47
N LEU C 177 -21.29 40.60 -18.15
CA LEU C 177 -22.07 40.21 -19.31
C LEU C 177 -22.92 38.97 -19.07
N ILE C 178 -22.73 38.25 -17.97
CA ILE C 178 -23.65 37.18 -17.58
C ILE C 178 -24.12 37.47 -16.17
N GLU C 179 -25.29 36.93 -15.84
CA GLU C 179 -25.69 37.08 -14.46
C GLU C 179 -24.95 36.04 -13.63
N PRO C 180 -24.54 36.36 -12.41
CA PRO C 180 -23.74 35.42 -11.61
C PRO C 180 -24.40 34.09 -11.27
N ALA C 181 -25.51 33.73 -11.90
CA ALA C 181 -26.12 32.42 -11.70
C ALA C 181 -25.77 31.54 -12.89
N VAL C 182 -24.90 30.53 -12.65
CA VAL C 182 -24.33 29.70 -13.71
C VAL C 182 -24.73 28.23 -13.50
N THR C 183 -25.20 27.57 -14.58
CA THR C 183 -25.37 26.11 -14.58
C THR C 183 -24.26 25.50 -15.42
N VAL C 184 -23.60 24.47 -14.87
CA VAL C 184 -22.33 23.97 -15.39
C VAL C 184 -22.40 22.44 -15.46
N VAL C 185 -22.88 21.90 -16.58
CA VAL C 185 -22.84 20.45 -16.80
C VAL C 185 -21.56 20.10 -17.55
N ALA C 186 -20.79 19.17 -16.99
CA ALA C 186 -19.53 18.71 -17.54
C ALA C 186 -19.49 17.18 -17.65
N VAL C 187 -18.87 16.66 -18.73
CA VAL C 187 -18.68 15.23 -18.92
C VAL C 187 -17.19 14.92 -18.90
N SER C 188 -16.84 13.76 -18.33
CA SER C 188 -15.46 13.51 -17.96
C SER C 188 -15.06 12.05 -18.22
N GLY C 189 -13.80 11.83 -18.63
CA GLY C 189 -13.26 10.50 -18.64
C GLY C 189 -13.04 9.98 -17.23
N THR C 190 -13.27 8.65 -17.05
CA THR C 190 -13.20 7.97 -15.75
C THR C 190 -11.81 7.97 -15.14
N SER C 191 -10.78 8.41 -15.87
CA SER C 191 -9.54 8.63 -15.15
C SER C 191 -9.63 9.86 -14.26
N GLY C 192 -10.69 10.63 -14.38
CA GLY C 192 -10.91 11.74 -13.50
C GLY C 192 -11.28 11.37 -12.09
N ALA C 193 -11.24 10.10 -11.73
CA ALA C 193 -11.49 9.63 -10.39
C ALA C 193 -10.35 8.76 -9.92
N GLY C 194 -9.12 9.11 -10.33
CA GLY C 194 -7.93 8.41 -9.94
C GLY C 194 -8.04 6.92 -10.16
N ARG C 195 -7.35 6.17 -9.29
CA ARG C 195 -7.05 4.77 -9.50
C ARG C 195 -7.51 3.91 -8.32
N ALA C 196 -8.44 4.40 -7.50
CA ALA C 196 -9.08 3.57 -6.50
C ALA C 196 -9.87 2.46 -7.19
N ALA C 197 -9.37 1.23 -7.16
CA ALA C 197 -10.12 0.13 -7.72
C ALA C 197 -11.40 -0.10 -6.91
N THR C 198 -12.53 0.33 -7.44
CA THR C 198 -13.83 0.04 -6.88
C THR C 198 -14.73 -0.38 -8.04
N THR C 199 -15.86 -0.99 -7.71
CA THR C 199 -16.60 -1.79 -8.67
C THR C 199 -17.45 -0.98 -9.64
N ASP C 200 -17.56 0.33 -9.45
CA ASP C 200 -18.32 1.17 -10.36
C ASP C 200 -17.46 1.82 -11.42
N LEU C 201 -16.14 1.92 -11.19
CA LEU C 201 -15.19 2.44 -12.16
C LEU C 201 -14.54 1.33 -12.99
N LEU C 202 -15.10 0.13 -12.97
CA LEU C 202 -14.52 -0.99 -13.68
C LEU C 202 -14.90 -0.93 -15.14
N GLY C 203 -14.02 -1.50 -15.97
CA GLY C 203 -14.23 -1.64 -17.40
C GLY C 203 -15.65 -1.97 -17.81
N ALA C 204 -16.17 -3.13 -17.42
CA ALA C 204 -17.47 -3.53 -17.93
C ALA C 204 -18.60 -2.63 -17.44
N GLU C 205 -18.34 -1.76 -16.46
CA GLU C 205 -19.32 -0.84 -15.91
C GLU C 205 -19.42 0.46 -16.72
N VAL C 206 -18.28 1.15 -16.88
CA VAL C 206 -18.25 2.45 -17.58
C VAL C 206 -18.53 2.33 -19.09
N ILE C 207 -17.97 1.30 -19.77
CA ILE C 207 -18.24 1.14 -21.20
C ILE C 207 -19.75 0.94 -21.46
N GLY C 208 -20.27 1.65 -22.48
CA GLY C 208 -21.67 1.60 -22.86
C GLY C 208 -22.59 2.49 -22.04
N SER C 209 -22.21 2.87 -20.83
CA SER C 209 -23.08 3.65 -19.97
C SER C 209 -22.58 5.08 -19.81
N ALA C 210 -23.50 5.99 -19.57
CA ALA C 210 -23.20 7.30 -18.99
C ALA C 210 -24.04 7.47 -17.72
N ARG C 211 -23.37 7.88 -16.64
CA ARG C 211 -24.02 8.20 -15.38
C ARG C 211 -23.63 9.59 -14.90
N ALA C 212 -24.57 10.32 -14.32
CA ALA C 212 -24.18 11.52 -13.58
C ALA C 212 -23.87 11.13 -12.15
N TYR C 213 -22.94 11.88 -11.54
CA TYR C 213 -22.62 11.62 -10.14
C TYR C 213 -22.38 12.92 -9.36
N ASN C 214 -22.36 12.74 -8.03
CA ASN C 214 -22.32 13.77 -6.99
C ASN C 214 -23.03 15.04 -7.44
N ILE C 215 -24.32 14.90 -7.74
CA ILE C 215 -25.13 15.94 -8.37
C ILE C 215 -25.59 16.96 -7.34
N ALA C 216 -25.99 18.15 -7.83
CA ALA C 216 -26.70 19.17 -7.03
C ALA C 216 -25.85 19.70 -5.88
N GLY C 217 -24.66 20.21 -6.21
CA GLY C 217 -23.85 20.87 -5.23
C GLY C 217 -23.21 19.97 -4.19
N VAL C 218 -23.52 18.68 -4.16
CA VAL C 218 -22.73 17.82 -3.29
C VAL C 218 -21.26 17.78 -3.71
N HIS C 219 -20.92 18.14 -4.95
CA HIS C 219 -19.58 17.81 -5.43
C HIS C 219 -18.55 18.80 -4.93
N ARG C 220 -17.39 18.25 -4.56
CA ARG C 220 -16.38 19.04 -3.87
C ARG C 220 -15.79 20.13 -4.75
N HIS C 221 -16.19 20.21 -6.01
CA HIS C 221 -15.66 21.18 -6.95
C HIS C 221 -16.64 22.32 -7.18
N THR C 222 -17.86 22.19 -6.67
CA THR C 222 -18.80 23.30 -6.66
C THR C 222 -18.19 24.55 -6.01
N PRO C 223 -17.80 24.52 -4.73
CA PRO C 223 -17.26 25.76 -4.14
C PRO C 223 -16.03 26.23 -4.85
N GLU C 224 -15.26 25.30 -5.42
CA GLU C 224 -14.03 25.66 -6.11
C GLU C 224 -14.35 26.55 -7.33
N ILE C 225 -15.22 26.05 -8.21
CA ILE C 225 -15.78 26.86 -9.28
C ILE C 225 -16.19 28.19 -8.69
N ALA C 226 -17.08 28.14 -7.68
CA ALA C 226 -17.68 29.34 -7.12
C ALA C 226 -16.67 30.41 -6.73
N GLN C 227 -15.63 30.04 -5.98
CA GLN C 227 -14.60 30.97 -5.53
C GLN C 227 -13.91 31.73 -6.65
N GLY C 228 -13.04 31.06 -7.41
CA GLY C 228 -12.38 31.72 -8.52
C GLY C 228 -13.35 32.43 -9.42
N LEU C 229 -14.59 31.97 -9.47
CA LEU C 229 -15.61 32.70 -10.20
C LEU C 229 -16.08 33.91 -9.41
N ARG C 230 -16.29 33.73 -8.10
CA ARG C 230 -16.62 34.86 -7.24
C ARG C 230 -15.50 35.90 -7.23
N ALA C 231 -14.27 35.50 -7.56
CA ALA C 231 -13.11 36.37 -7.52
C ALA C 231 -12.88 37.15 -8.83
N VAL C 232 -13.93 37.51 -9.57
CA VAL C 232 -13.81 38.32 -10.80
C VAL C 232 -14.99 39.27 -10.89
N THR C 233 -15.96 39.14 -9.99
CA THR C 233 -17.20 39.88 -10.08
C THR C 233 -17.49 40.64 -8.80
N ASP C 234 -18.42 41.59 -8.93
CA ASP C 234 -18.94 42.34 -7.78
C ASP C 234 -19.88 41.47 -6.96
N ARG C 235 -21.00 41.03 -7.58
CA ARG C 235 -22.07 40.28 -6.92
C ARG C 235 -21.55 38.97 -6.32
N ASP C 236 -22.44 38.14 -5.79
CA ASP C 236 -22.06 36.77 -5.50
C ASP C 236 -22.69 35.83 -6.52
N VAL C 237 -22.05 34.67 -6.69
CA VAL C 237 -22.35 33.76 -7.78
C VAL C 237 -22.90 32.45 -7.24
N SER C 238 -23.70 31.76 -8.04
CA SER C 238 -24.22 30.44 -7.69
C SER C 238 -23.85 29.40 -8.76
N VAL C 239 -23.12 28.37 -8.36
CA VAL C 239 -22.73 27.26 -9.22
C VAL C 239 -23.75 26.13 -9.04
N SER C 240 -24.69 26.00 -9.97
CA SER C 240 -25.31 24.70 -10.24
C SER C 240 -24.30 23.86 -11.02
N PHE C 241 -23.76 22.82 -10.40
CA PHE C 241 -22.69 22.03 -11.02
C PHE C 241 -23.10 20.55 -11.12
N THR C 242 -22.89 19.92 -12.30
CA THR C 242 -23.26 18.53 -12.48
C THR C 242 -22.24 17.80 -13.34
N PRO C 243 -21.59 16.79 -12.80
CA PRO C 243 -20.59 16.03 -13.58
C PRO C 243 -21.09 14.66 -14.07
N VAL C 244 -20.68 14.27 -15.26
CA VAL C 244 -21.23 13.08 -15.86
C VAL C 244 -20.08 12.23 -16.36
N LEU C 245 -19.85 11.07 -15.73
CA LEU C 245 -18.89 10.07 -16.20
C LEU C 245 -19.31 9.54 -17.55
N ILE C 246 -18.36 9.55 -18.50
CA ILE C 246 -18.59 9.08 -19.85
C ILE C 246 -17.50 8.09 -20.24
N PRO C 247 -17.79 7.21 -21.20
CA PRO C 247 -16.80 6.19 -21.63
C PRO C 247 -15.53 6.74 -22.25
N ALA C 248 -14.51 7.07 -21.46
CA ALA C 248 -13.24 7.56 -22.00
C ALA C 248 -12.16 7.33 -20.95
N SER C 249 -10.90 7.58 -21.33
CA SER C 249 -9.96 7.71 -20.23
C SER C 249 -9.75 9.18 -19.95
N ARG C 250 -9.16 9.90 -20.87
CA ARG C 250 -9.00 11.31 -20.64
C ARG C 250 -10.23 12.07 -21.10
N GLY C 251 -10.34 13.32 -20.66
CA GLY C 251 -11.17 14.32 -21.34
C GLY C 251 -12.23 15.00 -20.50
N ILE C 252 -12.53 16.28 -20.75
CA ILE C 252 -13.60 17.04 -20.08
C ILE C 252 -14.33 18.01 -21.02
N LEU C 253 -15.63 17.84 -21.22
CA LEU C 253 -16.39 18.78 -22.04
C LEU C 253 -17.36 19.50 -21.12
N ALA C 254 -16.95 20.68 -20.66
CA ALA C 254 -17.81 21.51 -19.85
C ALA C 254 -18.75 22.32 -20.73
N THR C 255 -19.93 22.58 -20.20
CA THR C 255 -21.07 23.11 -20.91
C THR C 255 -21.67 24.09 -19.91
N CYS C 256 -21.17 25.34 -19.94
CA CYS C 256 -21.54 26.35 -18.94
C CYS C 256 -22.62 27.26 -19.49
N THR C 257 -23.70 27.42 -18.72
CA THR C 257 -24.80 28.30 -19.05
C THR C 257 -24.98 29.37 -17.98
N ALA C 258 -25.63 30.47 -18.37
CA ALA C 258 -25.93 31.58 -17.47
C ALA C 258 -26.73 32.61 -18.25
N ARG C 259 -27.65 33.32 -17.58
CA ARG C 259 -28.53 34.24 -18.29
C ARG C 259 -27.82 35.53 -18.66
N THR C 260 -28.23 36.11 -19.78
CA THR C 260 -27.73 37.40 -20.18
C THR C 260 -28.82 38.15 -20.93
N ARG C 261 -28.62 39.47 -21.02
CA ARG C 261 -29.30 40.29 -22.01
C ARG C 261 -28.32 40.90 -22.99
N SER C 262 -27.11 40.38 -23.06
CA SER C 262 -26.05 41.01 -23.84
C SER C 262 -26.11 40.61 -25.30
N PRO C 263 -25.40 41.34 -26.16
CA PRO C 263 -25.17 40.91 -27.53
C PRO C 263 -24.06 39.90 -27.65
N LEU C 264 -24.21 38.97 -28.59
CA LEU C 264 -23.18 37.97 -28.84
C LEU C 264 -21.84 38.61 -29.17
N SER C 265 -21.84 39.58 -30.09
CA SER C 265 -20.56 40.17 -30.54
C SER C 265 -19.82 40.82 -29.39
N GLN C 266 -20.57 41.27 -28.37
CA GLN C 266 -19.96 41.79 -27.15
C GLN C 266 -19.36 40.67 -26.30
N LEU C 267 -20.12 39.59 -26.08
CA LEU C 267 -19.57 38.50 -25.28
C LEU C 267 -18.33 37.88 -25.94
N ARG C 268 -18.25 37.90 -27.27
CA ARG C 268 -17.11 37.32 -27.95
C ARG C 268 -15.85 38.18 -27.77
N ALA C 269 -15.94 39.47 -28.13
CA ALA C 269 -14.80 40.36 -27.95
C ALA C 269 -14.28 40.35 -26.51
N ALA C 270 -15.19 40.17 -25.53
CA ALA C 270 -14.75 39.94 -24.16
C ALA C 270 -13.79 38.77 -24.09
N TYR C 271 -14.06 37.72 -24.89
CA TYR C 271 -13.18 36.55 -24.93
C TYR C 271 -11.97 36.77 -25.82
N GLU C 272 -12.16 37.31 -27.02
CA GLU C 272 -10.99 37.53 -27.89
C GLU C 272 -9.91 38.32 -27.19
N LYS C 273 -10.26 39.21 -26.27
CA LYS C 273 -9.30 40.06 -25.59
C LYS C 273 -8.69 39.39 -24.36
N ALA C 274 -9.46 38.58 -23.62
CA ALA C 274 -8.88 37.86 -22.50
C ALA C 274 -7.86 36.83 -22.95
N TYR C 275 -8.06 36.27 -24.13
CA TYR C 275 -7.51 34.98 -24.45
C TYR C 275 -6.57 34.99 -25.66
N HIS C 276 -6.57 36.06 -26.47
CA HIS C 276 -5.65 36.12 -27.62
C HIS C 276 -4.21 36.13 -27.14
N ALA C 277 -3.98 36.71 -25.97
CA ALA C 277 -2.70 36.67 -25.30
C ALA C 277 -2.28 35.21 -25.10
N GLU C 278 -3.12 34.46 -24.37
CA GLU C 278 -2.79 33.22 -23.72
C GLU C 278 -2.48 32.09 -24.70
N PRO C 279 -1.29 31.58 -24.68
CA PRO C 279 -0.92 30.60 -25.69
C PRO C 279 -1.47 29.24 -25.32
N PHE C 280 -2.32 29.14 -24.29
CA PHE C 280 -2.88 27.84 -23.93
C PHE C 280 -4.39 27.78 -24.04
N ILE C 281 -5.05 28.86 -24.41
CA ILE C 281 -6.49 28.85 -24.57
C ILE C 281 -6.78 29.01 -26.04
N TYR C 282 -7.54 28.07 -26.62
CA TYR C 282 -7.82 28.09 -28.05
C TYR C 282 -9.27 28.48 -28.29
N LEU C 283 -9.48 29.67 -28.87
CA LEU C 283 -10.82 30.12 -29.20
C LEU C 283 -11.20 29.61 -30.57
N MET C 284 -12.41 29.09 -30.69
CA MET C 284 -12.69 28.37 -31.91
C MET C 284 -13.03 29.35 -33.04
N PRO C 285 -12.61 29.03 -34.25
CA PRO C 285 -13.10 29.77 -35.42
C PRO C 285 -14.61 29.82 -35.40
N GLU C 286 -15.16 30.85 -36.06
CA GLU C 286 -16.59 30.83 -36.36
C GLU C 286 -16.95 29.49 -37.02
N GLY C 287 -18.01 28.86 -36.53
CA GLY C 287 -18.45 27.60 -37.07
C GLY C 287 -18.10 26.38 -36.23
N GLN C 288 -16.86 26.33 -35.75
CA GLN C 288 -16.38 25.16 -35.03
C GLN C 288 -16.74 25.23 -33.54
N LEU C 289 -16.77 24.04 -32.92
CA LEU C 289 -17.00 23.89 -31.50
C LEU C 289 -15.93 22.99 -30.87
N PRO C 290 -15.71 23.11 -29.57
CA PRO C 290 -14.65 22.32 -28.94
C PRO C 290 -15.04 20.87 -28.94
N ARG C 291 -14.03 20.00 -29.03
CA ARG C 291 -14.15 18.56 -28.78
C ARG C 291 -12.97 18.08 -27.93
N THR C 292 -13.24 17.13 -27.03
CA THR C 292 -12.19 16.75 -26.09
C THR C 292 -11.06 16.04 -26.81
N GLY C 293 -11.42 15.23 -27.82
CA GLY C 293 -10.42 14.49 -28.58
C GLY C 293 -9.29 15.36 -29.10
N ALA C 294 -9.58 16.63 -29.48
CA ALA C 294 -8.55 17.48 -30.08
C ALA C 294 -7.53 17.99 -29.08
N VAL C 295 -7.83 18.02 -27.79
CA VAL C 295 -6.89 18.54 -26.81
C VAL C 295 -6.17 17.44 -26.04
N ILE C 296 -6.59 16.18 -26.17
CA ILE C 296 -5.96 15.09 -25.41
C ILE C 296 -4.44 15.14 -25.53
N GLY C 297 -3.75 14.88 -24.42
CA GLY C 297 -2.30 14.92 -24.38
C GLY C 297 -1.70 16.29 -24.47
N SER C 298 -2.52 17.35 -24.37
CA SER C 298 -2.09 18.72 -24.60
C SER C 298 -2.78 19.65 -23.63
N ASN C 299 -2.01 20.49 -23.02
CA ASN C 299 -2.39 21.53 -22.06
C ASN C 299 -3.29 22.61 -22.64
N ALA C 300 -3.79 22.53 -23.87
CA ALA C 300 -4.67 23.57 -24.38
C ALA C 300 -6.11 23.20 -24.08
N ALA C 301 -6.92 24.26 -23.94
CA ALA C 301 -8.35 24.25 -23.63
C ALA C 301 -9.05 24.96 -24.77
N HIS C 302 -9.93 24.27 -25.48
CA HIS C 302 -10.59 24.88 -26.63
C HIS C 302 -11.88 25.49 -26.14
N ILE C 303 -12.17 26.71 -26.59
CA ILE C 303 -13.35 27.40 -26.08
C ILE C 303 -14.17 27.96 -27.22
N ALA C 304 -15.50 27.86 -27.08
CA ALA C 304 -16.48 28.48 -27.97
C ALA C 304 -17.69 28.88 -27.16
N VAL C 305 -18.24 30.07 -27.46
CA VAL C 305 -19.42 30.62 -26.80
C VAL C 305 -20.45 31.10 -27.83
N ALA C 306 -21.72 31.00 -27.47
CA ALA C 306 -22.82 31.48 -28.29
C ALA C 306 -23.86 32.12 -27.38
N VAL C 307 -24.92 32.63 -28.00
CA VAL C 307 -26.06 33.19 -27.29
C VAL C 307 -27.34 32.56 -27.81
N ASP C 308 -28.14 32.00 -26.90
CA ASP C 308 -29.48 31.49 -27.19
C ASP C 308 -30.43 32.67 -27.00
N GLU C 309 -30.49 33.49 -28.05
CA GLU C 309 -31.28 34.72 -28.03
C GLU C 309 -32.71 34.45 -27.55
N ASP C 310 -33.29 33.30 -27.94
CA ASP C 310 -34.66 32.96 -27.53
C ASP C 310 -34.76 32.71 -26.03
N ALA C 311 -33.86 31.89 -25.49
CA ALA C 311 -33.81 31.65 -24.06
C ALA C 311 -33.11 32.78 -23.30
N GLN C 312 -32.59 33.78 -24.01
CA GLN C 312 -31.75 34.80 -23.41
C GLN C 312 -30.75 34.15 -22.46
N THR C 313 -30.14 33.06 -22.92
CA THR C 313 -29.23 32.29 -22.09
C THR C 313 -27.86 32.29 -22.76
N PHE C 314 -26.80 32.55 -21.97
CA PHE C 314 -25.44 32.46 -22.46
C PHE C 314 -24.95 31.01 -22.43
N VAL C 315 -24.05 30.69 -23.35
CA VAL C 315 -23.54 29.34 -23.52
C VAL C 315 -22.04 29.45 -23.76
N ALA C 316 -21.27 28.92 -22.82
CA ALA C 316 -19.82 28.81 -22.93
C ALA C 316 -19.49 27.34 -22.93
N ILE C 317 -18.66 26.91 -23.88
CA ILE C 317 -18.23 25.51 -24.01
C ILE C 317 -16.71 25.49 -23.98
N ALA C 318 -16.12 24.73 -23.06
CA ALA C 318 -14.69 24.49 -23.04
C ALA C 318 -14.38 22.98 -23.03
N ALA C 319 -13.37 22.57 -23.81
CA ALA C 319 -12.77 21.25 -23.67
C ALA C 319 -11.37 21.36 -23.05
N ILE C 320 -11.00 20.37 -22.24
CA ILE C 320 -9.63 20.22 -21.74
C ILE C 320 -9.27 18.75 -21.61
N ASP C 321 -7.99 18.54 -21.32
CA ASP C 321 -7.46 17.26 -20.85
C ASP C 321 -7.39 17.31 -19.32
N ASN C 322 -8.33 16.64 -18.65
CA ASN C 322 -8.33 16.57 -17.19
C ASN C 322 -6.97 16.19 -16.65
N LEU C 323 -6.38 15.12 -17.16
CA LEU C 323 -5.10 14.72 -16.60
C LEU C 323 -3.98 15.70 -16.95
N VAL C 324 -4.20 16.65 -17.86
CA VAL C 324 -3.12 17.54 -18.28
C VAL C 324 -3.46 18.98 -17.85
N LYS C 325 -4.31 19.71 -18.60
CA LYS C 325 -4.68 21.06 -18.17
C LYS C 325 -5.35 21.05 -16.80
N GLY C 326 -6.11 20.02 -16.47
CA GLY C 326 -6.73 19.94 -15.17
C GLY C 326 -5.85 19.31 -14.10
N THR C 327 -4.60 18.98 -14.42
CA THR C 327 -3.75 18.27 -13.48
C THR C 327 -2.26 18.55 -13.71
N ALA C 328 -1.59 17.61 -14.36
CA ALA C 328 -0.14 17.63 -14.35
C ALA C 328 0.41 18.83 -15.12
N GLY C 329 -0.27 19.22 -16.19
CA GLY C 329 0.25 20.27 -17.04
C GLY C 329 0.12 21.64 -16.40
N ALA C 330 -1.05 21.92 -15.83
CA ALA C 330 -1.21 23.08 -14.97
C ALA C 330 -0.15 23.07 -13.88
N ALA C 331 -0.04 21.94 -13.16
CA ALA C 331 1.01 21.79 -12.17
C ALA C 331 2.39 22.12 -12.75
N VAL C 332 2.71 21.57 -13.92
CA VAL C 332 4.02 21.80 -14.50
C VAL C 332 4.15 23.22 -15.03
N GLN C 333 3.09 23.74 -15.66
CA GLN C 333 3.03 25.15 -16.07
C GLN C 333 3.31 26.08 -14.90
N SER C 334 2.89 25.69 -13.69
CA SER C 334 3.13 26.51 -12.51
C SER C 334 4.55 26.32 -11.99
N MET C 335 4.97 25.07 -11.80
CA MET C 335 6.38 24.77 -11.57
C MET C 335 7.27 25.55 -12.53
N ASN C 336 6.94 25.54 -13.81
CA ASN C 336 7.61 26.43 -14.76
C ASN C 336 7.67 27.84 -14.19
N LEU C 337 6.51 28.40 -13.86
CA LEU C 337 6.48 29.77 -13.37
C LEU C 337 7.10 29.92 -11.98
N ALA C 338 7.08 28.87 -11.16
CA ALA C 338 7.76 28.94 -9.87
C ALA C 338 9.25 29.19 -10.05
N LEU C 339 9.96 28.21 -10.60
CA LEU C 339 11.36 28.26 -10.95
C LEU C 339 11.69 29.32 -12.07
N GLY C 340 10.83 30.27 -12.41
CA GLY C 340 11.17 31.34 -13.33
C GLY C 340 11.61 30.90 -14.71
N TRP C 341 10.98 29.87 -15.26
CA TRP C 341 11.21 29.40 -16.62
C TRP C 341 10.07 29.84 -17.53
N PRO C 342 10.18 29.61 -18.84
CA PRO C 342 9.03 29.88 -19.71
C PRO C 342 7.83 29.07 -19.27
N GLU C 343 6.66 29.69 -19.34
CA GLU C 343 5.44 28.97 -19.00
C GLU C 343 5.25 27.75 -19.91
N THR C 344 5.83 27.80 -21.12
CA THR C 344 5.44 26.95 -22.25
C THR C 344 6.46 25.85 -22.55
N ASP C 345 7.27 25.48 -21.57
CA ASP C 345 8.32 24.49 -21.78
C ASP C 345 7.77 23.11 -21.41
N GLY C 346 7.93 22.14 -22.32
CA GLY C 346 7.62 20.74 -22.05
C GLY C 346 6.14 20.50 -22.05
N LEU C 347 5.43 21.56 -22.45
CA LEU C 347 3.98 21.57 -22.55
C LEU C 347 3.64 22.00 -23.96
N SER C 348 2.76 21.24 -24.61
CA SER C 348 2.40 21.47 -26.01
C SER C 348 0.93 21.82 -26.13
N VAL C 349 0.60 22.52 -27.22
CA VAL C 349 -0.79 22.93 -27.53
C VAL C 349 -1.36 22.03 -28.62
N VAL C 350 -0.54 21.18 -29.22
CA VAL C 350 -1.03 20.26 -30.28
C VAL C 350 -1.59 19.00 -29.60
N GLY C 351 -2.73 18.51 -30.05
CA GLY C 351 -3.34 17.34 -29.41
C GLY C 351 -2.96 16.04 -30.07
N VAL C 352 -3.40 14.93 -29.48
CA VAL C 352 -3.10 13.58 -30.03
C VAL C 352 -4.42 13.02 -30.56
N ALA C 353 -4.65 13.17 -31.86
CA ALA C 353 -5.91 12.75 -32.51
C ALA C 353 -5.65 11.68 -33.59
N PRO C 354 -6.56 10.70 -33.72
CA PRO C 354 -7.58 10.44 -32.72
C PRO C 354 -7.12 9.35 -31.75
N ALA D 11 18.20 24.14 -43.88
CA ALA D 11 16.80 24.42 -44.15
C ALA D 11 16.23 23.37 -45.11
N THR D 12 15.03 22.86 -44.80
CA THR D 12 14.38 21.81 -45.57
C THR D 12 12.88 22.08 -45.63
N LYS D 13 12.35 22.24 -46.83
CA LYS D 13 10.92 22.49 -46.99
C LYS D 13 10.19 21.18 -47.25
N VAL D 14 8.98 21.06 -46.71
CA VAL D 14 8.27 19.80 -46.73
C VAL D 14 6.84 20.03 -47.18
N ALA D 15 6.30 19.04 -47.88
CA ALA D 15 4.91 18.99 -48.29
C ALA D 15 4.29 17.62 -47.93
N VAL D 16 3.02 17.62 -47.52
CA VAL D 16 2.31 16.40 -47.17
C VAL D 16 1.15 16.21 -48.13
N ALA D 17 1.27 15.23 -49.00
CA ALA D 17 0.21 14.76 -49.87
C ALA D 17 -0.68 13.79 -49.10
N GLY D 18 -1.99 14.03 -49.13
CA GLY D 18 -2.87 13.29 -48.26
C GLY D 18 -2.98 13.85 -46.87
N ALA D 19 -2.63 15.13 -46.67
CA ALA D 19 -2.73 15.74 -45.35
C ALA D 19 -4.15 15.70 -44.75
N SER D 20 -5.17 15.38 -45.55
CA SER D 20 -6.58 15.52 -45.19
C SER D 20 -7.05 14.49 -44.19
N GLY D 21 -6.18 13.57 -43.77
CA GLY D 21 -6.57 12.38 -43.09
C GLY D 21 -5.67 11.93 -41.96
N TYR D 22 -5.82 10.68 -41.55
CA TYR D 22 -5.30 10.28 -40.26
C TYR D 22 -3.77 10.20 -40.32
N ALA D 23 -3.24 9.40 -41.26
CA ALA D 23 -1.80 9.26 -41.39
C ALA D 23 -1.13 10.61 -41.70
N GLY D 24 -1.70 11.38 -42.63
CA GLY D 24 -1.08 12.65 -42.97
C GLY D 24 -1.06 13.64 -41.80
N GLY D 25 -2.23 13.88 -41.22
CA GLY D 25 -2.32 14.79 -40.09
C GLY D 25 -1.52 14.32 -38.89
N GLU D 26 -1.45 13.01 -38.68
CA GLU D 26 -0.57 12.53 -37.63
C GLU D 26 0.90 12.72 -38.01
N ILE D 27 1.22 12.90 -39.31
CA ILE D 27 2.59 13.22 -39.72
C ILE D 27 2.94 14.66 -39.35
N LEU D 28 2.09 15.61 -39.75
CA LEU D 28 2.23 16.99 -39.28
C LEU D 28 2.45 17.06 -37.77
N ARG D 29 1.56 16.47 -37.00
CA ARG D 29 1.64 16.44 -35.54
C ARG D 29 3.05 16.15 -35.01
N LEU D 30 3.73 15.23 -35.69
CA LEU D 30 5.05 14.80 -35.23
C LEU D 30 6.10 15.88 -35.47
N LEU D 31 6.02 16.55 -36.62
CA LEU D 31 6.96 17.60 -37.02
C LEU D 31 6.78 18.87 -36.20
N LEU D 32 5.53 19.30 -35.98
CA LEU D 32 5.29 20.46 -35.12
C LEU D 32 6.10 20.37 -33.83
N GLY D 33 6.23 19.16 -33.29
CA GLY D 33 7.08 18.91 -32.15
C GLY D 33 8.48 18.40 -32.45
N HIS D 34 8.90 18.39 -33.71
CA HIS D 34 10.26 18.09 -34.09
C HIS D 34 11.16 19.27 -33.72
N PRO D 35 12.45 19.03 -33.46
CA PRO D 35 13.34 20.14 -33.15
C PRO D 35 13.85 20.85 -34.39
N ALA D 36 13.76 20.22 -35.57
CA ALA D 36 14.13 20.94 -36.78
C ALA D 36 13.18 22.09 -37.04
N TYR D 37 11.89 21.84 -36.88
CA TYR D 37 10.88 22.87 -37.10
C TYR D 37 11.04 23.98 -36.08
N ALA D 38 11.37 23.60 -34.83
CA ALA D 38 11.55 24.46 -33.68
C ALA D 38 12.79 25.35 -33.76
N ASP D 39 13.61 25.23 -34.81
CA ASP D 39 14.77 26.09 -34.99
C ASP D 39 15.00 26.40 -36.46
N GLY D 40 13.93 26.62 -37.23
CA GLY D 40 14.00 27.02 -38.62
C GLY D 40 14.51 25.98 -39.61
N ARG D 41 15.11 24.87 -39.15
CA ARG D 41 15.67 23.90 -40.12
C ARG D 41 14.61 23.23 -40.98
N LEU D 42 13.31 23.38 -40.68
CA LEU D 42 12.27 22.71 -41.47
C LEU D 42 11.01 23.57 -41.46
N ARG D 43 10.73 24.24 -42.56
CA ARG D 43 9.40 24.83 -42.66
C ARG D 43 8.36 23.77 -43.02
N ILE D 44 7.10 24.09 -42.76
CA ILE D 44 5.99 23.28 -43.25
C ILE D 44 5.36 24.02 -44.41
N GLY D 45 5.51 23.46 -45.62
CA GLY D 45 4.99 24.06 -46.81
C GLY D 45 3.65 23.50 -47.26
N ALA D 46 3.60 22.93 -48.45
CA ALA D 46 2.33 22.67 -49.10
C ALA D 46 1.63 21.49 -48.46
N LEU D 47 0.35 21.68 -48.13
CA LEU D 47 -0.49 20.62 -47.61
C LEU D 47 -1.62 20.42 -48.60
N THR D 48 -1.72 19.20 -49.14
CA THR D 48 -2.53 18.89 -50.31
C THR D 48 -3.55 17.78 -50.00
N ALA D 49 -4.53 17.67 -50.90
CA ALA D 49 -5.54 16.61 -50.88
C ALA D 49 -6.51 16.78 -52.03
N ALA D 50 -6.93 15.68 -52.65
CA ALA D 50 -8.12 15.72 -53.50
C ALA D 50 -9.36 16.04 -52.68
N THR D 51 -9.49 15.41 -51.51
CA THR D 51 -10.46 15.80 -50.49
C THR D 51 -10.56 17.32 -50.38
N SER D 52 -11.79 17.83 -50.26
CA SER D 52 -12.08 19.24 -49.94
C SER D 52 -10.84 20.13 -49.89
N ALA D 53 -10.39 20.63 -51.04
CA ALA D 53 -9.24 21.52 -51.14
C ALA D 53 -9.76 22.94 -51.31
N GLY D 54 -9.41 23.81 -50.37
CA GLY D 54 -9.97 25.14 -50.27
C GLY D 54 -10.46 25.40 -48.86
N SER D 55 -10.78 24.34 -48.14
CA SER D 55 -11.15 24.45 -46.73
C SER D 55 -9.86 24.69 -45.94
N THR D 56 -9.99 24.78 -44.62
CA THR D 56 -8.84 24.95 -43.74
C THR D 56 -8.44 23.60 -43.18
N LEU D 57 -7.14 23.41 -42.98
CA LEU D 57 -6.65 22.19 -42.37
C LEU D 57 -7.39 21.90 -41.07
N GLY D 58 -7.74 22.96 -40.32
CA GLY D 58 -8.40 22.83 -39.03
C GLY D 58 -9.81 22.31 -39.06
N GLU D 59 -10.54 22.48 -40.18
CA GLU D 59 -11.81 21.80 -40.30
C GLU D 59 -11.63 20.29 -40.30
N HIS D 60 -10.39 19.81 -40.46
CA HIS D 60 -10.07 18.38 -40.50
C HIS D 60 -9.34 17.88 -39.27
N HIS D 61 -8.45 18.68 -38.68
CA HIS D 61 -7.67 18.25 -37.52
C HIS D 61 -7.73 19.31 -36.42
N PRO D 62 -8.87 19.50 -35.77
CA PRO D 62 -8.89 20.47 -34.68
C PRO D 62 -7.77 20.26 -33.65
N HIS D 63 -7.07 19.12 -33.69
CA HIS D 63 -6.00 18.90 -32.70
C HIS D 63 -4.72 19.66 -33.05
N LEU D 64 -4.50 19.94 -34.35
CA LEU D 64 -3.38 20.76 -34.83
C LEU D 64 -3.88 22.18 -35.05
N THR D 65 -3.82 23.00 -34.01
CA THR D 65 -4.20 24.39 -34.20
C THR D 65 -3.06 25.30 -34.68
N PRO D 66 -1.79 25.06 -34.33
CA PRO D 66 -0.72 25.89 -34.92
C PRO D 66 -0.79 25.91 -36.42
N LEU D 67 -1.51 24.98 -37.04
CA LEU D 67 -1.62 24.99 -38.48
C LEU D 67 -3.05 25.25 -38.93
N ALA D 68 -3.96 25.55 -38.01
CA ALA D 68 -5.37 25.56 -38.36
C ALA D 68 -5.70 26.50 -39.51
N HIS D 69 -4.84 27.48 -39.79
CA HIS D 69 -5.13 28.55 -40.74
C HIS D 69 -4.82 28.19 -42.20
N ARG D 70 -4.09 27.10 -42.45
CA ARG D 70 -3.72 26.72 -43.80
C ARG D 70 -4.95 26.41 -44.65
N VAL D 71 -4.83 26.66 -45.92
CA VAL D 71 -5.77 26.16 -46.91
C VAL D 71 -5.12 24.95 -47.58
N VAL D 72 -5.93 23.96 -47.92
CA VAL D 72 -5.45 22.75 -48.57
C VAL D 72 -5.42 23.03 -50.06
N GLU D 73 -4.27 22.86 -50.69
CA GLU D 73 -4.30 22.96 -52.14
C GLU D 73 -4.64 21.61 -52.79
N PRO D 74 -4.98 21.60 -54.07
CA PRO D 74 -5.11 20.31 -54.75
C PRO D 74 -3.82 19.50 -54.68
N THR D 75 -3.94 18.18 -54.70
CA THR D 75 -2.79 17.33 -54.97
C THR D 75 -2.45 17.45 -56.44
N GLU D 76 -1.32 18.11 -56.74
CA GLU D 76 -0.84 18.32 -58.10
C GLU D 76 0.67 18.37 -58.07
N ALA D 77 1.26 18.16 -59.24
CA ALA D 77 2.70 18.34 -59.39
C ALA D 77 3.10 19.78 -59.07
N ALA D 78 2.33 20.76 -59.54
CA ALA D 78 2.60 22.17 -59.30
C ALA D 78 2.74 22.46 -57.80
N VAL D 79 1.86 21.87 -56.99
CA VAL D 79 1.89 22.12 -55.55
C VAL D 79 3.10 21.46 -54.91
N LEU D 80 3.43 20.25 -55.36
CA LEU D 80 4.39 19.41 -54.65
C LEU D 80 5.83 19.73 -55.04
N GLY D 81 6.07 20.19 -56.26
CA GLY D 81 7.39 20.65 -56.63
C GLY D 81 7.82 21.80 -55.75
N GLY D 82 9.11 22.10 -55.79
CA GLY D 82 9.63 23.15 -54.94
C GLY D 82 9.63 22.75 -53.48
N HIS D 83 9.99 21.50 -53.20
CA HIS D 83 9.97 20.98 -51.84
C HIS D 83 11.04 19.90 -51.75
N ASP D 84 12.01 20.10 -50.87
CA ASP D 84 13.06 19.10 -50.66
C ASP D 84 12.53 17.76 -50.12
N ALA D 85 11.29 17.71 -49.61
CA ALA D 85 10.71 16.48 -49.11
C ALA D 85 9.19 16.54 -49.28
N VAL D 86 8.60 15.50 -49.86
CA VAL D 86 7.14 15.35 -49.93
C VAL D 86 6.77 14.06 -49.23
N PHE D 87 5.74 14.11 -48.38
CA PHE D 87 5.14 12.91 -47.82
C PHE D 87 3.92 12.53 -48.63
N LEU D 88 3.91 11.31 -49.14
CA LEU D 88 2.72 10.75 -49.79
C LEU D 88 2.00 9.86 -48.79
N ALA D 89 0.72 10.12 -48.58
CA ALA D 89 -0.09 9.34 -47.66
C ALA D 89 -1.40 9.10 -48.38
N LEU D 90 -1.41 8.07 -49.22
CA LEU D 90 -2.51 7.94 -50.15
C LEU D 90 -3.14 6.56 -50.03
N PRO D 91 -4.10 6.22 -50.89
CA PRO D 91 -4.34 4.82 -51.21
C PRO D 91 -3.42 4.36 -52.33
N HIS D 92 -3.30 3.06 -52.45
CA HIS D 92 -2.52 2.47 -53.52
C HIS D 92 -2.98 2.98 -54.88
N GLY D 93 -2.04 3.43 -55.68
CA GLY D 93 -2.37 3.77 -57.05
C GLY D 93 -2.12 5.20 -57.43
N HIS D 94 -2.39 6.14 -56.51
CA HIS D 94 -2.11 7.53 -56.82
C HIS D 94 -0.62 7.81 -56.91
N SER D 95 0.19 7.07 -56.14
CA SER D 95 1.56 7.48 -55.85
C SER D 95 2.49 7.27 -57.06
N ALA D 96 2.59 6.03 -57.58
CA ALA D 96 3.52 5.73 -58.66
C ALA D 96 3.43 6.73 -59.80
N VAL D 97 2.22 7.17 -60.13
CA VAL D 97 2.03 8.21 -61.12
C VAL D 97 2.83 9.45 -60.75
N LEU D 98 2.82 9.80 -59.46
CA LEU D 98 3.32 11.07 -58.94
C LEU D 98 4.82 11.04 -58.63
N ALA D 99 5.36 9.90 -58.22
CA ALA D 99 6.79 9.81 -57.98
C ALA D 99 7.59 9.98 -59.27
N GLN D 100 6.91 10.02 -60.42
CA GLN D 100 7.55 10.35 -61.68
C GLN D 100 7.37 11.82 -62.05
N GLN D 101 6.17 12.37 -61.82
CA GLN D 101 5.94 13.79 -62.12
C GLN D 101 6.65 14.74 -61.17
N LEU D 102 7.41 14.21 -60.21
CA LEU D 102 8.18 15.04 -59.29
C LEU D 102 9.67 14.83 -59.54
N SER D 103 10.40 15.92 -59.33
CA SER D 103 11.83 15.98 -59.42
C SER D 103 12.46 14.81 -58.64
N PRO D 104 13.22 13.94 -59.30
CA PRO D 104 13.89 12.87 -58.55
C PRO D 104 14.88 13.35 -57.53
N GLU D 105 15.38 14.58 -57.64
CA GLU D 105 16.36 15.06 -56.66
C GLU D 105 15.79 15.17 -55.25
N THR D 106 14.50 14.93 -55.09
CA THR D 106 13.81 15.12 -53.82
C THR D 106 13.63 13.80 -53.04
N LEU D 107 13.50 13.96 -51.72
CA LEU D 107 13.19 12.85 -50.82
C LEU D 107 11.71 12.53 -50.86
N ILE D 108 11.35 11.37 -51.41
CA ILE D 108 9.98 10.89 -51.41
C ILE D 108 9.84 9.88 -50.28
N ILE D 109 8.74 10.01 -49.51
CA ILE D 109 8.32 9.05 -48.49
C ILE D 109 6.88 8.61 -48.79
N ASP D 110 6.69 7.35 -49.22
CA ASP D 110 5.36 6.76 -49.47
C ASP D 110 4.94 6.01 -48.21
N CYS D 111 3.84 6.44 -47.58
CA CYS D 111 3.19 5.62 -46.56
C CYS D 111 2.29 4.56 -47.18
N GLY D 112 1.80 4.80 -48.40
CA GLY D 112 1.10 3.80 -49.18
C GLY D 112 1.93 2.57 -49.51
N ALA D 113 1.40 1.62 -50.26
CA ALA D 113 2.13 0.39 -50.52
C ALA D 113 2.86 0.35 -51.89
N ASP D 114 2.71 1.36 -52.76
CA ASP D 114 3.08 1.21 -54.17
C ASP D 114 4.49 0.66 -54.38
N PHE D 115 5.46 1.12 -53.57
CA PHE D 115 6.87 0.71 -53.69
C PHE D 115 7.29 -0.19 -52.52
N ARG D 116 6.41 -1.06 -52.05
CA ARG D 116 6.69 -1.88 -50.88
C ARG D 116 7.28 -3.26 -51.18
N LEU D 117 6.73 -4.01 -52.13
CA LEU D 117 7.17 -5.39 -52.40
C LEU D 117 8.20 -5.48 -53.51
N THR D 118 8.93 -6.59 -53.50
CA THR D 118 9.96 -6.88 -54.46
C THR D 118 9.64 -8.07 -55.37
N ASP D 119 8.47 -8.69 -55.26
CA ASP D 119 8.03 -9.64 -56.25
C ASP D 119 6.86 -9.05 -57.02
N ALA D 120 7.06 -8.83 -58.32
CA ALA D 120 6.02 -8.23 -59.15
C ALA D 120 4.77 -9.08 -59.21
N ALA D 121 4.93 -10.40 -59.42
CA ALA D 121 3.77 -11.29 -59.49
C ALA D 121 2.95 -11.22 -58.21
N VAL D 122 3.62 -11.20 -57.07
CA VAL D 122 2.97 -11.14 -55.77
C VAL D 122 2.15 -9.86 -55.62
N TRP D 123 2.52 -8.80 -56.32
CA TRP D 123 1.74 -7.57 -56.21
C TRP D 123 0.48 -7.65 -57.05
N GLU D 124 0.62 -8.00 -58.34
CA GLU D 124 -0.52 -8.04 -59.26
C GLU D 124 -1.67 -8.79 -58.65
N ARG D 125 -1.36 -9.99 -58.17
CA ARG D 125 -2.29 -10.92 -57.50
C ARG D 125 -3.04 -10.22 -56.36
N PHE D 126 -2.35 -9.59 -55.41
CA PHE D 126 -3.02 -9.00 -54.23
C PHE D 126 -3.45 -7.55 -54.45
N TYR D 127 -3.10 -6.92 -55.57
CA TYR D 127 -3.45 -5.49 -55.70
C TYR D 127 -4.12 -5.18 -57.03
N GLY D 128 -4.14 -6.13 -57.97
CA GLY D 128 -4.83 -5.92 -59.26
C GLY D 128 -4.37 -4.72 -60.03
N SER D 129 -3.07 -4.45 -60.02
CA SER D 129 -2.44 -3.33 -60.77
C SER D 129 -1.05 -3.78 -61.26
N SER D 130 -0.27 -2.88 -61.87
CA SER D 130 1.08 -3.26 -62.36
C SER D 130 2.15 -2.78 -61.37
N HIS D 131 3.17 -3.61 -61.13
CA HIS D 131 4.27 -3.33 -60.17
C HIS D 131 5.01 -2.04 -60.56
N ALA D 132 5.17 -1.13 -59.59
CA ALA D 132 5.78 0.18 -59.84
C ALA D 132 7.25 0.22 -59.41
N GLY D 133 7.69 -0.77 -58.65
CA GLY D 133 9.06 -0.81 -58.19
C GLY D 133 9.12 -1.07 -56.71
N SER D 134 10.31 -0.90 -56.13
CA SER D 134 10.50 -1.20 -54.72
C SER D 134 11.57 -0.26 -54.16
N TRP D 135 11.20 0.50 -53.11
CA TRP D 135 12.06 1.43 -52.40
C TRP D 135 12.52 0.82 -51.09
N PRO D 136 13.57 1.34 -50.47
CA PRO D 136 13.98 0.78 -49.19
C PRO D 136 12.81 0.75 -48.21
N TYR D 137 12.78 -0.30 -47.39
CA TYR D 137 11.72 -0.41 -46.39
C TYR D 137 11.97 0.61 -45.31
N GLY D 138 10.95 1.37 -45.00
CA GLY D 138 11.08 2.29 -43.89
C GLY D 138 11.05 1.65 -42.53
N LEU D 139 11.83 0.59 -42.30
CA LEU D 139 11.89 -0.02 -40.97
C LEU D 139 13.35 -0.27 -40.56
N PRO D 140 13.96 0.66 -39.83
CA PRO D 140 15.41 0.57 -39.61
C PRO D 140 15.82 -0.55 -38.68
N GLU D 141 14.96 -0.96 -37.75
CA GLU D 141 15.32 -2.01 -36.81
C GLU D 141 15.53 -3.37 -37.48
N LEU D 142 15.03 -3.56 -38.70
CA LEU D 142 15.40 -4.76 -39.44
C LEU D 142 16.85 -4.68 -39.86
N PRO D 143 17.51 -5.83 -40.00
CA PRO D 143 18.89 -5.83 -40.47
C PRO D 143 18.97 -5.31 -41.90
N GLY D 144 20.07 -4.62 -42.21
CA GLY D 144 20.29 -4.12 -43.55
C GLY D 144 19.42 -2.93 -43.92
N ALA D 145 18.17 -2.94 -43.46
CA ALA D 145 17.28 -1.82 -43.70
C ALA D 145 17.85 -0.51 -43.17
N ARG D 146 18.55 -0.56 -42.03
CA ARG D 146 19.08 0.64 -41.41
C ARG D 146 20.09 1.35 -42.29
N ASP D 147 20.99 0.60 -42.93
CA ASP D 147 22.08 1.20 -43.69
C ASP D 147 21.61 1.70 -45.05
N GLN D 148 20.76 0.91 -45.73
CA GLN D 148 20.22 1.35 -47.01
C GLN D 148 19.34 2.58 -46.89
N LEU D 149 19.02 2.98 -45.67
CA LEU D 149 18.25 4.19 -45.43
C LEU D 149 19.13 5.41 -45.29
N ARG D 150 20.30 5.27 -44.66
CA ARG D 150 21.18 6.41 -44.41
C ARG D 150 21.45 7.16 -45.71
N GLY D 151 21.00 8.42 -45.79
CA GLY D 151 21.18 9.24 -46.96
C GLY D 151 20.24 8.95 -48.12
N THR D 152 19.26 8.05 -47.95
CA THR D 152 18.36 7.70 -49.05
C THR D 152 17.47 8.88 -49.41
N ARG D 153 16.97 8.87 -50.65
CA ARG D 153 16.09 9.93 -51.12
C ARG D 153 14.78 9.38 -51.64
N ARG D 154 14.47 8.14 -51.26
CA ARG D 154 13.20 7.51 -51.57
C ARG D 154 13.00 6.37 -50.55
N ILE D 155 11.77 6.24 -50.07
CA ILE D 155 11.43 5.37 -48.93
C ILE D 155 9.98 4.90 -49.03
N ALA D 156 9.78 3.60 -48.91
CA ALA D 156 8.45 3.01 -48.69
C ALA D 156 8.23 2.77 -47.20
N VAL D 157 7.04 3.09 -46.71
CA VAL D 157 6.71 2.97 -45.30
C VAL D 157 5.89 1.67 -45.10
N PRO D 158 6.33 0.78 -44.23
CA PRO D 158 5.62 -0.50 -44.07
C PRO D 158 4.18 -0.31 -43.60
N GLY D 159 3.31 -1.21 -44.07
CA GLY D 159 1.96 -1.25 -43.54
C GLY D 159 1.99 -1.47 -42.03
N CYS D 160 0.96 -0.97 -41.35
CA CYS D 160 1.00 -1.01 -39.88
C CYS D 160 1.15 -2.43 -39.37
N TYR D 161 0.23 -3.32 -39.76
CA TYR D 161 0.30 -4.69 -39.26
C TYR D 161 1.65 -5.34 -39.56
N PRO D 162 2.18 -5.31 -40.80
CA PRO D 162 3.52 -5.83 -41.02
C PRO D 162 4.55 -5.30 -40.04
N THR D 163 4.68 -3.98 -39.90
CA THR D 163 5.63 -3.42 -38.91
C THR D 163 5.49 -4.13 -37.57
N ALA D 164 4.24 -4.42 -37.16
CA ALA D 164 4.01 -5.15 -35.91
C ALA D 164 4.54 -6.57 -36.02
N ALA D 165 4.06 -7.31 -37.02
CA ALA D 165 4.45 -8.71 -37.17
C ALA D 165 5.95 -8.86 -37.23
N LEU D 166 6.59 -8.23 -38.22
CA LEU D 166 8.03 -8.36 -38.41
C LEU D 166 8.78 -8.15 -37.11
N LEU D 167 8.35 -7.16 -36.33
CA LEU D 167 9.09 -6.82 -35.15
C LEU D 167 8.99 -7.91 -34.09
N ALA D 168 7.83 -8.56 -34.00
CA ALA D 168 7.74 -9.63 -33.01
C ALA D 168 8.51 -10.86 -33.45
N LEU D 169 8.66 -11.09 -34.76
CA LEU D 169 9.10 -12.39 -35.24
C LEU D 169 10.48 -12.44 -35.87
N PHE D 170 11.09 -11.32 -36.22
CA PHE D 170 12.32 -11.49 -36.99
C PHE D 170 13.46 -12.07 -36.17
N PRO D 171 13.70 -11.66 -34.91
CA PRO D 171 14.86 -12.22 -34.20
C PRO D 171 14.86 -13.73 -34.09
N ALA D 172 13.68 -14.33 -33.86
CA ALA D 172 13.62 -15.78 -33.69
C ALA D 172 13.78 -16.50 -35.00
N LEU D 173 13.16 -15.99 -36.06
CA LEU D 173 13.41 -16.57 -37.38
C LEU D 173 14.85 -16.37 -37.80
N ALA D 174 15.40 -15.17 -37.59
CA ALA D 174 16.74 -14.87 -38.05
C ALA D 174 17.76 -15.83 -37.43
N ALA D 175 17.68 -16.01 -36.12
CA ALA D 175 18.63 -16.84 -35.38
C ALA D 175 18.36 -18.35 -35.52
N ASP D 176 17.36 -18.75 -36.31
CA ASP D 176 17.01 -20.16 -36.53
C ASP D 176 16.53 -20.81 -35.23
N LEU D 177 15.45 -20.26 -34.67
CA LEU D 177 14.89 -20.77 -33.42
C LEU D 177 13.41 -21.12 -33.50
N ILE D 178 12.75 -20.87 -34.63
CA ILE D 178 11.40 -21.35 -34.91
C ILE D 178 11.40 -21.93 -36.32
N GLU D 179 10.24 -22.38 -36.78
CA GLU D 179 10.01 -22.81 -38.16
C GLU D 179 9.37 -21.67 -38.95
N PRO D 180 9.29 -21.78 -40.28
CA PRO D 180 8.70 -20.67 -41.04
C PRO D 180 7.19 -20.78 -41.28
N ALA D 181 6.49 -21.64 -40.55
CA ALA D 181 5.04 -21.75 -40.65
C ALA D 181 4.40 -21.00 -39.48
N VAL D 182 4.29 -19.68 -39.65
CA VAL D 182 3.92 -18.80 -38.55
C VAL D 182 2.45 -18.41 -38.66
N THR D 183 1.78 -18.33 -37.52
CA THR D 183 0.44 -17.79 -37.42
C THR D 183 0.50 -16.49 -36.62
N VAL D 184 -0.14 -15.44 -37.14
CA VAL D 184 -0.12 -14.10 -36.55
C VAL D 184 -1.53 -13.51 -36.62
N VAL D 185 -2.12 -13.28 -35.44
CA VAL D 185 -3.48 -12.76 -35.26
C VAL D 185 -3.38 -11.50 -34.41
N ALA D 186 -3.58 -10.34 -35.03
CA ALA D 186 -3.32 -9.04 -34.41
C ALA D 186 -4.53 -8.12 -34.50
N VAL D 187 -4.79 -7.42 -33.40
CA VAL D 187 -6.02 -6.62 -33.23
C VAL D 187 -5.68 -5.16 -33.45
N SER D 188 -6.67 -4.36 -33.85
CA SER D 188 -6.32 -3.05 -34.39
C SER D 188 -7.40 -2.01 -34.09
N GLY D 189 -7.01 -0.72 -34.15
CA GLY D 189 -7.95 0.39 -34.04
C GLY D 189 -8.39 0.92 -35.39
N THR D 190 -9.57 1.55 -35.42
CA THR D 190 -10.27 1.87 -36.67
C THR D 190 -9.71 3.06 -37.42
N SER D 191 -8.58 3.63 -36.96
CA SER D 191 -7.93 4.73 -37.68
C SER D 191 -7.07 4.18 -38.82
N GLY D 192 -6.29 3.13 -38.52
CA GLY D 192 -5.49 2.43 -39.50
C GLY D 192 -6.36 1.71 -40.51
N ALA D 193 -7.66 1.95 -40.37
CA ALA D 193 -8.64 1.70 -41.41
C ALA D 193 -8.74 2.87 -42.37
N GLY D 194 -8.01 3.94 -42.14
CA GLY D 194 -8.19 5.09 -42.96
C GLY D 194 -9.37 5.91 -42.50
N ARG D 195 -9.68 6.91 -43.30
CA ARG D 195 -10.69 7.90 -42.94
C ARG D 195 -11.85 7.95 -43.92
N ALA D 196 -11.81 7.17 -44.99
CA ALA D 196 -12.91 7.13 -45.96
C ALA D 196 -14.20 6.70 -45.25
N ALA D 197 -15.12 7.64 -45.10
CA ALA D 197 -16.34 7.34 -44.36
C ALA D 197 -17.12 6.25 -45.08
N THR D 198 -17.15 5.06 -44.50
CA THR D 198 -18.05 4.01 -44.95
C THR D 198 -18.88 3.55 -43.77
N THR D 199 -20.02 2.92 -44.06
CA THR D 199 -20.96 2.48 -43.02
C THR D 199 -20.26 1.64 -41.98
N ASP D 200 -19.46 0.68 -42.41
CA ASP D 200 -18.85 -0.30 -41.53
C ASP D 200 -17.92 0.33 -40.50
N LEU D 201 -17.63 1.63 -40.62
CA LEU D 201 -16.65 2.25 -39.76
C LEU D 201 -17.26 3.40 -38.95
N LEU D 202 -18.58 3.51 -38.93
CA LEU D 202 -19.33 4.44 -38.09
C LEU D 202 -18.92 4.21 -36.64
N GLY D 203 -19.29 5.10 -35.73
CA GLY D 203 -19.07 4.83 -34.32
C GLY D 203 -20.05 3.83 -33.69
N ALA D 204 -21.34 3.94 -34.01
CA ALA D 204 -22.32 2.98 -33.54
C ALA D 204 -21.98 1.55 -33.95
N GLU D 205 -21.33 1.38 -35.09
CA GLU D 205 -21.01 0.03 -35.51
C GLU D 205 -19.78 -0.50 -34.83
N VAL D 206 -18.71 0.28 -34.78
CA VAL D 206 -17.55 -0.34 -34.15
C VAL D 206 -17.66 -0.36 -32.63
N ILE D 207 -18.31 0.62 -32.01
CA ILE D 207 -18.35 0.58 -30.56
C ILE D 207 -19.04 -0.69 -30.10
N GLY D 208 -18.32 -1.47 -29.29
CA GLY D 208 -18.89 -2.68 -28.74
C GLY D 208 -18.98 -3.85 -29.70
N SER D 209 -17.95 -4.06 -30.52
CA SER D 209 -17.96 -5.19 -31.42
C SER D 209 -16.52 -5.54 -31.78
N ALA D 210 -16.33 -6.76 -32.27
CA ALA D 210 -15.03 -7.20 -32.76
C ALA D 210 -15.28 -8.11 -33.95
N ARG D 211 -14.83 -7.68 -35.11
CA ARG D 211 -15.02 -8.44 -36.31
C ARG D 211 -13.66 -8.62 -36.93
N ALA D 212 -13.39 -9.82 -37.45
CA ALA D 212 -12.27 -10.00 -38.35
C ALA D 212 -12.77 -9.72 -39.75
N TYR D 213 -11.83 -9.36 -40.63
CA TYR D 213 -12.08 -8.97 -42.01
C TYR D 213 -10.90 -9.50 -42.81
N ASN D 214 -11.08 -9.65 -44.11
CA ASN D 214 -9.97 -10.03 -45.00
C ASN D 214 -9.18 -11.24 -44.50
N ILE D 215 -9.85 -12.27 -43.99
CA ILE D 215 -9.09 -13.40 -43.45
C ILE D 215 -8.63 -14.39 -44.52
N ALA D 216 -7.85 -15.39 -44.09
CA ALA D 216 -7.45 -16.53 -44.90
C ALA D 216 -6.38 -16.16 -45.94
N GLY D 217 -5.47 -15.25 -45.56
CA GLY D 217 -4.40 -14.80 -46.43
C GLY D 217 -4.84 -13.99 -47.62
N VAL D 218 -6.02 -13.38 -47.57
CA VAL D 218 -6.48 -12.47 -48.60
C VAL D 218 -6.22 -11.02 -48.22
N HIS D 219 -5.38 -10.77 -47.23
CA HIS D 219 -5.06 -9.39 -46.87
C HIS D 219 -3.76 -8.93 -47.50
N ARG D 220 -3.80 -7.78 -48.18
CA ARG D 220 -2.64 -7.23 -48.86
C ARG D 220 -1.38 -7.16 -47.97
N HIS D 221 -1.52 -6.97 -46.66
CA HIS D 221 -0.30 -7.02 -45.83
C HIS D 221 0.25 -8.43 -45.65
N THR D 222 -0.41 -9.47 -46.16
CA THR D 222 0.06 -10.83 -45.93
C THR D 222 1.35 -11.18 -46.68
N PRO D 223 1.49 -10.94 -47.99
CA PRO D 223 2.75 -11.22 -48.68
C PRO D 223 3.87 -10.29 -48.30
N GLU D 224 3.61 -9.42 -47.33
CA GLU D 224 4.52 -8.42 -46.81
C GLU D 224 5.12 -8.85 -45.49
N ILE D 225 4.28 -9.33 -44.55
CA ILE D 225 4.81 -10.11 -43.42
C ILE D 225 5.56 -11.31 -43.95
N ALA D 226 5.13 -11.82 -45.10
CA ALA D 226 5.85 -12.90 -45.78
C ALA D 226 7.21 -12.39 -46.24
N GLN D 227 7.21 -11.53 -47.27
CA GLN D 227 8.42 -10.93 -47.83
C GLN D 227 9.47 -10.53 -46.80
N GLY D 228 9.09 -9.71 -45.80
CA GLY D 228 10.03 -9.38 -44.75
C GLY D 228 10.61 -10.61 -44.08
N LEU D 229 9.74 -11.55 -43.72
CA LEU D 229 10.19 -12.73 -42.98
C LEU D 229 11.27 -13.50 -43.73
N ARG D 230 11.23 -13.51 -45.07
CA ARG D 230 12.12 -14.37 -45.84
C ARG D 230 13.54 -13.84 -45.95
N ALA D 231 13.74 -12.55 -45.75
CA ALA D 231 15.07 -11.98 -45.78
C ALA D 231 15.89 -12.36 -44.55
N VAL D 232 15.32 -13.01 -43.55
CA VAL D 232 16.10 -13.38 -42.39
C VAL D 232 16.36 -14.87 -42.34
N THR D 233 16.19 -15.58 -43.46
CA THR D 233 16.39 -17.02 -43.44
C THR D 233 16.45 -17.57 -44.86
N ASP D 234 16.77 -18.86 -44.96
CA ASP D 234 16.95 -19.53 -46.24
C ASP D 234 15.63 -20.08 -46.80
N ARG D 235 14.81 -20.69 -45.95
CA ARG D 235 13.58 -21.37 -46.36
C ARG D 235 12.56 -20.37 -46.95
N ASP D 236 11.47 -20.91 -47.49
CA ASP D 236 10.31 -20.10 -47.81
C ASP D 236 9.55 -19.81 -46.53
N VAL D 237 8.46 -19.05 -46.63
CA VAL D 237 7.59 -18.83 -45.47
C VAL D 237 6.13 -18.91 -45.88
N SER D 238 5.29 -19.05 -44.87
CA SER D 238 3.84 -19.01 -45.00
C SER D 238 3.27 -18.32 -43.77
N VAL D 239 2.53 -17.24 -44.00
CA VAL D 239 1.88 -16.50 -42.94
C VAL D 239 0.38 -16.80 -42.98
N SER D 240 -0.09 -17.43 -41.91
CA SER D 240 -1.50 -17.37 -41.53
C SER D 240 -1.71 -16.00 -40.89
N PHE D 241 -2.21 -15.04 -41.68
CA PHE D 241 -2.37 -13.69 -41.17
C PHE D 241 -3.84 -13.31 -41.03
N THR D 242 -4.21 -12.93 -39.81
CA THR D 242 -5.62 -12.62 -39.57
C THR D 242 -5.75 -11.27 -38.88
N PRO D 243 -6.55 -10.35 -39.44
CA PRO D 243 -6.70 -9.05 -38.80
C PRO D 243 -8.04 -8.89 -38.10
N VAL D 244 -8.03 -8.24 -36.93
CA VAL D 244 -9.21 -8.07 -36.08
C VAL D 244 -9.38 -6.60 -35.77
N LEU D 245 -10.51 -6.04 -36.14
CA LEU D 245 -10.77 -4.62 -35.85
C LEU D 245 -11.59 -4.46 -34.57
N ILE D 246 -11.10 -3.63 -33.65
CA ILE D 246 -11.53 -3.62 -32.25
C ILE D 246 -11.89 -2.19 -31.89
N PRO D 247 -12.70 -2.00 -30.82
CA PRO D 247 -13.19 -0.64 -30.50
C PRO D 247 -12.18 0.30 -29.87
N ALA D 248 -11.10 0.60 -30.58
CA ALA D 248 -10.24 1.71 -30.20
C ALA D 248 -10.03 2.60 -31.42
N SER D 249 -9.44 3.78 -31.19
CA SER D 249 -9.06 4.62 -32.33
C SER D 249 -7.67 4.27 -32.82
N ARG D 250 -6.78 3.88 -31.91
CA ARG D 250 -5.40 3.52 -32.30
C ARG D 250 -4.94 2.30 -31.52
N GLY D 251 -4.15 1.44 -32.16
CA GLY D 251 -3.59 0.27 -31.46
C GLY D 251 -3.34 -0.94 -32.33
N ILE D 252 -2.21 -1.63 -32.11
CA ILE D 252 -1.92 -2.90 -32.81
C ILE D 252 -1.25 -3.86 -31.83
N LEU D 253 -2.05 -4.78 -31.26
CA LEU D 253 -1.53 -5.84 -30.36
C LEU D 253 -1.32 -7.08 -31.24
N ALA D 254 -0.08 -7.48 -31.46
CA ALA D 254 0.16 -8.59 -32.41
C ALA D 254 0.52 -9.87 -31.66
N THR D 255 -0.28 -10.92 -31.86
CA THR D 255 -0.02 -12.23 -31.24
C THR D 255 0.48 -13.19 -32.32
N CYS D 256 1.76 -13.55 -32.26
CA CYS D 256 2.36 -14.44 -33.27
C CYS D 256 2.84 -15.75 -32.63
N THR D 257 2.45 -16.88 -33.22
CA THR D 257 2.91 -18.20 -32.78
C THR D 257 3.55 -18.94 -33.96
N ALA D 258 4.39 -19.92 -33.60
CA ALA D 258 5.04 -20.80 -34.55
C ALA D 258 5.68 -21.96 -33.79
N ARG D 259 5.52 -23.20 -34.26
CA ARG D 259 6.05 -24.34 -33.55
C ARG D 259 7.58 -24.30 -33.54
N THR D 260 8.15 -24.60 -32.38
CA THR D 260 9.59 -24.67 -32.18
C THR D 260 9.90 -25.78 -31.19
N ARG D 261 11.13 -26.30 -31.25
CA ARG D 261 11.59 -27.26 -30.25
C ARG D 261 12.72 -26.70 -29.38
N SER D 262 12.91 -25.37 -29.38
CA SER D 262 13.94 -24.72 -28.58
C SER D 262 13.37 -24.31 -27.21
N PRO D 263 14.22 -24.16 -26.19
CA PRO D 263 13.76 -23.71 -24.89
C PRO D 263 13.82 -22.20 -24.75
N LEU D 264 12.90 -21.69 -23.89
CA LEU D 264 12.66 -20.24 -23.81
C LEU D 264 13.92 -19.47 -23.49
N SER D 265 14.80 -20.07 -22.68
CA SER D 265 16.05 -19.40 -22.30
C SER D 265 16.87 -19.01 -23.51
N GLN D 266 17.04 -19.93 -24.45
CA GLN D 266 17.71 -19.62 -25.70
C GLN D 266 17.05 -18.45 -26.42
N LEU D 267 15.73 -18.36 -26.29
CA LEU D 267 14.99 -17.42 -27.11
C LEU D 267 15.00 -16.02 -26.50
N ARG D 268 14.98 -15.91 -25.17
CA ARG D 268 15.17 -14.60 -24.56
C ARG D 268 16.47 -13.98 -25.04
N ALA D 269 17.53 -14.79 -25.13
CA ALA D 269 18.80 -14.33 -25.69
C ALA D 269 18.61 -13.65 -27.04
N ALA D 270 17.84 -14.27 -27.93
CA ALA D 270 17.74 -13.76 -29.28
C ALA D 270 17.17 -12.35 -29.32
N TYR D 271 16.06 -12.11 -28.62
CA TYR D 271 15.49 -10.77 -28.64
C TYR D 271 16.37 -9.78 -27.89
N GLU D 272 16.88 -10.17 -26.73
CA GLU D 272 17.93 -9.39 -26.07
C GLU D 272 19.10 -9.11 -27.05
N LYS D 273 19.45 -10.08 -27.92
CA LYS D 273 20.58 -9.91 -28.83
C LYS D 273 20.26 -8.99 -30.00
N ALA D 274 19.05 -9.09 -30.55
CA ALA D 274 18.64 -8.25 -31.67
C ALA D 274 18.21 -6.84 -31.25
N TYR D 275 18.07 -6.59 -29.92
CA TYR D 275 17.30 -5.45 -29.44
C TYR D 275 17.93 -4.78 -28.21
N HIS D 276 19.25 -4.86 -28.03
CA HIS D 276 19.87 -4.17 -26.89
C HIS D 276 20.36 -2.78 -27.24
N ALA D 277 20.46 -2.44 -28.53
CA ALA D 277 20.85 -1.11 -28.97
C ALA D 277 19.76 -0.46 -29.82
N GLU D 278 18.56 -1.01 -29.82
CA GLU D 278 17.44 -0.37 -30.48
C GLU D 278 16.68 0.44 -29.46
N PRO D 279 16.63 1.77 -29.61
CA PRO D 279 15.97 2.59 -28.59
C PRO D 279 14.46 2.61 -28.68
N PHE D 280 13.87 2.23 -29.82
CA PHE D 280 12.42 2.23 -29.97
C PHE D 280 11.82 0.92 -29.53
N ILE D 281 12.64 -0.11 -29.35
CA ILE D 281 12.19 -1.43 -28.98
C ILE D 281 12.58 -1.67 -27.54
N TYR D 282 11.63 -2.16 -26.76
CA TYR D 282 11.79 -2.33 -25.33
C TYR D 282 11.21 -3.70 -25.00
N LEU D 283 12.02 -4.52 -24.35
CA LEU D 283 11.60 -5.87 -24.01
C LEU D 283 11.05 -5.85 -22.60
N MET D 284 9.83 -6.37 -22.45
CA MET D 284 9.23 -6.67 -21.17
C MET D 284 10.20 -7.46 -20.28
N PRO D 285 10.46 -7.00 -19.07
CA PRO D 285 11.06 -7.89 -18.07
C PRO D 285 10.25 -9.17 -18.00
N GLU D 286 10.91 -10.27 -17.65
CA GLU D 286 10.21 -11.55 -17.63
C GLU D 286 8.96 -11.46 -16.76
N GLY D 287 7.89 -12.10 -17.21
CA GLY D 287 6.62 -12.07 -16.50
C GLY D 287 5.81 -10.80 -16.66
N GLN D 288 6.16 -9.93 -17.60
CA GLN D 288 5.35 -8.78 -17.99
C GLN D 288 4.95 -8.95 -19.46
N LEU D 289 4.07 -8.09 -19.94
CA LEU D 289 3.54 -8.17 -21.29
C LEU D 289 3.28 -6.77 -21.83
N PRO D 290 3.34 -6.60 -23.15
CA PRO D 290 2.98 -5.29 -23.72
C PRO D 290 1.49 -5.05 -23.57
N ARG D 291 1.11 -3.76 -23.59
CA ARG D 291 -0.26 -3.32 -23.86
C ARG D 291 -0.22 -2.30 -24.98
N THR D 292 -1.34 -2.18 -25.73
CA THR D 292 -1.36 -1.18 -26.80
C THR D 292 -1.53 0.22 -26.24
N GLY D 293 -2.10 0.33 -25.03
CA GLY D 293 -2.21 1.59 -24.35
C GLY D 293 -0.91 2.13 -23.80
N ALA D 294 0.11 1.29 -23.62
CA ALA D 294 1.38 1.85 -23.16
C ALA D 294 2.22 2.43 -24.28
N VAL D 295 1.81 2.27 -25.54
CA VAL D 295 2.61 2.77 -26.66
C VAL D 295 1.87 3.82 -27.48
N ILE D 296 0.68 4.23 -27.05
CA ILE D 296 -0.07 5.23 -27.80
C ILE D 296 0.64 6.60 -27.76
N GLY D 297 0.70 7.26 -28.92
CA GLY D 297 1.48 8.47 -29.06
C GLY D 297 2.93 8.18 -29.43
N SER D 298 3.51 7.18 -28.76
CA SER D 298 4.94 6.96 -28.77
C SER D 298 5.32 6.20 -30.02
N ASN D 299 6.60 6.12 -30.27
CA ASN D 299 7.07 5.33 -31.39
C ASN D 299 7.61 3.97 -30.95
N ALA D 300 7.33 3.56 -29.71
CA ALA D 300 7.99 2.41 -29.12
C ALA D 300 7.19 1.14 -29.35
N ALA D 301 7.86 0.04 -29.65
CA ALA D 301 7.22 -1.27 -29.67
C ALA D 301 7.54 -1.99 -28.36
N HIS D 302 6.53 -2.52 -27.71
CA HIS D 302 6.74 -3.32 -26.52
C HIS D 302 6.57 -4.78 -26.90
N ILE D 303 7.56 -5.59 -26.53
CA ILE D 303 7.68 -6.95 -27.01
C ILE D 303 7.94 -7.84 -25.82
N ALA D 304 7.34 -9.03 -25.84
CA ALA D 304 7.68 -10.06 -24.88
C ALA D 304 7.62 -11.37 -25.66
N VAL D 305 8.19 -12.44 -25.09
CA VAL D 305 8.19 -13.75 -25.72
C VAL D 305 8.11 -14.86 -24.68
N ALA D 306 7.47 -15.97 -25.08
CA ALA D 306 7.20 -17.14 -24.26
C ALA D 306 7.14 -18.38 -25.15
N VAL D 307 7.21 -19.55 -24.50
CA VAL D 307 7.07 -20.84 -25.19
C VAL D 307 6.03 -21.69 -24.46
N ASP D 308 5.02 -22.11 -25.20
CA ASP D 308 4.13 -23.19 -24.77
C ASP D 308 4.76 -24.52 -25.19
N GLU D 309 5.04 -25.38 -24.22
CA GLU D 309 5.76 -26.61 -24.49
C GLU D 309 4.84 -27.82 -24.62
N ASP D 310 3.63 -27.79 -24.07
CA ASP D 310 2.66 -28.85 -24.32
C ASP D 310 1.97 -28.70 -25.67
N ALA D 311 2.47 -27.80 -26.52
CA ALA D 311 2.14 -27.74 -27.94
C ALA D 311 3.37 -27.40 -28.78
N GLN D 312 4.57 -27.37 -28.17
CA GLN D 312 5.80 -27.04 -28.88
C GLN D 312 5.68 -25.73 -29.66
N THR D 313 4.79 -24.84 -29.22
CA THR D 313 4.58 -23.56 -29.88
C THR D 313 5.38 -22.47 -29.17
N PHE D 314 5.89 -21.53 -29.96
CA PHE D 314 6.53 -20.32 -29.47
C PHE D 314 5.57 -19.16 -29.66
N VAL D 315 5.58 -18.20 -28.71
CA VAL D 315 4.68 -17.05 -28.73
C VAL D 315 5.49 -15.76 -28.56
N ALA D 316 5.29 -14.82 -29.49
CA ALA D 316 5.71 -13.43 -29.34
C ALA D 316 4.49 -12.51 -29.40
N ILE D 317 4.64 -11.32 -28.80
CA ILE D 317 3.60 -10.29 -28.74
C ILE D 317 4.25 -8.92 -28.93
N ALA D 318 3.57 -8.05 -29.68
CA ALA D 318 4.11 -6.74 -30.01
C ALA D 318 2.99 -5.72 -30.01
N ALA D 319 3.05 -4.75 -29.11
CA ALA D 319 2.13 -3.63 -29.15
C ALA D 319 2.84 -2.35 -29.61
N ILE D 320 2.36 -1.75 -30.71
CA ILE D 320 2.80 -0.46 -31.19
C ILE D 320 1.57 0.42 -31.40
N ASP D 321 1.83 1.69 -31.73
CA ASP D 321 0.79 2.60 -32.23
C ASP D 321 0.66 2.39 -33.72
N ASN D 322 -0.51 1.95 -34.18
CA ASN D 322 -0.73 1.77 -35.62
C ASN D 322 -0.54 3.05 -36.44
N LEU D 323 -0.35 4.21 -35.80
CA LEU D 323 -0.23 5.50 -36.46
C LEU D 323 1.13 6.16 -36.21
N VAL D 324 1.90 5.71 -35.25
CA VAL D 324 3.23 6.24 -35.03
C VAL D 324 4.20 5.23 -35.63
N LYS D 325 4.62 4.23 -34.83
CA LYS D 325 5.56 3.19 -35.28
C LYS D 325 4.98 2.31 -36.36
N GLY D 326 3.74 2.52 -36.77
CA GLY D 326 3.15 1.74 -37.84
C GLY D 326 2.99 2.55 -39.10
N THR D 327 3.10 3.87 -38.98
CA THR D 327 2.88 4.69 -40.16
C THR D 327 3.65 6.01 -40.08
N ALA D 328 3.23 6.94 -39.23
CA ALA D 328 3.80 8.26 -39.31
C ALA D 328 5.15 8.31 -38.61
N GLY D 329 5.29 7.56 -37.51
CA GLY D 329 6.57 7.52 -36.82
C GLY D 329 7.62 6.80 -37.64
N ALA D 330 7.24 5.69 -38.27
CA ALA D 330 8.14 5.02 -39.18
C ALA D 330 8.59 5.96 -40.29
N ALA D 331 7.65 6.74 -40.85
CA ALA D 331 8.00 7.60 -41.97
C ALA D 331 8.85 8.79 -41.52
N VAL D 332 8.66 9.27 -40.29
CA VAL D 332 9.49 10.35 -39.77
C VAL D 332 10.86 9.84 -39.33
N GLN D 333 10.89 8.64 -38.76
CA GLN D 333 12.14 8.02 -38.35
C GLN D 333 13.03 7.78 -39.56
N SER D 334 12.43 7.24 -40.62
CA SER D 334 13.18 7.03 -41.85
C SER D 334 13.55 8.34 -42.52
N MET D 335 12.82 9.43 -42.25
CA MET D 335 13.24 10.75 -42.73
C MET D 335 14.45 11.25 -41.96
N ASN D 336 14.50 10.96 -40.66
CA ASN D 336 15.69 11.32 -39.89
C ASN D 336 16.93 10.62 -40.40
N LEU D 337 16.85 9.32 -40.68
CA LEU D 337 17.96 8.62 -41.34
C LEU D 337 18.21 9.16 -42.74
N ALA D 338 17.16 9.58 -43.43
CA ALA D 338 17.28 10.03 -44.81
C ALA D 338 18.11 11.31 -44.93
N LEU D 339 17.94 12.25 -43.99
CA LEU D 339 18.69 13.49 -43.95
C LEU D 339 19.89 13.41 -43.02
N GLY D 340 20.13 12.22 -42.45
CA GLY D 340 21.21 12.01 -41.51
C GLY D 340 20.99 12.76 -40.23
N TRP D 341 19.78 13.32 -40.03
CA TRP D 341 19.49 13.96 -38.77
C TRP D 341 19.48 12.90 -37.68
N PRO D 342 19.60 13.29 -36.42
CA PRO D 342 19.55 12.28 -35.35
C PRO D 342 18.28 11.44 -35.44
N GLU D 343 18.47 10.11 -35.42
CA GLU D 343 17.36 9.22 -35.77
C GLU D 343 16.19 9.35 -34.80
N THR D 344 16.42 9.81 -33.58
CA THR D 344 15.36 9.77 -32.60
C THR D 344 14.84 11.19 -32.32
N ASP D 345 14.74 12.00 -33.37
CA ASP D 345 14.26 13.36 -33.24
C ASP D 345 12.82 13.42 -33.72
N GLY D 346 11.95 14.05 -32.91
CA GLY D 346 10.51 14.04 -33.13
C GLY D 346 9.79 12.85 -32.54
N LEU D 347 10.50 11.96 -31.84
CA LEU D 347 10.01 10.64 -31.50
C LEU D 347 10.20 10.35 -30.01
N SER D 348 9.12 10.31 -29.26
CA SER D 348 9.19 9.79 -27.92
C SER D 348 9.12 8.27 -27.94
N VAL D 349 9.44 7.70 -26.78
CA VAL D 349 9.30 6.26 -26.46
C VAL D 349 8.21 6.12 -25.41
N VAL D 350 7.86 7.24 -24.76
CA VAL D 350 6.85 7.42 -23.69
C VAL D 350 5.47 7.62 -24.35
N GLY D 351 4.45 6.93 -23.87
CA GLY D 351 3.12 7.05 -24.50
C GLY D 351 2.17 7.92 -23.70
N VAL D 352 0.99 8.17 -24.28
CA VAL D 352 -0.08 9.01 -23.67
C VAL D 352 -1.10 8.09 -23.01
N ALA D 353 -0.71 7.43 -21.92
CA ALA D 353 -1.59 6.52 -21.18
C ALA D 353 -2.12 7.25 -19.94
N PRO D 354 -3.33 6.93 -19.43
CA PRO D 354 -4.31 6.12 -20.15
C PRO D 354 -5.24 6.86 -21.13
N ALA E 11 -26.55 -4.92 15.27
CA ALA E 11 -27.08 -3.55 15.13
C ALA E 11 -26.29 -2.60 16.04
N THR E 12 -24.99 -2.84 16.12
CA THR E 12 -24.04 -1.98 16.88
C THR E 12 -22.74 -1.94 16.09
N LYS E 13 -22.69 -1.07 15.08
CA LYS E 13 -21.47 -0.91 14.24
C LYS E 13 -20.53 0.10 14.88
N VAL E 14 -19.39 0.37 14.27
CA VAL E 14 -18.46 1.35 14.91
C VAL E 14 -17.55 1.93 13.84
N ALA E 15 -17.28 3.23 13.93
CA ALA E 15 -16.33 3.89 13.02
C ALA E 15 -15.02 4.15 13.78
N VAL E 16 -13.89 3.90 13.14
CA VAL E 16 -12.57 4.11 13.79
C VAL E 16 -11.82 5.12 12.93
N ALA E 17 -11.63 6.34 13.43
CA ALA E 17 -10.95 7.37 12.65
C ALA E 17 -9.57 7.57 13.26
N GLY E 18 -8.55 7.11 12.55
CA GLY E 18 -7.24 6.93 13.11
C GLY E 18 -6.94 5.51 13.50
N ALA E 19 -7.54 4.54 12.81
CA ALA E 19 -7.21 3.16 13.07
C ALA E 19 -5.75 2.88 12.78
N SER E 20 -5.14 3.69 11.92
CA SER E 20 -3.73 3.52 11.57
C SER E 20 -2.83 3.62 12.80
N GLY E 21 -3.15 4.55 13.72
CA GLY E 21 -2.27 4.83 14.86
C GLY E 21 -2.37 3.80 15.96
N TYR E 22 -1.47 3.93 16.95
CA TYR E 22 -1.51 3.03 18.11
C TYR E 22 -2.83 3.14 18.86
N ALA E 23 -3.48 4.31 18.84
CA ALA E 23 -4.76 4.54 19.52
C ALA E 23 -5.85 3.65 18.94
N GLY E 24 -6.42 4.07 17.80
CA GLY E 24 -7.38 3.25 17.09
C GLY E 24 -7.02 1.78 17.04
N GLY E 25 -5.71 1.49 17.00
CA GLY E 25 -5.18 0.13 16.99
C GLY E 25 -5.59 -0.68 18.21
N GLU E 26 -5.05 -0.35 19.37
CA GLU E 26 -5.48 -1.02 20.59
C GLU E 26 -6.99 -0.89 20.77
N ILE E 27 -7.58 0.23 20.33
CA ILE E 27 -9.03 0.33 20.25
C ILE E 27 -9.61 -0.88 19.55
N LEU E 28 -9.05 -1.21 18.38
CA LEU E 28 -9.50 -2.39 17.65
C LEU E 28 -9.20 -3.68 18.40
N ARG E 29 -8.08 -3.74 19.12
CA ARG E 29 -7.72 -4.99 19.77
C ARG E 29 -8.69 -5.33 20.87
N LEU E 30 -9.23 -4.31 21.53
CA LEU E 30 -10.19 -4.53 22.61
C LEU E 30 -11.56 -4.91 22.07
N LEU E 31 -12.05 -4.14 21.09
CA LEU E 31 -13.22 -4.55 20.32
C LEU E 31 -13.08 -5.98 19.84
N LEU E 32 -11.92 -6.34 19.29
CA LEU E 32 -11.70 -7.70 18.79
C LEU E 32 -11.93 -8.76 19.88
N GLY E 33 -11.70 -8.41 21.14
CA GLY E 33 -11.80 -9.38 22.20
C GLY E 33 -13.02 -9.13 23.06
N HIS E 34 -13.79 -8.12 22.67
CA HIS E 34 -15.06 -7.79 23.31
C HIS E 34 -15.97 -9.03 23.28
N PRO E 35 -16.76 -9.28 24.35
CA PRO E 35 -17.72 -10.40 24.28
C PRO E 35 -18.82 -10.18 23.27
N ALA E 36 -19.25 -8.92 23.07
CA ALA E 36 -20.30 -8.62 22.10
C ALA E 36 -19.83 -8.67 20.67
N TYR E 37 -18.54 -8.89 20.45
CA TYR E 37 -18.05 -9.16 19.11
C TYR E 37 -18.10 -10.65 18.78
N ALA E 38 -17.96 -11.49 19.82
CA ALA E 38 -18.10 -12.92 19.65
C ALA E 38 -19.48 -13.27 19.11
N ASP E 39 -20.54 -12.83 19.80
CA ASP E 39 -21.91 -13.18 19.46
C ASP E 39 -22.59 -12.15 18.55
N GLY E 40 -21.83 -11.22 18.00
CA GLY E 40 -22.32 -10.36 16.93
C GLY E 40 -22.96 -9.06 17.37
N ARG E 41 -23.08 -8.79 18.67
CA ARG E 41 -23.63 -7.50 19.08
C ARG E 41 -22.74 -6.32 18.67
N LEU E 42 -21.58 -6.58 18.06
CA LEU E 42 -20.64 -5.56 17.62
C LEU E 42 -20.09 -5.94 16.26
N ARG E 43 -20.14 -5.01 15.31
CA ARG E 43 -19.54 -5.17 13.99
C ARG E 43 -18.52 -4.06 13.77
N ILE E 44 -17.30 -4.44 13.40
CA ILE E 44 -16.24 -3.47 13.18
C ILE E 44 -16.34 -2.99 11.73
N GLY E 45 -16.86 -1.77 11.56
CA GLY E 45 -16.99 -1.19 10.25
C GLY E 45 -15.83 -0.33 9.80
N ALA E 46 -16.07 0.99 9.70
CA ALA E 46 -15.16 1.90 9.01
C ALA E 46 -13.85 2.08 9.75
N LEU E 47 -12.76 1.49 9.22
CA LEU E 47 -11.40 1.83 9.65
C LEU E 47 -10.89 2.99 8.79
N THR E 48 -10.85 4.20 9.37
CA THR E 48 -10.60 5.44 8.65
C THR E 48 -9.28 6.07 9.05
N ALA E 49 -8.75 6.94 8.19
CA ALA E 49 -7.44 7.54 8.45
C ALA E 49 -7.30 8.83 7.63
N ALA E 50 -6.41 9.71 8.11
CA ALA E 50 -6.08 10.95 7.40
C ALA E 50 -5.32 10.60 6.12
N THR E 51 -4.03 10.32 6.25
CA THR E 51 -3.24 9.81 5.10
C THR E 51 -3.18 8.28 5.20
N SER E 52 -2.25 7.63 4.49
CA SER E 52 -2.11 6.15 4.54
C SER E 52 -3.46 5.47 4.28
N ALA E 53 -4.21 5.92 3.28
CA ALA E 53 -5.53 5.33 2.96
C ALA E 53 -5.34 4.47 1.71
N GLY E 54 -5.99 3.32 1.66
CA GLY E 54 -5.83 2.41 0.51
C GLY E 54 -4.79 1.35 0.81
N SER E 55 -4.07 1.52 1.92
CA SER E 55 -3.01 0.58 2.35
C SER E 55 -3.56 -0.27 3.49
N THR E 56 -3.73 -1.56 3.27
CA THR E 56 -4.29 -2.57 4.21
C THR E 56 -3.88 -2.42 5.68
N LEU E 57 -4.77 -2.82 6.59
CA LEU E 57 -4.47 -2.80 8.06
C LEU E 57 -3.26 -3.68 8.34
N GLY E 58 -3.16 -4.84 7.67
CA GLY E 58 -1.99 -5.72 7.75
C GLY E 58 -0.69 -4.92 7.67
N GLU E 59 -0.51 -4.03 6.69
CA GLU E 59 0.72 -3.19 6.63
C GLU E 59 0.53 -1.91 7.45
N HIS E 60 0.27 -2.07 8.75
CA HIS E 60 0.03 -1.05 9.79
C HIS E 60 -0.01 -1.77 11.13
N HIS E 61 -1.07 -2.53 11.40
CA HIS E 61 -1.08 -3.17 12.70
C HIS E 61 -1.02 -4.69 12.54
N PRO E 62 0.17 -5.25 12.29
CA PRO E 62 0.25 -6.68 11.98
C PRO E 62 -0.27 -7.54 13.11
N HIS E 63 -0.54 -6.97 14.28
CA HIS E 63 -1.03 -7.77 15.38
C HIS E 63 -2.53 -7.98 15.34
N LEU E 64 -3.20 -7.34 14.39
CA LEU E 64 -4.66 -7.53 14.20
C LEU E 64 -4.89 -8.23 12.86
N THR E 65 -4.34 -9.44 12.68
CA THR E 65 -4.49 -10.19 11.40
C THR E 65 -5.97 -10.38 11.13
N PRO E 66 -6.79 -10.75 12.13
CA PRO E 66 -8.25 -10.85 11.99
C PRO E 66 -8.93 -9.74 11.17
N LEU E 67 -8.55 -8.48 11.34
CA LEU E 67 -9.06 -7.37 10.50
C LEU E 67 -7.88 -6.74 9.74
N ALA E 68 -7.04 -7.53 9.10
CA ALA E 68 -5.87 -6.97 8.38
C ALA E 68 -6.22 -6.76 6.92
N HIS E 69 -7.09 -7.59 6.37
CA HIS E 69 -7.51 -7.49 4.95
C HIS E 69 -8.19 -6.13 4.69
N ARG E 70 -8.95 -5.59 5.65
CA ARG E 70 -9.68 -4.30 5.54
C ARG E 70 -8.75 -3.25 4.92
N VAL E 71 -9.22 -2.61 3.86
CA VAL E 71 -8.43 -1.59 3.11
C VAL E 71 -8.21 -0.34 3.96
N VAL E 72 -9.27 0.07 4.65
CA VAL E 72 -9.36 1.29 5.51
C VAL E 72 -9.42 2.54 4.61
N GLU E 73 -10.59 3.15 4.54
CA GLU E 73 -10.83 4.30 3.63
C GLU E 73 -10.43 5.64 4.25
N PRO E 74 -10.90 6.75 3.68
CA PRO E 74 -10.53 8.09 4.14
C PRO E 74 -11.23 8.53 5.42
N THR E 75 -10.85 9.70 5.92
CA THR E 75 -11.47 10.19 7.17
C THR E 75 -12.22 11.50 6.91
N GLU E 76 -13.34 11.38 6.17
CA GLU E 76 -14.29 12.45 5.92
C GLU E 76 -15.54 12.19 6.74
N ALA E 77 -16.32 13.26 6.96
CA ALA E 77 -17.61 13.11 7.63
C ALA E 77 -18.51 12.14 6.87
N ALA E 78 -18.31 12.01 5.56
CA ALA E 78 -19.06 11.06 4.75
C ALA E 78 -19.08 9.65 5.36
N VAL E 79 -17.97 8.92 5.28
CA VAL E 79 -18.04 7.51 5.64
C VAL E 79 -18.32 7.33 7.12
N LEU E 80 -17.81 8.23 7.97
CA LEU E 80 -18.05 8.09 9.40
C LEU E 80 -19.50 8.29 9.77
N GLY E 81 -20.27 8.99 8.93
CA GLY E 81 -21.70 9.03 9.12
C GLY E 81 -22.33 7.67 8.95
N GLY E 82 -23.51 7.52 9.53
CA GLY E 82 -24.21 6.25 9.40
C GLY E 82 -23.49 5.13 10.12
N HIS E 83 -23.01 5.41 11.34
CA HIS E 83 -22.42 4.42 12.21
C HIS E 83 -23.03 4.59 13.59
N ASP E 84 -23.10 3.48 14.34
CA ASP E 84 -23.60 3.50 15.71
C ASP E 84 -22.61 4.16 16.67
N ALA E 85 -21.47 3.49 16.90
CA ALA E 85 -20.36 4.01 17.68
C ALA E 85 -19.31 4.57 16.72
N VAL E 86 -18.72 5.71 17.07
CA VAL E 86 -17.66 6.31 16.27
C VAL E 86 -16.50 6.70 17.17
N PHE E 87 -15.38 5.98 17.07
CA PHE E 87 -14.16 6.33 17.77
C PHE E 87 -13.33 7.28 16.93
N LEU E 88 -12.72 8.26 17.58
CA LEU E 88 -11.86 9.26 16.94
C LEU E 88 -10.49 9.27 17.61
N ALA E 89 -9.45 8.87 16.87
CA ALA E 89 -8.13 8.53 17.42
C ALA E 89 -7.05 9.52 16.97
N LEU E 90 -7.00 10.68 17.64
CA LEU E 90 -5.90 11.65 17.54
C LEU E 90 -5.41 11.97 18.96
N PRO E 91 -4.50 11.17 19.53
CA PRO E 91 -4.16 11.39 20.96
C PRO E 91 -3.52 12.75 21.19
N HIS E 92 -3.00 13.41 20.15
CA HIS E 92 -2.53 14.79 20.17
C HIS E 92 -3.27 15.70 19.18
N GLY E 93 -3.77 15.15 18.07
CA GLY E 93 -4.34 15.93 16.99
C GLY E 93 -5.61 16.66 17.37
N HIS E 94 -6.20 17.29 16.37
CA HIS E 94 -7.21 18.33 16.59
C HIS E 94 -8.31 18.17 15.56
N SER E 95 -9.45 17.60 15.99
CA SER E 95 -10.54 17.25 15.08
C SER E 95 -11.85 17.45 15.84
N ALA E 96 -12.27 18.71 15.91
CA ALA E 96 -13.54 19.08 16.51
C ALA E 96 -14.59 19.41 15.46
N VAL E 97 -14.22 19.38 14.18
CA VAL E 97 -15.20 19.67 13.13
C VAL E 97 -16.17 18.51 12.98
N LEU E 98 -15.68 17.28 13.15
CA LEU E 98 -16.55 16.11 13.02
C LEU E 98 -17.64 16.08 14.08
N ALA E 99 -17.52 16.90 15.12
CA ALA E 99 -18.54 16.95 16.15
C ALA E 99 -19.85 17.52 15.61
N GLN E 100 -19.79 18.75 15.10
CA GLN E 100 -20.95 19.48 14.62
C GLN E 100 -21.47 18.94 13.29
N GLN E 101 -20.82 17.92 12.71
CA GLN E 101 -21.17 17.41 11.38
C GLN E 101 -21.33 15.90 11.42
N LEU E 102 -22.15 15.42 12.34
CA LEU E 102 -22.46 14.00 12.43
C LEU E 102 -23.80 13.84 13.13
N SER E 103 -24.43 12.70 12.90
CA SER E 103 -25.70 12.42 13.54
C SER E 103 -25.54 12.37 15.06
N PRO E 104 -26.09 13.34 15.80
CA PRO E 104 -25.83 13.42 17.24
C PRO E 104 -26.58 12.39 18.10
N GLU E 105 -27.34 11.48 17.49
CA GLU E 105 -27.90 10.34 18.22
C GLU E 105 -26.96 9.15 18.26
N THR E 106 -25.88 9.16 17.47
CA THR E 106 -24.86 8.12 17.49
C THR E 106 -23.71 8.53 18.40
N LEU E 107 -23.25 7.60 19.23
CA LEU E 107 -22.20 7.86 20.20
C LEU E 107 -20.85 7.95 19.50
N ILE E 108 -20.14 9.05 19.71
CA ILE E 108 -18.81 9.25 19.15
C ILE E 108 -17.80 9.41 20.30
N ILE E 109 -16.84 8.48 20.39
CA ILE E 109 -15.84 8.46 21.45
C ILE E 109 -14.55 9.09 20.92
N ASP E 110 -14.04 10.11 21.63
CA ASP E 110 -12.92 10.93 21.15
C ASP E 110 -11.78 10.89 22.15
N CYS E 111 -10.68 10.23 21.79
CA CYS E 111 -9.50 10.20 22.66
C CYS E 111 -8.64 11.45 22.56
N GLY E 112 -8.88 12.33 21.57
CA GLY E 112 -8.12 13.55 21.42
C GLY E 112 -8.45 14.60 22.45
N ALA E 113 -7.72 15.71 22.37
CA ALA E 113 -7.78 16.75 23.40
C ALA E 113 -9.00 17.68 23.29
N ASP E 114 -9.87 17.46 22.32
CA ASP E 114 -10.68 18.57 21.83
C ASP E 114 -11.81 18.92 22.79
N PHE E 115 -12.58 17.93 23.21
CA PHE E 115 -13.60 18.12 24.26
C PHE E 115 -13.07 17.85 25.66
N ARG E 116 -11.77 18.02 25.91
CA ARG E 116 -11.25 17.67 27.22
C ARG E 116 -11.40 18.81 28.23
N LEU E 117 -10.92 20.00 27.87
CA LEU E 117 -10.82 21.09 28.81
C LEU E 117 -12.19 21.68 29.12
N THR E 118 -12.41 21.98 30.39
CA THR E 118 -13.58 22.75 30.80
C THR E 118 -13.18 24.19 31.14
N ASP E 119 -12.44 24.84 30.22
CA ASP E 119 -11.98 26.22 30.39
C ASP E 119 -11.28 26.76 29.15
N ALA E 120 -12.01 27.36 28.21
CA ALA E 120 -11.36 28.04 27.09
C ALA E 120 -10.44 29.18 27.53
N ALA E 121 -10.49 29.57 28.80
CA ALA E 121 -9.54 30.52 29.34
C ALA E 121 -8.17 29.89 29.59
N VAL E 122 -8.03 28.58 29.41
CA VAL E 122 -6.73 27.93 29.45
C VAL E 122 -6.42 27.10 28.21
N TRP E 123 -7.40 26.77 27.37
CA TRP E 123 -7.10 26.15 26.08
C TRP E 123 -6.22 27.06 25.25
N GLU E 124 -6.62 28.32 25.10
CA GLU E 124 -5.90 29.24 24.25
C GLU E 124 -4.51 29.57 24.77
N ARG E 125 -4.19 29.24 26.02
CA ARG E 125 -2.85 29.44 26.51
C ARG E 125 -1.89 28.58 25.68
N PHE E 126 -1.94 27.27 25.88
CA PHE E 126 -0.92 26.38 25.34
C PHE E 126 -1.31 25.71 24.02
N TYR E 127 -2.61 25.65 23.68
CA TYR E 127 -3.00 25.11 22.38
C TYR E 127 -3.02 26.16 21.28
N GLY E 128 -3.44 27.39 21.60
CA GLY E 128 -3.39 28.47 20.64
C GLY E 128 -4.39 28.31 19.50
N SER E 129 -5.65 28.11 19.85
CA SER E 129 -6.75 27.98 18.89
C SER E 129 -8.06 28.11 19.65
N SER E 130 -9.16 28.18 18.90
CA SER E 130 -10.46 28.29 19.53
C SER E 130 -10.88 26.95 20.13
N HIS E 131 -11.89 27.02 20.99
CA HIS E 131 -12.21 25.94 21.90
C HIS E 131 -13.55 25.32 21.55
N ALA E 132 -13.54 24.04 21.14
CA ALA E 132 -14.77 23.36 20.73
C ALA E 132 -15.83 23.42 21.82
N GLY E 133 -15.43 23.16 23.06
CA GLY E 133 -16.36 23.01 24.16
C GLY E 133 -15.91 21.91 25.10
N SER E 134 -16.73 20.86 25.31
CA SER E 134 -16.39 19.74 26.20
C SER E 134 -17.52 18.74 26.35
N TRP E 135 -17.26 17.47 26.04
CA TRP E 135 -18.10 16.36 26.45
C TRP E 135 -17.65 15.90 27.83
N PRO E 136 -18.24 14.81 28.41
CA PRO E 136 -17.74 14.26 29.70
C PRO E 136 -16.26 13.93 29.81
N TYR E 137 -15.96 12.70 30.26
CA TYR E 137 -14.60 12.30 30.61
C TYR E 137 -14.56 10.78 30.84
N GLY E 138 -13.46 10.16 30.45
CA GLY E 138 -13.39 8.71 30.46
C GLY E 138 -12.87 8.08 31.73
N LEU E 139 -12.89 8.80 32.84
CA LEU E 139 -12.49 8.20 34.11
C LEU E 139 -13.74 7.93 34.94
N PRO E 140 -14.34 6.74 34.82
CA PRO E 140 -15.55 6.44 35.59
C PRO E 140 -15.30 6.10 37.05
N GLU E 141 -14.07 5.70 37.42
CA GLU E 141 -13.77 5.51 38.83
C GLU E 141 -13.80 6.83 39.61
N LEU E 142 -13.59 7.97 38.92
CA LEU E 142 -13.69 9.27 39.55
C LEU E 142 -15.11 9.49 40.06
N PRO E 143 -15.29 10.09 41.24
CA PRO E 143 -16.64 10.27 41.79
C PRO E 143 -17.52 11.21 40.96
N GLY E 144 -18.80 10.86 40.87
CA GLY E 144 -19.76 11.58 40.04
C GLY E 144 -19.63 11.35 38.55
N ALA E 145 -18.46 10.91 38.07
CA ALA E 145 -18.24 10.80 36.64
C ALA E 145 -18.80 9.51 36.03
N ARG E 146 -18.92 8.41 36.81
CA ARG E 146 -19.34 7.14 36.23
C ARG E 146 -20.78 7.18 35.71
N ASP E 147 -21.65 7.96 36.35
CA ASP E 147 -23.07 8.01 36.01
C ASP E 147 -23.41 9.11 35.03
N GLN E 148 -22.44 9.98 34.72
CA GLN E 148 -22.56 10.90 33.60
C GLN E 148 -22.32 10.22 32.26
N LEU E 149 -21.70 9.03 32.26
CA LEU E 149 -21.32 8.27 31.07
C LEU E 149 -22.40 7.28 30.63
N ARG E 150 -23.14 6.72 31.59
CA ARG E 150 -24.25 5.84 31.26
C ARG E 150 -25.26 6.57 30.38
N GLY E 151 -25.71 5.89 29.32
CA GLY E 151 -26.72 6.42 28.42
C GLY E 151 -26.26 7.49 27.47
N THR E 152 -25.09 8.11 27.70
CA THR E 152 -24.70 9.29 26.96
C THR E 152 -24.13 8.93 25.58
N ARG E 153 -23.85 9.96 24.79
CA ARG E 153 -23.49 9.77 23.39
C ARG E 153 -22.32 10.65 22.96
N ARG E 154 -21.67 11.35 23.90
CA ARG E 154 -20.46 12.13 23.65
C ARG E 154 -19.48 11.83 24.76
N ILE E 155 -18.22 11.62 24.40
CA ILE E 155 -17.20 11.28 25.43
C ILE E 155 -15.83 11.70 24.93
N ALA E 156 -15.20 12.65 25.63
CA ALA E 156 -13.84 13.13 25.30
C ALA E 156 -12.87 12.51 26.30
N VAL E 157 -12.03 11.57 25.86
CA VAL E 157 -11.11 10.84 26.77
C VAL E 157 -9.93 11.71 27.22
N PRO E 158 -9.32 11.42 28.39
CA PRO E 158 -8.22 12.24 28.90
C PRO E 158 -6.88 11.75 28.36
N GLY E 159 -5.80 12.43 28.72
CA GLY E 159 -4.46 12.03 28.23
C GLY E 159 -3.90 10.87 29.00
N CYS E 160 -2.85 10.25 28.47
CA CYS E 160 -2.24 9.10 29.18
C CYS E 160 -1.78 9.56 30.57
N TYR E 161 -1.04 10.67 30.63
CA TYR E 161 -0.44 11.16 31.90
C TYR E 161 -1.51 11.54 32.93
N PRO E 162 -2.48 12.43 32.60
CA PRO E 162 -3.49 12.87 33.54
C PRO E 162 -4.17 11.72 34.27
N THR E 163 -4.63 10.74 33.51
CA THR E 163 -5.36 9.57 34.05
C THR E 163 -4.62 8.90 35.20
N ALA E 164 -3.31 8.72 35.08
CA ALA E 164 -2.53 8.05 36.13
C ALA E 164 -2.27 9.00 37.30
N ALA E 165 -2.22 10.30 37.04
CA ALA E 165 -1.96 11.23 38.16
C ALA E 165 -3.20 11.32 39.05
N LEU E 166 -4.29 11.88 38.54
CA LEU E 166 -5.55 12.09 39.29
C LEU E 166 -5.94 10.85 40.08
N LEU E 167 -5.98 9.68 39.45
CA LEU E 167 -6.36 8.38 40.04
C LEU E 167 -5.75 8.20 41.44
N ALA E 168 -4.44 8.44 41.58
CA ALA E 168 -3.73 8.38 42.87
C ALA E 168 -3.38 9.82 43.26
N LEU E 169 -4.39 10.66 43.46
CA LEU E 169 -4.23 12.08 43.87
C LEU E 169 -5.59 12.62 44.29
N PHE E 170 -6.67 12.09 43.70
CA PHE E 170 -8.01 12.55 44.09
C PHE E 170 -8.39 11.90 45.42
N PRO E 171 -8.22 10.58 45.61
CA PRO E 171 -8.62 9.87 46.83
C PRO E 171 -8.19 10.54 48.14
N ALA E 172 -6.96 11.06 48.18
CA ALA E 172 -6.48 11.77 49.39
C ALA E 172 -6.92 13.24 49.31
N LEU E 173 -6.91 13.88 48.14
CA LEU E 173 -7.29 15.31 48.11
C LEU E 173 -8.79 15.45 48.37
N ALA E 174 -9.57 14.52 47.84
CA ALA E 174 -11.04 14.55 48.05
C ALA E 174 -11.31 14.58 49.54
N ALA E 175 -10.70 13.66 50.29
CA ALA E 175 -10.91 13.60 51.74
C ALA E 175 -10.14 14.71 52.45
N ASP E 176 -9.42 15.58 51.71
CA ASP E 176 -8.67 16.69 52.32
C ASP E 176 -7.66 16.20 53.37
N LEU E 177 -6.87 15.19 53.01
CA LEU E 177 -5.76 14.76 53.85
C LEU E 177 -4.41 15.17 53.29
N ILE E 178 -4.38 16.05 52.28
CA ILE E 178 -3.15 16.46 51.59
C ILE E 178 -3.28 17.93 51.20
N GLU E 179 -2.17 18.54 50.79
CA GLU E 179 -2.29 19.94 50.42
C GLU E 179 -2.27 20.11 48.90
N PRO E 180 -3.11 20.99 48.35
CA PRO E 180 -3.36 21.00 46.89
C PRO E 180 -2.23 21.55 46.02
N ALA E 181 -0.99 21.52 46.50
CA ALA E 181 0.18 21.75 45.65
C ALA E 181 0.80 20.38 45.33
N VAL E 182 1.00 20.10 44.04
CA VAL E 182 1.39 18.77 43.59
C VAL E 182 2.57 18.86 42.60
N THR E 183 3.63 18.09 42.87
CA THR E 183 4.67 17.78 41.91
C THR E 183 4.50 16.33 41.46
N VAL E 184 4.32 16.11 40.16
CA VAL E 184 4.12 14.77 39.60
C VAL E 184 5.21 14.52 38.57
N VAL E 185 6.12 13.62 38.88
CA VAL E 185 7.13 13.14 37.95
C VAL E 185 6.67 11.78 37.43
N ALA E 186 6.45 11.67 36.12
CA ALA E 186 5.96 10.42 35.53
C ALA E 186 6.84 9.94 34.38
N VAL E 187 7.28 8.64 34.43
CA VAL E 187 7.93 7.94 33.32
C VAL E 187 6.90 7.27 32.42
N SER E 188 7.12 7.41 31.10
CA SER E 188 6.18 6.93 30.10
C SER E 188 6.95 6.30 28.93
N GLY E 189 6.49 5.14 28.48
CA GLY E 189 7.01 4.54 27.26
C GLY E 189 6.63 5.34 26.02
N THR E 190 7.19 4.92 24.88
CA THR E 190 7.30 5.79 23.71
C THR E 190 6.10 5.77 22.78
N SER E 191 5.19 4.79 22.92
CA SER E 191 3.98 4.82 22.10
C SER E 191 3.16 6.08 22.34
N GLY E 192 3.11 6.57 23.58
CA GLY E 192 2.39 7.79 23.87
C GLY E 192 2.79 8.96 22.98
N ALA E 193 4.10 9.12 22.71
CA ALA E 193 4.50 10.34 21.97
C ALA E 193 4.10 10.28 20.49
N GLY E 194 3.32 9.27 20.18
CA GLY E 194 2.59 9.14 18.93
C GLY E 194 3.09 8.01 18.08
N ARG E 195 2.62 8.01 16.83
CA ARG E 195 3.16 7.17 15.79
C ARG E 195 3.78 7.98 14.65
N ALA E 196 3.73 9.31 14.71
CA ALA E 196 4.37 10.13 13.70
C ALA E 196 5.89 10.04 13.83
N ALA E 197 6.57 9.69 12.75
CA ALA E 197 8.01 9.43 12.84
C ALA E 197 8.78 10.74 13.01
N THR E 198 9.65 10.75 14.02
CA THR E 198 10.58 11.84 14.26
C THR E 198 11.88 11.19 14.74
N THR E 199 12.96 11.97 14.77
CA THR E 199 14.28 11.42 15.07
C THR E 199 14.52 11.20 16.58
N ASP E 200 13.84 11.94 17.47
CA ASP E 200 13.87 11.67 18.90
C ASP E 200 13.21 10.35 19.25
N LEU E 201 12.36 9.83 18.37
CA LEU E 201 11.57 8.64 18.62
C LEU E 201 12.07 7.42 17.85
N LEU E 202 13.25 7.49 17.25
CA LEU E 202 13.87 6.32 16.66
C LEU E 202 14.43 5.41 17.77
N GLY E 203 14.10 4.12 17.70
CA GLY E 203 14.53 3.20 18.74
C GLY E 203 15.97 3.40 19.19
N ALA E 204 16.87 3.76 18.27
CA ALA E 204 18.27 3.82 18.65
C ALA E 204 18.56 4.96 19.62
N GLU E 205 17.76 6.03 19.54
CA GLU E 205 17.84 7.14 20.49
C GLU E 205 17.03 6.90 21.74
N VAL E 206 16.01 6.04 21.65
CA VAL E 206 15.28 5.62 22.84
C VAL E 206 16.10 4.59 23.63
N ILE E 207 16.40 3.44 23.01
CA ILE E 207 17.06 2.33 23.68
C ILE E 207 18.31 2.78 24.41
N GLY E 208 18.42 2.38 25.68
CA GLY E 208 19.56 2.73 26.51
C GLY E 208 19.73 4.22 26.75
N SER E 209 18.61 4.96 26.80
CA SER E 209 18.67 6.39 27.09
C SER E 209 17.45 6.73 27.93
N ALA E 210 17.47 7.91 28.54
CA ALA E 210 16.31 8.42 29.27
C ALA E 210 16.36 9.94 29.29
N ARG E 211 15.26 10.58 28.87
CA ARG E 211 15.24 12.03 28.85
C ARG E 211 13.85 12.50 29.24
N ALA E 212 13.81 13.56 30.04
CA ALA E 212 12.57 14.27 30.26
C ALA E 212 12.31 15.20 29.07
N TYR E 213 11.17 15.88 29.12
CA TYR E 213 10.72 16.64 27.96
C TYR E 213 9.50 17.45 28.38
N ASN E 214 9.34 18.63 27.77
CA ASN E 214 8.30 19.59 28.13
C ASN E 214 8.22 19.75 29.65
N ILE E 215 9.27 20.37 30.18
CA ILE E 215 9.41 20.57 31.62
C ILE E 215 8.88 21.97 31.97
N ALA E 216 8.92 22.33 33.25
CA ALA E 216 8.53 23.67 33.71
C ALA E 216 7.14 24.04 33.23
N GLY E 217 6.19 23.13 33.40
CA GLY E 217 4.78 23.46 33.20
C GLY E 217 4.43 24.02 31.84
N VAL E 218 5.05 23.48 30.78
CA VAL E 218 4.70 23.83 29.41
C VAL E 218 3.98 22.71 28.69
N HIS E 219 3.87 21.55 29.31
CA HIS E 219 3.26 20.39 28.70
C HIS E 219 1.74 20.52 28.67
N ARG E 220 1.14 20.28 27.52
CA ARG E 220 -0.31 20.42 27.32
C ARG E 220 -1.13 19.46 28.17
N HIS E 221 -0.49 18.68 29.04
CA HIS E 221 -1.20 17.75 29.91
C HIS E 221 -1.29 18.26 31.34
N THR E 222 -0.67 19.43 31.64
CA THR E 222 -0.61 19.97 32.99
C THR E 222 -1.96 20.56 33.42
N PRO E 223 -2.56 21.54 32.72
CA PRO E 223 -3.83 22.08 33.23
C PRO E 223 -4.97 21.07 33.18
N GLU E 224 -4.77 19.92 32.53
CA GLU E 224 -5.81 18.88 32.48
C GLU E 224 -5.81 18.01 33.73
N ILE E 225 -4.62 17.63 34.22
CA ILE E 225 -4.53 17.11 35.58
C ILE E 225 -5.01 18.15 36.57
N ALA E 226 -4.65 19.42 36.32
CA ALA E 226 -5.08 20.51 37.20
C ALA E 226 -6.60 20.57 37.30
N GLN E 227 -7.30 20.50 36.15
CA GLN E 227 -8.75 20.54 36.16
C GLN E 227 -9.34 19.38 36.95
N GLY E 228 -8.97 18.16 36.57
CA GLY E 228 -9.48 16.98 37.25
C GLY E 228 -9.13 16.90 38.72
N LEU E 229 -8.29 17.81 39.23
CA LEU E 229 -8.04 17.90 40.66
C LEU E 229 -9.01 18.85 41.36
N ARG E 230 -9.28 20.04 40.78
CA ARG E 230 -10.20 21.01 41.37
C ARG E 230 -11.67 20.61 41.23
N ALA E 231 -11.97 19.53 40.53
CA ALA E 231 -13.30 18.95 40.54
C ALA E 231 -13.57 18.10 41.77
N VAL E 232 -12.59 17.95 42.67
CA VAL E 232 -12.79 17.24 43.93
C VAL E 232 -12.29 18.09 45.11
N THR E 233 -12.04 19.39 44.87
CA THR E 233 -11.41 20.22 45.89
C THR E 233 -11.64 21.71 45.66
N ASP E 234 -11.81 22.41 46.79
CA ASP E 234 -12.07 23.85 46.78
C ASP E 234 -10.87 24.66 46.32
N ARG E 235 -9.70 24.40 46.91
CA ARG E 235 -8.58 25.34 46.85
C ARG E 235 -8.01 25.47 45.45
N ASP E 236 -7.23 26.53 45.24
CA ASP E 236 -6.50 26.73 43.99
C ASP E 236 -5.34 25.74 43.90
N VAL E 237 -5.28 24.96 42.81
CA VAL E 237 -4.33 23.86 42.66
C VAL E 237 -3.25 24.25 41.65
N SER E 238 -1.99 24.02 42.03
CA SER E 238 -0.82 24.34 41.23
C SER E 238 -0.02 23.05 41.00
N VAL E 239 0.34 22.78 39.74
CA VAL E 239 0.98 21.53 39.35
C VAL E 239 2.36 21.80 38.79
N SER E 240 3.34 21.03 39.24
CA SER E 240 4.68 21.02 38.64
C SER E 240 4.83 19.67 37.95
N PHE E 241 4.58 19.64 36.66
CA PHE E 241 4.54 18.37 35.96
C PHE E 241 5.82 18.13 35.17
N THR E 242 6.20 16.86 35.11
CA THR E 242 7.46 16.46 34.51
C THR E 242 7.38 15.04 33.98
N PRO E 243 7.25 14.89 32.67
CA PRO E 243 7.09 13.57 32.06
C PRO E 243 8.40 13.08 31.45
N VAL E 244 8.70 11.81 31.69
CA VAL E 244 10.00 11.23 31.42
C VAL E 244 9.82 10.10 30.41
N LEU E 245 10.54 10.18 29.29
CA LEU E 245 10.53 9.14 28.25
C LEU E 245 11.63 8.13 28.52
N ILE E 246 11.26 6.85 28.48
CA ILE E 246 12.15 5.73 28.83
C ILE E 246 11.96 4.61 27.85
N PRO E 247 13.01 3.81 27.59
CA PRO E 247 12.89 2.71 26.62
C PRO E 247 11.98 1.61 27.11
N ALA E 248 10.67 1.78 26.91
CA ALA E 248 9.72 0.68 26.91
C ALA E 248 8.59 1.01 25.94
N SER E 249 7.84 -0.02 25.57
CA SER E 249 6.82 0.13 24.54
C SER E 249 5.56 0.74 25.12
N ARG E 250 5.04 0.15 26.19
CA ARG E 250 3.93 0.75 26.91
C ARG E 250 4.30 0.99 28.37
N GLY E 251 3.51 1.84 29.01
CA GLY E 251 3.53 1.99 30.47
C GLY E 251 3.63 3.42 30.92
N ILE E 252 2.99 3.73 32.06
CA ILE E 252 3.15 5.01 32.76
C ILE E 252 3.32 4.75 34.26
N LEU E 253 4.41 5.26 34.84
CA LEU E 253 4.59 5.21 36.29
C LEU E 253 4.73 6.64 36.82
N ALA E 254 3.64 7.21 37.35
CA ALA E 254 3.65 8.57 37.87
C ALA E 254 3.88 8.57 39.38
N THR E 255 4.98 9.16 39.83
CA THR E 255 5.18 9.46 41.24
C THR E 255 4.62 10.85 41.50
N CYS E 256 3.79 10.99 42.53
CA CYS E 256 3.10 12.25 42.77
C CYS E 256 3.21 12.57 44.24
N THR E 257 3.65 13.80 44.56
CA THR E 257 3.92 14.21 45.94
C THR E 257 3.14 15.46 46.34
N ALA E 258 2.97 15.63 47.65
CA ALA E 258 2.30 16.80 48.22
C ALA E 258 2.52 16.87 49.73
N ARG E 259 2.83 18.08 50.23
CA ARG E 259 3.00 18.29 51.66
C ARG E 259 1.70 17.98 52.38
N THR E 260 1.75 17.04 53.35
CA THR E 260 0.60 16.60 54.14
C THR E 260 0.82 16.98 55.61
N ARG E 261 0.06 16.33 56.50
CA ARG E 261 0.27 16.39 57.94
C ARG E 261 -0.64 15.33 58.54
N SER E 262 -0.81 14.24 57.81
CA SER E 262 -1.77 13.24 58.22
C SER E 262 -1.06 11.93 58.54
N PRO E 263 -1.64 11.10 59.40
CA PRO E 263 -1.13 9.73 59.56
C PRO E 263 -1.49 8.89 58.34
N LEU E 264 -0.66 7.89 58.07
CA LEU E 264 -0.89 6.99 56.93
C LEU E 264 -2.21 6.24 57.07
N SER E 265 -2.49 5.70 58.26
CA SER E 265 -3.72 4.94 58.47
C SER E 265 -4.94 5.73 58.01
N GLN E 266 -5.00 7.02 58.38
CA GLN E 266 -6.05 7.90 57.87
C GLN E 266 -5.99 8.05 56.35
N LEU E 267 -4.79 7.96 55.78
CA LEU E 267 -4.61 8.13 54.35
C LEU E 267 -5.00 6.87 53.59
N ARG E 268 -4.38 5.74 53.94
CA ARG E 268 -4.75 4.49 53.28
C ARG E 268 -6.23 4.17 53.44
N ALA E 269 -6.92 4.82 54.38
CA ALA E 269 -8.35 4.59 54.59
C ALA E 269 -9.19 5.24 53.48
N ALA E 270 -9.05 6.54 53.28
CA ALA E 270 -9.78 7.19 52.20
C ALA E 270 -9.47 6.61 50.83
N TYR E 271 -8.41 5.81 50.70
CA TYR E 271 -8.06 5.23 49.41
C TYR E 271 -8.85 3.97 49.12
N GLU E 272 -8.70 2.97 49.99
CA GLU E 272 -9.51 1.76 49.84
C GLU E 272 -10.99 2.08 49.85
N LYS E 273 -11.40 3.05 50.69
CA LYS E 273 -12.79 3.51 50.69
C LYS E 273 -13.22 3.99 49.31
N ALA E 274 -12.30 4.57 48.55
CA ALA E 274 -12.59 5.00 47.19
C ALA E 274 -12.55 3.86 46.21
N TYR E 275 -11.71 2.84 46.47
CA TYR E 275 -11.40 1.83 45.47
C TYR E 275 -11.65 0.40 45.93
N HIS E 276 -12.46 0.18 46.96
CA HIS E 276 -12.92 -1.18 47.17
C HIS E 276 -13.98 -1.58 46.16
N ALA E 277 -14.52 -0.61 45.41
CA ALA E 277 -15.63 -0.86 44.50
C ALA E 277 -15.36 -0.45 43.05
N GLU E 278 -14.44 0.48 42.79
CA GLU E 278 -13.99 0.70 41.43
C GLU E 278 -13.07 -0.47 41.08
N PRO E 279 -13.41 -1.29 40.08
CA PRO E 279 -12.78 -2.61 39.94
C PRO E 279 -11.54 -2.64 39.07
N PHE E 280 -11.28 -1.58 38.32
CA PHE E 280 -10.10 -1.52 37.47
C PHE E 280 -8.91 -0.94 38.20
N ILE E 281 -9.06 -0.65 39.47
CA ILE E 281 -7.99 -0.12 40.28
C ILE E 281 -7.65 -1.16 41.32
N TYR E 282 -6.35 -1.31 41.61
CA TYR E 282 -5.91 -2.29 42.60
C TYR E 282 -4.96 -1.60 43.56
N LEU E 283 -5.45 -1.21 44.73
CA LEU E 283 -4.54 -0.72 45.75
C LEU E 283 -3.56 -1.82 46.10
N MET E 284 -2.32 -1.47 46.21
CA MET E 284 -1.41 -2.54 46.55
C MET E 284 -1.41 -2.78 48.05
N PRO E 285 -1.29 -4.03 48.47
CA PRO E 285 -1.20 -4.35 49.89
C PRO E 285 -0.02 -3.63 50.52
N GLU E 286 -0.02 -3.61 51.85
CA GLU E 286 1.13 -3.12 52.58
C GLU E 286 2.34 -3.99 52.24
N GLY E 287 3.38 -3.37 51.67
CA GLY E 287 4.61 -4.06 51.34
C GLY E 287 4.94 -4.14 49.86
N GLN E 288 4.03 -3.71 48.99
CA GLN E 288 4.20 -3.84 47.56
C GLN E 288 3.97 -2.50 46.86
N LEU E 289 4.76 -2.25 45.82
CA LEU E 289 4.67 -1.04 45.02
C LEU E 289 4.32 -1.38 43.56
N PRO E 290 3.38 -0.65 42.95
CA PRO E 290 2.94 -1.00 41.61
C PRO E 290 4.00 -0.73 40.55
N ARG E 291 4.11 -1.67 39.63
CA ARG E 291 5.05 -1.63 38.52
C ARG E 291 4.26 -1.79 37.21
N THR E 292 4.75 -1.14 36.14
CA THR E 292 4.04 -1.16 34.86
C THR E 292 3.96 -2.56 34.27
N GLY E 293 5.03 -3.34 34.37
CA GLY E 293 5.03 -4.65 33.75
C GLY E 293 3.85 -5.51 34.16
N ALA E 294 3.33 -5.33 35.38
CA ALA E 294 2.21 -6.11 35.84
C ALA E 294 0.87 -5.63 35.29
N VAL E 295 0.81 -4.45 34.67
CA VAL E 295 -0.41 -3.91 34.09
C VAL E 295 -0.32 -3.60 32.60
N ILE E 296 0.81 -3.90 31.95
CA ILE E 296 0.86 -3.79 30.49
C ILE E 296 -0.19 -4.71 29.88
N GLY E 297 -0.97 -4.17 28.94
CA GLY E 297 -1.95 -4.93 28.17
C GLY E 297 -3.35 -5.00 28.75
N SER E 298 -3.57 -4.45 29.94
CA SER E 298 -4.84 -4.59 30.63
C SER E 298 -5.17 -3.29 31.34
N ASN E 299 -6.45 -3.11 31.63
CA ASN E 299 -6.96 -1.85 32.18
C ASN E 299 -6.50 -1.60 33.59
N ALA E 300 -5.77 -2.51 34.23
CA ALA E 300 -5.50 -2.37 35.65
C ALA E 300 -4.68 -1.12 35.91
N ALA E 301 -5.13 -0.32 36.87
CA ALA E 301 -4.33 0.72 37.51
C ALA E 301 -4.00 0.24 38.91
N HIS E 302 -2.71 -0.05 39.15
CA HIS E 302 -2.22 -0.44 40.47
C HIS E 302 -1.73 0.78 41.23
N ILE E 303 -2.27 1.01 42.41
CA ILE E 303 -2.01 2.24 43.16
C ILE E 303 -1.48 1.90 44.54
N ALA E 304 -0.43 2.61 44.96
CA ALA E 304 0.12 2.46 46.31
C ALA E 304 0.57 3.82 46.83
N VAL E 305 0.44 3.99 48.15
CA VAL E 305 0.57 5.30 48.77
C VAL E 305 1.28 5.16 50.11
N ALA E 306 2.20 6.09 50.39
CA ALA E 306 2.99 6.06 51.62
C ALA E 306 3.06 7.48 52.17
N VAL E 307 3.75 7.64 53.31
CA VAL E 307 3.97 8.96 53.90
C VAL E 307 5.44 9.10 54.28
N ASP E 308 6.09 10.16 53.79
CA ASP E 308 7.47 10.52 54.16
C ASP E 308 7.37 11.44 55.36
N GLU E 309 7.47 10.86 56.57
CA GLU E 309 7.21 11.62 57.78
C GLU E 309 8.27 12.68 58.03
N ASP E 310 9.48 12.51 57.49
CA ASP E 310 10.56 13.45 57.79
C ASP E 310 10.56 14.67 56.87
N ALA E 311 10.25 14.49 55.60
CA ALA E 311 10.14 15.60 54.67
C ALA E 311 8.77 16.23 54.64
N GLN E 312 7.79 15.60 55.29
CA GLN E 312 6.40 16.06 55.33
C GLN E 312 5.85 16.23 53.91
N THR E 313 5.81 15.09 53.21
CA THR E 313 5.25 14.98 51.86
C THR E 313 4.45 13.68 51.80
N PHE E 314 3.34 13.69 51.06
CA PHE E 314 2.56 12.49 50.78
C PHE E 314 2.95 11.97 49.41
N VAL E 315 3.32 10.70 49.33
CA VAL E 315 3.80 10.08 48.10
C VAL E 315 2.76 9.10 47.59
N ALA E 316 2.18 9.41 46.42
CA ALA E 316 1.33 8.49 45.69
C ALA E 316 1.95 8.19 44.32
N ILE E 317 1.88 6.92 43.93
CA ILE E 317 2.53 6.44 42.71
C ILE E 317 1.58 5.46 42.04
N ALA E 318 1.20 5.75 40.80
CA ALA E 318 0.21 4.96 40.08
C ALA E 318 0.80 4.44 38.77
N ALA E 319 0.36 3.25 38.38
CA ALA E 319 0.91 2.53 37.24
C ALA E 319 -0.20 2.05 36.32
N ILE E 320 -0.11 2.41 35.03
CA ILE E 320 -1.05 1.92 34.02
C ILE E 320 -0.38 1.39 32.77
N ASP E 321 -1.16 1.32 31.70
CA ASP E 321 -0.70 1.01 30.36
C ASP E 321 -1.16 2.21 29.53
N ASN E 322 -0.22 3.10 29.21
CA ASN E 322 -0.53 4.40 28.62
C ASN E 322 -1.49 4.27 27.45
N LEU E 323 -1.73 3.05 27.01
CA LEU E 323 -2.62 2.83 25.89
C LEU E 323 -4.00 2.33 26.31
N VAL E 324 -4.11 1.36 27.23
CA VAL E 324 -5.42 0.80 27.57
C VAL E 324 -6.12 1.59 28.69
N LYS E 325 -5.72 1.44 29.95
CA LYS E 325 -6.37 2.33 30.92
C LYS E 325 -6.07 3.80 30.66
N GLY E 326 -5.16 4.13 29.76
CA GLY E 326 -4.78 5.52 29.61
C GLY E 326 -5.37 6.19 28.39
N THR E 327 -6.04 5.42 27.53
CA THR E 327 -6.62 6.00 26.33
C THR E 327 -7.72 5.10 25.76
N ALA E 328 -7.33 3.97 25.18
CA ALA E 328 -8.26 3.16 24.39
C ALA E 328 -9.12 2.26 25.24
N GLY E 329 -8.70 1.95 26.46
CA GLY E 329 -9.40 0.97 27.26
C GLY E 329 -10.37 1.69 28.15
N ALA E 330 -10.01 2.93 28.50
CA ALA E 330 -11.00 3.85 29.03
C ALA E 330 -12.07 4.12 27.99
N ALA E 331 -11.64 4.34 26.74
CA ALA E 331 -12.57 4.50 25.64
C ALA E 331 -13.60 3.38 25.61
N VAL E 332 -13.13 2.13 25.65
CA VAL E 332 -14.07 1.01 25.69
C VAL E 332 -14.83 1.01 27.02
N GLN E 333 -14.15 1.31 28.14
CA GLN E 333 -14.82 1.27 29.44
C GLN E 333 -16.00 2.23 29.47
N SER E 334 -15.81 3.41 28.92
CA SER E 334 -16.85 4.43 28.98
C SER E 334 -17.93 4.18 27.94
N MET E 335 -17.51 3.81 26.73
CA MET E 335 -18.42 3.20 25.77
C MET E 335 -19.23 2.07 26.41
N ASN E 336 -18.56 1.20 27.17
CA ASN E 336 -19.26 0.10 27.82
C ASN E 336 -20.41 0.59 28.68
N LEU E 337 -20.29 1.80 29.22
CA LEU E 337 -21.35 2.34 30.06
C LEU E 337 -22.46 2.98 29.24
N ALA E 338 -22.09 3.80 28.26
CA ALA E 338 -23.09 4.48 27.45
C ALA E 338 -23.92 3.50 26.64
N LEU E 339 -23.39 2.30 26.35
CA LEU E 339 -24.19 1.25 25.72
C LEU E 339 -24.99 0.44 26.74
N GLY E 340 -24.65 0.54 28.03
CA GLY E 340 -25.36 -0.19 29.06
C GLY E 340 -24.97 -1.65 29.22
N TRP E 341 -23.83 -2.07 28.66
CA TRP E 341 -23.32 -3.43 28.79
C TRP E 341 -22.63 -3.59 30.16
N PRO E 342 -22.04 -4.76 30.44
CA PRO E 342 -21.16 -4.85 31.62
C PRO E 342 -19.92 -3.99 31.46
N GLU E 343 -19.63 -3.17 32.49
CA GLU E 343 -18.41 -2.37 32.51
C GLU E 343 -17.14 -3.22 32.42
N THR E 344 -17.20 -4.50 32.79
CA THR E 344 -16.09 -5.44 32.67
C THR E 344 -15.99 -6.09 31.30
N ASP E 345 -17.01 -5.93 30.46
CA ASP E 345 -17.11 -6.75 29.27
C ASP E 345 -15.87 -6.54 28.39
N GLY E 346 -15.10 -7.61 28.21
CA GLY E 346 -13.94 -7.60 27.35
C GLY E 346 -12.67 -7.12 27.99
N LEU E 347 -12.76 -6.37 29.08
CA LEU E 347 -11.63 -5.73 29.72
C LEU E 347 -11.19 -6.59 30.90
N SER E 348 -10.02 -7.21 30.76
CA SER E 348 -9.43 -8.00 31.86
C SER E 348 -8.40 -7.07 32.51
N VAL E 349 -8.30 -7.10 33.83
CA VAL E 349 -7.33 -6.25 34.55
C VAL E 349 -6.09 -7.07 34.89
N VAL E 350 -6.02 -8.28 34.33
CA VAL E 350 -4.88 -9.23 34.50
C VAL E 350 -3.93 -8.95 33.35
N GLY E 351 -2.78 -8.33 33.61
CA GLY E 351 -1.82 -7.91 32.58
C GLY E 351 -1.04 -9.05 31.93
N VAL E 352 -0.28 -8.75 30.89
CA VAL E 352 0.50 -9.84 30.24
C VAL E 352 1.97 -9.65 30.58
N ALA E 353 2.30 -9.86 31.85
CA ALA E 353 3.69 -9.69 32.33
C ALA E 353 4.26 -11.06 32.68
N PRO E 354 5.49 -11.41 32.24
CA PRO E 354 6.55 -10.46 31.90
C PRO E 354 6.52 -9.91 30.48
N ALA F 11 -17.65 -30.68 35.82
CA ALA F 11 -17.07 -29.52 36.48
C ALA F 11 -15.74 -29.88 37.13
N THR F 12 -14.69 -29.93 36.32
CA THR F 12 -13.41 -30.45 36.77
C THR F 12 -12.67 -29.44 37.65
N LYS F 13 -11.70 -29.95 38.41
CA LYS F 13 -10.80 -29.12 39.21
C LYS F 13 -9.38 -29.30 38.69
N VAL F 14 -8.63 -28.19 38.60
CA VAL F 14 -7.32 -28.16 37.97
C VAL F 14 -6.27 -27.60 38.94
N ALA F 15 -5.00 -27.91 38.64
CA ALA F 15 -3.88 -27.58 39.51
C ALA F 15 -2.67 -27.14 38.70
N VAL F 16 -1.91 -26.18 39.23
CA VAL F 16 -0.71 -25.66 38.58
C VAL F 16 0.49 -25.96 39.47
N ALA F 17 1.39 -26.80 38.97
CA ALA F 17 2.62 -27.18 39.66
C ALA F 17 3.75 -26.32 39.11
N GLY F 18 4.15 -25.31 39.87
CA GLY F 18 5.06 -24.32 39.35
C GLY F 18 4.32 -23.01 39.20
N ALA F 19 3.51 -22.67 40.19
CA ALA F 19 2.86 -21.37 40.18
C ALA F 19 3.87 -20.23 40.34
N SER F 20 4.87 -20.41 41.21
CA SER F 20 5.91 -19.41 41.37
C SER F 20 6.67 -19.22 40.07
N GLY F 21 7.04 -20.33 39.42
CA GLY F 21 7.80 -20.30 38.19
C GLY F 21 7.15 -19.48 37.10
N TYR F 22 7.95 -19.11 36.08
CA TYR F 22 7.44 -18.23 35.04
C TYR F 22 6.34 -18.90 34.22
N ALA F 23 6.54 -20.19 33.88
CA ALA F 23 5.53 -20.92 33.11
C ALA F 23 4.17 -20.91 33.80
N GLY F 24 4.14 -21.30 35.08
CA GLY F 24 2.88 -21.32 35.80
C GLY F 24 2.10 -20.04 35.64
N GLY F 25 2.79 -18.91 35.77
CA GLY F 25 2.11 -17.62 35.69
C GLY F 25 1.40 -17.39 34.37
N GLU F 26 2.06 -17.73 33.26
CA GLU F 26 1.39 -17.61 31.98
C GLU F 26 0.27 -18.65 31.80
N ILE F 27 0.28 -19.71 32.62
CA ILE F 27 -0.82 -20.65 32.62
C ILE F 27 -2.00 -20.06 33.37
N LEU F 28 -1.78 -19.68 34.62
CA LEU F 28 -2.84 -19.05 35.40
C LEU F 28 -3.42 -17.86 34.66
N ARG F 29 -2.56 -17.08 34.01
CA ARG F 29 -3.01 -15.98 33.17
C ARG F 29 -4.04 -16.46 32.17
N LEU F 30 -3.65 -17.44 31.35
CA LEU F 30 -4.61 -18.14 30.50
C LEU F 30 -5.76 -18.71 31.31
N LEU F 31 -5.46 -19.62 32.25
CA LEU F 31 -6.50 -20.38 32.94
C LEU F 31 -7.61 -19.48 33.48
N LEU F 32 -7.30 -18.23 33.82
CA LEU F 32 -8.39 -17.32 34.15
C LEU F 32 -9.17 -16.94 32.91
N GLY F 33 -8.48 -16.53 31.84
CA GLY F 33 -9.14 -16.02 30.64
C GLY F 33 -9.82 -17.05 29.77
N HIS F 34 -10.17 -18.21 30.35
CA HIS F 34 -10.72 -19.32 29.57
C HIS F 34 -12.19 -19.47 29.83
N PRO F 35 -12.99 -19.62 28.75
CA PRO F 35 -14.45 -19.73 28.87
C PRO F 35 -14.97 -20.84 29.78
N ALA F 36 -14.09 -21.71 30.29
CA ALA F 36 -14.54 -22.78 31.16
C ALA F 36 -14.51 -22.42 32.64
N TYR F 37 -13.76 -21.38 33.03
CA TYR F 37 -13.83 -20.84 34.39
C TYR F 37 -14.96 -19.83 34.54
N ALA F 38 -15.28 -19.14 33.45
CA ALA F 38 -16.37 -18.16 33.46
C ALA F 38 -17.68 -18.76 33.95
N ASP F 39 -17.92 -20.05 33.72
CA ASP F 39 -19.16 -20.68 34.16
C ASP F 39 -18.99 -21.73 35.25
N GLY F 40 -17.76 -22.17 35.54
CA GLY F 40 -17.52 -23.22 36.51
C GLY F 40 -17.06 -24.54 35.92
N ARG F 41 -17.03 -24.67 34.58
CA ARG F 41 -16.59 -25.91 33.94
C ARG F 41 -15.18 -26.28 34.35
N LEU F 42 -14.36 -25.29 34.72
CA LEU F 42 -13.03 -25.50 35.27
C LEU F 42 -12.92 -24.73 36.58
N ARG F 43 -12.24 -25.34 37.55
CA ARG F 43 -12.04 -24.74 38.87
C ARG F 43 -10.55 -24.67 39.17
N ILE F 44 -10.08 -23.51 39.63
CA ILE F 44 -8.70 -23.33 40.07
C ILE F 44 -8.70 -23.07 41.56
N GLY F 45 -8.03 -23.94 42.32
CA GLY F 45 -8.03 -23.79 43.76
C GLY F 45 -6.79 -24.35 44.41
N ALA F 46 -6.33 -25.48 43.89
CA ALA F 46 -5.02 -26.00 44.24
C ALA F 46 -4.06 -25.63 43.11
N LEU F 47 -2.87 -25.18 43.49
CA LEU F 47 -1.79 -24.78 42.60
C LEU F 47 -0.60 -24.37 43.46
N THR F 48 0.61 -24.79 43.10
CA THR F 48 1.74 -24.57 43.99
C THR F 48 3.03 -25.01 43.33
N ALA F 49 4.14 -24.65 43.99
CA ALA F 49 5.47 -25.07 43.58
C ALA F 49 6.32 -25.27 44.84
N ALA F 50 7.53 -25.76 44.63
CA ALA F 50 8.40 -26.09 45.75
C ALA F 50 9.58 -25.14 45.90
N THR F 51 9.55 -23.97 45.25
CA THR F 51 10.52 -22.93 45.59
C THR F 51 10.38 -22.55 47.06
N SER F 52 9.19 -22.11 47.46
CA SER F 52 8.83 -21.87 48.86
C SER F 52 7.36 -21.53 48.96
N ALA F 53 6.71 -22.08 49.98
CA ALA F 53 5.28 -21.96 50.23
C ALA F 53 5.01 -21.02 51.40
N GLY F 54 3.72 -20.75 51.63
CA GLY F 54 3.30 -19.73 52.57
C GLY F 54 3.30 -18.33 51.99
N SER F 55 4.01 -18.11 50.89
CA SER F 55 3.98 -16.84 50.19
C SER F 55 2.66 -16.67 49.46
N THR F 56 2.18 -15.43 49.41
CA THR F 56 1.02 -15.11 48.58
C THR F 56 1.46 -14.96 47.12
N LEU F 57 0.53 -15.24 46.21
CA LEU F 57 0.83 -15.25 44.78
C LEU F 57 0.67 -13.89 44.13
N GLY F 58 0.54 -12.83 44.93
CA GLY F 58 0.71 -11.48 44.44
C GLY F 58 2.18 -11.14 44.42
N GLU F 59 2.87 -11.51 45.51
CA GLU F 59 4.32 -11.44 45.63
C GLU F 59 5.04 -11.88 44.38
N HIS F 60 4.97 -13.18 44.06
CA HIS F 60 5.74 -13.75 42.94
C HIS F 60 5.12 -13.48 41.57
N HIS F 61 3.80 -13.27 41.50
CA HIS F 61 3.11 -12.97 40.24
C HIS F 61 2.24 -11.74 40.44
N PRO F 62 2.81 -10.54 40.24
CA PRO F 62 2.06 -9.33 40.56
C PRO F 62 0.93 -9.03 39.58
N HIS F 63 0.98 -9.54 38.35
CA HIS F 63 -0.06 -9.19 37.38
C HIS F 63 -1.36 -9.96 37.65
N LEU F 64 -1.26 -11.25 37.92
CA LEU F 64 -2.47 -12.04 38.19
C LEU F 64 -3.13 -11.64 39.49
N THR F 65 -3.65 -10.42 39.55
CA THR F 65 -4.26 -9.88 40.76
C THR F 65 -5.30 -10.80 41.38
N PRO F 66 -6.33 -11.30 40.64
CA PRO F 66 -7.31 -12.23 41.24
C PRO F 66 -6.70 -13.37 42.07
N LEU F 67 -5.60 -13.96 41.63
CA LEU F 67 -4.94 -14.97 42.46
C LEU F 67 -3.70 -14.40 43.14
N ALA F 68 -3.84 -13.33 43.91
CA ALA F 68 -2.75 -12.76 44.67
C ALA F 68 -2.70 -13.32 46.08
N HIS F 69 -3.82 -13.20 46.79
CA HIS F 69 -3.92 -13.75 48.14
C HIS F 69 -3.61 -15.24 48.17
N ARG F 70 -3.92 -15.96 47.09
CA ARG F 70 -3.78 -17.41 47.03
C ARG F 70 -2.41 -17.85 47.53
N VAL F 71 -2.35 -18.34 48.76
CA VAL F 71 -1.09 -18.79 49.33
C VAL F 71 -0.67 -20.08 48.64
N VAL F 72 0.51 -20.07 48.01
CA VAL F 72 0.99 -21.22 47.25
C VAL F 72 1.45 -22.29 48.24
N GLU F 73 0.76 -23.43 48.24
CA GLU F 73 1.05 -24.52 49.17
C GLU F 73 2.34 -25.22 48.71
N PRO F 74 2.76 -26.28 49.42
CA PRO F 74 3.87 -27.09 48.91
C PRO F 74 3.52 -27.84 47.63
N THR F 75 4.55 -28.13 46.85
CA THR F 75 4.38 -28.98 45.66
C THR F 75 4.57 -30.44 46.07
N GLU F 76 3.58 -30.95 46.81
CA GLU F 76 3.56 -32.33 47.28
C GLU F 76 2.50 -33.13 46.55
N ALA F 77 2.77 -34.43 46.36
CA ALA F 77 1.74 -35.31 45.82
C ALA F 77 0.48 -35.26 46.69
N ALA F 78 0.65 -34.92 47.96
CA ALA F 78 -0.49 -34.67 48.83
C ALA F 78 -1.18 -33.36 48.45
N VAL F 79 -2.51 -33.35 48.60
CA VAL F 79 -3.36 -32.20 48.33
C VAL F 79 -3.42 -31.92 46.83
N LEU F 80 -2.68 -32.70 46.03
CA LEU F 80 -2.87 -32.71 44.59
C LEU F 80 -3.84 -33.80 44.15
N GLY F 81 -4.51 -34.45 45.09
CA GLY F 81 -5.57 -35.38 44.77
C GLY F 81 -6.92 -34.69 44.61
N GLY F 82 -7.81 -35.36 43.89
CA GLY F 82 -9.14 -34.83 43.61
C GLY F 82 -9.21 -33.91 42.41
N HIS F 83 -8.08 -33.53 41.82
CA HIS F 83 -8.04 -32.65 40.68
C HIS F 83 -7.90 -33.49 39.42
N ASP F 84 -8.85 -33.33 38.50
CA ASP F 84 -8.83 -34.13 37.27
C ASP F 84 -7.71 -33.68 36.34
N ALA F 85 -7.54 -32.37 36.19
CA ALA F 85 -6.46 -31.82 35.37
C ALA F 85 -5.28 -31.43 36.24
N VAL F 86 -4.07 -31.51 35.68
CA VAL F 86 -2.86 -31.13 36.39
C VAL F 86 -1.77 -30.67 35.42
N PHE F 87 -1.36 -29.40 35.54
CA PHE F 87 -0.33 -28.82 34.71
C PHE F 87 1.02 -28.95 35.39
N LEU F 88 2.00 -29.52 34.67
CA LEU F 88 3.32 -29.78 35.23
C LEU F 88 4.31 -28.78 34.63
N ALA F 89 4.73 -27.79 35.44
CA ALA F 89 5.59 -26.70 34.99
C ALA F 89 6.87 -26.59 35.81
N LEU F 90 7.26 -27.68 36.45
CA LEU F 90 8.53 -27.81 37.17
C LEU F 90 9.80 -27.43 36.42
N PRO F 91 10.35 -26.23 36.69
CA PRO F 91 11.57 -25.85 36.00
C PRO F 91 12.69 -26.85 36.22
N HIS F 92 12.68 -27.55 37.36
CA HIS F 92 13.81 -28.42 37.72
C HIS F 92 13.93 -29.63 36.80
N GLY F 93 12.80 -30.12 36.29
CA GLY F 93 12.75 -31.52 35.90
C GLY F 93 11.83 -32.12 36.91
N HIS F 94 11.95 -33.44 37.12
CA HIS F 94 11.21 -34.15 38.17
C HIS F 94 9.77 -34.42 37.77
N SER F 95 9.50 -34.57 36.47
CA SER F 95 8.12 -34.60 36.02
C SER F 95 7.39 -35.83 36.55
N ALA F 96 7.92 -37.02 36.28
CA ALA F 96 7.25 -38.29 36.55
C ALA F 96 7.54 -38.84 37.94
N VAL F 97 8.46 -38.24 38.69
CA VAL F 97 8.62 -38.60 40.10
C VAL F 97 7.33 -38.27 40.85
N LEU F 98 6.58 -37.28 40.38
CA LEU F 98 5.28 -36.88 40.93
C LEU F 98 4.13 -37.56 40.20
N ALA F 99 4.31 -37.85 38.91
CA ALA F 99 3.27 -38.50 38.13
C ALA F 99 2.98 -39.90 38.64
N GLN F 100 4.03 -40.70 38.86
CA GLN F 100 3.83 -42.09 39.26
C GLN F 100 2.97 -42.19 40.52
N GLN F 101 3.19 -41.30 41.50
CA GLN F 101 2.41 -41.32 42.73
C GLN F 101 1.15 -40.46 42.66
N LEU F 102 0.74 -40.07 41.44
CA LEU F 102 -0.60 -39.53 41.17
C LEU F 102 -1.32 -40.47 40.22
N SER F 103 -2.45 -41.03 40.67
CA SER F 103 -3.02 -42.22 40.05
C SER F 103 -3.35 -42.00 38.57
N PRO F 104 -3.00 -42.95 37.69
CA PRO F 104 -3.09 -42.71 36.24
C PRO F 104 -4.51 -42.77 35.68
N GLU F 105 -5.20 -41.63 35.66
CA GLU F 105 -6.59 -41.56 35.22
C GLU F 105 -6.97 -40.10 35.00
N THR F 106 -5.98 -39.24 35.17
CA THR F 106 -6.16 -37.80 35.30
C THR F 106 -5.39 -37.07 34.21
N LEU F 107 -5.99 -36.03 33.66
CA LEU F 107 -5.36 -35.27 32.59
C LEU F 107 -4.18 -34.51 33.17
N ILE F 108 -2.97 -34.91 32.79
CA ILE F 108 -1.73 -34.27 33.21
C ILE F 108 -1.12 -33.60 31.99
N ILE F 109 -0.76 -32.32 32.12
CA ILE F 109 -0.03 -31.60 31.09
C ILE F 109 1.34 -31.25 31.67
N ASP F 110 2.42 -31.77 31.06
CA ASP F 110 3.77 -31.57 31.58
C ASP F 110 4.43 -30.55 30.66
N CYS F 111 4.95 -29.47 31.24
CA CYS F 111 5.69 -28.49 30.47
C CYS F 111 7.18 -28.76 30.51
N GLY F 112 7.59 -29.79 31.23
CA GLY F 112 8.96 -30.27 31.21
C GLY F 112 9.26 -31.10 29.98
N ALA F 113 10.27 -31.98 30.12
CA ALA F 113 10.86 -32.53 28.91
C ALA F 113 11.38 -33.96 28.98
N ASP F 114 10.93 -34.80 29.92
CA ASP F 114 11.38 -36.18 29.86
C ASP F 114 10.53 -37.04 28.92
N PHE F 115 9.22 -36.87 28.94
CA PHE F 115 8.37 -37.49 27.93
C PHE F 115 8.28 -36.60 26.70
N ARG F 116 9.43 -36.32 26.10
CA ARG F 116 9.47 -35.56 24.86
C ARG F 116 10.15 -36.28 23.71
N LEU F 117 10.71 -37.46 23.94
CA LEU F 117 11.53 -38.15 22.94
C LEU F 117 11.01 -39.56 22.70
N THR F 118 11.03 -39.98 21.43
CA THR F 118 10.62 -41.34 21.05
C THR F 118 11.76 -42.34 21.19
N ASP F 119 13.01 -41.88 21.16
CA ASP F 119 14.19 -42.73 21.17
C ASP F 119 14.92 -42.56 22.50
N ALA F 120 15.16 -43.68 23.18
CA ALA F 120 15.61 -43.65 24.58
C ALA F 120 17.10 -43.33 24.73
N ALA F 121 17.91 -43.63 23.71
CA ALA F 121 19.36 -43.49 23.86
C ALA F 121 19.85 -42.08 23.57
N VAL F 122 19.10 -41.29 22.81
CA VAL F 122 19.48 -39.89 22.62
C VAL F 122 19.05 -39.06 23.83
N TRP F 123 17.96 -39.45 24.51
CA TRP F 123 17.67 -38.82 25.80
C TRP F 123 18.82 -39.03 26.76
N GLU F 124 19.36 -40.25 26.80
CA GLU F 124 20.59 -40.54 27.52
C GLU F 124 21.70 -39.56 27.12
N ARG F 125 21.87 -39.34 25.82
CA ARG F 125 23.04 -38.62 25.30
C ARG F 125 23.08 -37.15 25.72
N PHE F 126 21.93 -36.56 26.10
CA PHE F 126 21.92 -35.11 26.30
C PHE F 126 21.23 -34.62 27.57
N TYR F 127 20.68 -35.49 28.42
CA TYR F 127 19.90 -35.02 29.55
C TYR F 127 20.39 -35.49 30.91
N GLY F 128 21.29 -36.47 30.98
CA GLY F 128 21.85 -36.88 32.25
C GLY F 128 21.07 -37.91 33.02
N SER F 129 20.06 -38.54 32.42
CA SER F 129 19.25 -39.56 33.07
C SER F 129 18.86 -40.63 32.04
N SER F 130 18.10 -41.62 32.49
CA SER F 130 17.49 -42.60 31.59
C SER F 130 16.08 -42.18 31.20
N HIS F 131 15.57 -42.83 30.14
CA HIS F 131 14.41 -42.36 29.39
C HIS F 131 13.12 -42.76 30.11
N ALA F 132 12.49 -41.80 30.80
CA ALA F 132 11.30 -42.08 31.60
C ALA F 132 10.08 -42.41 30.74
N GLY F 133 10.07 -42.03 29.47
CA GLY F 133 9.07 -42.51 28.54
C GLY F 133 8.75 -41.48 27.46
N SER F 134 7.60 -41.71 26.81
CA SER F 134 7.04 -40.84 25.78
C SER F 134 5.57 -40.58 26.09
N TRP F 135 5.08 -39.43 25.64
CA TRP F 135 3.72 -38.94 25.86
C TRP F 135 3.34 -38.07 24.66
N PRO F 136 2.04 -38.02 24.27
CA PRO F 136 1.67 -37.28 23.06
C PRO F 136 2.22 -35.86 22.97
N TYR F 137 2.91 -35.57 21.87
CA TYR F 137 3.45 -34.25 21.60
C TYR F 137 2.32 -33.22 21.56
N GLY F 138 2.52 -32.09 22.23
CA GLY F 138 1.42 -31.14 22.36
C GLY F 138 1.25 -30.11 21.26
N LEU F 139 1.62 -30.41 20.01
CA LEU F 139 1.55 -29.46 18.90
C LEU F 139 0.50 -29.95 17.90
N PRO F 140 -0.79 -29.62 18.08
CA PRO F 140 -1.85 -30.27 17.28
C PRO F 140 -1.73 -30.08 15.78
N GLU F 141 -1.04 -29.04 15.32
CA GLU F 141 -1.05 -28.64 13.92
C GLU F 141 0.07 -29.29 13.12
N LEU F 142 0.50 -30.47 13.52
CA LEU F 142 1.59 -31.19 12.88
C LEU F 142 1.15 -32.62 12.69
N PRO F 143 1.09 -33.13 11.42
CA PRO F 143 0.67 -34.52 11.13
C PRO F 143 0.55 -35.50 12.28
N GLY F 144 -0.68 -35.93 12.50
CA GLY F 144 -0.97 -37.03 13.42
C GLY F 144 -1.21 -36.58 14.83
N ALA F 145 -0.52 -35.52 15.25
CA ALA F 145 -0.58 -35.07 16.63
C ALA F 145 -2.02 -34.88 17.09
N ARG F 146 -2.72 -33.94 16.46
CA ARG F 146 -4.08 -33.58 16.82
C ARG F 146 -4.92 -34.79 17.17
N ASP F 147 -4.84 -35.85 16.35
CA ASP F 147 -5.71 -37.01 16.54
C ASP F 147 -5.41 -37.73 17.85
N GLN F 148 -4.13 -37.93 18.19
CA GLN F 148 -3.79 -38.61 19.43
C GLN F 148 -3.91 -37.70 20.65
N LEU F 149 -4.13 -36.41 20.45
CA LEU F 149 -4.44 -35.52 21.56
C LEU F 149 -5.92 -35.51 21.89
N ARG F 150 -6.76 -35.97 20.98
CA ARG F 150 -8.19 -36.01 21.23
C ARG F 150 -8.50 -37.14 22.21
N GLY F 151 -9.05 -36.78 23.37
CA GLY F 151 -9.35 -37.74 24.41
C GLY F 151 -8.12 -38.37 25.05
N THR F 152 -7.28 -37.53 25.67
CA THR F 152 -6.01 -37.92 26.29
C THR F 152 -5.99 -37.54 27.77
N ARG F 153 -5.12 -38.22 28.54
CA ARG F 153 -4.81 -37.83 29.92
C ARG F 153 -3.29 -37.83 30.20
N ARG F 154 -2.47 -37.79 29.13
CA ARG F 154 -1.03 -37.55 29.23
C ARG F 154 -0.62 -36.65 28.07
N ILE F 155 -0.12 -35.45 28.39
CA ILE F 155 0.31 -34.47 27.39
C ILE F 155 1.63 -33.86 27.85
N ALA F 156 2.65 -34.01 27.00
CA ALA F 156 3.99 -33.46 27.28
C ALA F 156 4.14 -32.20 26.43
N VAL F 157 3.93 -31.04 27.05
CA VAL F 157 4.02 -29.77 26.30
C VAL F 157 5.41 -29.69 25.67
N PRO F 158 5.50 -29.29 24.39
CA PRO F 158 6.78 -29.26 23.68
C PRO F 158 7.79 -28.18 24.08
N GLY F 159 8.95 -28.19 23.41
CA GLY F 159 9.98 -27.17 23.68
C GLY F 159 9.60 -25.90 22.98
N CYS F 160 9.70 -24.76 23.67
CA CYS F 160 9.30 -23.47 23.08
C CYS F 160 10.05 -23.25 21.76
N TYR F 161 11.37 -23.46 21.75
CA TYR F 161 12.11 -23.20 20.50
C TYR F 161 11.61 -24.09 19.39
N PRO F 162 11.72 -25.43 19.55
CA PRO F 162 11.32 -26.40 18.53
C PRO F 162 9.96 -26.11 17.90
N THR F 163 8.96 -25.84 18.72
CA THR F 163 7.58 -25.48 18.28
C THR F 163 7.65 -24.53 17.09
N ALA F 164 8.32 -23.39 17.25
CA ALA F 164 8.42 -22.43 16.14
C ALA F 164 9.06 -23.12 14.93
N ALA F 165 10.27 -23.65 15.12
CA ALA F 165 11.09 -24.31 14.07
C ALA F 165 10.23 -25.23 13.22
N LEU F 166 9.70 -26.29 13.84
CA LEU F 166 8.84 -27.32 13.18
C LEU F 166 7.82 -26.62 12.29
N LEU F 167 6.92 -25.85 12.89
CA LEU F 167 5.91 -25.21 12.07
C LEU F 167 6.50 -24.29 10.99
N ALA F 168 7.80 -24.03 11.02
CA ALA F 168 8.46 -23.24 9.99
C ALA F 168 9.15 -24.09 8.95
N LEU F 169 9.12 -25.42 9.09
CA LEU F 169 9.89 -26.28 8.20
C LEU F 169 9.10 -27.50 7.74
N PHE F 170 8.28 -28.08 8.62
CA PHE F 170 7.57 -29.32 8.29
C PHE F 170 6.75 -29.27 7.00
N PRO F 171 6.08 -28.18 6.62
CA PRO F 171 5.34 -28.22 5.35
C PRO F 171 6.26 -28.21 4.15
N ALA F 172 7.53 -27.78 4.30
CA ALA F 172 8.47 -27.80 3.19
C ALA F 172 9.15 -29.14 3.00
N LEU F 173 9.12 -30.03 4.02
CA LEU F 173 9.70 -31.35 3.89
C LEU F 173 8.78 -32.53 4.22
N ALA F 174 7.57 -32.29 4.74
CA ALA F 174 6.52 -33.29 4.57
C ALA F 174 6.20 -33.49 3.09
N ALA F 175 6.73 -32.63 2.22
CA ALA F 175 6.46 -32.62 0.78
C ALA F 175 7.71 -32.72 -0.08
N ASP F 176 8.88 -32.99 0.50
CA ASP F 176 10.12 -33.26 -0.25
C ASP F 176 10.54 -32.10 -1.17
N LEU F 177 10.29 -30.86 -0.75
CA LEU F 177 10.54 -29.67 -1.55
C LEU F 177 11.89 -29.02 -1.28
N ILE F 178 12.41 -29.15 -0.06
CA ILE F 178 13.71 -28.60 0.32
C ILE F 178 14.59 -29.74 0.83
N GLU F 179 15.79 -29.43 1.33
CA GLU F 179 16.66 -30.55 1.68
C GLU F 179 16.82 -30.68 3.20
N PRO F 180 16.77 -31.93 3.76
CA PRO F 180 16.82 -32.11 5.23
C PRO F 180 18.19 -31.89 5.86
N ALA F 181 18.78 -30.71 5.65
CA ALA F 181 20.01 -30.29 6.34
C ALA F 181 19.79 -28.89 6.90
N VAL F 182 18.82 -28.77 7.81
CA VAL F 182 18.26 -27.47 8.18
C VAL F 182 19.13 -26.77 9.21
N THR F 183 19.25 -25.46 9.05
CA THR F 183 19.90 -24.55 9.98
C THR F 183 18.79 -23.67 10.55
N VAL F 184 18.52 -23.76 11.86
CA VAL F 184 17.54 -22.87 12.50
C VAL F 184 18.23 -22.03 13.58
N VAL F 185 18.12 -20.71 13.45
CA VAL F 185 18.59 -19.74 14.44
C VAL F 185 17.35 -19.16 15.11
N ALA F 186 17.26 -19.33 16.44
CA ALA F 186 16.05 -19.02 17.21
C ALA F 186 16.36 -18.00 18.30
N VAL F 187 16.03 -16.73 18.03
CA VAL F 187 16.28 -15.65 18.98
C VAL F 187 15.13 -15.60 19.98
N SER F 188 15.46 -15.44 21.26
CA SER F 188 14.49 -15.70 22.32
C SER F 188 14.73 -14.74 23.50
N GLY F 189 13.66 -14.47 24.24
CA GLY F 189 13.72 -13.59 25.39
C GLY F 189 14.12 -14.32 26.67
N THR F 190 14.14 -13.57 27.75
CA THR F 190 14.63 -14.11 29.01
C THR F 190 13.53 -14.64 29.90
N SER F 191 12.27 -14.53 29.47
CA SER F 191 11.19 -15.19 30.19
C SER F 191 11.13 -16.67 29.92
N GLY F 192 11.80 -17.13 28.86
CA GLY F 192 11.89 -18.57 28.66
C GLY F 192 12.82 -19.22 29.67
N ALA F 193 13.99 -18.61 29.87
CA ALA F 193 15.07 -19.22 30.64
C ALA F 193 14.76 -19.39 32.13
N GLY F 194 13.56 -19.01 32.57
CA GLY F 194 13.13 -19.29 33.93
C GLY F 194 13.31 -18.09 34.85
N ARG F 195 12.61 -18.15 35.99
CA ARG F 195 12.82 -17.19 37.08
C ARG F 195 14.02 -17.57 37.97
N ALA F 196 15.05 -18.21 37.40
CA ALA F 196 16.25 -18.60 38.14
C ALA F 196 17.25 -17.45 38.17
N ALA F 197 17.40 -16.83 39.33
CA ALA F 197 18.30 -15.68 39.48
C ALA F 197 19.76 -16.12 39.37
N THR F 198 20.23 -16.21 38.12
CA THR F 198 21.65 -16.36 37.83
C THR F 198 22.21 -15.03 37.37
N THR F 199 23.53 -15.00 37.17
CA THR F 199 24.23 -13.72 37.01
C THR F 199 23.89 -13.06 35.68
N ASP F 200 23.76 -13.84 34.60
CA ASP F 200 23.58 -13.25 33.28
C ASP F 200 22.14 -13.30 32.78
N LEU F 201 21.19 -13.66 33.65
CA LEU F 201 19.79 -13.35 33.39
C LEU F 201 19.37 -12.01 33.99
N LEU F 202 20.33 -11.23 34.48
CA LEU F 202 20.06 -9.91 35.04
C LEU F 202 19.76 -8.88 33.94
N GLY F 203 18.98 -7.87 34.32
CA GLY F 203 18.58 -6.86 33.36
C GLY F 203 19.75 -6.24 32.63
N ALA F 204 20.88 -6.05 33.33
CA ALA F 204 21.96 -5.25 32.76
C ALA F 204 22.80 -6.02 31.75
N GLU F 205 23.08 -7.30 32.05
CA GLU F 205 23.68 -8.19 31.05
C GLU F 205 22.81 -8.29 29.81
N VAL F 206 21.53 -8.62 30.01
CA VAL F 206 20.63 -8.92 28.91
C VAL F 206 20.35 -7.69 28.06
N ILE F 207 20.23 -6.55 28.69
CA ILE F 207 19.75 -5.36 28.01
C ILE F 207 20.90 -4.72 27.23
N GLY F 208 20.65 -4.50 25.93
CA GLY F 208 21.66 -4.00 25.03
C GLY F 208 22.69 -5.04 24.63
N SER F 209 22.35 -6.32 24.73
CA SER F 209 23.34 -7.37 24.37
C SER F 209 22.67 -8.68 23.96
N ALA F 210 23.14 -9.21 22.84
CA ALA F 210 22.65 -10.51 22.35
C ALA F 210 23.85 -11.45 22.41
N ARG F 211 23.72 -12.53 23.16
CA ARG F 211 24.80 -13.52 23.26
C ARG F 211 24.20 -14.88 22.86
N ALA F 212 24.90 -15.61 21.98
CA ALA F 212 24.48 -16.93 21.46
C ALA F 212 24.82 -18.00 22.49
N TYR F 213 23.90 -18.92 22.80
CA TYR F 213 24.20 -19.91 23.86
C TYR F 213 23.91 -21.35 23.43
N ASN F 214 24.74 -22.26 23.96
CA ASN F 214 24.63 -23.72 23.69
C ASN F 214 24.65 -23.94 22.18
N ILE F 215 25.78 -23.67 21.53
CA ILE F 215 25.86 -23.80 20.06
C ILE F 215 26.32 -25.20 19.65
N ALA F 216 26.47 -25.42 18.35
CA ALA F 216 26.91 -26.71 17.76
C ALA F 216 26.14 -27.87 18.39
N GLY F 217 24.81 -27.76 18.35
CA GLY F 217 23.86 -28.79 18.83
C GLY F 217 24.13 -29.34 20.21
N VAL F 218 24.56 -28.51 21.14
CA VAL F 218 24.76 -29.02 22.53
C VAL F 218 23.46 -28.80 23.32
N HIS F 219 22.52 -28.06 22.73
CA HIS F 219 21.22 -27.73 23.37
C HIS F 219 20.33 -28.96 23.43
N ARG F 220 19.64 -29.13 24.54
CA ARG F 220 18.77 -30.28 24.82
C ARG F 220 17.58 -30.37 23.88
N HIS F 221 17.22 -29.28 23.23
CA HIS F 221 16.10 -29.33 22.30
C HIS F 221 16.50 -29.93 20.95
N THR F 222 17.80 -29.96 20.63
CA THR F 222 18.23 -30.26 19.26
C THR F 222 17.80 -31.63 18.73
N PRO F 223 17.81 -32.72 19.50
CA PRO F 223 17.34 -34.01 18.97
C PRO F 223 15.84 -34.26 19.04
N GLU F 224 15.06 -33.33 19.61
CA GLU F 224 13.62 -33.35 19.47
C GLU F 224 13.15 -32.43 18.36
N ILE F 225 14.02 -31.56 17.86
CA ILE F 225 13.73 -30.83 16.62
C ILE F 225 13.80 -31.80 15.45
N ALA F 226 14.85 -32.62 15.41
CA ALA F 226 14.97 -33.61 14.34
C ALA F 226 13.93 -34.71 14.46
N GLN F 227 13.17 -34.78 15.55
CA GLN F 227 12.30 -35.91 15.85
C GLN F 227 10.86 -35.69 15.42
N GLY F 228 10.25 -34.58 15.81
CA GLY F 228 8.96 -34.24 15.23
C GLY F 228 9.05 -34.01 13.74
N LEU F 229 10.24 -33.71 13.24
CA LEU F 229 10.48 -33.53 11.82
C LEU F 229 10.85 -34.83 11.09
N ARG F 230 11.29 -35.87 11.81
CA ARG F 230 11.40 -37.19 11.18
C ARG F 230 10.09 -37.96 11.19
N ALA F 231 9.04 -37.41 11.81
CA ALA F 231 7.72 -38.01 11.69
C ALA F 231 7.18 -37.83 10.27
N VAL F 232 7.44 -36.67 9.65
CA VAL F 232 6.96 -36.36 8.31
C VAL F 232 8.02 -36.62 7.24
N THR F 233 9.15 -37.22 7.62
CA THR F 233 10.32 -37.31 6.74
C THR F 233 10.77 -38.76 6.59
N ASP F 234 10.99 -39.15 5.35
CA ASP F 234 11.70 -40.39 5.07
C ASP F 234 13.14 -40.29 5.53
N ARG F 235 13.83 -39.23 5.12
CA ARG F 235 15.28 -39.19 4.96
C ARG F 235 16.00 -38.87 6.27
N ASP F 236 17.30 -38.55 6.16
CA ASP F 236 18.12 -38.12 7.29
C ASP F 236 17.92 -36.63 7.52
N VAL F 237 17.33 -36.27 8.64
CA VAL F 237 17.18 -34.87 9.02
C VAL F 237 18.35 -34.47 9.90
N SER F 238 18.91 -33.28 9.66
CA SER F 238 20.04 -32.77 10.43
C SER F 238 19.76 -31.34 10.89
N VAL F 239 20.15 -31.03 12.11
CA VAL F 239 19.76 -29.79 12.79
C VAL F 239 21.02 -29.15 13.37
N SER F 240 21.32 -27.93 12.91
CA SER F 240 22.37 -27.10 13.50
C SER F 240 21.72 -25.95 14.26
N PHE F 241 21.04 -26.33 15.33
CA PHE F 241 20.31 -25.36 16.14
C PHE F 241 21.30 -24.43 16.81
N THR F 242 20.98 -23.15 16.76
CA THR F 242 21.74 -22.11 17.46
C THR F 242 20.73 -21.18 18.11
N PRO F 243 20.62 -21.17 19.43
CA PRO F 243 19.77 -20.17 20.08
C PRO F 243 20.52 -18.88 20.39
N VAL F 244 19.74 -17.81 20.53
CA VAL F 244 20.25 -16.51 20.95
C VAL F 244 19.32 -15.97 22.02
N LEU F 245 19.88 -15.35 23.04
CA LEU F 245 19.07 -14.58 23.97
C LEU F 245 19.02 -13.14 23.49
N ILE F 246 17.81 -12.61 23.34
CA ILE F 246 17.62 -11.24 22.86
C ILE F 246 17.11 -10.38 24.01
N PRO F 247 17.38 -9.08 23.99
CA PRO F 247 16.71 -8.19 24.95
C PRO F 247 15.23 -8.24 24.74
N ALA F 248 14.55 -9.22 25.32
CA ALA F 248 13.10 -9.10 25.32
C ALA F 248 12.55 -9.95 26.45
N SER F 249 11.39 -9.55 26.94
CA SER F 249 10.68 -10.41 27.86
C SER F 249 10.03 -11.57 27.14
N ARG F 250 9.61 -11.38 25.89
CA ARG F 250 8.94 -12.44 25.13
C ARG F 250 9.40 -12.45 23.67
N GLY F 251 9.20 -13.59 23.03
CA GLY F 251 9.50 -13.75 21.62
C GLY F 251 10.31 -14.99 21.26
N ILE F 252 10.05 -15.54 20.07
CA ILE F 252 10.92 -16.50 19.36
C ILE F 252 10.81 -16.32 17.84
N LEU F 253 11.94 -16.07 17.19
CA LEU F 253 12.02 -16.00 15.72
C LEU F 253 12.94 -17.11 15.21
N ALA F 254 12.33 -18.21 14.77
CA ALA F 254 13.08 -19.36 14.26
C ALA F 254 13.29 -19.16 12.76
N THR F 255 14.44 -18.57 12.41
CA THR F 255 14.90 -18.55 11.03
C THR F 255 15.52 -19.90 10.65
N CYS F 256 14.95 -20.57 9.63
CA CYS F 256 15.31 -21.95 9.29
C CYS F 256 15.69 -22.06 7.82
N THR F 257 16.91 -22.55 7.53
CA THR F 257 17.49 -22.60 6.19
C THR F 257 17.60 -24.04 5.68
N ALA F 258 17.78 -24.14 4.36
CA ALA F 258 18.00 -25.40 3.65
C ALA F 258 18.04 -25.17 2.14
N ARG F 259 18.72 -26.05 1.38
CA ARG F 259 18.82 -25.94 -0.06
C ARG F 259 17.62 -26.61 -0.72
N THR F 260 16.92 -25.88 -1.60
CA THR F 260 15.60 -26.28 -2.05
C THR F 260 15.61 -26.96 -3.42
N ARG F 261 14.69 -27.91 -3.60
CA ARG F 261 14.48 -28.66 -4.84
C ARG F 261 13.23 -28.22 -5.60
N SER F 262 12.64 -27.09 -5.22
CA SER F 262 11.40 -26.65 -5.80
C SER F 262 11.50 -25.15 -6.01
N PRO F 263 11.07 -24.64 -7.15
CA PRO F 263 10.95 -23.18 -7.31
C PRO F 263 10.06 -22.55 -6.25
N LEU F 264 10.15 -21.21 -6.11
CA LEU F 264 9.46 -20.50 -5.02
C LEU F 264 7.96 -20.73 -5.09
N SER F 265 7.41 -20.89 -6.30
CA SER F 265 5.99 -21.13 -6.48
C SER F 265 5.53 -22.38 -5.73
N GLN F 266 6.08 -23.54 -6.09
CA GLN F 266 5.63 -24.78 -5.49
C GLN F 266 5.88 -24.83 -3.98
N LEU F 267 6.56 -23.84 -3.43
CA LEU F 267 6.75 -23.81 -1.98
C LEU F 267 5.51 -23.28 -1.28
N ARG F 268 5.17 -22.01 -1.53
CA ARG F 268 4.12 -21.30 -0.81
C ARG F 268 2.77 -22.00 -0.94
N ALA F 269 2.72 -22.99 -1.83
CA ALA F 269 1.54 -23.81 -2.07
C ALA F 269 1.41 -24.95 -1.05
N ALA F 270 2.51 -25.60 -0.71
CA ALA F 270 2.40 -26.65 0.31
C ALA F 270 2.07 -26.06 1.67
N TYR F 271 2.48 -24.81 1.91
CA TYR F 271 2.23 -24.18 3.20
C TYR F 271 0.79 -23.71 3.34
N GLU F 272 0.26 -23.02 2.30
CA GLU F 272 -1.15 -22.68 2.31
C GLU F 272 -2.01 -23.93 2.48
N LYS F 273 -1.53 -25.07 1.97
CA LYS F 273 -2.19 -26.36 2.11
C LYS F 273 -2.47 -26.71 3.56
N ALA F 274 -1.43 -27.18 4.26
CA ALA F 274 -1.59 -27.68 5.62
C ALA F 274 -2.21 -26.64 6.54
N TYR F 275 -1.98 -25.36 6.25
CA TYR F 275 -2.19 -24.29 7.23
C TYR F 275 -3.51 -23.53 7.07
N HIS F 276 -4.29 -23.78 6.02
CA HIS F 276 -5.58 -23.10 5.95
C HIS F 276 -6.53 -23.68 6.99
N ALA F 277 -6.56 -25.00 7.11
CA ALA F 277 -7.36 -25.70 8.13
C ALA F 277 -6.95 -25.34 9.57
N GLU F 278 -6.15 -24.30 9.79
CA GLU F 278 -5.52 -24.02 11.09
C GLU F 278 -5.80 -22.57 11.49
N PRO F 279 -6.51 -22.32 12.59
CA PRO F 279 -6.89 -20.95 12.94
C PRO F 279 -5.80 -20.16 13.66
N PHE F 280 -4.84 -20.83 14.29
CA PHE F 280 -3.71 -20.18 14.93
C PHE F 280 -2.57 -19.92 13.95
N ILE F 281 -2.29 -20.85 13.05
CA ILE F 281 -1.16 -20.62 12.15
C ILE F 281 -1.58 -19.58 11.12
N TYR F 282 -0.98 -18.40 11.21
CA TYR F 282 -1.19 -17.35 10.22
C TYR F 282 0.04 -17.26 9.33
N LEU F 283 -0.20 -16.92 8.07
CA LEU F 283 0.84 -16.91 7.04
C LEU F 283 0.91 -15.51 6.47
N MET F 284 2.07 -14.90 6.55
CA MET F 284 2.18 -13.52 6.09
C MET F 284 1.97 -13.44 4.59
N PRO F 285 1.26 -12.42 4.10
CA PRO F 285 1.29 -12.12 2.67
C PRO F 285 2.66 -11.62 2.25
N GLU F 286 3.08 -11.98 1.03
CA GLU F 286 4.41 -11.59 0.59
C GLU F 286 4.49 -10.07 0.41
N GLY F 287 5.73 -9.56 0.35
CA GLY F 287 6.03 -8.16 0.48
C GLY F 287 6.38 -7.76 1.89
N GLN F 288 5.90 -8.54 2.86
CA GLN F 288 6.20 -8.36 4.28
C GLN F 288 6.60 -9.71 4.87
N LEU F 289 7.14 -9.66 6.09
CA LEU F 289 7.74 -10.79 6.80
C LEU F 289 7.37 -10.68 8.27
N PRO F 290 7.29 -11.80 9.01
CA PRO F 290 6.68 -11.77 10.36
C PRO F 290 7.44 -10.89 11.35
N ARG F 291 6.76 -10.55 12.47
CA ARG F 291 7.35 -9.73 13.52
C ARG F 291 7.13 -10.34 14.91
N THR F 292 8.12 -10.16 15.80
CA THR F 292 7.99 -10.65 17.18
C THR F 292 6.85 -9.97 17.90
N GLY F 293 6.98 -8.66 18.12
CA GLY F 293 5.98 -7.94 18.89
C GLY F 293 4.57 -8.21 18.41
N ALA F 294 4.41 -8.40 17.10
CA ALA F 294 3.10 -8.46 16.48
C ALA F 294 2.23 -9.62 16.94
N VAL F 295 2.73 -10.48 17.83
CA VAL F 295 1.90 -11.62 18.25
C VAL F 295 2.16 -11.98 19.71
N ILE F 296 2.69 -11.03 20.48
CA ILE F 296 2.94 -11.28 21.90
C ILE F 296 1.62 -11.27 22.64
N GLY F 297 1.46 -12.20 23.58
CA GLY F 297 0.22 -12.31 24.34
C GLY F 297 -0.82 -13.25 23.77
N SER F 298 -0.56 -13.92 22.63
CA SER F 298 -1.50 -14.74 21.88
C SER F 298 -0.88 -16.11 21.59
N ASN F 299 -1.63 -16.98 20.91
CA ASN F 299 -1.14 -18.33 20.62
C ASN F 299 -0.89 -18.57 19.15
N ALA F 300 -0.71 -17.53 18.36
CA ALA F 300 -0.62 -17.71 16.92
C ALA F 300 0.83 -17.62 16.48
N ALA F 301 1.09 -18.17 15.28
CA ALA F 301 2.41 -18.16 14.67
C ALA F 301 2.33 -17.52 13.29
N HIS F 302 3.35 -16.74 12.96
CA HIS F 302 3.41 -15.97 11.72
C HIS F 302 4.63 -16.43 10.94
N ILE F 303 4.40 -17.00 9.76
CA ILE F 303 5.41 -17.71 9.01
C ILE F 303 5.57 -17.07 7.63
N ALA F 304 6.75 -17.23 7.06
CA ALA F 304 7.04 -16.79 5.71
C ALA F 304 8.09 -17.73 5.13
N VAL F 305 8.19 -17.76 3.79
CA VAL F 305 9.13 -18.63 3.09
C VAL F 305 9.67 -17.89 1.88
N ALA F 306 10.75 -18.41 1.33
CA ALA F 306 11.46 -17.72 0.26
C ALA F 306 12.48 -18.68 -0.37
N VAL F 307 12.99 -18.28 -1.55
CA VAL F 307 14.04 -19.02 -2.25
C VAL F 307 14.98 -18.05 -2.95
N ASP F 308 16.28 -18.16 -2.64
CA ASP F 308 17.33 -17.41 -3.28
C ASP F 308 18.05 -18.34 -4.25
N GLU F 309 17.86 -18.10 -5.54
CA GLU F 309 18.39 -18.98 -6.58
C GLU F 309 19.87 -18.73 -6.88
N ASP F 310 20.50 -17.75 -6.23
CA ASP F 310 21.94 -17.59 -6.29
C ASP F 310 22.62 -18.14 -5.04
N ALA F 311 21.88 -18.86 -4.22
CA ALA F 311 22.42 -19.64 -3.13
C ALA F 311 21.79 -21.03 -3.04
N GLN F 312 20.74 -21.28 -3.82
CA GLN F 312 19.96 -22.52 -3.86
C GLN F 312 19.30 -22.85 -2.53
N THR F 313 19.25 -21.89 -1.61
CA THR F 313 18.71 -22.10 -0.27
C THR F 313 17.27 -21.61 -0.17
N PHE F 314 16.44 -22.43 0.47
CA PHE F 314 15.11 -22.04 0.91
C PHE F 314 15.24 -21.36 2.26
N VAL F 315 14.43 -20.33 2.49
CA VAL F 315 14.46 -19.56 3.72
C VAL F 315 13.08 -19.62 4.35
N ALA F 316 13.02 -19.86 5.66
CA ALA F 316 11.77 -19.88 6.40
C ALA F 316 11.93 -19.07 7.68
N ILE F 317 10.86 -18.35 8.09
CA ILE F 317 10.83 -17.56 9.32
C ILE F 317 9.59 -17.93 10.13
N ALA F 318 9.74 -18.07 11.44
CA ALA F 318 8.64 -18.45 12.33
C ALA F 318 8.61 -17.55 13.56
N ALA F 319 7.46 -16.94 13.85
CA ALA F 319 7.32 -15.97 14.93
C ALA F 319 6.30 -16.47 15.95
N ILE F 320 6.78 -16.87 17.13
CA ILE F 320 5.91 -17.33 18.22
C ILE F 320 6.33 -16.70 19.55
N ASP F 321 5.34 -16.41 20.39
CA ASP F 321 5.57 -16.00 21.77
C ASP F 321 6.01 -17.20 22.61
N ASN F 322 7.20 -17.12 23.20
CA ASN F 322 7.78 -18.24 23.94
C ASN F 322 7.02 -18.61 25.21
N LEU F 323 6.14 -17.75 25.72
CA LEU F 323 5.37 -18.05 26.93
C LEU F 323 3.94 -18.53 26.65
N VAL F 324 3.60 -18.80 25.39
CA VAL F 324 2.29 -19.36 25.07
C VAL F 324 2.47 -20.44 24.02
N LYS F 325 2.90 -20.03 22.81
CA LYS F 325 2.97 -20.98 21.70
C LYS F 325 4.01 -22.06 21.92
N GLY F 326 5.10 -21.74 22.61
CA GLY F 326 6.15 -22.72 22.88
C GLY F 326 5.96 -23.45 24.20
N THR F 327 5.14 -22.90 25.08
CA THR F 327 4.92 -23.52 26.39
C THR F 327 3.46 -23.39 26.83
N ALA F 328 3.12 -22.29 27.50
CA ALA F 328 1.90 -22.26 28.34
C ALA F 328 0.64 -22.47 27.51
N GLY F 329 0.55 -21.82 26.35
CA GLY F 329 -0.61 -21.98 25.51
C GLY F 329 -0.76 -23.42 25.03
N ALA F 330 0.29 -23.94 24.39
CA ALA F 330 0.29 -25.31 23.90
C ALA F 330 -0.17 -26.29 24.96
N ALA F 331 -0.10 -25.90 26.23
CA ALA F 331 -0.58 -26.76 27.31
C ALA F 331 -2.10 -26.80 27.37
N VAL F 332 -2.75 -25.67 27.15
CA VAL F 332 -4.19 -25.58 27.28
C VAL F 332 -4.91 -25.65 25.93
N GLN F 333 -4.22 -25.32 24.82
CA GLN F 333 -4.72 -25.75 23.53
C GLN F 333 -4.76 -27.28 23.47
N SER F 334 -3.78 -27.93 24.09
CA SER F 334 -3.78 -29.38 24.24
C SER F 334 -4.70 -29.87 25.35
N MET F 335 -5.28 -28.96 26.15
CA MET F 335 -6.20 -29.39 27.20
C MET F 335 -7.61 -29.58 26.66
N ASN F 336 -8.10 -28.62 25.86
CA ASN F 336 -9.46 -28.70 25.34
C ASN F 336 -9.68 -29.99 24.56
N LEU F 337 -8.80 -30.28 23.60
CA LEU F 337 -8.90 -31.49 22.80
C LEU F 337 -8.84 -32.76 23.65
N ALA F 338 -8.19 -32.69 24.81
CA ALA F 338 -8.13 -33.82 25.72
C ALA F 338 -9.36 -33.93 26.61
N LEU F 339 -10.24 -32.92 26.62
CA LEU F 339 -11.57 -33.13 27.17
C LEU F 339 -12.64 -32.53 26.26
N GLY F 340 -12.33 -32.32 24.99
CA GLY F 340 -13.34 -32.02 24.01
C GLY F 340 -13.79 -30.57 23.91
N TRP F 341 -13.26 -29.67 24.74
CA TRP F 341 -13.60 -28.27 24.57
C TRP F 341 -13.01 -27.77 23.25
N PRO F 342 -13.57 -26.71 22.66
CA PRO F 342 -13.05 -26.24 21.37
C PRO F 342 -11.57 -25.90 21.47
N GLU F 343 -10.83 -26.32 20.44
CA GLU F 343 -9.37 -26.17 20.40
C GLU F 343 -8.93 -24.72 20.48
N THR F 344 -9.83 -23.79 20.20
CA THR F 344 -9.56 -22.36 20.17
C THR F 344 -10.00 -21.63 21.43
N ASP F 345 -10.66 -22.31 22.36
CA ASP F 345 -11.15 -21.69 23.59
C ASP F 345 -9.97 -21.12 24.39
N GLY F 346 -10.23 -20.03 25.11
CA GLY F 346 -9.23 -19.40 25.95
C GLY F 346 -8.04 -18.81 25.23
N LEU F 347 -7.96 -18.96 23.92
CA LEU F 347 -6.82 -18.52 23.14
C LEU F 347 -7.29 -17.49 22.13
N SER F 348 -6.46 -16.50 21.87
CA SER F 348 -6.72 -15.49 20.87
C SER F 348 -5.55 -15.47 19.88
N VAL F 349 -5.76 -14.88 18.71
CA VAL F 349 -4.63 -14.77 17.75
C VAL F 349 -4.25 -13.30 17.62
N VAL F 350 -4.93 -12.41 18.34
CA VAL F 350 -4.60 -10.95 18.26
C VAL F 350 -3.33 -10.69 19.06
N GLY F 351 -2.42 -9.91 18.50
CA GLY F 351 -1.17 -9.57 19.18
C GLY F 351 -1.37 -8.42 20.14
N VAL F 352 -0.42 -8.20 21.05
CA VAL F 352 -0.52 -7.05 21.99
C VAL F 352 0.58 -6.07 21.63
N ALA F 353 0.39 -5.33 20.55
CA ALA F 353 1.39 -4.37 20.05
C ALA F 353 0.94 -2.96 20.44
N PRO F 354 1.86 -1.99 20.51
CA PRO F 354 3.27 -2.24 20.31
C PRO F 354 4.01 -2.59 21.60
N ALA G 11 50.35 19.91 10.04
CA ALA G 11 49.12 19.41 10.63
C ALA G 11 48.29 18.58 9.65
N THR G 12 47.32 17.85 10.19
CA THR G 12 46.37 17.07 9.41
C THR G 12 44.99 17.67 9.63
N LYS G 13 44.61 18.62 8.79
CA LYS G 13 43.27 19.18 8.87
C LYS G 13 42.24 18.26 8.20
N VAL G 14 41.14 18.02 8.89
CA VAL G 14 40.19 16.95 8.59
C VAL G 14 38.79 17.53 8.40
N ALA G 15 38.00 16.91 7.53
CA ALA G 15 36.63 17.36 7.26
C ALA G 15 35.68 16.16 7.20
N VAL G 16 34.48 16.33 7.76
CA VAL G 16 33.51 15.24 7.88
C VAL G 16 32.25 15.63 7.12
N ALA G 17 31.79 14.73 6.26
CA ALA G 17 30.49 14.86 5.62
C ALA G 17 29.59 13.76 6.15
N GLY G 18 28.30 13.96 6.02
CA GLY G 18 27.36 13.07 6.68
C GLY G 18 27.47 13.18 8.18
N ALA G 19 28.02 14.30 8.65
CA ALA G 19 28.34 14.60 10.03
C ALA G 19 27.11 14.79 10.90
N SER G 20 25.93 14.44 10.39
CA SER G 20 24.69 14.49 11.15
C SER G 20 24.11 13.12 11.42
N GLY G 21 24.71 12.07 10.84
CA GLY G 21 24.18 10.73 10.98
C GLY G 21 24.86 9.94 12.09
N TYR G 22 24.32 8.74 12.30
CA TYR G 22 24.92 7.79 13.22
C TYR G 22 26.36 7.52 12.85
N ALA G 23 26.62 7.20 11.58
CA ALA G 23 27.96 7.02 11.07
C ALA G 23 28.78 8.26 11.43
N GLY G 24 28.52 9.36 10.77
CA GLY G 24 29.11 10.63 11.14
C GLY G 24 29.32 10.90 12.62
N GLY G 25 28.31 10.63 13.46
CA GLY G 25 28.50 10.75 14.90
C GLY G 25 29.70 9.99 15.46
N GLU G 26 29.70 8.68 15.27
CA GLU G 26 30.73 7.87 15.90
C GLU G 26 32.13 8.08 15.33
N ILE G 27 32.30 8.52 14.07
CA ILE G 27 33.64 8.93 13.63
C ILE G 27 34.11 10.14 14.44
N LEU G 28 33.21 11.05 14.80
CA LEU G 28 33.68 12.20 15.57
C LEU G 28 34.03 11.80 17.01
N ARG G 29 33.37 10.76 17.54
CA ARG G 29 33.69 10.27 18.88
C ARG G 29 35.13 9.78 18.96
N LEU G 30 35.51 8.85 18.07
CA LEU G 30 36.88 8.38 18.03
C LEU G 30 37.85 9.51 17.70
N LEU G 31 37.57 10.25 16.62
CA LEU G 31 38.45 11.34 16.19
C LEU G 31 38.71 12.32 17.31
N LEU G 32 37.80 12.44 18.26
CA LEU G 32 38.05 13.34 19.38
C LEU G 32 39.09 12.75 20.34
N GLY G 33 39.07 11.45 20.56
CA GLY G 33 40.05 10.85 21.45
C GLY G 33 41.34 10.42 20.77
N HIS G 34 41.72 11.07 19.64
CA HIS G 34 42.88 10.61 18.87
C HIS G 34 44.13 11.40 19.25
N PRO G 35 45.23 10.71 19.56
CA PRO G 35 46.46 11.44 19.96
C PRO G 35 46.90 12.46 18.95
N ALA G 36 46.78 12.17 17.65
CA ALA G 36 47.10 13.16 16.62
C ALA G 36 46.27 14.42 16.77
N TYR G 37 45.16 14.35 17.49
CA TYR G 37 44.32 15.51 17.76
C TYR G 37 44.75 16.22 19.04
N ALA G 38 45.13 15.45 20.06
CA ALA G 38 45.65 16.06 21.28
C ALA G 38 47.03 16.65 21.05
N ASP G 39 47.90 15.97 20.30
CA ASP G 39 49.23 16.51 20.08
C ASP G 39 49.24 17.67 19.09
N GLY G 40 48.10 18.03 18.51
CA GLY G 40 47.96 19.17 17.62
C GLY G 40 48.07 18.86 16.14
N ARG G 41 48.63 17.69 15.75
CA ARG G 41 48.88 17.38 14.35
C ARG G 41 47.64 16.92 13.60
N LEU G 42 46.48 16.91 14.24
CA LEU G 42 45.20 16.68 13.56
C LEU G 42 44.12 17.58 14.15
N ARG G 43 43.43 18.30 13.28
CA ARG G 43 42.35 19.19 13.63
C ARG G 43 41.10 18.77 12.86
N ILE G 44 39.95 19.18 13.36
CA ILE G 44 38.68 18.99 12.67
C ILE G 44 38.33 20.30 11.98
N GLY G 45 38.16 20.25 10.66
CA GLY G 45 37.90 21.45 9.89
C GLY G 45 36.43 21.74 9.69
N ALA G 46 35.95 21.61 8.45
CA ALA G 46 34.55 21.83 8.12
C ALA G 46 33.76 20.54 8.30
N LEU G 47 32.55 20.67 8.88
CA LEU G 47 31.63 19.56 9.05
C LEU G 47 30.36 19.84 8.26
N THR G 48 29.92 18.86 7.44
CA THR G 48 28.81 19.05 6.51
C THR G 48 27.78 17.95 6.61
N ALA G 49 26.53 18.34 6.38
CA ALA G 49 25.38 17.45 6.41
C ALA G 49 24.60 17.54 5.11
N ALA G 50 23.63 16.64 4.98
CA ALA G 50 22.85 16.53 3.74
C ALA G 50 21.76 17.59 3.69
N THR G 51 20.93 17.71 4.75
CA THR G 51 19.85 18.68 4.80
C THR G 51 20.14 19.89 5.68
N SER G 52 21.06 19.75 6.63
CA SER G 52 21.05 20.50 7.88
C SER G 52 21.95 21.73 7.88
N ALA G 53 22.09 22.42 6.75
CA ALA G 53 23.05 23.52 6.63
C ALA G 53 22.66 24.68 7.54
N GLY G 54 23.57 25.06 8.44
CA GLY G 54 23.39 26.15 9.38
C GLY G 54 23.16 25.70 10.82
N SER G 55 22.79 24.44 11.02
CA SER G 55 22.45 23.89 12.32
C SER G 55 23.68 23.85 13.23
N THR G 56 23.44 23.59 14.51
CA THR G 56 24.52 23.36 15.46
C THR G 56 24.70 21.86 15.65
N LEU G 57 25.94 21.45 15.94
CA LEU G 57 26.25 20.03 16.03
C LEU G 57 25.52 19.36 17.19
N GLY G 58 25.40 20.07 18.32
CA GLY G 58 24.74 19.49 19.48
C GLY G 58 23.27 19.19 19.27
N GLU G 59 22.62 19.92 18.35
CA GLU G 59 21.25 19.61 17.98
C GLU G 59 21.16 18.19 17.46
N HIS G 60 22.21 17.71 16.80
CA HIS G 60 22.18 16.42 16.14
C HIS G 60 22.92 15.33 16.89
N HIS G 61 23.96 15.66 17.66
CA HIS G 61 24.70 14.69 18.46
C HIS G 61 24.96 15.25 19.85
N PRO G 62 23.96 15.19 20.76
CA PRO G 62 24.10 15.80 22.10
C PRO G 62 25.18 15.16 22.96
N HIS G 63 25.86 14.14 22.44
CA HIS G 63 26.91 13.44 23.15
C HIS G 63 28.29 13.94 22.81
N LEU G 64 28.41 15.02 22.04
CA LEU G 64 29.73 15.52 21.65
C LEU G 64 30.00 16.89 22.27
N THR G 65 29.84 16.98 23.59
CA THR G 65 29.88 18.21 24.38
C THR G 65 31.07 19.12 24.07
N PRO G 66 32.24 18.60 23.60
CA PRO G 66 33.21 19.50 22.99
C PRO G 66 32.68 20.12 21.70
N LEU G 67 32.44 19.30 20.67
CA LEU G 67 32.07 19.79 19.34
C LEU G 67 30.61 20.23 19.23
N ALA G 68 29.84 20.20 20.32
CA ALA G 68 28.44 20.63 20.26
C ALA G 68 28.27 22.01 19.63
N HIS G 69 29.27 22.88 19.77
CA HIS G 69 29.15 24.26 19.30
C HIS G 69 29.32 24.41 17.79
N ARG G 70 30.01 23.47 17.14
CA ARG G 70 30.43 23.68 15.77
C ARG G 70 29.22 23.68 14.83
N VAL G 71 29.23 24.60 13.85
CA VAL G 71 28.10 24.80 12.94
C VAL G 71 28.29 23.96 11.68
N VAL G 72 27.19 23.32 11.26
CA VAL G 72 27.20 22.52 10.05
C VAL G 72 27.29 23.45 8.84
N GLU G 73 27.88 22.93 7.77
CA GLU G 73 27.99 23.59 6.48
C GLU G 73 27.45 22.61 5.43
N PRO G 74 27.34 22.96 4.15
CA PRO G 74 26.76 22.00 3.21
C PRO G 74 27.80 21.12 2.51
N THR G 75 27.43 19.87 2.31
CA THR G 75 28.22 18.95 1.51
C THR G 75 28.49 19.56 0.15
N GLU G 76 29.66 20.17 -0.03
CA GLU G 76 30.06 20.80 -1.29
C GLU G 76 31.58 20.87 -1.35
N ALA G 77 32.17 20.21 -2.36
CA ALA G 77 33.62 20.12 -2.49
C ALA G 77 34.32 21.48 -2.44
N ALA G 78 33.58 22.57 -2.66
CA ALA G 78 34.15 23.91 -2.54
C ALA G 78 34.42 24.28 -1.09
N VAL G 79 33.59 23.81 -0.16
CA VAL G 79 33.89 23.93 1.27
C VAL G 79 34.79 22.79 1.74
N LEU G 80 34.71 21.61 1.09
CA LEU G 80 35.45 20.44 1.52
C LEU G 80 36.77 20.22 0.78
N GLY G 81 37.11 21.06 -0.18
CA GLY G 81 38.51 21.22 -0.51
C GLY G 81 39.25 21.86 0.67
N GLY G 82 40.50 22.23 0.44
CA GLY G 82 41.30 22.83 1.49
C GLY G 82 41.66 21.89 2.63
N HIS G 83 40.71 21.06 3.08
CA HIS G 83 41.03 19.99 4.03
C HIS G 83 41.69 18.83 3.30
N ASP G 84 42.75 18.30 3.90
CA ASP G 84 43.49 17.20 3.32
C ASP G 84 42.93 15.84 3.69
N ALA G 85 41.97 15.78 4.61
CA ALA G 85 41.23 14.56 4.86
C ALA G 85 39.74 14.88 4.78
N VAL G 86 38.98 14.02 4.09
CA VAL G 86 37.54 14.22 3.91
C VAL G 86 36.85 12.90 4.18
N PHE G 87 35.82 12.95 5.04
CA PHE G 87 35.09 11.76 5.46
C PHE G 87 33.67 11.79 4.89
N LEU G 88 33.34 10.77 4.10
CA LEU G 88 32.03 10.65 3.47
C LEU G 88 31.25 9.54 4.17
N ALA G 89 30.34 9.95 5.05
CA ALA G 89 29.43 9.05 5.76
C ALA G 89 28.03 9.11 5.16
N LEU G 90 27.95 9.35 3.86
CA LEU G 90 26.71 9.57 3.16
C LEU G 90 26.14 8.20 2.80
N PRO G 91 24.94 8.13 2.19
CA PRO G 91 24.52 6.83 1.64
C PRO G 91 25.29 6.55 0.37
N HIS G 92 24.93 5.48 -0.33
CA HIS G 92 25.58 5.19 -1.59
C HIS G 92 25.19 6.23 -2.64
N GLY G 93 26.04 6.38 -3.66
CA GLY G 93 25.78 7.28 -4.77
C GLY G 93 26.23 8.73 -4.61
N HIS G 94 26.02 9.31 -3.42
CA HIS G 94 26.47 10.69 -3.16
C HIS G 94 27.98 10.78 -3.06
N SER G 95 28.62 9.69 -2.62
CA SER G 95 30.08 9.70 -2.48
C SER G 95 30.75 9.67 -3.85
N ALA G 96 30.21 8.88 -4.78
CA ALA G 96 30.78 8.78 -6.12
C ALA G 96 31.01 10.15 -6.73
N VAL G 97 29.95 10.96 -6.78
CA VAL G 97 30.04 12.26 -7.45
C VAL G 97 31.01 13.18 -6.71
N LEU G 98 30.87 13.25 -5.39
CA LEU G 98 31.62 14.21 -4.58
C LEU G 98 33.13 13.98 -4.63
N ALA G 99 33.56 12.75 -4.94
CA ALA G 99 34.97 12.39 -4.85
C ALA G 99 35.76 12.84 -6.07
N GLN G 100 35.12 12.88 -7.24
CA GLN G 100 35.83 13.25 -8.46
C GLN G 100 35.91 14.76 -8.63
N GLN G 101 35.13 15.51 -7.87
CA GLN G 101 35.29 16.97 -7.80
C GLN G 101 36.48 17.36 -6.94
N LEU G 102 36.77 16.59 -5.89
CA LEU G 102 37.81 16.94 -4.94
C LEU G 102 39.19 16.65 -5.52
N SER G 103 40.17 17.41 -5.05
CA SER G 103 41.55 17.15 -5.42
C SER G 103 41.95 15.74 -4.99
N PRO G 104 42.57 14.94 -5.86
CA PRO G 104 42.86 13.54 -5.50
C PRO G 104 43.82 13.39 -4.33
N GLU G 105 44.76 14.33 -4.17
CA GLU G 105 45.75 14.29 -3.10
C GLU G 105 45.19 14.59 -1.74
N THR G 106 43.86 14.57 -1.58
CA THR G 106 43.21 14.68 -0.29
C THR G 106 42.58 13.33 0.04
N LEU G 107 42.88 12.80 1.22
CA LEU G 107 42.54 11.42 1.57
C LEU G 107 41.03 11.29 1.75
N ILE G 108 40.39 10.59 0.81
CA ILE G 108 38.94 10.38 0.81
C ILE G 108 38.64 9.08 1.55
N ILE G 109 37.62 9.09 2.41
CA ILE G 109 37.17 7.87 3.07
C ILE G 109 35.65 7.81 3.08
N ASP G 110 35.07 7.10 2.12
CA ASP G 110 33.62 6.92 2.09
C ASP G 110 33.25 5.67 2.88
N CYS G 111 32.31 5.82 3.82
CA CYS G 111 31.72 4.67 4.50
C CYS G 111 30.60 4.01 3.70
N GLY G 112 29.98 4.74 2.78
CA GLY G 112 29.03 4.15 1.84
C GLY G 112 29.70 3.14 0.93
N ALA G 113 28.95 2.58 -0.01
CA ALA G 113 29.44 1.43 -0.77
C ALA G 113 29.93 1.77 -2.16
N ASP G 114 30.06 3.07 -2.51
CA ASP G 114 30.25 3.46 -3.90
C ASP G 114 31.53 2.94 -4.53
N PHE G 115 32.53 2.60 -3.72
CA PHE G 115 33.78 2.06 -4.24
C PHE G 115 34.14 0.74 -3.55
N ARG G 116 33.12 -0.03 -3.16
CA ARG G 116 33.35 -1.24 -2.39
C ARG G 116 33.43 -2.49 -3.26
N LEU G 117 32.48 -2.65 -4.18
CA LEU G 117 32.37 -3.90 -4.91
C LEU G 117 33.24 -3.91 -6.17
N THR G 118 33.81 -5.09 -6.47
CA THR G 118 34.74 -5.25 -7.58
C THR G 118 34.01 -5.43 -8.91
N ASP G 119 32.94 -6.21 -8.92
CA ASP G 119 32.25 -6.58 -10.16
C ASP G 119 31.23 -5.50 -10.49
N ALA G 120 31.48 -4.73 -11.54
CA ALA G 120 30.53 -3.69 -11.95
C ALA G 120 29.18 -4.28 -12.29
N ALA G 121 29.13 -5.53 -12.74
CA ALA G 121 27.86 -6.17 -13.14
C ALA G 121 26.97 -6.43 -11.94
N VAL G 122 27.53 -6.98 -10.86
CA VAL G 122 26.76 -7.19 -9.64
C VAL G 122 26.52 -5.89 -8.87
N TRP G 123 27.23 -4.81 -9.23
CA TRP G 123 26.98 -3.52 -8.59
C TRP G 123 25.68 -2.90 -9.10
N GLU G 124 25.55 -2.79 -10.43
CA GLU G 124 24.28 -2.31 -10.97
C GLU G 124 23.14 -3.26 -10.66
N ARG G 125 23.44 -4.44 -10.12
CA ARG G 125 22.40 -5.40 -9.75
C ARG G 125 21.64 -4.94 -8.50
N PHE G 126 22.35 -4.82 -7.37
CA PHE G 126 21.71 -4.52 -6.10
C PHE G 126 21.47 -3.03 -5.87
N TYR G 127 22.19 -2.16 -6.59
CA TYR G 127 22.16 -0.72 -6.35
C TYR G 127 21.52 0.07 -7.48
N GLY G 128 21.27 -0.54 -8.64
CA GLY G 128 20.65 0.15 -9.77
C GLY G 128 21.27 1.48 -10.14
N SER G 129 22.55 1.48 -10.48
CA SER G 129 23.27 2.66 -10.98
C SER G 129 24.62 2.22 -11.49
N SER G 130 25.38 3.17 -12.03
CA SER G 130 26.61 2.85 -12.74
C SER G 130 27.80 2.91 -11.78
N HIS G 131 28.47 1.77 -11.62
CA HIS G 131 29.67 1.58 -10.81
C HIS G 131 30.71 2.68 -11.06
N ALA G 132 30.95 3.52 -10.04
CA ALA G 132 31.93 4.60 -10.15
C ALA G 132 33.37 4.13 -9.90
N GLY G 133 33.56 2.90 -9.43
CA GLY G 133 34.88 2.36 -9.17
C GLY G 133 34.85 1.44 -7.97
N SER G 134 36.04 0.99 -7.59
CA SER G 134 36.33 0.32 -6.33
C SER G 134 37.44 1.12 -5.66
N TRP G 135 37.84 0.74 -4.44
CA TRP G 135 38.88 1.45 -3.71
C TRP G 135 39.57 0.47 -2.77
N PRO G 136 40.77 0.81 -2.26
CA PRO G 136 41.38 -0.01 -1.21
C PRO G 136 40.39 -0.29 -0.08
N TYR G 137 40.21 -1.57 0.21
CA TYR G 137 39.15 -2.04 1.09
C TYR G 137 39.57 -1.87 2.55
N GLY G 138 38.90 -0.96 3.25
CA GLY G 138 39.28 -0.56 4.59
C GLY G 138 39.18 -1.57 5.73
N LEU G 139 39.19 -2.87 5.43
CA LEU G 139 39.15 -3.90 6.47
C LEU G 139 40.51 -4.59 6.57
N PRO G 140 41.49 -3.99 7.31
CA PRO G 140 42.88 -4.42 7.17
C PRO G 140 43.16 -5.72 7.87
N GLU G 141 42.09 -6.41 8.23
CA GLU G 141 42.20 -7.78 8.69
C GLU G 141 42.17 -8.77 7.53
N LEU G 142 41.57 -8.38 6.40
CA LEU G 142 41.58 -9.24 5.21
C LEU G 142 43.01 -9.35 4.67
N PRO G 143 43.43 -10.55 4.24
CA PRO G 143 44.77 -10.66 3.63
C PRO G 143 44.86 -9.80 2.39
N GLY G 144 46.05 -9.22 2.19
CA GLY G 144 46.28 -8.23 1.15
C GLY G 144 45.79 -6.84 1.49
N ALA G 145 44.95 -6.69 2.51
CA ALA G 145 44.23 -5.44 2.72
C ALA G 145 45.09 -4.40 3.40
N ARG G 146 45.76 -4.76 4.51
CA ARG G 146 46.47 -3.75 5.30
C ARG G 146 47.52 -3.04 4.47
N ASP G 147 48.09 -3.72 3.47
CA ASP G 147 49.17 -3.15 2.68
C ASP G 147 48.67 -2.31 1.53
N GLN G 148 47.52 -2.64 0.94
CA GLN G 148 46.92 -1.79 -0.08
C GLN G 148 46.18 -0.61 0.54
N LEU G 149 46.17 -0.53 1.88
CA LEU G 149 45.71 0.63 2.65
C LEU G 149 46.84 1.45 3.25
N ARG G 150 48.00 0.81 3.50
CA ARG G 150 49.22 1.50 3.92
C ARG G 150 49.66 2.48 2.84
N GLY G 151 49.12 3.70 2.88
CA GLY G 151 49.56 4.76 1.99
C GLY G 151 48.57 5.25 0.93
N THR G 152 47.34 4.72 0.87
CA THR G 152 46.42 5.12 -0.20
C THR G 152 45.63 6.36 0.21
N ARG G 153 45.16 7.10 -0.77
CA ARG G 153 44.39 8.33 -0.52
C ARG G 153 42.91 8.17 -0.83
N ARG G 154 42.46 6.93 -1.08
CA ARG G 154 41.06 6.61 -1.35
C ARG G 154 40.79 5.28 -0.68
N ILE G 155 39.84 5.24 0.25
CA ILE G 155 39.53 4.01 0.97
C ILE G 155 38.02 3.79 0.92
N ALA G 156 37.62 2.53 0.82
CA ALA G 156 36.21 2.14 0.85
C ALA G 156 35.97 1.34 2.11
N VAL G 157 35.21 1.90 3.05
CA VAL G 157 34.99 1.27 4.35
C VAL G 157 33.90 0.22 4.22
N PRO G 158 34.11 -1.00 4.71
CA PRO G 158 33.22 -2.11 4.40
C PRO G 158 31.84 -1.96 5.03
N GLY G 159 30.95 -2.87 4.66
CA GLY G 159 29.62 -2.87 5.21
C GLY G 159 29.62 -3.15 6.70
N CYS G 160 28.48 -2.82 7.33
CA CYS G 160 28.28 -3.11 8.75
C CYS G 160 28.33 -4.61 9.00
N TYR G 161 27.37 -5.34 8.42
CA TYR G 161 27.24 -6.80 8.49
C TYR G 161 28.42 -7.56 7.88
N PRO G 162 28.95 -7.16 6.71
CA PRO G 162 30.08 -7.91 6.15
C PRO G 162 31.20 -8.18 7.14
N THR G 163 31.70 -7.15 7.86
CA THR G 163 32.86 -7.35 8.71
C THR G 163 32.61 -8.44 9.75
N ALA G 164 31.40 -8.49 10.32
CA ALA G 164 31.12 -9.61 11.21
C ALA G 164 31.04 -10.94 10.47
N ALA G 165 30.75 -10.92 9.17
CA ALA G 165 30.57 -12.19 8.48
C ALA G 165 31.91 -12.86 8.19
N LEU G 166 32.86 -12.07 7.70
CA LEU G 166 34.13 -12.63 7.26
C LEU G 166 35.02 -13.05 8.44
N LEU G 167 35.02 -12.26 9.53
CA LEU G 167 35.81 -12.60 10.72
C LEU G 167 35.60 -14.05 11.14
N ALA G 168 34.36 -14.55 11.02
CA ALA G 168 33.98 -15.89 11.46
C ALA G 168 34.26 -16.97 10.42
N LEU G 169 34.64 -16.60 9.20
CA LEU G 169 34.68 -17.52 8.07
C LEU G 169 35.97 -17.44 7.25
N PHE G 170 36.52 -16.24 7.08
CA PHE G 170 37.71 -16.10 6.24
C PHE G 170 38.94 -16.79 6.81
N PRO G 171 39.03 -17.08 8.11
CA PRO G 171 40.13 -17.93 8.56
C PRO G 171 39.98 -19.40 8.17
N ALA G 172 38.76 -19.95 8.21
CA ALA G 172 38.57 -21.35 7.89
C ALA G 172 38.36 -21.60 6.40
N LEU G 173 38.04 -20.56 5.63
CA LEU G 173 37.95 -20.68 4.17
C LEU G 173 39.27 -20.42 3.47
N ALA G 174 40.24 -19.82 4.17
CA ALA G 174 41.60 -19.71 3.68
C ALA G 174 42.20 -21.11 3.52
N ALA G 175 42.49 -21.74 4.66
CA ALA G 175 43.01 -23.10 4.72
C ALA G 175 41.98 -24.14 4.31
N ASP G 176 40.82 -23.72 3.84
CA ASP G 176 39.80 -24.62 3.32
C ASP G 176 39.55 -25.79 4.29
N LEU G 177 38.87 -25.46 5.40
CA LEU G 177 38.38 -26.47 6.33
C LEU G 177 36.86 -26.50 6.43
N ILE G 178 36.15 -25.78 5.56
CA ILE G 178 34.68 -25.68 5.59
C ILE G 178 34.16 -25.64 4.17
N GLU G 179 33.11 -26.43 3.88
CA GLU G 179 32.59 -26.50 2.50
C GLU G 179 31.82 -25.23 2.15
N PRO G 180 32.14 -24.56 1.02
CA PRO G 180 31.65 -23.18 0.80
C PRO G 180 30.15 -23.06 0.60
N ALA G 181 29.38 -23.81 1.38
CA ALA G 181 27.94 -23.59 1.50
C ALA G 181 27.65 -22.80 2.77
N VAL G 182 28.25 -21.62 2.84
CA VAL G 182 28.24 -20.82 4.06
C VAL G 182 26.87 -20.17 4.24
N THR G 183 26.27 -20.39 5.41
CA THR G 183 24.99 -19.83 5.79
C THR G 183 25.20 -19.00 7.06
N VAL G 184 24.81 -17.74 7.04
CA VAL G 184 25.14 -16.79 8.10
C VAL G 184 23.91 -15.98 8.52
N VAL G 185 23.66 -15.91 9.83
CA VAL G 185 22.59 -15.12 10.42
C VAL G 185 23.16 -14.19 11.48
N ALA G 186 22.65 -12.96 11.53
CA ALA G 186 23.09 -11.99 12.53
C ALA G 186 21.91 -11.18 13.04
N VAL G 187 21.83 -11.03 14.39
CA VAL G 187 20.91 -10.12 15.05
C VAL G 187 21.66 -8.82 15.33
N SER G 188 20.93 -7.71 15.43
CA SER G 188 21.65 -6.43 15.45
C SER G 188 20.85 -5.32 16.10
N GLY G 189 21.59 -4.37 16.68
CA GLY G 189 21.01 -3.12 17.07
C GLY G 189 20.60 -2.30 15.86
N THR G 190 19.58 -1.47 16.04
CA THR G 190 18.94 -0.88 14.88
C THR G 190 19.76 0.22 14.23
N SER G 191 20.84 0.67 14.87
CA SER G 191 21.53 1.86 14.38
C SER G 191 22.23 1.65 13.04
N GLY G 192 22.35 0.40 12.58
CA GLY G 192 22.89 0.17 11.26
C GLY G 192 21.97 0.61 10.15
N ALA G 193 20.73 0.94 10.47
CA ALA G 193 19.70 1.33 9.50
C ALA G 193 19.59 2.85 9.36
N GLY G 194 20.72 3.55 9.37
CA GLY G 194 20.71 4.98 9.14
C GLY G 194 19.92 5.72 10.22
N ARG G 195 19.78 7.03 9.99
CA ARG G 195 19.08 7.90 10.93
C ARG G 195 17.94 8.66 10.29
N ALA G 196 17.71 8.47 9.00
CA ALA G 196 16.48 8.95 8.39
C ALA G 196 15.25 8.39 9.10
N ALA G 197 14.43 9.28 9.64
CA ALA G 197 13.30 8.88 10.48
C ALA G 197 12.20 8.23 9.65
N THR G 198 12.06 6.90 9.76
CA THR G 198 10.87 6.27 9.20
C THR G 198 10.08 5.49 10.25
N THR G 199 9.10 4.69 9.81
CA THR G 199 8.09 4.17 10.74
C THR G 199 8.57 2.97 11.56
N ASP G 200 9.13 1.96 10.91
CA ASP G 200 9.46 0.72 11.62
C ASP G 200 10.83 0.78 12.28
N LEU G 201 11.42 1.98 12.35
CA LEU G 201 12.54 2.27 13.24
C LEU G 201 12.12 3.22 14.38
N LEU G 202 10.84 3.24 14.73
CA LEU G 202 10.38 3.96 15.91
C LEU G 202 10.47 3.04 17.11
N GLY G 203 10.78 3.64 18.26
CA GLY G 203 11.07 2.86 19.45
C GLY G 203 9.99 1.84 19.77
N ALA G 204 8.75 2.30 19.89
CA ALA G 204 7.64 1.44 20.32
C ALA G 204 7.54 0.18 19.47
N GLU G 205 7.70 0.30 18.15
CA GLU G 205 7.62 -0.87 17.27
C GLU G 205 8.72 -1.88 17.61
N VAL G 206 9.98 -1.44 17.64
CA VAL G 206 11.08 -2.40 17.76
C VAL G 206 11.33 -2.87 19.20
N ILE G 207 10.87 -2.16 20.23
CA ILE G 207 11.09 -2.66 21.58
C ILE G 207 10.15 -3.83 21.82
N GLY G 208 10.69 -4.87 22.45
CA GLY G 208 9.96 -6.11 22.59
C GLY G 208 9.68 -6.79 21.28
N SER G 209 10.47 -6.50 20.26
CA SER G 209 10.17 -6.97 18.91
C SER G 209 11.46 -7.16 18.11
N ALA G 210 11.60 -8.35 17.52
CA ALA G 210 12.67 -8.66 16.59
C ALA G 210 12.06 -9.10 15.27
N ARG G 211 12.75 -8.78 14.18
CA ARG G 211 12.31 -9.15 12.85
C ARG G 211 13.54 -9.37 11.96
N ALA G 212 13.43 -10.32 11.04
CA ALA G 212 14.38 -10.45 9.95
C ALA G 212 13.83 -9.75 8.71
N TYR G 213 14.69 -9.03 8.00
CA TYR G 213 14.25 -8.13 6.95
C TYR G 213 15.17 -8.29 5.74
N ASN G 214 14.61 -8.06 4.54
CA ASN G 214 15.36 -8.11 3.27
C ASN G 214 16.07 -9.47 3.09
N ILE G 215 15.31 -10.56 3.16
CA ILE G 215 15.91 -11.90 3.24
C ILE G 215 16.16 -12.53 1.88
N ALA G 216 16.89 -13.66 1.90
CA ALA G 216 17.13 -14.54 0.74
C ALA G 216 17.81 -13.80 -0.41
N GLY G 217 18.98 -13.25 -0.11
CA GLY G 217 19.85 -12.68 -1.13
C GLY G 217 19.36 -11.47 -1.89
N VAL G 218 18.74 -10.51 -1.20
CA VAL G 218 18.39 -9.22 -1.79
C VAL G 218 19.08 -8.06 -1.10
N HIS G 219 19.67 -8.30 0.08
CA HIS G 219 20.40 -7.27 0.82
C HIS G 219 21.81 -7.11 0.25
N ARG G 220 22.21 -5.86 -0.01
CA ARG G 220 23.44 -5.47 -0.70
C ARG G 220 24.73 -5.80 0.07
N HIS G 221 24.65 -6.40 1.26
CA HIS G 221 25.84 -6.82 1.99
C HIS G 221 26.15 -8.30 1.81
N THR G 222 25.22 -9.09 1.25
CA THR G 222 25.54 -10.45 0.80
C THR G 222 26.58 -10.46 -0.31
N PRO G 223 26.50 -9.60 -1.36
CA PRO G 223 27.57 -9.56 -2.36
C PRO G 223 28.87 -8.94 -1.87
N GLU G 224 28.83 -8.16 -0.78
CA GLU G 224 30.07 -7.74 -0.13
C GLU G 224 30.74 -8.92 0.56
N ILE G 225 29.93 -9.83 1.12
CA ILE G 225 30.43 -11.11 1.64
C ILE G 225 30.69 -12.10 0.51
N ALA G 226 30.12 -11.86 -0.67
CA ALA G 226 30.61 -12.52 -1.87
C ALA G 226 32.06 -12.09 -2.11
N GLN G 227 32.26 -10.85 -2.61
CA GLN G 227 33.59 -10.36 -2.95
C GLN G 227 34.67 -10.77 -1.96
N GLY G 228 34.49 -10.44 -0.68
CA GLY G 228 35.55 -10.66 0.28
C GLY G 228 35.82 -12.13 0.55
N LEU G 229 34.89 -13.00 0.19
CA LEU G 229 35.01 -14.45 0.36
C LEU G 229 35.66 -15.15 -0.84
N ARG G 230 35.47 -14.63 -2.06
CA ARG G 230 36.15 -15.16 -3.23
C ARG G 230 37.62 -14.74 -3.29
N ALA G 231 38.03 -13.83 -2.41
CA ALA G 231 39.41 -13.36 -2.39
C ALA G 231 40.35 -14.42 -1.85
N VAL G 232 39.99 -15.02 -0.72
CA VAL G 232 40.82 -16.01 -0.06
C VAL G 232 40.43 -17.43 -0.47
N THR G 233 39.78 -17.59 -1.62
CA THR G 233 39.45 -18.89 -2.15
C THR G 233 39.58 -18.83 -3.66
N ASP G 234 39.57 -20.00 -4.29
CA ASP G 234 39.40 -20.09 -5.72
C ASP G 234 38.06 -20.72 -6.11
N ARG G 235 37.28 -21.15 -5.12
CA ARG G 235 35.97 -21.76 -5.37
C ARG G 235 34.90 -20.70 -5.61
N ASP G 236 33.89 -21.07 -6.38
CA ASP G 236 32.65 -20.30 -6.38
C ASP G 236 32.07 -20.30 -4.99
N VAL G 237 31.64 -19.14 -4.52
CA VAL G 237 31.20 -19.01 -3.15
C VAL G 237 29.71 -18.72 -3.09
N SER G 238 29.07 -19.23 -2.03
CA SER G 238 27.62 -19.16 -1.83
C SER G 238 27.34 -18.65 -0.43
N VAL G 239 26.60 -17.53 -0.35
CA VAL G 239 26.33 -16.83 0.91
C VAL G 239 24.82 -16.67 1.08
N SER G 240 24.23 -17.44 2.00
CA SER G 240 22.80 -17.30 2.32
C SER G 240 22.68 -16.32 3.48
N PHE G 241 22.41 -15.05 3.18
CA PHE G 241 22.41 -14.01 4.18
C PHE G 241 21.01 -13.81 4.77
N THR G 242 20.98 -13.48 6.07
CA THR G 242 19.70 -13.35 6.77
C THR G 242 19.84 -12.43 7.99
N PRO G 243 19.68 -11.12 7.83
CA PRO G 243 19.85 -10.22 8.99
C PRO G 243 18.56 -10.10 9.80
N VAL G 244 18.73 -9.97 11.13
CA VAL G 244 17.63 -9.79 12.07
C VAL G 244 17.85 -8.52 12.86
N LEU G 245 16.78 -7.73 13.03
CA LEU G 245 16.81 -6.54 13.86
C LEU G 245 16.25 -6.90 15.23
N ILE G 246 16.94 -6.48 16.29
CA ILE G 246 16.49 -6.74 17.66
C ILE G 246 16.49 -5.44 18.46
N PRO G 247 15.81 -5.44 19.65
CA PRO G 247 15.85 -4.27 20.54
C PRO G 247 17.24 -4.04 21.07
N ALA G 248 18.05 -3.28 20.34
CA ALA G 248 19.37 -2.89 20.82
C ALA G 248 19.78 -1.64 20.08
N SER G 249 20.51 -0.78 20.77
CA SER G 249 20.96 0.42 20.10
C SER G 249 22.16 0.15 19.19
N ARG G 250 22.89 -0.94 19.44
CA ARG G 250 24.10 -1.21 18.69
C ARG G 250 24.43 -2.69 18.80
N GLY G 251 25.33 -3.15 17.91
CA GLY G 251 25.94 -4.47 18.05
C GLY G 251 25.39 -5.61 17.20
N ILE G 252 26.29 -6.38 16.58
CA ILE G 252 25.97 -7.39 15.57
C ILE G 252 26.49 -8.76 16.01
N LEU G 253 25.59 -9.69 16.37
CA LEU G 253 25.95 -11.05 16.75
C LEU G 253 25.75 -11.97 15.57
N ALA G 254 26.85 -12.45 14.98
CA ALA G 254 26.83 -13.27 13.77
C ALA G 254 26.78 -14.77 14.09
N THR G 255 26.01 -15.51 13.28
CA THR G 255 25.93 -16.98 13.37
C THR G 255 26.27 -17.57 12.00
N CYS G 256 27.56 -17.83 11.77
CA CYS G 256 28.03 -18.31 10.47
C CYS G 256 28.21 -19.83 10.54
N THR G 257 27.39 -20.56 9.79
CA THR G 257 27.50 -22.01 9.69
C THR G 257 28.07 -22.39 8.33
N ALA G 258 28.61 -23.61 8.27
CA ALA G 258 29.18 -24.16 7.04
C ALA G 258 29.43 -25.64 7.23
N ARG G 259 29.38 -26.38 6.12
CA ARG G 259 29.62 -27.82 6.13
C ARG G 259 31.12 -28.11 6.28
N THR G 260 31.44 -29.06 7.16
CA THR G 260 32.82 -29.54 7.30
C THR G 260 32.83 -30.82 8.14
N ARG G 261 33.78 -31.71 7.84
CA ARG G 261 34.16 -32.76 8.78
C ARG G 261 35.60 -32.56 9.21
N SER G 262 36.00 -31.30 9.41
CA SER G 262 37.30 -30.98 9.95
C SER G 262 37.37 -31.36 11.42
N PRO G 263 38.57 -31.63 11.95
CA PRO G 263 38.69 -31.87 13.39
C PRO G 263 38.55 -30.56 14.14
N LEU G 264 37.75 -30.59 15.23
CA LEU G 264 37.63 -29.42 16.09
C LEU G 264 38.99 -28.79 16.38
N SER G 265 40.00 -29.63 16.62
CA SER G 265 41.29 -29.15 17.07
C SER G 265 42.10 -28.49 15.96
N GLN G 266 42.01 -28.98 14.72
CA GLN G 266 42.66 -28.26 13.62
C GLN G 266 41.94 -26.93 13.35
N LEU G 267 40.63 -26.89 13.61
CA LEU G 267 39.86 -25.68 13.38
C LEU G 267 40.35 -24.54 14.26
N ARG G 268 40.40 -24.76 15.59
CA ARG G 268 40.84 -23.71 16.50
C ARG G 268 42.29 -23.30 16.26
N ALA G 269 43.14 -24.24 15.83
CA ALA G 269 44.56 -23.94 15.63
C ALA G 269 44.76 -22.99 14.45
N ALA G 270 43.98 -23.16 13.39
CA ALA G 270 44.03 -22.23 12.28
C ALA G 270 43.67 -20.82 12.73
N TYR G 271 42.65 -20.68 13.56
CA TYR G 271 42.18 -19.36 13.97
C TYR G 271 43.22 -18.66 14.84
N GLU G 272 43.82 -19.38 15.80
CA GLU G 272 44.80 -18.76 16.68
C GLU G 272 45.94 -18.16 15.88
N LYS G 273 46.51 -18.93 14.94
CA LYS G 273 47.63 -18.42 14.16
C LYS G 273 47.20 -17.46 13.06
N ALA G 274 45.89 -17.26 12.87
CA ALA G 274 45.37 -16.17 12.04
C ALA G 274 45.12 -14.89 12.83
N TYR G 275 45.12 -14.96 14.15
CA TYR G 275 44.71 -13.84 14.98
C TYR G 275 45.69 -13.58 16.13
N HIS G 276 46.88 -14.15 16.04
CA HIS G 276 47.91 -14.03 17.11
C HIS G 276 48.45 -12.59 17.19
N ALA G 277 48.64 -11.93 16.05
CA ALA G 277 49.19 -10.55 16.06
C ALA G 277 48.26 -9.63 15.29
N GLU G 278 46.96 -9.89 15.36
CA GLU G 278 45.91 -8.89 15.05
C GLU G 278 45.22 -8.46 16.34
N PRO G 279 45.31 -7.18 16.76
CA PRO G 279 45.00 -6.79 18.12
C PRO G 279 43.53 -6.43 18.32
N PHE G 280 42.81 -6.18 17.22
CA PHE G 280 41.39 -5.86 17.26
C PHE G 280 40.50 -7.09 17.22
N ILE G 281 41.06 -8.29 17.38
CA ILE G 281 40.28 -9.53 17.31
C ILE G 281 40.65 -10.45 18.48
N TYR G 282 39.77 -10.56 19.47
CA TYR G 282 39.89 -11.53 20.55
C TYR G 282 39.32 -12.89 20.11
N LEU G 283 39.80 -13.95 20.76
CA LEU G 283 39.37 -15.31 20.48
C LEU G 283 38.87 -15.93 21.77
N MET G 284 37.56 -16.11 21.87
CA MET G 284 36.96 -16.62 23.09
C MET G 284 37.69 -17.89 23.55
N PRO G 285 37.95 -18.05 24.84
CA PRO G 285 38.54 -19.30 25.30
C PRO G 285 37.51 -20.40 25.27
N GLU G 286 38.00 -21.62 25.08
CA GLU G 286 37.16 -22.81 25.02
C GLU G 286 36.18 -22.79 26.18
N GLY G 287 34.89 -22.67 25.87
CA GLY G 287 33.91 -22.51 26.93
C GLY G 287 33.14 -21.21 26.85
N GLN G 288 33.84 -20.13 26.49
CA GLN G 288 33.28 -18.76 26.40
C GLN G 288 32.83 -18.42 24.97
N LEU G 289 31.67 -17.79 24.84
CA LEU G 289 31.00 -17.49 23.56
C LEU G 289 30.59 -16.03 23.53
N PRO G 290 30.86 -15.33 22.42
CA PRO G 290 30.70 -13.87 22.40
C PRO G 290 29.32 -13.39 22.81
N ARG G 291 29.30 -12.26 23.51
CA ARG G 291 28.10 -11.47 23.78
C ARG G 291 28.31 -10.11 23.14
N THR G 292 27.27 -9.58 22.49
CA THR G 292 27.43 -8.22 21.96
C THR G 292 27.64 -7.22 23.09
N GLY G 293 27.15 -7.50 24.29
CA GLY G 293 27.38 -6.62 25.40
C GLY G 293 28.83 -6.45 25.81
N ALA G 294 29.75 -7.13 25.14
CA ALA G 294 31.18 -7.02 25.44
C ALA G 294 31.93 -6.22 24.38
N VAL G 295 31.26 -5.82 23.31
CA VAL G 295 31.92 -5.20 22.19
C VAL G 295 31.47 -3.77 21.96
N ILE G 296 30.32 -3.36 22.49
CA ILE G 296 29.79 -2.03 22.23
C ILE G 296 30.83 -0.97 22.61
N GLY G 297 31.09 -0.05 21.68
CA GLY G 297 32.03 1.02 21.91
C GLY G 297 33.48 0.62 21.73
N SER G 298 33.77 -0.66 21.57
CA SER G 298 35.12 -1.11 21.30
C SER G 298 35.26 -1.43 19.82
N ASN G 299 36.43 -1.12 19.27
CA ASN G 299 36.86 -1.54 17.94
C ASN G 299 37.00 -3.05 17.85
N ALA G 300 36.96 -3.75 18.99
CA ALA G 300 37.24 -5.18 19.07
C ALA G 300 36.19 -6.00 18.32
N ALA G 301 36.52 -7.27 18.14
CA ALA G 301 35.57 -8.22 17.56
C ALA G 301 35.82 -9.57 18.22
N HIS G 302 34.90 -10.01 19.09
CA HIS G 302 35.06 -11.26 19.82
C HIS G 302 34.51 -12.41 18.98
N ILE G 303 35.17 -13.57 19.04
CA ILE G 303 34.87 -14.67 18.12
C ILE G 303 35.01 -16.02 18.84
N ALA G 304 34.08 -16.94 18.57
CA ALA G 304 34.11 -18.32 19.07
C ALA G 304 33.84 -19.28 17.92
N VAL G 305 34.16 -20.56 18.14
CA VAL G 305 33.98 -21.62 17.16
C VAL G 305 33.76 -22.94 17.89
N ALA G 306 33.00 -23.83 17.27
CA ALA G 306 32.77 -25.14 17.87
C ALA G 306 32.49 -26.12 16.72
N VAL G 307 32.37 -27.40 17.05
CA VAL G 307 32.00 -28.40 16.05
C VAL G 307 30.67 -29.01 16.47
N ASP G 308 29.62 -28.76 15.70
CA ASP G 308 28.43 -29.61 15.76
C ASP G 308 28.85 -30.98 15.24
N GLU G 309 28.81 -32.01 16.07
CA GLU G 309 29.19 -33.34 15.62
C GLU G 309 28.20 -33.91 14.61
N ASP G 310 26.89 -33.85 14.93
CA ASP G 310 25.94 -34.71 14.23
C ASP G 310 25.41 -34.15 12.91
N ALA G 311 25.32 -32.84 12.75
CA ALA G 311 24.98 -32.30 11.44
C ALA G 311 26.20 -31.74 10.72
N GLN G 312 27.39 -32.25 11.07
CA GLN G 312 28.69 -31.85 10.49
C GLN G 312 28.78 -30.37 10.15
N THR G 313 28.49 -29.51 11.11
CA THR G 313 28.48 -28.07 10.92
C THR G 313 29.51 -27.40 11.81
N PHE G 314 30.37 -26.59 11.20
CA PHE G 314 31.34 -25.79 11.94
C PHE G 314 30.63 -24.51 12.33
N VAL G 315 30.14 -24.45 13.56
CA VAL G 315 29.41 -23.26 14.02
C VAL G 315 30.42 -22.19 14.39
N ALA G 316 30.28 -21.03 13.76
CA ALA G 316 31.06 -19.85 14.13
C ALA G 316 30.15 -18.81 14.76
N ILE G 317 30.66 -18.10 15.76
CA ILE G 317 29.93 -17.00 16.38
C ILE G 317 30.87 -15.83 16.52
N ALA G 318 30.41 -14.67 16.06
CA ALA G 318 31.13 -13.41 16.11
C ALA G 318 30.33 -12.37 16.94
N ALA G 319 30.78 -11.11 16.89
CA ALA G 319 30.22 -10.02 17.68
C ALA G 319 30.94 -8.70 17.43
N ILE G 320 30.20 -7.61 17.16
CA ILE G 320 30.83 -6.31 16.85
C ILE G 320 29.85 -5.14 16.94
N ASP G 321 30.26 -4.06 17.63
CA ASP G 321 29.53 -2.79 17.61
C ASP G 321 29.53 -2.22 16.19
N ASN G 322 28.33 -2.19 15.61
CA ASN G 322 28.17 -1.91 14.18
C ASN G 322 28.74 -0.57 13.75
N LEU G 323 28.93 0.36 14.66
CA LEU G 323 29.33 1.70 14.27
C LEU G 323 30.77 2.03 14.61
N VAL G 324 31.49 1.17 15.31
CA VAL G 324 32.91 1.40 15.54
C VAL G 324 33.69 0.66 14.46
N LYS G 325 34.14 -0.55 14.76
CA LYS G 325 34.80 -1.34 13.72
C LYS G 325 33.87 -1.61 12.55
N GLY G 326 32.57 -1.76 12.81
CA GLY G 326 31.60 -1.95 11.75
C GLY G 326 31.54 -0.82 10.76
N THR G 327 32.11 0.35 11.09
CA THR G 327 32.20 1.46 10.14
C THR G 327 33.19 2.54 10.60
N ALA G 328 32.97 3.20 11.74
CA ALA G 328 33.77 4.39 12.07
C ALA G 328 35.20 4.02 12.44
N GLY G 329 35.39 2.98 13.25
CA GLY G 329 36.73 2.54 13.57
C GLY G 329 37.43 1.90 12.39
N ALA G 330 36.69 1.09 11.63
CA ALA G 330 37.21 0.58 10.36
C ALA G 330 37.83 1.71 9.56
N ALA G 331 37.07 2.79 9.37
CA ALA G 331 37.59 3.99 8.71
C ALA G 331 38.82 4.53 9.44
N VAL G 332 38.68 4.79 10.73
CA VAL G 332 39.77 5.46 11.46
C VAL G 332 41.02 4.60 11.45
N GLN G 333 40.86 3.28 11.67
CA GLN G 333 41.93 2.32 11.40
C GLN G 333 42.68 2.66 10.13
N SER G 334 41.96 2.72 9.01
CA SER G 334 42.57 2.82 7.68
C SER G 334 43.18 4.19 7.41
N MET G 335 42.80 5.22 8.18
CA MET G 335 43.48 6.50 8.02
C MET G 335 44.83 6.51 8.74
N ASN G 336 44.94 5.77 9.85
CA ASN G 336 46.24 5.55 10.48
C ASN G 336 47.14 4.77 9.54
N LEU G 337 46.57 3.78 8.84
CA LEU G 337 47.31 3.04 7.82
C LEU G 337 47.79 3.93 6.71
N ALA G 338 47.06 5.01 6.44
CA ALA G 338 47.34 5.89 5.31
C ALA G 338 48.15 7.13 5.67
N LEU G 339 48.20 7.52 6.96
CA LEU G 339 48.92 8.73 7.35
C LEU G 339 50.31 8.44 7.92
N GLY G 340 50.45 7.40 8.73
CA GLY G 340 51.77 6.96 9.15
C GLY G 340 51.81 6.52 10.60
N TRP G 341 50.78 6.92 11.33
CA TRP G 341 50.71 6.68 12.76
C TRP G 341 50.26 5.24 13.04
N PRO G 342 50.55 4.72 14.24
CA PRO G 342 50.20 3.34 14.57
C PRO G 342 48.75 3.00 14.22
N GLU G 343 48.52 1.70 13.95
CA GLU G 343 47.19 1.24 13.54
C GLU G 343 46.16 1.42 14.65
N THR G 344 46.60 1.42 15.91
CA THR G 344 45.70 1.43 17.06
C THR G 344 45.42 2.84 17.60
N ASP G 345 45.93 3.88 16.95
CA ASP G 345 45.87 5.26 17.45
C ASP G 345 44.43 5.76 17.58
N GLY G 346 43.91 5.80 18.80
CA GLY G 346 42.58 6.30 19.03
C GLY G 346 41.49 5.25 19.08
N LEU G 347 41.88 4.00 18.86
CA LEU G 347 40.94 2.87 18.93
C LEU G 347 41.15 2.18 20.26
N SER G 348 40.10 1.66 20.87
CA SER G 348 40.29 0.90 22.12
C SER G 348 40.10 -0.57 21.77
N VAL G 349 39.67 -1.37 22.73
CA VAL G 349 39.45 -2.82 22.51
C VAL G 349 38.56 -3.37 23.64
N VAL G 350 38.23 -2.52 24.61
CA VAL G 350 37.40 -2.93 25.78
C VAL G 350 35.96 -2.45 25.55
N GLY G 351 35.01 -3.36 25.69
CA GLY G 351 33.59 -3.01 25.55
C GLY G 351 33.11 -2.21 26.73
N VAL G 352 32.08 -1.40 26.53
CA VAL G 352 31.53 -0.56 27.63
C VAL G 352 30.30 -1.25 28.23
N ALA G 353 30.48 -2.36 28.92
CA ALA G 353 29.34 -3.04 29.56
C ALA G 353 29.24 -2.57 31.01
N PRO G 354 28.14 -2.83 31.75
CA PRO G 354 26.81 -2.99 31.19
C PRO G 354 26.30 -1.81 30.35
N ALA H 11 55.52 3.09 39.15
CA ALA H 11 55.91 3.89 40.34
C ALA H 11 54.71 4.05 41.27
N THR H 12 53.55 3.47 40.89
CA THR H 12 52.31 3.47 41.70
C THR H 12 51.49 2.24 41.32
N LYS H 13 51.29 1.30 42.25
CA LYS H 13 50.53 0.06 41.92
C LYS H 13 49.08 0.19 42.41
N VAL H 14 48.14 -0.39 41.66
CA VAL H 14 46.70 -0.26 42.02
C VAL H 14 46.06 -1.63 42.24
N ALA H 15 45.09 -1.68 43.15
CA ALA H 15 44.34 -2.88 43.45
C ALA H 15 42.85 -2.56 43.46
N VAL H 16 42.01 -3.55 43.18
CA VAL H 16 40.57 -3.30 43.14
C VAL H 16 39.86 -4.50 43.74
N ALA H 17 39.09 -4.27 44.78
CA ALA H 17 38.37 -5.33 45.45
C ALA H 17 36.89 -5.24 45.13
N GLY H 18 36.20 -6.37 45.26
CA GLY H 18 34.91 -6.51 44.63
C GLY H 18 34.91 -6.26 43.13
N ALA H 19 36.04 -6.54 42.46
CA ALA H 19 36.23 -6.42 41.01
C ALA H 19 35.35 -7.36 40.21
N SER H 20 34.52 -8.17 40.86
CA SER H 20 33.58 -8.92 40.06
C SER H 20 32.32 -8.13 39.73
N GLY H 21 31.96 -7.15 40.56
CA GLY H 21 30.76 -6.37 40.36
C GLY H 21 30.89 -5.32 39.26
N TYR H 22 29.77 -4.65 39.01
CA TYR H 22 29.75 -3.66 37.94
C TYR H 22 30.67 -2.50 38.27
N ALA H 23 30.73 -2.12 39.55
CA ALA H 23 31.69 -1.09 39.95
C ALA H 23 33.11 -1.54 39.63
N GLY H 24 33.49 -2.74 40.07
CA GLY H 24 34.83 -3.23 39.80
C GLY H 24 35.20 -3.14 38.34
N GLY H 25 34.31 -3.61 37.46
CA GLY H 25 34.64 -3.66 36.05
C GLY H 25 34.96 -2.29 35.48
N GLU H 26 34.14 -1.29 35.81
CA GLU H 26 34.29 0.03 35.19
C GLU H 26 35.45 0.82 35.77
N ILE H 27 35.91 0.51 36.98
CA ILE H 27 37.23 1.00 37.36
C ILE H 27 38.28 0.36 36.46
N LEU H 28 38.26 -0.96 36.33
CA LEU H 28 39.17 -1.63 35.42
C LEU H 28 39.10 -1.09 33.99
N ARG H 29 37.91 -0.79 33.47
CA ARG H 29 37.85 -0.22 32.12
C ARG H 29 38.47 1.15 32.08
N LEU H 30 38.17 1.98 33.08
CA LEU H 30 38.69 3.34 33.14
C LEU H 30 40.20 3.36 33.20
N LEU H 31 40.79 2.58 34.13
CA LEU H 31 42.24 2.56 34.33
C LEU H 31 42.96 2.06 33.09
N LEU H 32 42.53 0.89 32.55
CA LEU H 32 43.07 0.31 31.33
C LEU H 32 43.25 1.33 30.22
N GLY H 33 42.57 2.48 30.32
CA GLY H 33 42.80 3.66 29.50
C GLY H 33 43.01 4.90 30.35
N HIS H 34 43.92 4.81 31.29
CA HIS H 34 44.36 5.96 32.07
C HIS H 34 45.73 6.36 31.58
N PRO H 35 45.97 7.64 31.27
CA PRO H 35 47.32 8.05 30.82
C PRO H 35 48.43 7.47 31.70
N ALA H 36 48.20 7.39 33.01
CA ALA H 36 49.17 6.75 33.88
C ALA H 36 49.36 5.29 33.49
N TYR H 37 48.28 4.55 33.31
CA TYR H 37 48.42 3.19 32.79
C TYR H 37 49.23 3.19 31.50
N ALA H 38 48.92 4.14 30.60
CA ALA H 38 49.56 4.20 29.30
C ALA H 38 51.05 4.57 29.39
N ASP H 39 51.45 5.41 30.36
CA ASP H 39 52.86 5.75 30.51
C ASP H 39 53.49 5.09 31.74
N GLY H 40 52.97 3.94 32.15
CA GLY H 40 53.57 3.11 33.18
C GLY H 40 53.42 3.59 34.61
N ARG H 41 53.19 4.91 34.78
CA ARG H 41 53.14 5.56 36.10
C ARG H 41 52.22 4.85 37.09
N LEU H 42 51.22 4.11 36.57
CA LEU H 42 50.27 3.36 37.38
C LEU H 42 50.25 1.90 36.94
N ARG H 43 50.37 0.99 37.90
CA ARG H 43 50.31 -0.43 37.61
C ARG H 43 49.02 -1.04 38.16
N ILE H 44 48.52 -2.07 37.46
CA ILE H 44 47.31 -2.79 37.83
C ILE H 44 47.73 -4.09 38.51
N GLY H 45 47.35 -4.26 39.78
CA GLY H 45 47.89 -5.30 40.64
C GLY H 45 46.99 -6.43 41.13
N ALA H 46 46.32 -6.23 42.27
CA ALA H 46 45.41 -7.22 42.82
C ALA H 46 44.00 -6.93 42.34
N LEU H 47 43.34 -7.99 41.89
CA LEU H 47 41.93 -8.00 41.52
C LEU H 47 41.28 -9.01 42.44
N THR H 48 40.41 -8.54 43.33
CA THR H 48 39.81 -9.46 44.29
C THR H 48 38.29 -9.35 44.31
N ALA H 49 37.67 -10.49 44.66
CA ALA H 49 36.27 -10.61 45.02
C ALA H 49 36.22 -11.38 46.33
N ALA H 50 35.11 -11.22 47.06
CA ALA H 50 34.99 -11.89 48.35
C ALA H 50 34.60 -13.35 48.20
N THR H 51 34.01 -13.70 47.07
CA THR H 51 33.59 -15.04 46.74
C THR H 51 33.68 -15.20 45.23
N SER H 52 33.87 -16.45 44.78
CA SER H 52 34.23 -16.83 43.40
C SER H 52 35.71 -16.58 43.13
N ALA H 53 36.50 -16.38 44.19
CA ALA H 53 37.94 -16.30 44.06
C ALA H 53 38.50 -17.62 43.52
N GLY H 54 39.61 -17.50 42.81
CA GLY H 54 40.15 -18.61 42.05
C GLY H 54 39.62 -18.71 40.64
N SER H 55 39.11 -17.61 40.08
CA SER H 55 38.53 -17.58 38.75
C SER H 55 39.30 -16.60 37.88
N THR H 56 39.16 -16.77 36.58
CA THR H 56 39.73 -15.78 35.70
C THR H 56 38.69 -14.66 35.51
N LEU H 57 39.18 -13.45 35.19
CA LEU H 57 38.30 -12.29 35.06
C LEU H 57 37.27 -12.51 33.97
N GLY H 58 37.69 -13.03 32.83
CA GLY H 58 36.81 -13.34 31.71
C GLY H 58 35.44 -13.88 32.06
N GLU H 59 35.36 -14.78 33.05
CA GLU H 59 34.07 -15.26 33.51
C GLU H 59 33.22 -14.18 34.16
N HIS H 60 33.76 -12.95 34.29
CA HIS H 60 33.12 -11.87 35.04
C HIS H 60 33.00 -10.57 34.26
N HIS H 61 33.99 -10.23 33.44
CA HIS H 61 33.94 -9.01 32.61
C HIS H 61 34.59 -9.32 31.28
N PRO H 62 33.84 -9.89 30.33
CA PRO H 62 34.44 -10.23 29.03
C PRO H 62 34.91 -9.00 28.26
N HIS H 63 34.35 -7.84 28.55
CA HIS H 63 34.71 -6.66 27.81
C HIS H 63 36.10 -6.16 28.15
N LEU H 64 36.62 -6.53 29.33
CA LEU H 64 38.03 -6.30 29.67
C LEU H 64 38.77 -7.51 29.16
N THR H 65 39.37 -7.40 27.96
CA THR H 65 40.16 -8.50 27.42
C THR H 65 41.63 -8.38 27.83
N PRO H 66 42.19 -7.17 28.00
CA PRO H 66 43.53 -7.10 28.58
C PRO H 66 43.64 -7.71 29.96
N LEU H 67 42.73 -7.38 30.88
CA LEU H 67 42.76 -7.97 32.22
C LEU H 67 41.95 -9.26 32.32
N ALA H 68 41.58 -9.88 31.19
CA ALA H 68 40.70 -11.05 31.24
C ALA H 68 41.35 -12.25 31.89
N HIS H 69 42.69 -12.31 31.88
CA HIS H 69 43.47 -13.51 32.19
C HIS H 69 44.02 -13.57 33.61
N ARG H 70 43.66 -12.62 34.46
CA ARG H 70 44.13 -12.62 35.83
C ARG H 70 43.23 -13.51 36.67
N VAL H 71 43.82 -14.36 37.50
CA VAL H 71 43.02 -15.09 38.46
C VAL H 71 42.52 -14.10 39.50
N VAL H 72 41.31 -14.32 39.98
CA VAL H 72 40.74 -13.46 41.01
C VAL H 72 41.17 -14.05 42.36
N GLU H 73 41.86 -13.25 43.12
CA GLU H 73 42.29 -13.62 44.46
C GLU H 73 41.22 -13.18 45.46
N PRO H 74 41.03 -13.85 46.59
CA PRO H 74 40.03 -13.40 47.57
C PRO H 74 40.37 -12.01 48.10
N THR H 75 39.35 -11.29 48.60
CA THR H 75 39.62 -10.00 49.25
C THR H 75 40.01 -10.29 50.69
N GLU H 76 41.32 -10.30 50.94
CA GLU H 76 41.85 -10.37 52.29
C GLU H 76 43.10 -9.52 52.34
N ALA H 77 43.30 -8.85 53.48
CA ALA H 77 44.29 -7.81 53.61
C ALA H 77 45.64 -8.18 53.02
N ALA H 78 45.92 -9.48 52.87
CA ALA H 78 47.25 -9.92 52.42
C ALA H 78 47.53 -9.56 50.97
N VAL H 79 46.53 -9.65 50.08
CA VAL H 79 46.77 -9.35 48.66
C VAL H 79 46.46 -7.91 48.28
N LEU H 80 45.71 -7.17 49.09
CA LEU H 80 45.55 -5.75 48.82
C LEU H 80 46.74 -4.95 49.34
N GLY H 81 47.20 -5.27 50.54
CA GLY H 81 48.41 -4.68 51.08
C GLY H 81 49.57 -4.82 50.12
N GLY H 82 50.46 -3.83 50.13
CA GLY H 82 51.53 -3.77 49.18
C GLY H 82 51.20 -2.96 47.94
N HIS H 83 49.94 -2.57 47.77
CA HIS H 83 49.49 -1.70 46.69
C HIS H 83 49.21 -0.32 47.25
N ASP H 84 49.80 0.71 46.60
CA ASP H 84 49.68 2.08 47.10
C ASP H 84 48.24 2.59 47.08
N ALA H 85 47.38 2.00 46.25
CA ALA H 85 45.98 2.38 46.21
C ALA H 85 45.11 1.13 46.25
N VAL H 86 43.91 1.31 46.77
CA VAL H 86 42.90 0.25 46.80
C VAL H 86 41.55 0.88 46.50
N PHE H 87 40.84 0.30 45.55
CA PHE H 87 39.45 0.63 45.30
C PHE H 87 38.62 -0.45 45.97
N LEU H 88 37.90 -0.09 47.02
CA LEU H 88 36.90 -0.98 47.58
C LEU H 88 35.63 -0.78 46.76
N ALA H 89 35.56 -1.47 45.62
CA ALA H 89 34.51 -1.21 44.64
C ALA H 89 33.18 -1.85 45.02
N LEU H 90 32.85 -1.87 46.31
CA LEU H 90 31.59 -2.43 46.78
C LEU H 90 30.62 -1.35 47.24
N PRO H 91 29.85 -0.74 46.32
CA PRO H 91 28.65 -0.01 46.75
C PRO H 91 27.48 -0.96 46.78
N HIS H 92 27.59 -2.08 46.04
CA HIS H 92 26.66 -3.19 46.08
C HIS H 92 26.18 -3.35 47.52
N GLY H 93 27.07 -3.81 48.39
CA GLY H 93 26.94 -3.65 49.83
C GLY H 93 27.70 -2.44 50.31
N HIS H 94 28.00 -2.44 51.61
CA HIS H 94 28.61 -1.29 52.27
C HIS H 94 29.47 -1.82 53.41
N SER H 95 30.78 -1.67 53.29
CA SER H 95 31.66 -2.16 54.34
C SER H 95 33.10 -1.81 54.05
N ALA H 96 33.67 -1.05 54.94
CA ALA H 96 35.07 -0.83 54.92
C ALA H 96 35.53 -0.99 56.36
N VAL H 97 35.55 -2.24 56.82
CA VAL H 97 36.39 -2.61 57.96
C VAL H 97 37.81 -2.84 57.46
N LEU H 98 37.96 -3.16 56.17
CA LEU H 98 39.29 -3.19 55.56
C LEU H 98 40.04 -1.90 55.81
N ALA H 99 39.33 -0.77 55.85
CA ALA H 99 39.93 0.49 56.25
C ALA H 99 40.84 0.31 57.46
N GLN H 100 40.32 -0.36 58.49
CA GLN H 100 41.11 -0.66 59.68
C GLN H 100 42.36 -1.45 59.34
N GLN H 101 42.43 -2.06 58.16
CA GLN H 101 43.38 -3.15 57.93
C GLN H 101 44.47 -2.88 56.90
N LEU H 102 44.31 -1.92 56.01
CA LEU H 102 45.39 -1.66 55.07
C LEU H 102 46.24 -0.49 55.58
N SER H 103 47.49 -0.47 55.11
CA SER H 103 48.49 0.49 55.58
C SER H 103 47.90 1.90 55.63
N PRO H 104 48.26 2.71 56.63
CA PRO H 104 47.60 4.01 56.79
C PRO H 104 47.95 5.01 55.70
N GLU H 105 49.14 4.89 55.11
CA GLU H 105 49.45 5.78 54.01
C GLU H 105 48.77 5.36 52.73
N THR H 106 48.18 4.18 52.69
CA THR H 106 47.47 3.74 51.50
C THR H 106 46.26 4.62 51.25
N LEU H 107 46.21 5.22 50.05
CA LEU H 107 44.97 5.78 49.54
C LEU H 107 43.95 4.68 49.30
N ILE H 108 42.98 4.56 50.21
CA ILE H 108 41.83 3.69 50.04
C ILE H 108 40.70 4.54 49.51
N ILE H 109 39.99 4.04 48.49
CA ILE H 109 38.94 4.80 47.82
C ILE H 109 37.69 3.91 47.76
N ASP H 110 36.70 4.21 48.60
CA ASP H 110 35.52 3.38 48.72
C ASP H 110 34.44 3.94 47.79
N CYS H 111 34.02 3.11 46.83
CA CYS H 111 32.76 3.35 46.16
C CYS H 111 31.56 3.12 47.10
N GLY H 112 31.77 2.39 48.19
CA GLY H 112 30.74 2.05 49.15
C GLY H 112 30.35 3.21 50.02
N ALA H 113 29.80 2.95 51.20
CA ALA H 113 29.14 3.99 51.96
C ALA H 113 29.65 4.15 53.39
N ASP H 114 30.47 3.23 53.89
CA ASP H 114 30.74 3.20 55.32
C ASP H 114 31.34 4.53 55.82
N PHE H 115 31.64 5.48 54.91
CA PHE H 115 32.39 6.67 55.29
C PHE H 115 31.95 7.98 54.63
N ARG H 116 30.72 8.08 54.12
CA ARG H 116 30.33 9.37 53.55
C ARG H 116 29.65 10.27 54.58
N LEU H 117 28.76 9.71 55.39
CA LEU H 117 28.01 10.50 56.34
C LEU H 117 28.88 10.98 57.49
N THR H 118 28.63 12.21 57.93
CA THR H 118 29.31 12.85 59.03
C THR H 118 28.35 13.10 60.18
N ASP H 119 27.48 12.12 60.50
CA ASP H 119 26.57 12.26 61.64
C ASP H 119 26.33 10.89 62.25
N ALA H 120 26.95 10.63 63.39
CA ALA H 120 26.88 9.32 64.02
C ALA H 120 25.46 8.91 64.39
N ALA H 121 24.50 9.82 64.40
CA ALA H 121 23.15 9.44 64.81
C ALA H 121 22.21 9.20 63.64
N VAL H 122 22.53 9.71 62.44
CA VAL H 122 21.72 9.44 61.26
C VAL H 122 22.14 8.11 60.63
N TRP H 123 23.45 7.88 60.51
CA TRP H 123 23.93 6.64 59.91
C TRP H 123 23.36 5.43 60.64
N GLU H 124 23.25 5.51 61.96
CA GLU H 124 22.66 4.42 62.71
C GLU H 124 21.14 4.36 62.55
N ARG H 125 20.53 5.44 62.06
CA ARG H 125 19.09 5.41 61.81
C ARG H 125 18.76 4.67 60.52
N PHE H 126 19.55 4.89 59.46
CA PHE H 126 19.21 4.31 58.16
C PHE H 126 19.71 2.87 58.03
N TYR H 127 20.95 2.63 58.43
CA TYR H 127 21.57 1.33 58.23
C TYR H 127 21.36 0.37 59.40
N GLY H 128 21.48 0.85 60.63
CA GLY H 128 21.38 -0.02 61.78
C GLY H 128 22.73 -0.64 62.05
N SER H 129 23.74 0.23 62.13
CA SER H 129 25.12 -0.19 62.01
C SER H 129 25.99 0.81 62.78
N SER H 130 27.27 0.49 62.91
CA SER H 130 28.22 1.32 63.64
C SER H 130 28.84 2.34 62.68
N HIS H 131 28.62 3.62 62.97
CA HIS H 131 29.31 4.68 62.25
C HIS H 131 30.81 4.42 62.23
N ALA H 132 31.38 4.31 61.05
CA ALA H 132 32.81 4.07 60.98
C ALA H 132 33.62 5.37 60.91
N GLY H 133 32.97 6.53 60.99
CA GLY H 133 33.65 7.80 60.88
C GLY H 133 33.30 8.46 59.57
N SER H 134 34.18 9.29 59.03
CA SER H 134 33.97 9.86 57.69
C SER H 134 35.31 10.09 57.00
N TRP H 135 35.25 10.18 55.69
CA TRP H 135 36.40 10.37 54.82
C TRP H 135 36.04 11.52 53.88
N PRO H 136 37.04 12.15 53.25
CA PRO H 136 36.73 13.25 52.32
C PRO H 136 35.87 12.79 51.15
N TYR H 137 34.79 13.52 50.91
CA TYR H 137 33.79 13.15 49.91
C TYR H 137 34.32 13.31 48.50
N GLY H 138 34.15 12.27 47.68
CA GLY H 138 34.60 12.33 46.29
C GLY H 138 33.63 13.00 45.33
N LEU H 139 33.27 14.25 45.61
CA LEU H 139 32.50 15.08 44.69
C LEU H 139 33.29 16.37 44.53
N PRO H 140 34.23 16.42 43.58
CA PRO H 140 35.00 17.66 43.39
C PRO H 140 34.13 18.87 43.10
N GLU H 141 33.07 18.70 42.29
CA GLU H 141 32.29 19.85 41.89
C GLU H 141 31.53 20.49 43.06
N LEU H 142 31.65 19.97 44.29
CA LEU H 142 31.02 20.52 45.48
C LEU H 142 31.97 21.46 46.22
N PRO H 143 31.47 22.54 46.82
CA PRO H 143 32.36 23.53 47.44
C PRO H 143 32.99 23.04 48.74
N GLY H 144 34.14 23.61 49.05
CA GLY H 144 34.94 23.15 50.16
C GLY H 144 35.54 21.79 49.92
N ALA H 145 34.92 21.03 49.02
CA ALA H 145 35.25 19.62 48.84
C ALA H 145 36.58 19.42 48.14
N ARG H 146 36.72 19.95 46.90
CA ARG H 146 37.95 19.72 46.13
C ARG H 146 39.20 20.00 46.93
N ASP H 147 39.10 20.73 48.03
CA ASP H 147 40.27 21.02 48.85
C ASP H 147 40.53 19.96 49.91
N GLN H 148 39.48 19.33 50.47
CA GLN H 148 39.71 18.23 51.38
C GLN H 148 40.13 16.96 50.65
N LEU H 149 40.04 16.95 49.31
CA LEU H 149 40.50 15.81 48.51
C LEU H 149 41.90 16.01 47.97
N ARG H 150 42.43 17.23 48.01
CA ARG H 150 43.74 17.50 47.42
C ARG H 150 44.84 16.77 48.20
N GLY H 151 45.33 15.64 47.64
CA GLY H 151 46.45 14.88 48.19
C GLY H 151 46.12 13.89 49.30
N THR H 152 44.84 13.58 49.51
CA THR H 152 44.37 12.79 50.64
C THR H 152 44.86 11.34 50.57
N ARG H 153 44.51 10.58 51.61
CA ARG H 153 44.70 9.13 51.62
C ARG H 153 43.41 8.40 52.08
N ARG H 154 42.31 9.13 52.23
CA ARG H 154 40.99 8.56 52.38
C ARG H 154 40.03 9.28 51.42
N ILE H 155 39.28 8.50 50.65
CA ILE H 155 38.30 9.03 49.72
C ILE H 155 37.04 8.23 49.89
N ALA H 156 35.88 8.89 49.92
CA ALA H 156 34.59 8.23 50.14
C ALA H 156 33.66 8.54 48.96
N VAL H 157 33.75 7.72 47.91
CA VAL H 157 33.04 7.96 46.65
C VAL H 157 31.52 8.08 46.90
N PRO H 158 30.89 9.14 46.41
CA PRO H 158 29.45 9.34 46.62
C PRO H 158 28.63 8.32 45.82
N GLY H 159 27.38 8.12 46.27
CA GLY H 159 26.48 7.18 45.62
C GLY H 159 25.67 7.78 44.48
N CYS H 160 25.31 6.90 43.53
CA CYS H 160 24.70 7.30 42.26
C CYS H 160 23.66 8.42 42.42
N TYR H 161 22.71 8.26 43.33
CA TYR H 161 21.66 9.28 43.41
C TYR H 161 22.17 10.63 43.93
N PRO H 162 22.93 10.70 45.03
CA PRO H 162 23.49 12.00 45.43
C PRO H 162 24.19 12.78 44.34
N THR H 163 25.09 12.17 43.58
CA THR H 163 25.74 12.92 42.50
C THR H 163 24.70 13.59 41.60
N ALA H 164 23.68 12.85 41.19
CA ALA H 164 22.60 13.42 40.39
C ALA H 164 21.99 14.64 41.06
N ALA H 165 21.29 14.42 42.18
CA ALA H 165 20.50 15.48 42.81
C ALA H 165 21.37 16.67 43.16
N LEU H 166 22.55 16.42 43.71
CA LEU H 166 23.40 17.50 44.19
C LEU H 166 23.86 18.41 43.07
N LEU H 167 24.25 17.85 41.93
CA LEU H 167 24.54 18.72 40.78
C LEU H 167 23.28 19.46 40.34
N ALA H 168 22.11 18.90 40.60
CA ALA H 168 20.87 19.60 40.28
C ALA H 168 20.47 20.65 41.33
N LEU H 169 20.90 20.52 42.58
CA LEU H 169 20.33 21.40 43.58
C LEU H 169 21.32 22.28 44.35
N PHE H 170 22.63 22.00 44.31
CA PHE H 170 23.54 22.77 45.15
C PHE H 170 23.82 24.20 44.64
N PRO H 171 23.87 24.44 43.33
CA PRO H 171 24.12 25.83 42.90
C PRO H 171 23.00 26.80 43.28
N ALA H 172 21.75 26.38 43.15
CA ALA H 172 20.65 27.27 43.50
C ALA H 172 20.52 27.43 45.01
N LEU H 173 20.76 26.37 45.77
CA LEU H 173 20.60 26.48 47.20
C LEU H 173 21.76 27.27 47.81
N ALA H 174 22.94 27.26 47.16
CA ALA H 174 24.06 28.07 47.66
C ALA H 174 23.69 29.54 47.75
N ALA H 175 23.14 30.08 46.66
CA ALA H 175 22.77 31.49 46.57
C ALA H 175 21.50 31.83 47.35
N ASP H 176 20.81 30.83 47.90
CA ASP H 176 19.49 31.02 48.52
C ASP H 176 18.49 31.54 47.49
N LEU H 177 18.24 30.70 46.50
CA LEU H 177 17.19 30.93 45.52
C LEU H 177 16.11 29.87 45.55
N ILE H 178 16.26 28.83 46.37
CA ILE H 178 15.21 27.82 46.55
C ILE H 178 14.90 27.66 48.02
N GLU H 179 13.71 27.14 48.28
CA GLU H 179 13.39 26.70 49.62
C GLU H 179 14.20 25.45 49.98
N PRO H 180 14.48 25.24 51.29
CA PRO H 180 15.27 24.08 51.69
C PRO H 180 14.52 22.76 51.53
N ALA H 181 13.37 22.81 50.85
CA ALA H 181 12.55 21.65 50.64
C ALA H 181 12.68 21.25 49.18
N VAL H 182 13.10 20.01 48.94
CA VAL H 182 13.30 19.47 47.60
C VAL H 182 12.54 18.15 47.48
N THR H 183 11.80 17.98 46.40
CA THR H 183 11.33 16.67 46.00
C THR H 183 12.21 16.25 44.83
N VAL H 184 12.58 14.98 44.76
CA VAL H 184 13.48 14.49 43.71
C VAL H 184 13.08 13.08 43.27
N VAL H 185 12.76 12.94 41.99
CA VAL H 185 12.51 11.65 41.38
C VAL H 185 13.56 11.38 40.32
N ALA H 186 14.25 10.26 40.46
CA ALA H 186 15.33 9.93 39.52
C ALA H 186 15.11 8.52 38.96
N VAL H 187 14.93 8.43 37.65
CA VAL H 187 14.98 7.13 37.00
C VAL H 187 16.43 6.66 36.87
N SER H 188 16.66 5.37 37.12
CA SER H 188 17.97 4.74 37.10
C SER H 188 17.96 3.53 36.18
N GLY H 189 19.14 3.25 35.60
CA GLY H 189 19.34 1.97 34.92
C GLY H 189 19.76 0.88 35.89
N THR H 190 19.30 -0.35 35.60
CA THR H 190 19.27 -1.42 36.60
C THR H 190 20.63 -1.79 37.19
N SER H 191 21.75 -1.41 36.55
CA SER H 191 23.07 -1.90 36.97
C SER H 191 23.55 -1.30 38.28
N GLY H 192 23.13 -0.07 38.59
CA GLY H 192 23.43 0.56 39.87
C GLY H 192 22.68 -0.04 41.03
N ALA H 193 22.39 -1.34 40.92
CA ALA H 193 21.82 -2.14 41.98
C ALA H 193 22.73 -3.30 42.34
N GLY H 194 23.85 -3.42 41.66
CA GLY H 194 24.77 -4.51 41.90
C GLY H 194 24.46 -5.75 41.08
N ARG H 195 25.49 -6.55 40.91
CA ARG H 195 25.40 -7.86 40.29
C ARG H 195 24.89 -8.93 41.23
N ALA H 196 24.46 -8.58 42.43
CA ALA H 196 23.80 -9.56 43.29
C ALA H 196 22.52 -10.07 42.61
N ALA H 197 22.58 -11.26 42.03
CA ALA H 197 21.40 -11.82 41.42
C ALA H 197 20.34 -12.09 42.49
N THR H 198 19.21 -11.40 42.39
CA THR H 198 17.99 -11.73 43.11
C THR H 198 16.82 -11.56 42.15
N THR H 199 15.80 -12.38 42.33
CA THR H 199 14.69 -12.48 41.38
C THR H 199 14.24 -11.13 40.81
N ASP H 200 14.06 -10.13 41.68
CA ASP H 200 13.43 -8.87 41.29
C ASP H 200 14.22 -8.08 40.24
N LEU H 201 15.49 -8.42 40.01
CA LEU H 201 16.29 -7.75 39.00
C LEU H 201 16.49 -8.64 37.77
N LEU H 202 15.58 -9.59 37.55
CA LEU H 202 15.61 -10.41 36.35
C LEU H 202 15.17 -9.58 35.14
N GLY H 203 15.96 -9.63 34.06
CA GLY H 203 15.63 -8.90 32.85
C GLY H 203 14.20 -9.13 32.38
N ALA H 204 13.67 -10.33 32.59
CA ALA H 204 12.28 -10.56 32.22
C ALA H 204 11.36 -9.66 33.02
N GLU H 205 11.55 -9.60 34.36
CA GLU H 205 10.71 -8.74 35.19
C GLU H 205 11.12 -7.27 35.16
N VAL H 206 12.22 -6.92 34.51
CA VAL H 206 12.59 -5.53 34.37
C VAL H 206 12.38 -5.01 32.95
N ILE H 207 12.60 -5.82 31.91
CA ILE H 207 12.42 -5.30 30.56
C ILE H 207 10.95 -4.99 30.34
N GLY H 208 10.68 -3.83 29.73
CA GLY H 208 9.33 -3.41 29.48
C GLY H 208 8.56 -3.09 30.73
N SER H 209 9.24 -2.63 31.79
CA SER H 209 8.57 -2.39 33.05
C SER H 209 9.37 -1.41 33.90
N ALA H 210 8.65 -0.54 34.61
CA ALA H 210 9.22 0.49 35.45
C ALA H 210 8.54 0.42 36.82
N ARG H 211 9.30 0.67 37.88
CA ARG H 211 8.75 0.73 39.24
C ARG H 211 9.61 1.65 40.11
N ALA H 212 8.95 2.33 41.06
CA ALA H 212 9.66 3.01 42.14
C ALA H 212 9.93 2.02 43.28
N TYR H 213 10.94 2.33 44.10
CA TYR H 213 11.31 1.44 45.20
C TYR H 213 11.90 2.28 46.33
N ASN H 214 11.75 1.80 47.57
CA ASN H 214 12.22 2.52 48.76
C ASN H 214 11.66 3.95 48.76
N ILE H 215 10.35 4.02 48.61
CA ILE H 215 9.66 5.30 48.47
C ILE H 215 9.37 5.85 49.84
N ALA H 216 8.93 7.11 49.90
CA ALA H 216 8.68 7.80 51.15
C ALA H 216 9.97 7.88 51.95
N GLY H 217 11.08 8.07 51.22
CA GLY H 217 12.39 8.28 51.80
C GLY H 217 12.91 7.18 52.72
N VAL H 218 12.40 5.97 52.60
CA VAL H 218 12.96 4.85 53.35
C VAL H 218 14.20 4.38 52.59
N HIS H 219 14.92 5.33 52.00
CA HIS H 219 16.11 5.07 51.18
C HIS H 219 17.33 5.68 51.83
N ARG H 220 18.42 4.93 51.84
CA ARG H 220 19.60 5.38 52.57
C ARG H 220 20.43 6.43 51.84
N HIS H 221 19.97 6.93 50.69
CA HIS H 221 20.60 8.04 49.99
C HIS H 221 19.91 9.36 50.28
N THR H 222 18.69 9.34 50.87
CA THR H 222 17.95 10.56 51.15
C THR H 222 18.66 11.37 52.24
N PRO H 223 19.21 10.77 53.31
CA PRO H 223 20.04 11.58 54.22
C PRO H 223 21.31 12.07 53.57
N GLU H 224 21.88 11.25 52.67
CA GLU H 224 23.12 11.61 52.00
C GLU H 224 22.96 12.89 51.20
N ILE H 225 21.93 12.95 50.35
CA ILE H 225 21.71 14.19 49.60
C ILE H 225 21.38 15.33 50.56
N ALA H 226 20.75 15.02 51.70
CA ALA H 226 20.44 16.05 52.71
C ALA H 226 21.72 16.66 53.28
N GLN H 227 22.56 15.84 53.91
CA GLN H 227 23.82 16.36 54.45
C GLN H 227 24.61 17.13 53.39
N GLY H 228 24.46 16.77 52.12
CA GLY H 228 25.20 17.46 51.08
C GLY H 228 24.61 18.82 50.76
N LEU H 229 23.29 18.95 50.91
CA LEU H 229 22.60 20.23 50.81
C LEU H 229 22.59 20.98 52.14
N ARG H 230 23.23 20.43 53.16
CA ARG H 230 23.39 21.06 54.46
C ARG H 230 24.70 21.83 54.56
N ALA H 231 25.61 21.57 53.61
CA ALA H 231 26.94 22.14 53.56
C ALA H 231 27.03 23.28 52.57
N VAL H 232 25.89 23.90 52.26
CA VAL H 232 25.77 25.05 51.37
C VAL H 232 24.59 25.91 51.82
N THR H 233 23.98 25.55 52.96
CA THR H 233 22.96 26.35 53.63
C THR H 233 22.87 25.92 55.08
N ASP H 234 22.34 26.83 55.91
CA ASP H 234 22.08 26.55 57.31
C ASP H 234 20.58 26.63 57.61
N ARG H 235 19.77 26.24 56.62
CA ARG H 235 18.34 26.14 56.74
C ARG H 235 17.93 24.73 57.18
N ASP H 236 16.63 24.56 57.41
CA ASP H 236 16.05 23.26 57.73
C ASP H 236 15.72 22.58 56.41
N VAL H 237 16.63 21.70 55.96
CA VAL H 237 16.57 21.14 54.61
C VAL H 237 15.92 19.78 54.68
N SER H 238 14.83 19.60 53.91
CA SER H 238 14.12 18.34 53.84
C SER H 238 14.20 17.84 52.40
N VAL H 239 14.17 16.51 52.25
CA VAL H 239 14.53 15.81 51.01
C VAL H 239 13.53 14.67 50.83
N SER H 240 12.68 14.78 49.82
CA SER H 240 11.78 13.70 49.39
C SER H 240 12.30 13.14 48.09
N PHE H 241 12.29 11.82 48.00
CA PHE H 241 13.17 11.15 47.05
C PHE H 241 12.52 9.87 46.59
N THR H 242 12.04 9.83 45.34
CA THR H 242 11.44 8.61 44.79
C THR H 242 12.22 8.07 43.61
N PRO H 243 13.24 7.22 43.84
CA PRO H 243 13.98 6.60 42.74
C PRO H 243 13.16 5.55 41.99
N VAL H 244 13.43 5.44 40.68
CA VAL H 244 12.66 4.55 39.79
C VAL H 244 13.61 3.72 38.96
N LEU H 245 13.37 2.40 38.91
CA LEU H 245 14.10 1.51 38.02
C LEU H 245 13.49 1.49 36.63
N ILE H 246 14.33 1.49 35.61
CA ILE H 246 13.83 1.50 34.24
C ILE H 246 14.60 0.49 33.38
N PRO H 247 14.03 0.09 32.23
CA PRO H 247 14.78 -0.79 31.32
C PRO H 247 15.92 -0.05 30.64
N ALA H 248 17.02 0.12 31.37
CA ALA H 248 18.28 0.56 30.81
C ALA H 248 19.40 -0.19 31.53
N SER H 249 20.58 -0.27 30.91
CA SER H 249 21.70 -0.79 31.67
C SER H 249 22.33 0.31 32.53
N ARG H 250 22.87 1.37 31.94
CA ARG H 250 23.38 2.50 32.70
C ARG H 250 22.51 3.75 32.54
N GLY H 251 22.51 4.59 33.57
CA GLY H 251 22.02 5.95 33.39
C GLY H 251 21.31 6.47 34.60
N ILE H 252 21.21 7.79 34.72
CA ILE H 252 20.32 8.43 35.70
C ILE H 252 19.83 9.78 35.16
N LEU H 253 18.52 9.95 35.06
CA LEU H 253 17.91 11.25 34.77
C LEU H 253 17.25 11.75 36.05
N ALA H 254 17.74 12.87 36.57
CA ALA H 254 17.27 13.37 37.85
C ALA H 254 16.32 14.52 37.60
N THR H 255 15.09 14.41 38.10
CA THR H 255 14.12 15.50 38.07
C THR H 255 14.01 16.11 39.47
N CYS H 256 14.55 17.32 39.61
CA CYS H 256 14.55 18.05 40.86
C CYS H 256 13.69 19.30 40.71
N THR H 257 12.85 19.53 41.71
CA THR H 257 12.10 20.76 41.87
C THR H 257 12.22 21.19 43.32
N ALA H 258 11.75 22.41 43.58
CA ALA H 258 11.77 23.06 44.89
C ALA H 258 10.93 24.32 44.80
N ARG H 259 10.33 24.69 45.94
CA ARG H 259 9.55 25.92 46.01
C ARG H 259 10.47 27.12 45.83
N THR H 260 10.16 27.98 44.86
CA THR H 260 10.99 29.15 44.63
C THR H 260 10.15 30.28 44.06
N ARG H 261 10.35 31.48 44.61
CA ARG H 261 9.68 32.69 44.13
C ARG H 261 10.75 33.71 43.75
N SER H 262 11.74 33.29 42.97
CA SER H 262 12.79 34.10 42.45
C SER H 262 12.92 33.83 40.96
N PRO H 263 13.64 34.66 40.20
CA PRO H 263 13.53 34.62 38.74
C PRO H 263 14.41 33.58 38.06
N LEU H 264 14.01 33.20 36.84
CA LEU H 264 14.74 32.19 36.08
C LEU H 264 16.13 32.69 35.71
N SER H 265 16.26 33.96 35.34
CA SER H 265 17.54 34.48 34.86
C SER H 265 18.54 34.73 35.99
N GLN H 266 18.10 34.75 37.25
CA GLN H 266 19.04 34.79 38.37
C GLN H 266 19.36 33.41 38.95
N LEU H 267 18.60 32.37 38.58
CA LEU H 267 18.98 30.98 38.81
C LEU H 267 19.96 30.50 37.74
N ARG H 268 19.66 30.81 36.47
CA ARG H 268 20.60 30.55 35.40
C ARG H 268 21.94 31.21 35.67
N ALA H 269 21.93 32.39 36.27
CA ALA H 269 23.17 33.02 36.71
C ALA H 269 23.88 32.16 37.74
N ALA H 270 23.19 31.84 38.84
CA ALA H 270 23.80 31.08 39.93
C ALA H 270 24.35 29.75 39.46
N TYR H 271 23.85 29.21 38.35
CA TYR H 271 24.38 27.98 37.83
C TYR H 271 25.59 28.25 36.95
N GLU H 272 25.50 29.30 36.13
CA GLU H 272 26.53 29.55 35.11
C GLU H 272 27.87 29.87 35.74
N LYS H 273 27.86 30.64 36.83
CA LYS H 273 29.12 30.98 37.49
C LYS H 273 29.62 29.86 38.38
N ALA H 274 28.78 28.86 38.64
CA ALA H 274 29.25 27.68 39.36
C ALA H 274 30.10 26.80 38.45
N TYR H 275 29.58 26.51 37.26
CA TYR H 275 30.08 25.46 36.40
C TYR H 275 30.83 25.98 35.18
N HIS H 276 31.07 27.30 35.13
CA HIS H 276 31.97 27.87 34.14
C HIS H 276 33.35 27.25 34.25
N ALA H 277 33.76 26.92 35.48
CA ALA H 277 35.09 26.44 35.79
C ALA H 277 35.21 24.92 35.79
N GLU H 278 34.20 24.19 35.33
CA GLU H 278 34.15 22.74 35.53
C GLU H 278 33.99 22.00 34.21
N PRO H 279 34.85 21.03 33.92
CA PRO H 279 34.80 20.35 32.61
C PRO H 279 33.68 19.33 32.51
N PHE H 280 33.45 18.56 33.57
CA PHE H 280 32.46 17.49 33.50
C PHE H 280 31.05 18.01 33.54
N ILE H 281 30.83 19.24 34.00
CA ILE H 281 29.49 19.82 34.06
C ILE H 281 29.21 20.55 32.75
N TYR H 282 28.25 20.03 31.99
CA TYR H 282 27.74 20.65 30.77
C TYR H 282 26.37 21.28 31.08
N LEU H 283 26.34 22.60 31.27
CA LEU H 283 25.08 23.29 31.45
C LEU H 283 24.41 23.46 30.09
N MET H 284 23.20 22.94 29.98
CA MET H 284 22.44 22.90 28.73
C MET H 284 21.97 24.31 28.36
N PRO H 285 22.48 24.93 27.29
CA PRO H 285 21.89 26.19 26.82
C PRO H 285 20.37 26.12 26.75
N GLU H 286 19.71 27.22 27.19
CA GLU H 286 18.26 27.27 27.19
C GLU H 286 17.73 26.84 25.83
N GLY H 287 16.81 25.90 25.84
CA GLY H 287 16.27 25.35 24.61
C GLY H 287 16.44 23.85 24.47
N GLN H 288 17.29 23.20 25.25
CA GLN H 288 17.36 21.75 25.22
C GLN H 288 17.56 21.23 26.63
N LEU H 289 17.40 19.92 26.75
CA LEU H 289 17.31 19.18 28.00
C LEU H 289 18.22 17.97 27.91
N PRO H 290 18.64 17.41 29.05
CA PRO H 290 19.57 16.29 29.02
C PRO H 290 18.88 14.96 28.81
N ARG H 291 19.65 14.01 28.29
CA ARG H 291 19.27 12.62 28.15
C ARG H 291 20.43 11.75 28.61
N THR H 292 20.16 10.67 29.35
CA THR H 292 21.30 9.87 29.78
C THR H 292 22.10 9.43 28.58
N GLY H 293 21.43 9.13 27.45
CA GLY H 293 22.13 8.56 26.31
C GLY H 293 23.38 9.31 25.93
N ALA H 294 23.33 10.65 25.96
CA ALA H 294 24.46 11.47 25.60
C ALA H 294 25.59 11.49 26.64
N VAL H 295 25.52 10.69 27.70
CA VAL H 295 26.58 10.65 28.69
C VAL H 295 27.03 9.24 28.99
N ILE H 296 26.47 8.22 28.34
CA ILE H 296 26.92 6.86 28.57
C ILE H 296 28.43 6.75 28.29
N GLY H 297 29.16 6.08 29.20
CA GLY H 297 30.60 5.95 29.07
C GLY H 297 31.36 7.26 29.20
N SER H 298 30.62 8.35 29.41
CA SER H 298 31.16 9.69 29.66
C SER H 298 31.10 9.98 31.16
N ASN H 299 32.24 10.40 31.72
CA ASN H 299 32.27 10.91 33.11
C ASN H 299 31.51 12.25 33.27
N ALA H 300 30.69 12.70 32.33
CA ALA H 300 30.16 14.04 32.43
C ALA H 300 28.77 13.99 33.02
N ALA H 301 28.20 15.18 33.18
CA ALA H 301 26.89 15.41 33.76
C ALA H 301 26.25 16.55 33.01
N HIS H 302 25.03 16.33 32.54
CA HIS H 302 24.32 17.29 31.72
C HIS H 302 23.17 17.85 32.54
N ILE H 303 23.17 19.16 32.77
CA ILE H 303 22.17 19.78 33.63
C ILE H 303 21.41 20.81 32.82
N ALA H 304 20.21 21.13 33.31
CA ALA H 304 19.42 22.23 32.78
C ALA H 304 18.48 22.70 33.88
N VAL H 305 18.18 24.00 33.87
CA VAL H 305 17.31 24.59 34.88
C VAL H 305 16.30 25.49 34.18
N ALA H 306 15.06 25.44 34.63
CA ALA H 306 13.99 26.30 34.13
C ALA H 306 13.08 26.63 35.30
N VAL H 307 11.93 27.23 35.03
CA VAL H 307 10.99 27.56 36.08
C VAL H 307 9.58 27.30 35.61
N ASP H 308 8.79 26.64 36.46
CA ASP H 308 7.36 26.46 36.23
C ASP H 308 6.66 27.59 36.97
N GLU H 309 6.58 28.74 36.31
CA GLU H 309 6.06 29.94 36.97
C GLU H 309 4.69 29.71 37.57
N ASP H 310 3.86 28.87 36.94
CA ASP H 310 2.46 28.75 37.31
C ASP H 310 2.23 27.94 38.59
N ALA H 311 3.12 26.99 38.93
CA ALA H 311 3.16 26.41 40.27
C ALA H 311 4.27 26.98 41.12
N GLN H 312 5.06 27.89 40.54
CA GLN H 312 6.30 28.44 41.07
C GLN H 312 7.09 27.38 41.83
N THR H 313 7.59 26.40 41.08
CA THR H 313 8.63 25.48 41.52
C THR H 313 9.75 25.48 40.48
N PHE H 314 10.98 25.50 40.96
CA PHE H 314 12.16 25.53 40.11
C PHE H 314 12.50 24.11 39.69
N VAL H 315 12.39 23.81 38.42
CA VAL H 315 12.74 22.49 37.93
C VAL H 315 14.21 22.51 37.49
N ALA H 316 14.93 21.45 37.82
CA ALA H 316 16.30 21.27 37.32
C ALA H 316 16.51 19.79 37.00
N ILE H 317 16.91 19.53 35.75
CA ILE H 317 17.15 18.17 35.28
C ILE H 317 18.65 17.89 35.30
N ALA H 318 19.04 16.66 35.64
CA ALA H 318 20.45 16.27 35.68
C ALA H 318 20.65 14.86 35.12
N ALA H 319 21.53 14.72 34.14
CA ALA H 319 21.76 13.42 33.53
C ALA H 319 23.22 13.02 33.68
N ILE H 320 23.46 11.82 34.24
CA ILE H 320 24.78 11.25 34.38
C ILE H 320 24.77 9.77 34.06
N ASP H 321 25.95 9.25 33.69
CA ASP H 321 26.19 7.81 33.62
C ASP H 321 26.49 7.33 35.03
N ASN H 322 25.60 6.49 35.59
CA ASN H 322 25.60 6.09 37.00
C ASN H 322 26.78 5.22 37.38
N LEU H 323 27.54 4.70 36.42
CA LEU H 323 28.73 3.91 36.72
C LEU H 323 30.00 4.74 36.70
N VAL H 324 30.08 5.75 35.84
CA VAL H 324 31.33 6.51 35.74
C VAL H 324 31.27 7.71 36.67
N LYS H 325 30.74 8.87 36.21
CA LYS H 325 30.52 10.07 37.05
C LYS H 325 29.53 9.81 38.22
N GLY H 326 29.14 8.57 38.47
CA GLY H 326 28.27 8.28 39.58
C GLY H 326 28.95 7.25 40.45
N THR H 327 29.99 6.62 39.91
CA THR H 327 30.77 5.73 40.77
C THR H 327 32.22 5.64 40.31
N ALA H 328 32.51 4.81 39.30
CA ALA H 328 33.91 4.50 38.97
C ALA H 328 34.71 5.77 38.71
N GLY H 329 34.21 6.63 37.82
CA GLY H 329 34.94 7.82 37.45
C GLY H 329 34.90 8.87 38.52
N ALA H 330 33.82 8.90 39.30
CA ALA H 330 33.86 9.74 40.50
C ALA H 330 35.01 9.32 41.38
N ALA H 331 35.39 8.04 41.32
CA ALA H 331 36.53 7.51 42.06
C ALA H 331 37.85 7.86 41.38
N VAL H 332 37.99 7.54 40.09
CA VAL H 332 39.24 7.92 39.42
C VAL H 332 39.44 9.43 39.49
N GLN H 333 38.36 10.21 39.34
CA GLN H 333 38.50 11.66 39.51
C GLN H 333 38.97 11.99 40.91
N SER H 334 38.54 11.20 41.89
CA SER H 334 38.94 11.44 43.25
C SER H 334 40.36 10.98 43.50
N MET H 335 40.78 9.93 42.79
CA MET H 335 42.16 9.45 42.84
C MET H 335 43.17 10.52 42.42
N ASN H 336 42.98 11.11 41.25
CA ASN H 336 43.99 12.04 40.76
C ASN H 336 44.19 13.19 41.73
N LEU H 337 43.10 13.71 42.30
CA LEU H 337 43.21 14.73 43.33
C LEU H 337 43.88 14.24 44.60
N ALA H 338 44.23 12.96 44.69
CA ALA H 338 44.94 12.49 45.87
C ALA H 338 46.43 12.26 45.62
N LEU H 339 46.83 12.09 44.37
CA LEU H 339 48.23 11.86 44.05
C LEU H 339 48.91 13.10 43.53
N GLY H 340 48.15 14.14 43.21
CA GLY H 340 48.69 15.34 42.62
C GLY H 340 48.65 15.36 41.11
N TRP H 341 47.93 14.43 40.48
CA TRP H 341 47.71 14.18 39.05
C TRP H 341 46.53 15.01 38.52
N PRO H 342 46.65 15.54 37.30
CA PRO H 342 45.56 16.35 36.73
C PRO H 342 44.24 15.59 36.71
N GLU H 343 43.20 16.25 37.23
CA GLU H 343 41.92 15.61 37.62
C GLU H 343 41.12 15.02 36.45
N THR H 344 41.34 15.47 35.22
CA THR H 344 40.61 14.98 34.06
C THR H 344 41.30 13.81 33.35
N ASP H 345 42.38 13.27 33.92
CA ASP H 345 43.28 12.42 33.15
C ASP H 345 42.55 11.12 32.80
N GLY H 346 42.35 10.89 31.51
CA GLY H 346 41.63 9.71 31.01
C GLY H 346 40.22 9.44 31.51
N LEU H 347 39.33 10.48 31.53
CA LEU H 347 37.88 10.32 31.78
C LEU H 347 37.13 11.26 30.83
N SER H 348 36.88 10.78 29.62
CA SER H 348 36.23 11.58 28.57
C SER H 348 34.87 12.11 29.00
N VAL H 349 34.58 13.31 28.54
CA VAL H 349 33.26 13.96 28.79
C VAL H 349 32.38 13.67 27.58
N VAL H 350 32.95 13.11 26.50
CA VAL H 350 32.15 12.75 25.31
C VAL H 350 31.42 11.45 25.63
N GLY H 351 30.31 11.18 24.94
CA GLY H 351 29.58 9.95 25.30
C GLY H 351 29.64 8.88 24.25
N VAL H 352 28.87 7.82 24.46
CA VAL H 352 28.75 6.67 23.53
C VAL H 352 27.36 6.82 22.89
N ALA H 353 27.28 7.58 21.80
CA ALA H 353 25.98 7.82 21.14
C ALA H 353 25.88 7.01 19.85
N PRO H 354 24.75 6.32 19.60
CA PRO H 354 23.72 6.15 20.61
C PRO H 354 24.02 4.94 21.50
C10 UKK I . -31.70 5.87 -38.69
C13 UKK I . -31.46 6.99 -41.19
C02 UKK I . -33.31 7.94 -34.05
C03 UKK I . -34.43 8.38 -34.79
C05 UKK I . -33.52 7.58 -36.80
C06 UKK I . -32.39 7.13 -36.10
C07 UKK I . -32.26 7.30 -34.72
C09 UKK I . -32.59 6.90 -39.03
C11 UKK I . -30.69 5.44 -39.55
C12 UKK I . -30.58 5.99 -40.82
C14 UKK I . -32.45 7.43 -40.32
N01 UKK I . -33.16 8.11 -32.61
N04 UKK I . -34.51 8.20 -36.11
O08 UKK I . -33.66 7.38 -38.21
#